data_6KMA
#
_entry.id   6KMA
#
_cell.length_a   76.820
_cell.length_b   84.559
_cell.length_c   145.218
_cell.angle_alpha   79.510
_cell.angle_beta   88.470
_cell.angle_gamma   89.920
#
_symmetry.space_group_name_H-M   'P 1'
#
loop_
_entity.id
_entity.type
_entity.pdbx_description
1 polymer 'Oxoglutarate dehydrogenase (Succinyl-transferring), E1 component'
2 non-polymer 'HEXAETHYLENE GLYCOL'
3 non-polymer 'CALCIUM ION'
4 non-polymer 'MAGNESIUM ION'
5 non-polymer 'THIAMINE DIPHOSPHATE'
6 non-polymer 2-oxidanylethanal
7 water water
#
_entity_poly.entity_id   1
_entity_poly.type   'polypeptide(L)'
_entity_poly.pdbx_seq_one_letter_code
;MGSSHHHHHHDYDIPTTENLYFQGGGGGGDVDAKQVKVLQLINAYRFRGHEAAELDPLGLWQRPTVAELDPAFHNLTEDD
FEETFNVGSFAVGQETMPLKDIYTALKKTYCGSIGAEYMHMTDTEQKRWIQQRLESVVGQPSFDKDEKRTFLAELTAAEG
LERYLGAKFPGAKRFSLEGGDAMIPMMKELIRHAGRSGMREVVIGMAHRGRLNMLVNVLGKKPQDLFDEFAGKHGESWGT
GDVKYHQGFSADFATPGGDVHLALAFNPSHLEIVNPVVMGSVRARQDRLGDDDGSKVLPITIHGDSAIAGQGVVAETFNM
SQARGFCVGGTVRVVVNNQVGFTTSNPRDTRSTMYCTDIAKMVQAPIFHVNADDPEAVAFVTRIALDYRNEFKRDVVIDL
VCYRRHGHNEADEPNATQPLMYQKIKKHPTPRKLYADVLIDRNECDIETATQMVNEYRDALDHGEVVVKEWRPMALHSVD
WSPYLGHEWDTPWSNTYDKQRLVELGKRLCQYPESHTLHSRVSKLYNDRTAMTNGEKELDWGMAETLAYATLVDDGKRIR
ISGQDSGRGTFFHRHAVLHNQNDASTYVPLANIHDKQGPFEVFDSVLSEEAVLAFEYGYATAEPSGLTLWEAQFGDFANG
AQVVIDQFISSGEQKWARLCGLTMLLPHGYEGQGPEHSSARLERYLQLCAEQNMQVVVPSTPAQVYHMIRRQVVRPMRRP
LIVMSPKSLLRHPLCTSSLDDLANGTFMPAIPEIDELDPAKVKRVVFCSGKVYFDLLEQRRNNEQDDVAIVRIEQLYPFP
MDDVKAAIAPYVNVEDFVWCQEEPQNQGAWYCSQHNFRAAIPAGTELKYAGRPASASPAVGYMSVHLKQQKALIDDALNV
NEKTSD
;
_entity_poly.pdbx_strand_id   A,B,C,D
#
loop_
_chem_comp.id
_chem_comp.type
_chem_comp.name
_chem_comp.formula
CA non-polymer 'CALCIUM ION' 'Ca 2'
DW3 non-polymer 2-oxidanylethanal 'C2 H4 O2'
MG non-polymer 'MAGNESIUM ION' 'Mg 2'
P6G non-polymer 'HEXAETHYLENE GLYCOL' 'C12 H26 O7'
TPP non-polymer 'THIAMINE DIPHOSPHATE' 'C12 H19 N4 O7 P2 S 1'
#
# COMPACT_ATOMS: atom_id res chain seq x y z
N VAL A 31 -13.53 26.37 -7.47
CA VAL A 31 -13.52 25.71 -8.77
C VAL A 31 -12.17 25.01 -8.98
N ASP A 32 -11.15 25.44 -8.24
CA ASP A 32 -9.84 24.82 -8.33
C ASP A 32 -9.88 23.39 -7.78
N ALA A 33 -9.28 22.46 -8.52
CA ALA A 33 -9.26 21.06 -8.10
C ALA A 33 -8.27 20.80 -6.97
N LYS A 34 -7.08 21.40 -7.05
CA LYS A 34 -6.09 21.21 -5.98
C LYS A 34 -6.53 21.87 -4.68
N GLN A 35 -7.35 22.93 -4.76
CA GLN A 35 -7.88 23.51 -3.54
C GLN A 35 -8.78 22.53 -2.81
N VAL A 36 -9.48 21.67 -3.54
CA VAL A 36 -10.26 20.60 -2.92
C VAL A 36 -9.34 19.53 -2.35
N LYS A 37 -8.22 19.24 -3.04
CA LYS A 37 -7.26 18.28 -2.52
C LYS A 37 -6.62 18.77 -1.22
N VAL A 38 -6.41 20.08 -1.10
CA VAL A 38 -5.86 20.62 0.13
C VAL A 38 -6.83 20.43 1.28
N LEU A 39 -8.14 20.58 1.00
CA LEU A 39 -9.14 20.42 2.05
C LEU A 39 -9.20 18.99 2.55
N GLN A 40 -9.10 18.00 1.64
CA GLN A 40 -9.08 16.62 2.08
C GLN A 40 -7.80 16.27 2.81
N LEU A 41 -6.68 16.93 2.48
CA LEU A 41 -5.46 16.72 3.24
C LEU A 41 -5.64 17.21 4.68
N ILE A 42 -6.29 18.36 4.86
CA ILE A 42 -6.57 18.85 6.21
C ILE A 42 -7.47 17.88 6.95
N ASN A 43 -8.53 17.40 6.28
CA ASN A 43 -9.47 16.50 6.93
C ASN A 43 -8.80 15.17 7.31
N ALA A 44 -7.86 14.70 6.49
CA ALA A 44 -7.19 13.45 6.80
C ALA A 44 -6.33 13.57 8.06
N TYR A 45 -5.74 14.74 8.31
CA TYR A 45 -4.97 14.93 9.52
C TYR A 45 -5.86 15.06 10.75
N ARG A 46 -7.04 15.67 10.59
CA ARG A 46 -7.97 15.76 11.72
C ARG A 46 -8.45 14.37 12.15
N PHE A 47 -8.66 13.47 11.19
CA PHE A 47 -9.15 12.14 11.51
C PHE A 47 -8.03 11.22 12.00
N ARG A 48 -6.87 11.23 11.32
CA ARG A 48 -5.88 10.18 11.50
C ARG A 48 -4.48 10.71 11.79
N GLY A 49 -4.31 12.01 12.00
CA GLY A 49 -2.99 12.53 12.32
C GLY A 49 -2.43 11.95 13.60
N HIS A 50 -3.30 11.62 14.55
CA HIS A 50 -2.86 11.06 15.82
C HIS A 50 -2.17 9.71 15.63
N GLU A 51 -2.49 8.99 14.56
CA GLU A 51 -1.91 7.68 14.32
C GLU A 51 -0.43 7.76 13.95
N ALA A 52 0.05 8.92 13.50
CA ALA A 52 1.47 9.11 13.20
C ALA A 52 2.18 10.00 14.21
N ALA A 53 1.48 10.48 15.23
CA ALA A 53 2.08 11.40 16.19
C ALA A 53 3.21 10.73 16.97
N GLU A 54 4.21 11.54 17.34
CA GLU A 54 5.36 11.04 18.10
C GLU A 54 4.94 10.99 19.58
N LEU A 55 4.22 9.93 19.94
CA LEU A 55 3.66 9.81 21.27
C LEU A 55 4.55 9.05 22.24
N ASP A 56 5.31 8.08 21.77
CA ASP A 56 6.10 7.25 22.68
C ASP A 56 7.36 8.00 23.09
N PRO A 57 7.56 8.27 24.38
CA PRO A 57 8.82 8.88 24.82
C PRO A 57 10.06 8.05 24.49
N LEU A 58 9.94 6.72 24.52
CA LEU A 58 11.09 5.86 24.27
C LEU A 58 11.44 5.74 22.79
N GLY A 59 10.51 6.10 21.91
CA GLY A 59 10.74 5.95 20.49
C GLY A 59 10.82 4.51 20.03
N LEU A 60 10.31 3.57 20.83
CA LEU A 60 10.28 2.18 20.41
C LEU A 60 9.14 1.89 19.44
N TRP A 61 8.06 2.67 19.50
CA TRP A 61 6.93 2.42 18.60
C TRP A 61 7.36 2.57 17.16
N GLN A 62 7.17 1.50 16.38
CA GLN A 62 7.21 1.60 14.92
C GLN A 62 5.75 1.66 14.48
N ARG A 63 5.22 2.87 14.42
CA ARG A 63 3.80 3.00 14.12
C ARG A 63 3.57 2.82 12.63
N PRO A 64 2.54 2.08 12.24
CA PRO A 64 2.29 1.85 10.81
C PRO A 64 2.02 3.16 10.09
N THR A 65 2.53 3.25 8.86
CA THR A 65 2.30 4.43 8.04
C THR A 65 0.84 4.52 7.64
N VAL A 66 0.32 5.74 7.57
CA VAL A 66 -1.02 6.01 7.06
C VAL A 66 -0.86 6.82 5.77
N ALA A 67 -1.31 6.24 4.65
CA ALA A 67 -1.06 6.87 3.36
C ALA A 67 -1.75 8.23 3.25
N GLU A 68 -2.91 8.39 3.90
CA GLU A 68 -3.66 9.63 3.75
C GLU A 68 -2.91 10.85 4.29
N LEU A 69 -1.97 10.66 5.22
CA LEU A 69 -1.20 11.79 5.71
C LEU A 69 -0.16 12.27 4.71
N ASP A 70 0.17 11.46 3.72
CA ASP A 70 1.13 11.85 2.69
C ASP A 70 0.44 12.73 1.65
N PRO A 71 0.99 13.90 1.33
CA PRO A 71 0.38 14.73 0.26
C PRO A 71 0.33 14.01 -1.08
N ALA A 72 1.29 13.13 -1.37
CA ALA A 72 1.25 12.39 -2.62
C ALA A 72 0.01 11.51 -2.73
N PHE A 73 -0.55 11.09 -1.59
CA PHE A 73 -1.81 10.34 -1.63
C PHE A 73 -2.94 11.19 -2.19
N HIS A 74 -2.85 12.50 -2.03
CA HIS A 74 -3.84 13.44 -2.55
C HIS A 74 -3.39 14.13 -3.82
N ASN A 75 -2.37 13.59 -4.49
CA ASN A 75 -1.88 14.12 -5.77
C ASN A 75 -1.42 15.58 -5.66
N LEU A 76 -0.71 15.90 -4.59
CA LEU A 76 -0.09 17.20 -4.42
C LEU A 76 1.42 17.09 -4.64
N THR A 77 1.94 17.92 -5.55
CA THR A 77 3.33 17.85 -5.98
C THR A 77 4.14 18.99 -5.37
N GLU A 78 5.43 19.02 -5.72
CA GLU A 78 6.32 20.07 -5.21
C GLU A 78 5.88 21.45 -5.68
N ASP A 79 5.37 21.55 -6.90
CA ASP A 79 4.92 22.85 -7.42
C ASP A 79 3.71 23.36 -6.67
N ASP A 80 2.81 22.46 -6.26
CA ASP A 80 1.64 22.89 -5.50
C ASP A 80 2.04 23.49 -4.16
N PHE A 81 3.15 23.04 -3.59
CA PHE A 81 3.56 23.47 -2.25
C PHE A 81 3.89 24.95 -2.21
N GLU A 82 4.30 25.53 -3.33
CA GLU A 82 4.62 26.96 -3.37
C GLU A 82 3.41 27.84 -3.57
N GLU A 83 2.30 27.30 -4.08
CA GLU A 83 1.10 28.09 -4.33
C GLU A 83 0.30 28.32 -3.06
N THR A 84 -0.31 29.51 -2.98
CA THR A 84 -1.19 29.86 -1.88
C THR A 84 -2.54 29.17 -2.03
N PHE A 85 -3.16 28.83 -0.90
CA PHE A 85 -4.46 28.18 -0.90
C PHE A 85 -5.32 28.75 0.22
N ASN A 86 -6.63 28.62 0.06
CA ASN A 86 -7.57 28.92 1.13
C ASN A 86 -7.62 27.74 2.09
N VAL A 87 -7.70 28.04 3.39
CA VAL A 87 -7.61 27.01 4.42
C VAL A 87 -8.93 26.34 4.72
N GLY A 88 -10.03 26.80 4.14
CA GLY A 88 -11.32 26.24 4.48
C GLY A 88 -11.62 26.48 5.95
N SER A 89 -12.04 25.42 6.64
CA SER A 89 -12.35 25.52 8.07
C SER A 89 -11.11 25.35 8.95
N PHE A 90 -9.94 25.14 8.37
CA PHE A 90 -8.69 25.09 9.14
C PHE A 90 -8.55 26.39 9.91
N ALA A 91 -8.47 26.29 11.24
CA ALA A 91 -8.61 27.46 12.10
C ALA A 91 -7.25 28.05 12.47
N VAL A 92 -6.37 28.22 11.48
CA VAL A 92 -5.03 28.73 11.74
C VAL A 92 -4.96 30.22 11.98
N GLY A 93 -6.03 30.96 11.68
CA GLY A 93 -6.04 32.39 11.89
C GLY A 93 -5.79 33.25 10.67
N GLN A 94 -5.72 32.66 9.48
CA GLN A 94 -5.63 33.42 8.24
C GLN A 94 -6.35 32.65 7.15
N GLU A 95 -7.10 33.38 6.32
CA GLU A 95 -7.97 32.72 5.33
C GLU A 95 -7.18 32.03 4.24
N THR A 96 -5.97 32.51 3.93
CA THR A 96 -5.23 31.98 2.80
C THR A 96 -3.74 31.87 3.16
N MET A 97 -3.11 30.80 2.68
CA MET A 97 -1.69 30.57 2.98
C MET A 97 -1.15 29.52 2.02
N PRO A 98 0.15 29.59 1.69
CA PRO A 98 0.74 28.59 0.79
C PRO A 98 0.74 27.17 1.34
N LEU A 99 0.63 26.21 0.42
CA LEU A 99 0.47 24.80 0.79
C LEU A 99 1.64 24.27 1.61
N LYS A 100 2.87 24.73 1.34
CA LYS A 100 3.99 24.27 2.14
C LYS A 100 3.84 24.69 3.59
N ASP A 101 3.20 25.83 3.83
CA ASP A 101 2.92 26.26 5.19
C ASP A 101 1.70 25.55 5.77
N ILE A 102 0.71 25.21 4.94
CA ILE A 102 -0.41 24.40 5.43
C ILE A 102 0.08 23.03 5.87
N TYR A 103 0.96 22.42 5.08
CA TYR A 103 1.46 21.09 5.39
C TYR A 103 2.29 21.11 6.67
N THR A 104 3.10 22.15 6.86
CA THR A 104 3.84 22.30 8.11
C THR A 104 2.89 22.51 9.27
N ALA A 105 1.79 23.24 9.04
CA ALA A 105 0.84 23.49 10.12
C ALA A 105 0.13 22.21 10.57
N LEU A 106 -0.22 21.34 9.62
CA LEU A 106 -0.93 20.11 9.98
C LEU A 106 -0.03 19.16 10.77
N LYS A 107 1.23 18.99 10.35
CA LYS A 107 2.11 18.06 11.04
C LYS A 107 2.44 18.56 12.45
N LYS A 108 2.63 19.86 12.61
CA LYS A 108 2.88 20.40 13.95
C LYS A 108 1.63 20.33 14.83
N THR A 109 0.44 20.48 14.24
CA THR A 109 -0.78 20.46 15.03
C THR A 109 -1.14 19.05 15.46
N TYR A 110 -1.09 18.09 14.54
CA TYR A 110 -1.65 16.76 14.77
C TYR A 110 -0.64 15.63 14.79
N CYS A 111 0.63 15.87 14.46
CA CYS A 111 1.61 14.79 14.40
C CYS A 111 2.85 15.07 15.25
N GLY A 112 2.75 16.00 16.20
CA GLY A 112 3.84 16.25 17.12
C GLY A 112 3.72 15.44 18.38
N SER A 113 3.80 16.11 19.53
CA SER A 113 3.66 15.44 20.82
C SER A 113 2.21 15.16 21.18
N ILE A 114 1.24 15.73 20.46
CA ILE A 114 -0.17 15.63 20.80
C ILE A 114 -0.88 14.83 19.71
N GLY A 115 -1.51 13.73 20.11
CA GLY A 115 -2.37 12.98 19.22
C GLY A 115 -3.83 13.17 19.58
N ALA A 116 -4.52 14.05 18.84
CA ALA A 116 -5.90 14.40 19.17
C ALA A 116 -6.86 13.48 18.43
N GLU A 117 -7.77 12.86 19.17
CA GLU A 117 -8.75 11.92 18.64
C GLU A 117 -10.14 12.47 18.98
N TYR A 118 -10.78 13.12 18.01
CA TYR A 118 -12.04 13.81 18.30
C TYR A 118 -13.01 13.81 17.13
N MET A 119 -12.55 13.47 15.93
CA MET A 119 -13.42 13.55 14.76
C MET A 119 -14.49 12.45 14.73
N HIS A 120 -14.36 11.42 15.56
CA HIS A 120 -15.41 10.43 15.68
C HIS A 120 -16.68 11.01 16.31
N MET A 121 -16.57 12.13 17.02
CA MET A 121 -17.74 12.77 17.62
C MET A 121 -18.71 13.24 16.54
N THR A 122 -20.00 13.12 16.84
CA THR A 122 -21.04 13.57 15.93
C THR A 122 -21.43 15.04 16.12
N ASP A 123 -21.14 15.63 17.27
CA ASP A 123 -21.57 16.99 17.55
C ASP A 123 -20.66 17.97 16.81
N THR A 124 -21.24 18.71 15.86
CA THR A 124 -20.44 19.62 15.05
C THR A 124 -19.88 20.78 15.85
N GLU A 125 -20.64 21.31 16.80
CA GLU A 125 -20.16 22.44 17.60
C GLU A 125 -18.96 22.04 18.44
N GLN A 126 -18.97 20.82 18.98
CA GLN A 126 -17.85 20.35 19.79
C GLN A 126 -16.61 20.10 18.95
N LYS A 127 -16.79 19.61 17.72
CA LYS A 127 -15.65 19.41 16.83
C LYS A 127 -15.05 20.75 16.40
N ARG A 128 -15.90 21.75 16.13
CA ARG A 128 -15.39 23.08 15.85
C ARG A 128 -14.69 23.68 17.06
N TRP A 129 -15.19 23.36 18.26
CA TRP A 129 -14.58 23.91 19.47
C TRP A 129 -13.16 23.39 19.65
N ILE A 130 -12.96 22.09 19.42
CA ILE A 130 -11.62 21.52 19.55
C ILE A 130 -10.69 22.04 18.46
N GLN A 131 -11.21 22.23 17.24
CA GLN A 131 -10.37 22.72 16.15
C GLN A 131 -9.86 24.12 16.43
N GLN A 132 -10.68 24.97 17.03
CA GLN A 132 -10.24 26.32 17.34
C GLN A 132 -9.12 26.32 18.37
N ARG A 133 -9.15 25.38 19.31
CA ARG A 133 -8.12 25.34 20.35
C ARG A 133 -6.79 24.85 19.79
N LEU A 134 -6.81 23.78 19.01
CA LEU A 134 -5.55 23.19 18.55
C LEU A 134 -5.00 23.90 17.32
N GLU A 135 -5.85 24.15 16.32
CA GLU A 135 -5.34 24.62 15.02
C GLU A 135 -4.86 26.06 15.07
N SER A 136 -5.50 26.92 15.87
CA SER A 136 -5.00 28.28 16.01
C SER A 136 -3.64 28.31 16.67
N VAL A 137 -3.40 27.39 17.61
CA VAL A 137 -2.11 27.29 18.28
C VAL A 137 -1.06 26.64 17.39
N VAL A 138 -1.47 25.91 16.36
CA VAL A 138 -0.58 25.15 15.50
C VAL A 138 0.31 24.27 16.37
N GLY A 139 -0.27 23.69 17.41
CA GLY A 139 0.47 22.78 18.27
C GLY A 139 1.32 23.44 19.33
N GLN A 140 1.82 24.65 19.07
CA GLN A 140 2.82 25.29 19.92
C GLN A 140 2.19 26.16 21.01
N PRO A 141 2.00 25.65 22.23
CA PRO A 141 1.44 26.47 23.29
C PRO A 141 2.39 27.56 23.74
N SER A 142 1.81 28.65 24.25
CA SER A 142 2.56 29.78 24.78
C SER A 142 2.34 29.83 26.28
N PHE A 143 3.41 29.59 27.04
CA PHE A 143 3.37 29.67 28.49
C PHE A 143 4.34 30.76 28.96
N ASP A 144 3.97 31.39 30.08
CA ASP A 144 4.80 32.40 30.69
C ASP A 144 6.07 31.77 31.27
N LYS A 145 7.12 32.58 31.38
CA LYS A 145 8.35 32.10 32.00
C LYS A 145 8.11 31.66 33.43
N ASP A 146 7.16 32.30 34.12
CA ASP A 146 6.78 31.84 35.45
C ASP A 146 6.17 30.44 35.38
N GLU A 147 5.30 30.21 34.40
CA GLU A 147 4.64 28.91 34.27
C GLU A 147 5.63 27.83 33.87
N LYS A 148 6.56 28.15 32.97
CA LYS A 148 7.56 27.17 32.55
C LYS A 148 8.46 26.78 33.73
N ARG A 149 8.77 27.74 34.61
CA ARG A 149 9.55 27.43 35.80
C ARG A 149 8.75 26.58 36.77
N THR A 150 7.44 26.83 36.87
CA THR A 150 6.60 26.02 37.76
C THR A 150 6.50 24.58 37.26
N PHE A 151 6.42 24.40 35.94
CA PHE A 151 6.38 23.04 35.40
C PHE A 151 7.69 22.31 35.68
N LEU A 152 8.82 22.98 35.49
CA LEU A 152 10.11 22.38 35.79
C LEU A 152 10.26 22.09 37.28
N ALA A 153 9.82 23.02 38.13
CA ALA A 153 9.90 22.81 39.57
C ALA A 153 9.02 21.65 40.02
N GLU A 154 7.86 21.47 39.36
CA GLU A 154 6.98 20.37 39.72
C GLU A 154 7.51 19.05 39.20
N LEU A 155 8.14 19.05 38.01
CA LEU A 155 8.86 17.87 37.55
C LEU A 155 10.03 17.56 38.48
N THR A 156 10.67 18.59 39.03
CA THR A 156 11.75 18.36 39.98
C THR A 156 11.23 17.74 41.27
N ALA A 157 10.06 18.18 41.75
CA ALA A 157 9.48 17.59 42.94
C ALA A 157 9.10 16.14 42.72
N ALA A 158 8.59 15.81 41.53
CA ALA A 158 8.19 14.43 41.24
C ALA A 158 9.40 13.49 41.24
N GLU A 159 10.46 13.88 40.54
CA GLU A 159 11.65 13.04 40.49
C GLU A 159 12.36 12.99 41.83
N GLY A 160 12.47 14.14 42.51
CA GLY A 160 13.26 14.18 43.72
C GLY A 160 12.67 13.35 44.85
N LEU A 161 11.34 13.39 45.01
CA LEU A 161 10.70 12.59 46.04
C LEU A 161 10.88 11.11 45.77
N GLU A 162 10.87 10.71 44.51
CA GLU A 162 10.96 9.30 44.19
C GLU A 162 12.37 8.78 44.38
N ARG A 163 13.38 9.53 43.94
CA ARG A 163 14.76 9.15 44.22
C ARG A 163 15.07 9.20 45.72
N TYR A 164 14.44 10.12 46.45
CA TYR A 164 14.65 10.20 47.89
C TYR A 164 14.13 8.95 48.58
N LEU A 165 12.92 8.50 48.20
CA LEU A 165 12.36 7.29 48.81
C LEU A 165 13.16 6.06 48.42
N GLY A 166 13.73 6.04 47.21
CA GLY A 166 14.57 4.91 46.82
C GLY A 166 15.88 4.88 47.58
N ALA A 167 16.44 6.06 47.86
CA ALA A 167 17.68 6.11 48.64
C ALA A 167 17.44 5.74 50.10
N LYS A 168 16.36 6.25 50.69
CA LYS A 168 16.14 6.07 52.12
C LYS A 168 15.54 4.71 52.44
N PHE A 169 14.73 4.15 51.56
CA PHE A 169 14.09 2.85 51.78
C PHE A 169 14.29 1.97 50.56
N PRO A 170 15.52 1.51 50.31
CA PRO A 170 15.77 0.67 49.14
C PRO A 170 14.96 -0.62 49.20
N GLY A 171 14.39 -1.00 48.05
CA GLY A 171 13.65 -2.23 47.92
C GLY A 171 12.22 -2.18 48.40
N ALA A 172 11.83 -1.15 49.14
CA ALA A 172 10.47 -1.05 49.63
C ALA A 172 9.51 -0.75 48.48
N LYS A 173 8.34 -1.38 48.50
CA LYS A 173 7.33 -1.11 47.49
C LYS A 173 6.81 0.31 47.65
N ARG A 174 6.93 1.11 46.58
CA ARG A 174 6.36 2.45 46.58
C ARG A 174 5.58 2.77 45.31
N PHE A 175 5.63 1.92 44.30
CA PHE A 175 4.94 2.12 43.02
C PHE A 175 5.24 3.52 42.46
N SER A 176 6.51 3.64 42.06
CA SER A 176 7.08 4.91 41.66
C SER A 176 6.37 5.49 40.43
N LEU A 177 6.26 6.82 40.42
CA LEU A 177 5.76 7.55 39.26
C LEU A 177 6.81 7.76 38.19
N GLU A 178 8.07 7.40 38.45
CA GLU A 178 9.16 7.76 37.55
C GLU A 178 8.90 7.25 36.14
N GLY A 179 9.14 8.13 35.15
CA GLY A 179 8.75 7.93 33.79
C GLY A 179 7.45 8.60 33.43
N GLY A 180 6.58 8.81 34.42
CA GLY A 180 5.33 9.52 34.23
C GLY A 180 5.30 10.78 35.07
N ASP A 181 6.46 11.42 35.23
CA ASP A 181 6.59 12.55 36.15
C ASP A 181 5.67 13.70 35.77
N ALA A 182 5.30 13.81 34.49
CA ALA A 182 4.50 14.94 34.02
C ALA A 182 3.12 14.96 34.65
N MET A 183 2.67 13.85 35.25
CA MET A 183 1.36 13.86 35.89
C MET A 183 1.30 14.85 37.05
N ILE A 184 2.41 15.04 37.78
CA ILE A 184 2.39 15.98 38.89
C ILE A 184 2.13 17.41 38.43
N PRO A 185 2.87 17.97 37.46
CA PRO A 185 2.44 19.28 36.92
C PRO A 185 1.08 19.25 36.27
N MET A 186 0.68 18.12 35.67
CA MET A 186 -0.65 18.04 35.05
C MET A 186 -1.74 18.17 36.10
N MET A 187 -1.62 17.42 37.20
CA MET A 187 -2.64 17.48 38.25
C MET A 187 -2.70 18.86 38.88
N LYS A 188 -1.55 19.44 39.20
CA LYS A 188 -1.59 20.77 39.80
C LYS A 188 -2.09 21.82 38.81
N GLU A 189 -1.81 21.66 37.52
CA GLU A 189 -2.39 22.55 36.53
C GLU A 189 -3.90 22.34 36.41
N LEU A 190 -4.35 21.08 36.55
CA LEU A 190 -5.78 20.81 36.54
C LEU A 190 -6.48 21.48 37.71
N ILE A 191 -5.86 21.43 38.90
CA ILE A 191 -6.47 22.04 40.07
C ILE A 191 -6.42 23.56 39.99
N ARG A 192 -5.30 24.11 39.51
CA ARG A 192 -5.20 25.55 39.34
C ARG A 192 -6.21 26.05 38.32
N HIS A 193 -6.34 25.34 37.19
CA HIS A 193 -7.34 25.72 36.19
C HIS A 193 -8.76 25.54 36.71
N ALA A 194 -8.97 24.59 37.63
CA ALA A 194 -10.29 24.41 38.20
C ALA A 194 -10.70 25.60 39.06
N GLY A 195 -9.77 26.09 39.89
CA GLY A 195 -10.05 27.31 40.63
C GLY A 195 -10.09 28.53 39.72
N ARG A 196 -9.32 28.49 38.63
CA ARG A 196 -9.34 29.58 37.66
C ARG A 196 -10.70 29.70 36.99
N SER A 197 -11.44 28.60 36.90
CA SER A 197 -12.76 28.56 36.29
C SER A 197 -13.89 28.60 37.32
N GLY A 198 -13.59 28.91 38.57
CA GLY A 198 -14.61 29.12 39.59
C GLY A 198 -15.14 27.87 40.24
N MET A 199 -14.54 26.72 39.98
CA MET A 199 -14.94 25.49 40.68
C MET A 199 -14.50 25.54 42.13
N ARG A 200 -15.33 24.99 43.02
CA ARG A 200 -15.06 25.03 44.45
C ARG A 200 -14.35 23.80 44.98
N GLU A 201 -14.59 22.62 44.40
CA GLU A 201 -14.07 21.37 44.94
C GLU A 201 -13.61 20.47 43.80
N VAL A 202 -12.57 19.68 44.10
CA VAL A 202 -12.05 18.67 43.18
C VAL A 202 -11.93 17.36 43.95
N VAL A 203 -12.44 16.28 43.38
CA VAL A 203 -12.38 14.96 43.98
C VAL A 203 -11.64 14.04 43.02
N ILE A 204 -10.69 13.27 43.55
CA ILE A 204 -9.76 12.48 42.73
C ILE A 204 -9.88 11.02 43.11
N GLY A 205 -9.96 10.16 42.09
CA GLY A 205 -9.81 8.73 42.29
C GLY A 205 -8.65 8.20 41.48
N MET A 206 -7.78 7.42 42.10
CA MET A 206 -6.56 6.95 41.46
C MET A 206 -6.14 5.63 42.09
N ALA A 207 -5.11 5.02 41.50
CA ALA A 207 -4.57 3.76 41.97
C ALA A 207 -3.16 3.95 42.52
N HIS A 208 -2.36 2.88 42.52
CA HIS A 208 -1.05 2.89 43.13
C HIS A 208 -0.05 3.79 42.40
N ARG A 209 -0.19 3.95 41.08
CA ARG A 209 0.85 4.58 40.29
C ARG A 209 0.94 6.06 40.61
N GLY A 210 2.08 6.48 41.16
CA GLY A 210 2.24 7.88 41.54
C GLY A 210 1.39 8.29 42.71
N ARG A 211 0.91 7.33 43.52
CA ARG A 211 -0.01 7.67 44.60
C ARG A 211 0.69 8.44 45.71
N LEU A 212 1.85 7.94 46.16
CA LEU A 212 2.61 8.67 47.17
C LEU A 212 3.10 10.00 46.64
N ASN A 213 3.42 10.08 45.35
CA ASN A 213 3.79 11.36 44.75
C ASN A 213 2.62 12.34 44.78
N MET A 214 1.41 11.85 44.47
CA MET A 214 0.24 12.70 44.51
C MET A 214 -0.05 13.17 45.93
N LEU A 215 0.21 12.32 46.92
CA LEU A 215 -0.08 12.69 48.31
C LEU A 215 0.88 13.77 48.81
N VAL A 216 2.17 13.60 48.51
CA VAL A 216 3.17 14.52 49.06
C VAL A 216 3.27 15.78 48.21
N ASN A 217 3.27 15.65 46.89
CA ASN A 217 3.57 16.77 46.00
C ASN A 217 2.33 17.46 45.45
N VAL A 218 1.13 16.99 45.77
CA VAL A 218 -0.08 17.67 45.30
C VAL A 218 -1.03 17.93 46.46
N LEU A 219 -1.40 16.87 47.19
CA LEU A 219 -2.34 17.04 48.29
C LEU A 219 -1.69 17.62 49.54
N GLY A 220 -0.36 17.64 49.62
CA GLY A 220 0.31 18.30 50.73
C GLY A 220 0.55 17.48 51.97
N LYS A 221 0.52 16.15 51.88
CA LYS A 221 0.87 15.32 53.03
C LYS A 221 2.31 15.61 53.46
N LYS A 222 2.54 15.63 54.77
CA LYS A 222 3.88 15.93 55.27
C LYS A 222 4.83 14.81 54.88
N PRO A 223 5.95 15.13 54.23
CA PRO A 223 6.92 14.07 53.88
C PRO A 223 7.43 13.30 55.08
N GLN A 224 7.59 13.96 56.23
CA GLN A 224 8.04 13.26 57.42
C GLN A 224 7.03 12.23 57.88
N ASP A 225 5.74 12.50 57.70
CA ASP A 225 4.72 11.51 58.03
C ASP A 225 4.79 10.32 57.07
N LEU A 226 5.10 10.56 55.81
CA LEU A 226 5.29 9.45 54.87
C LEU A 226 6.53 8.65 55.23
N PHE A 227 7.60 9.34 55.66
CA PHE A 227 8.81 8.63 56.06
C PHE A 227 8.58 7.79 57.30
N ASP A 228 7.70 8.24 58.20
CA ASP A 228 7.35 7.44 59.36
C ASP A 228 6.65 6.15 58.97
N GLU A 229 5.76 6.20 57.98
CA GLU A 229 5.02 5.02 57.58
C GLU A 229 5.94 3.98 56.94
N PHE A 230 6.96 4.42 56.20
CA PHE A 230 7.96 3.48 55.71
C PHE A 230 8.78 2.90 56.85
N ALA A 231 8.94 3.65 57.94
CA ALA A 231 9.75 3.23 59.08
C ALA A 231 9.00 2.38 60.09
N GLY A 232 7.68 2.24 59.96
CA GLY A 232 6.95 1.35 60.84
C GLY A 232 6.24 1.98 62.02
N LYS A 233 5.57 3.11 61.79
CA LYS A 233 4.86 3.82 62.85
C LYS A 233 3.42 4.05 62.40
N HIS A 234 2.48 3.50 63.17
CA HIS A 234 1.06 3.62 62.87
C HIS A 234 0.29 3.94 64.15
N TRP A 238 -5.92 3.81 64.16
CA TRP A 238 -7.25 3.53 64.70
C TRP A 238 -7.61 2.06 64.51
N GLY A 239 -8.17 1.75 63.34
CA GLY A 239 -8.62 0.41 63.02
C GLY A 239 -7.48 -0.42 62.48
N THR A 240 -7.85 -1.55 61.86
CA THR A 240 -6.85 -2.48 61.38
C THR A 240 -6.04 -1.91 60.23
N GLY A 241 -6.53 -0.86 59.58
CA GLY A 241 -5.72 -0.10 58.65
C GLY A 241 -5.60 -0.71 57.27
N ASP A 242 -4.72 -0.10 56.48
CA ASP A 242 -4.52 -0.48 55.09
C ASP A 242 -3.13 0.01 54.66
N VAL A 243 -2.71 -0.46 53.49
CA VAL A 243 -1.38 -0.15 52.99
C VAL A 243 -1.26 1.32 52.61
N LYS A 244 -0.02 1.82 52.61
CA LYS A 244 0.23 3.25 52.51
C LYS A 244 -0.25 3.84 51.18
N TYR A 245 -0.28 3.04 50.12
CA TYR A 245 -0.67 3.56 48.81
C TYR A 245 -2.17 3.42 48.54
N HIS A 246 -2.98 3.16 49.57
CA HIS A 246 -4.42 3.25 49.47
C HIS A 246 -5.00 4.45 50.20
N GLN A 247 -4.18 5.23 50.90
CA GLN A 247 -4.68 6.27 51.77
C GLN A 247 -5.25 7.43 50.97
N GLY A 248 -6.35 8.00 51.47
CA GLY A 248 -6.91 9.24 50.95
C GLY A 248 -6.39 10.46 51.70
N PHE A 249 -6.84 11.63 51.25
CA PHE A 249 -6.37 12.87 51.85
C PHE A 249 -7.34 14.00 51.52
N SER A 250 -7.36 15.00 52.41
CA SER A 250 -8.14 16.21 52.22
C SER A 250 -7.25 17.41 52.52
N ALA A 251 -7.40 18.46 51.71
CA ALA A 251 -6.61 19.67 51.88
C ALA A 251 -7.25 20.80 51.08
N ASP A 252 -6.90 22.02 51.44
CA ASP A 252 -7.17 23.18 50.60
C ASP A 252 -5.95 23.50 49.75
N PHE A 253 -6.20 24.12 48.60
CA PHE A 253 -5.18 24.29 47.55
C PHE A 253 -5.37 25.67 46.94
N ALA A 254 -4.38 26.54 47.12
CA ALA A 254 -4.49 27.91 46.61
C ALA A 254 -4.37 27.92 45.09
N THR A 255 -5.31 28.60 44.45
CA THR A 255 -5.41 28.74 43.00
C THR A 255 -5.60 30.21 42.69
N PRO A 256 -5.35 30.61 41.43
CA PRO A 256 -5.61 32.01 41.06
C PRO A 256 -7.05 32.44 41.30
N GLY A 257 -8.00 31.52 41.21
CA GLY A 257 -9.38 31.83 41.49
C GLY A 257 -9.79 31.65 42.93
N GLY A 258 -8.86 31.35 43.83
CA GLY A 258 -9.14 31.17 45.23
C GLY A 258 -8.84 29.76 45.70
N ASP A 259 -9.00 29.56 47.01
CA ASP A 259 -8.77 28.25 47.59
C ASP A 259 -9.82 27.25 47.10
N VAL A 260 -9.35 26.05 46.78
CA VAL A 260 -10.20 24.95 46.35
C VAL A 260 -10.00 23.79 47.31
N HIS A 261 -11.09 23.13 47.69
CA HIS A 261 -10.98 21.94 48.51
C HIS A 261 -10.56 20.76 47.64
N LEU A 262 -9.67 19.93 48.19
CA LEU A 262 -9.14 18.77 47.49
C LEU A 262 -9.49 17.52 48.27
N ALA A 263 -9.95 16.49 47.57
CA ALA A 263 -10.24 15.20 48.18
C ALA A 263 -9.66 14.09 47.32
N LEU A 264 -8.85 13.24 47.92
CA LEU A 264 -8.33 12.04 47.29
C LEU A 264 -8.97 10.84 47.98
N ALA A 265 -9.60 9.97 47.21
CA ALA A 265 -10.38 8.88 47.78
C ALA A 265 -9.49 7.77 48.34
N PHE A 266 -9.97 7.12 49.39
CA PHE A 266 -9.48 5.81 49.75
C PHE A 266 -9.97 4.78 48.73
N ASN A 267 -9.17 3.73 48.52
CA ASN A 267 -9.53 2.69 47.57
C ASN A 267 -8.82 1.40 47.97
N PRO A 268 -9.34 0.25 47.55
CA PRO A 268 -8.63 -1.01 47.80
C PRO A 268 -7.67 -1.34 46.67
N SER A 269 -7.04 -2.51 46.74
CA SER A 269 -6.16 -2.92 45.66
C SER A 269 -6.93 -3.16 44.36
N HIS A 270 -8.20 -3.52 44.44
CA HIS A 270 -9.01 -3.74 43.25
C HIS A 270 -9.06 -2.46 42.42
N LEU A 271 -8.61 -2.56 41.17
CA LEU A 271 -8.47 -1.39 40.31
C LEU A 271 -9.82 -0.97 39.72
N GLU A 272 -9.91 0.33 39.41
CA GLU A 272 -11.00 0.92 38.63
C GLU A 272 -12.32 1.02 39.38
N ILE A 273 -12.54 0.17 40.39
CA ILE A 273 -13.82 0.21 41.11
C ILE A 273 -13.98 1.52 41.87
N VAL A 274 -12.88 2.20 42.22
CA VAL A 274 -12.99 3.47 42.94
C VAL A 274 -13.63 4.54 42.06
N ASN A 275 -13.54 4.40 40.73
CA ASN A 275 -14.08 5.43 39.85
C ASN A 275 -15.58 5.65 40.04
N PRO A 276 -16.45 4.63 40.00
CA PRO A 276 -17.86 4.89 40.34
C PRO A 276 -18.06 5.43 41.74
N VAL A 277 -17.22 5.05 42.70
CA VAL A 277 -17.37 5.56 44.07
C VAL A 277 -17.13 7.07 44.09
N VAL A 278 -16.15 7.54 43.33
CA VAL A 278 -15.91 8.98 43.26
C VAL A 278 -17.08 9.68 42.58
N MET A 279 -17.69 9.03 41.58
CA MET A 279 -18.84 9.63 40.91
C MET A 279 -19.99 9.86 41.87
N GLY A 280 -20.21 8.92 42.80
CA GLY A 280 -21.27 9.09 43.77
C GLY A 280 -20.98 10.17 44.79
N SER A 281 -19.72 10.31 45.20
CA SER A 281 -19.36 11.32 46.18
C SER A 281 -19.57 12.73 45.64
N VAL A 282 -19.15 12.99 44.39
CA VAL A 282 -19.30 14.34 43.86
C VAL A 282 -20.77 14.64 43.56
N ARG A 283 -21.53 13.63 43.10
CA ARG A 283 -22.96 13.85 42.91
C ARG A 283 -23.63 14.18 44.23
N ALA A 284 -23.19 13.54 45.32
CA ALA A 284 -23.71 13.90 46.63
C ALA A 284 -23.31 15.32 47.00
N ARG A 285 -22.10 15.72 46.59
CA ARG A 285 -21.67 17.10 46.81
C ARG A 285 -22.43 18.07 45.93
N GLN A 286 -22.61 17.72 44.65
CA GLN A 286 -23.35 18.59 43.74
C GLN A 286 -24.80 18.73 44.15
N ASP A 287 -25.39 17.67 44.70
CA ASP A 287 -26.76 17.76 45.20
C ASP A 287 -26.84 18.72 46.39
N ARG A 288 -25.88 18.63 47.30
CA ARG A 288 -25.91 19.46 48.50
C ARG A 288 -25.72 20.93 48.16
N LEU A 289 -24.87 21.23 47.17
CA LEU A 289 -24.57 22.61 46.82
C LEU A 289 -25.58 23.21 45.86
N GLY A 290 -26.54 22.43 45.35
CA GLY A 290 -27.39 22.93 44.30
C GLY A 290 -26.68 23.10 42.97
N ASP A 291 -25.57 22.39 42.78
CA ASP A 291 -24.77 22.46 41.56
C ASP A 291 -25.42 21.55 40.51
N ASP A 292 -26.51 22.06 39.92
CA ASP A 292 -27.31 21.22 39.03
C ASP A 292 -26.58 20.86 37.74
N ASP A 293 -25.65 21.69 37.29
CA ASP A 293 -24.89 21.41 36.08
C ASP A 293 -23.49 20.86 36.36
N GLY A 294 -23.13 20.67 37.62
CA GLY A 294 -21.83 20.09 37.94
C GLY A 294 -20.66 21.00 37.67
N SER A 295 -20.86 22.32 37.72
CA SER A 295 -19.76 23.26 37.48
C SER A 295 -19.00 23.65 38.74
N LYS A 296 -19.45 23.22 39.92
CA LYS A 296 -18.80 23.58 41.17
C LYS A 296 -17.89 22.48 41.72
N VAL A 297 -18.18 21.21 41.41
CA VAL A 297 -17.39 20.09 41.92
C VAL A 297 -16.84 19.33 40.71
N LEU A 298 -15.52 19.16 40.68
CA LEU A 298 -14.85 18.52 39.55
C LEU A 298 -14.44 17.10 39.91
N PRO A 299 -14.92 16.09 39.18
CA PRO A 299 -14.40 14.73 39.39
C PRO A 299 -13.21 14.43 38.49
N ILE A 300 -12.16 13.85 39.06
CA ILE A 300 -10.98 13.43 38.30
C ILE A 300 -10.69 11.97 38.64
N THR A 301 -10.58 11.13 37.62
CA THR A 301 -10.20 9.73 37.80
C THR A 301 -8.91 9.45 37.05
N ILE A 302 -8.01 8.71 37.69
CA ILE A 302 -6.73 8.34 37.11
C ILE A 302 -6.71 6.83 36.93
N HIS A 303 -6.23 6.38 35.77
CA HIS A 303 -6.31 4.98 35.40
C HIS A 303 -4.95 4.47 34.94
N GLY A 304 -4.73 3.17 35.11
CA GLY A 304 -3.63 2.48 34.46
C GLY A 304 -4.04 1.98 33.09
N ASP A 305 -3.06 1.84 32.21
CA ASP A 305 -3.36 1.49 30.82
C ASP A 305 -3.91 0.07 30.70
N SER A 306 -3.35 -0.88 31.45
CA SER A 306 -3.87 -2.25 31.39
C SER A 306 -5.22 -2.35 32.07
N ALA A 307 -5.41 -1.67 33.19
CA ALA A 307 -6.65 -1.81 33.96
C ALA A 307 -7.84 -1.21 33.23
N ILE A 308 -7.67 -0.04 32.61
CA ILE A 308 -8.80 0.64 32.00
C ILE A 308 -9.31 -0.12 30.79
N ALA A 309 -8.42 -0.84 30.09
CA ALA A 309 -8.86 -1.63 28.94
C ALA A 309 -9.62 -2.89 29.36
N GLY A 310 -9.29 -3.46 30.51
CA GLY A 310 -9.79 -4.78 30.85
C GLY A 310 -10.89 -4.88 31.88
N GLN A 311 -11.11 -3.82 32.66
CA GLN A 311 -12.10 -3.87 33.73
C GLN A 311 -13.44 -3.35 33.21
N GLY A 312 -14.49 -4.17 33.40
CA GLY A 312 -15.80 -3.83 32.86
C GLY A 312 -16.50 -2.71 33.58
N VAL A 313 -16.09 -2.41 34.82
CA VAL A 313 -16.69 -1.30 35.55
C VAL A 313 -16.41 0.03 34.87
N VAL A 314 -15.35 0.10 34.07
CA VAL A 314 -15.05 1.32 33.31
C VAL A 314 -16.19 1.64 32.36
N ALA A 315 -16.65 0.63 31.60
CA ALA A 315 -17.76 0.85 30.67
C ALA A 315 -19.06 1.13 31.41
N GLU A 316 -19.27 0.48 32.55
CA GLU A 316 -20.48 0.73 33.32
C GLU A 316 -20.53 2.17 33.83
N THR A 317 -19.38 2.73 34.17
CA THR A 317 -19.33 4.11 34.64
C THR A 317 -19.51 5.09 33.49
N PHE A 318 -18.92 4.79 32.33
CA PHE A 318 -19.13 5.61 31.14
C PHE A 318 -20.60 5.62 30.74
N ASN A 319 -21.29 4.49 30.94
CA ASN A 319 -22.70 4.41 30.60
C ASN A 319 -23.57 5.18 31.57
N MET A 320 -23.07 5.46 32.77
CA MET A 320 -23.76 6.29 33.75
C MET A 320 -23.44 7.77 33.62
N SER A 321 -22.50 8.15 32.74
CA SER A 321 -22.00 9.52 32.72
C SER A 321 -23.07 10.54 32.33
N GLN A 322 -24.09 10.12 31.58
CA GLN A 322 -25.18 11.02 31.19
C GLN A 322 -26.54 10.55 31.67
N ALA A 323 -26.60 9.47 32.45
CA ALA A 323 -27.85 9.12 33.10
C ALA A 323 -28.23 10.21 34.10
N ARG A 324 -29.52 10.58 34.11
CA ARG A 324 -29.95 11.68 34.97
C ARG A 324 -29.77 11.37 36.45
N GLY A 325 -29.83 10.10 36.82
CA GLY A 325 -29.66 9.75 38.22
C GLY A 325 -28.22 9.62 38.69
N PHE A 326 -27.26 9.62 37.75
CA PHE A 326 -25.85 9.47 38.10
C PHE A 326 -24.92 10.50 37.49
N CYS A 327 -25.37 11.27 36.49
CA CYS A 327 -24.47 12.22 35.82
C CYS A 327 -23.94 13.25 36.80
N VAL A 328 -22.68 13.64 36.60
CA VAL A 328 -22.02 14.60 37.48
C VAL A 328 -21.40 15.72 36.64
N GLY A 329 -21.93 15.93 35.44
CA GLY A 329 -21.40 16.96 34.57
C GLY A 329 -20.16 16.57 33.80
N GLY A 330 -19.84 15.29 33.73
CA GLY A 330 -18.65 14.84 33.04
C GLY A 330 -17.45 14.74 33.95
N THR A 331 -16.55 13.81 33.62
CA THR A 331 -15.36 13.57 34.42
C THR A 331 -14.12 13.72 33.54
N VAL A 332 -13.08 14.34 34.10
CA VAL A 332 -11.76 14.34 33.48
C VAL A 332 -11.07 13.04 33.86
N ARG A 333 -10.66 12.26 32.86
CA ARG A 333 -10.10 10.93 33.08
C ARG A 333 -8.70 10.90 32.51
N VAL A 334 -7.72 10.57 33.35
CA VAL A 334 -6.31 10.56 32.96
C VAL A 334 -5.81 9.13 33.05
N VAL A 335 -5.22 8.64 31.96
CA VAL A 335 -4.57 7.33 31.93
C VAL A 335 -3.07 7.54 32.01
N VAL A 336 -2.44 6.99 33.04
CA VAL A 336 -0.99 6.95 33.11
C VAL A 336 -0.53 5.76 32.26
N ASN A 337 -0.31 6.01 30.98
CA ASN A 337 -0.07 4.95 30.00
C ASN A 337 1.44 4.75 29.88
N ASN A 338 1.99 3.91 30.76
CA ASN A 338 3.41 3.55 30.73
C ASN A 338 3.67 2.35 29.83
N GLN A 339 2.69 1.93 29.05
CA GLN A 339 2.86 0.94 27.98
C GLN A 339 3.25 -0.44 28.50
N VAL A 340 2.88 -0.75 29.74
CA VAL A 340 3.15 -2.07 30.31
C VAL A 340 2.19 -2.29 31.47
N GLY A 341 1.74 -3.53 31.63
CA GLY A 341 0.98 -3.92 32.80
C GLY A 341 1.64 -5.06 33.54
N PHE A 342 2.28 -4.75 34.67
CA PHE A 342 3.09 -5.72 35.41
C PHE A 342 4.13 -6.32 34.48
N THR A 343 3.96 -7.60 34.12
CA THR A 343 4.86 -8.27 33.19
C THR A 343 4.31 -8.33 31.77
N THR A 344 3.14 -7.73 31.52
CA THR A 344 2.46 -7.84 30.23
C THR A 344 2.58 -6.52 29.48
N SER A 345 3.26 -6.55 28.34
CA SER A 345 3.42 -5.38 27.49
C SER A 345 2.97 -5.58 26.05
N ASN A 346 2.79 -6.81 25.59
CA ASN A 346 2.39 -7.07 24.21
C ASN A 346 0.97 -6.56 24.01
N PRO A 347 0.72 -5.70 23.02
CA PRO A 347 -0.66 -5.24 22.78
C PRO A 347 -1.62 -6.36 22.44
N ARG A 348 -1.14 -7.45 21.84
CA ARG A 348 -1.98 -8.58 21.52
C ARG A 348 -2.45 -9.35 22.75
N ASP A 349 -1.87 -9.08 23.92
CA ASP A 349 -2.30 -9.71 25.17
C ASP A 349 -3.11 -8.81 26.09
N THR A 350 -2.97 -7.49 25.98
CA THR A 350 -3.63 -6.59 26.91
C THR A 350 -4.96 -6.04 26.41
N ARG A 351 -5.18 -6.01 25.10
CA ARG A 351 -6.34 -5.33 24.53
C ARG A 351 -6.51 -5.78 23.09
N SER A 352 -7.58 -5.32 22.46
CA SER A 352 -7.92 -5.67 21.09
C SER A 352 -7.83 -4.49 20.12
N THR A 353 -7.25 -3.38 20.55
CA THR A 353 -7.22 -2.17 19.74
C THR A 353 -5.90 -1.44 19.96
N MET A 354 -5.64 -0.44 19.10
CA MET A 354 -4.37 0.28 19.18
C MET A 354 -4.23 1.06 20.49
N TYR A 355 -5.33 1.63 20.99
CA TYR A 355 -5.29 2.48 22.17
C TYR A 355 -6.03 1.82 23.34
N CYS A 356 -5.47 1.96 24.54
CA CYS A 356 -6.16 1.52 25.75
C CYS A 356 -7.37 2.37 26.07
N THR A 357 -7.45 3.58 25.51
CA THR A 357 -8.52 4.53 25.76
C THR A 357 -9.71 4.38 24.82
N ASP A 358 -9.70 3.39 23.93
CA ASP A 358 -10.77 3.26 22.93
C ASP A 358 -12.13 2.97 23.55
N ILE A 359 -12.15 2.49 24.81
CA ILE A 359 -13.43 2.30 25.50
C ILE A 359 -14.20 3.61 25.61
N ALA A 360 -13.49 4.75 25.67
CA ALA A 360 -14.14 6.05 25.80
C ALA A 360 -15.02 6.39 24.60
N LYS A 361 -14.79 5.76 23.46
CA LYS A 361 -15.57 6.05 22.26
C LYS A 361 -17.03 5.64 22.39
N MET A 362 -17.36 4.79 23.36
CA MET A 362 -18.76 4.41 23.55
C MET A 362 -19.64 5.61 23.88
N VAL A 363 -19.07 6.63 24.51
CA VAL A 363 -19.78 7.87 24.79
C VAL A 363 -19.22 9.03 23.96
N GLN A 364 -18.44 8.72 22.92
CA GLN A 364 -17.92 9.71 21.97
C GLN A 364 -17.10 10.80 22.68
N ALA A 365 -16.39 10.41 23.73
CA ALA A 365 -15.52 11.35 24.41
C ALA A 365 -14.29 11.66 23.55
N PRO A 366 -13.87 12.92 23.48
CA PRO A 366 -12.56 13.21 22.88
C PRO A 366 -11.44 12.60 23.71
N ILE A 367 -10.38 12.19 23.02
CA ILE A 367 -9.23 11.56 23.66
C ILE A 367 -7.97 12.28 23.21
N PHE A 368 -7.20 12.79 24.17
CA PHE A 368 -5.98 13.52 23.90
C PHE A 368 -4.78 12.68 24.34
N HIS A 369 -4.12 12.05 23.37
CA HIS A 369 -2.84 11.40 23.61
C HIS A 369 -1.74 12.46 23.59
N VAL A 370 -0.82 12.40 24.56
CA VAL A 370 0.25 13.38 24.66
C VAL A 370 1.52 12.69 25.15
N ASN A 371 2.64 13.01 24.51
CA ASN A 371 3.93 12.51 24.97
C ASN A 371 4.23 13.08 26.36
N ALA A 372 4.60 12.21 27.29
CA ALA A 372 4.86 12.65 28.66
C ALA A 372 6.19 13.37 28.81
N ASP A 373 7.07 13.29 27.82
CA ASP A 373 8.33 14.01 27.83
C ASP A 373 8.19 15.44 27.33
N ASP A 374 6.96 15.90 27.12
CA ASP A 374 6.67 17.26 26.63
C ASP A 374 5.68 17.86 27.61
N PRO A 375 6.16 18.32 28.77
CA PRO A 375 5.23 18.82 29.80
C PRO A 375 4.37 19.99 29.34
N GLU A 376 4.89 20.85 28.46
CA GLU A 376 4.08 21.97 27.99
C GLU A 376 2.91 21.49 27.12
N ALA A 377 3.14 20.45 26.31
CA ALA A 377 2.02 19.80 25.63
C ALA A 377 1.08 19.15 26.63
N VAL A 378 1.63 18.63 27.73
CA VAL A 378 0.78 18.00 28.76
C VAL A 378 -0.12 19.05 29.40
N ALA A 379 0.47 20.16 29.85
CA ALA A 379 -0.33 21.23 30.46
C ALA A 379 -1.29 21.85 29.46
N PHE A 380 -0.88 21.94 28.19
CA PHE A 380 -1.74 22.52 27.17
C PHE A 380 -2.94 21.63 26.90
N VAL A 381 -2.72 20.31 26.80
CA VAL A 381 -3.82 19.37 26.65
C VAL A 381 -4.68 19.35 27.90
N THR A 382 -4.07 19.58 29.07
CA THR A 382 -4.82 19.55 30.32
C THR A 382 -5.83 20.68 30.40
N ARG A 383 -5.43 21.89 30.03
CA ARG A 383 -6.36 23.02 30.05
C ARG A 383 -7.49 22.81 29.05
N ILE A 384 -7.18 22.23 27.88
CA ILE A 384 -8.21 21.99 26.88
C ILE A 384 -9.22 20.97 27.39
N ALA A 385 -8.74 19.87 27.96
CA ALA A 385 -9.64 18.80 28.41
C ALA A 385 -10.58 19.29 29.50
N LEU A 386 -10.08 20.12 30.42
CA LEU A 386 -10.96 20.66 31.45
C LEU A 386 -11.91 21.70 30.88
N ASP A 387 -11.42 22.54 29.96
CA ASP A 387 -12.30 23.51 29.32
C ASP A 387 -13.38 22.82 28.49
N TYR A 388 -13.05 21.69 27.85
CA TYR A 388 -14.07 20.93 27.15
C TYR A 388 -15.09 20.36 28.13
N ARG A 389 -14.63 19.86 29.27
CA ARG A 389 -15.55 19.30 30.25
C ARG A 389 -16.48 20.36 30.80
N ASN A 390 -15.94 21.53 31.13
CA ASN A 390 -16.78 22.61 31.67
C ASN A 390 -17.68 23.21 30.61
N GLU A 391 -17.27 23.17 29.34
CA GLU A 391 -18.08 23.76 28.28
C GLU A 391 -19.28 22.89 27.92
N PHE A 392 -19.05 21.58 27.75
CA PHE A 392 -20.08 20.69 27.23
C PHE A 392 -20.57 19.66 28.25
N LYS A 393 -20.01 19.66 29.46
CA LYS A 393 -20.46 18.78 30.54
C LYS A 393 -20.43 17.30 30.13
N ARG A 394 -19.30 16.89 29.53
CA ARG A 394 -19.16 15.53 29.04
C ARG A 394 -17.78 15.00 29.42
N ASP A 395 -17.68 13.67 29.46
CA ASP A 395 -16.41 13.01 29.79
C ASP A 395 -15.34 13.32 28.75
N VAL A 396 -14.11 13.43 29.22
CA VAL A 396 -12.94 13.68 28.38
C VAL A 396 -11.77 12.87 28.93
N VAL A 397 -10.92 12.39 28.03
CA VAL A 397 -9.85 11.48 28.39
C VAL A 397 -8.50 12.06 27.97
N ILE A 398 -7.52 11.98 28.86
CA ILE A 398 -6.15 12.37 28.58
C ILE A 398 -5.28 11.13 28.67
N ASP A 399 -4.64 10.77 27.55
CA ASP A 399 -3.77 9.61 27.48
C ASP A 399 -2.32 10.08 27.65
N LEU A 400 -1.81 9.98 28.87
CA LEU A 400 -0.45 10.40 29.18
C LEU A 400 0.49 9.26 28.81
N VAL A 401 1.07 9.32 27.61
CA VAL A 401 1.91 8.25 27.10
C VAL A 401 3.30 8.40 27.73
N CYS A 402 3.68 7.43 28.55
CA CYS A 402 4.91 7.54 29.34
C CYS A 402 5.56 6.16 29.41
N TYR A 403 6.40 5.95 30.43
CA TYR A 403 7.05 4.68 30.67
C TYR A 403 7.18 4.46 32.16
N ARG A 404 7.53 3.23 32.53
CA ARG A 404 7.73 2.83 33.92
C ARG A 404 9.22 2.63 34.15
N ARG A 405 9.84 3.55 34.89
CA ARG A 405 11.31 3.55 35.01
C ARG A 405 11.82 2.27 35.66
N HIS A 406 11.12 1.77 36.66
CA HIS A 406 11.50 0.55 37.36
C HIS A 406 10.54 -0.58 36.99
N GLY A 407 10.66 -1.69 37.70
CA GLY A 407 9.71 -2.77 37.55
C GLY A 407 8.36 -2.36 38.10
N HIS A 408 7.40 -3.28 37.95
CA HIS A 408 6.02 -3.00 38.37
C HIS A 408 5.99 -2.48 39.81
N ASN A 409 6.72 -3.14 40.69
CA ASN A 409 7.10 -2.58 41.97
C ASN A 409 8.63 -2.55 42.04
N GLU A 410 9.15 -1.94 43.10
CA GLU A 410 10.57 -1.67 43.17
C GLU A 410 11.42 -2.88 43.47
N ALA A 411 10.79 -4.03 43.82
CA ALA A 411 11.51 -5.25 44.11
C ALA A 411 11.30 -6.33 43.05
N ASP A 412 10.89 -5.94 41.84
CA ASP A 412 10.60 -6.87 40.76
C ASP A 412 11.53 -6.59 39.58
N GLU A 413 11.92 -7.65 38.87
CA GLU A 413 12.83 -7.51 37.75
C GLU A 413 12.03 -7.36 36.46
N PRO A 414 12.10 -6.21 35.78
CA PRO A 414 11.38 -6.06 34.52
C PRO A 414 12.10 -6.64 33.31
N ASN A 415 13.42 -6.78 33.37
CA ASN A 415 14.19 -7.22 32.20
C ASN A 415 13.91 -8.67 31.84
N ALA A 416 13.45 -9.49 32.78
CA ALA A 416 13.16 -10.89 32.48
C ALA A 416 12.06 -11.03 31.45
N THR A 417 11.13 -10.07 31.38
CA THR A 417 10.00 -10.15 30.46
C THR A 417 9.88 -8.96 29.52
N GLN A 418 10.55 -7.84 29.79
CA GLN A 418 10.60 -6.70 28.88
C GLN A 418 12.06 -6.27 28.73
N PRO A 419 12.88 -7.07 28.04
CA PRO A 419 14.30 -6.73 27.90
C PRO A 419 14.52 -5.49 27.05
N LEU A 420 13.93 -5.47 25.85
CA LEU A 420 14.16 -4.35 24.93
C LEU A 420 13.63 -3.04 25.49
N MET A 421 12.51 -3.08 26.20
CA MET A 421 11.92 -1.85 26.72
C MET A 421 12.83 -1.18 27.74
N TYR A 422 13.48 -1.97 28.60
CA TYR A 422 14.28 -1.42 29.68
C TYR A 422 15.73 -1.20 29.29
N GLN A 423 16.21 -1.86 28.23
CA GLN A 423 17.49 -1.45 27.64
C GLN A 423 17.39 -0.04 27.10
N LYS A 424 16.22 0.33 26.58
CA LYS A 424 16.01 1.71 26.12
C LYS A 424 15.81 2.65 27.30
N ILE A 425 15.09 2.21 28.33
CA ILE A 425 14.85 3.04 29.50
C ILE A 425 16.16 3.33 30.23
N LYS A 426 17.09 2.37 30.22
CA LYS A 426 18.33 2.54 30.96
C LYS A 426 19.17 3.70 30.41
N LYS A 427 19.01 4.02 29.12
CA LYS A 427 19.73 5.12 28.50
C LYS A 427 18.83 6.30 28.19
N HIS A 428 17.63 6.35 28.79
CA HIS A 428 16.69 7.44 28.53
C HIS A 428 16.75 8.46 29.65
N PRO A 429 17.06 9.72 29.35
CA PRO A 429 17.03 10.76 30.38
C PRO A 429 15.62 11.04 30.88
N THR A 430 15.55 11.50 32.14
CA THR A 430 14.29 11.73 32.82
C THR A 430 13.60 12.98 32.27
N PRO A 431 12.27 13.07 32.41
CA PRO A 431 11.55 14.23 31.88
C PRO A 431 12.03 15.57 32.42
N ARG A 432 12.46 15.62 33.69
CA ARG A 432 13.02 16.85 34.22
C ARG A 432 14.25 17.28 33.44
N LYS A 433 15.15 16.33 33.14
CA LYS A 433 16.38 16.69 32.45
C LYS A 433 16.12 17.14 31.02
N LEU A 434 15.16 16.51 30.31
CA LEU A 434 14.86 16.98 28.96
C LEU A 434 14.23 18.36 28.98
N TYR A 435 13.31 18.62 29.93
CA TYR A 435 12.64 19.91 29.94
C TYR A 435 13.60 21.02 30.34
N ALA A 436 14.48 20.76 31.32
CA ALA A 436 15.48 21.76 31.67
C ALA A 436 16.40 22.06 30.50
N ASP A 437 16.81 21.04 29.74
CA ASP A 437 17.65 21.26 28.59
C ASP A 437 16.95 22.10 27.53
N VAL A 438 15.64 21.90 27.36
CA VAL A 438 14.89 22.66 26.36
C VAL A 438 14.81 24.12 26.75
N LEU A 439 14.49 24.40 28.02
CA LEU A 439 14.40 25.78 28.48
C LEU A 439 15.74 26.48 28.44
N ILE A 440 16.84 25.75 28.69
CA ILE A 440 18.15 26.39 28.65
C ILE A 440 18.56 26.73 27.23
N ASP A 441 18.29 25.82 26.28
CA ASP A 441 18.61 26.11 24.89
C ASP A 441 17.74 27.25 24.35
N ARG A 442 16.55 27.43 24.91
CA ARG A 442 15.67 28.53 24.56
C ARG A 442 15.97 29.80 25.33
N ASN A 443 16.93 29.75 26.26
CA ASN A 443 17.25 30.87 27.16
C ASN A 443 16.02 31.32 27.95
N GLU A 444 15.14 30.37 28.28
CA GLU A 444 14.02 30.62 29.18
C GLU A 444 14.29 30.10 30.57
N CYS A 445 15.44 29.46 30.78
CA CYS A 445 15.93 29.07 32.09
C CYS A 445 17.45 28.94 31.99
N ASP A 446 18.09 28.80 33.14
CA ASP A 446 19.54 28.65 33.19
C ASP A 446 19.89 27.43 34.01
N ILE A 447 21.12 26.97 33.80
CA ILE A 447 21.55 25.73 34.42
C ILE A 447 21.58 25.82 35.95
N GLU A 448 21.86 27.00 36.49
CA GLU A 448 21.93 27.15 37.93
C GLU A 448 20.54 27.14 38.57
N THR A 449 19.54 27.72 37.90
CA THR A 449 18.18 27.67 38.44
C THR A 449 17.66 26.24 38.48
N ALA A 450 17.88 25.48 37.41
CA ALA A 450 17.44 24.09 37.40
C ALA A 450 18.20 23.26 38.43
N THR A 451 19.48 23.55 38.64
CA THR A 451 20.25 22.85 39.67
C THR A 451 19.77 23.22 41.06
N GLN A 452 19.41 24.49 41.26
CA GLN A 452 18.92 24.93 42.56
C GLN A 452 17.63 24.21 42.95
N MET A 453 16.76 23.94 41.97
CA MET A 453 15.51 23.25 42.26
C MET A 453 15.77 21.84 42.79
N VAL A 454 16.69 21.12 42.17
CA VAL A 454 16.97 19.74 42.59
C VAL A 454 17.50 19.71 44.01
N ASN A 455 18.50 20.55 44.31
CA ASN A 455 19.13 20.52 45.62
C ASN A 455 18.22 21.13 46.70
N GLU A 456 17.47 22.18 46.35
CA GLU A 456 16.57 22.76 47.34
C GLU A 456 15.43 21.82 47.70
N TYR A 457 14.91 21.07 46.73
CA TYR A 457 13.85 20.12 47.03
C TYR A 457 14.35 19.00 47.92
N ARG A 458 15.60 18.55 47.72
CA ARG A 458 16.14 17.52 48.59
C ARG A 458 16.27 18.02 50.03
N ASP A 459 16.62 19.29 50.20
CA ASP A 459 16.69 19.86 51.55
C ASP A 459 15.30 19.97 52.17
N ALA A 460 14.29 20.30 51.36
CA ALA A 460 12.94 20.42 51.90
C ALA A 460 12.42 19.07 52.40
N LEU A 461 12.78 17.99 51.69
CA LEU A 461 12.43 16.66 52.19
C LEU A 461 13.18 16.33 53.47
N ASP A 462 14.43 16.81 53.59
CA ASP A 462 15.17 16.63 54.83
C ASP A 462 14.50 17.38 55.97
N HIS A 463 13.95 18.56 55.69
CA HIS A 463 13.24 19.32 56.71
C HIS A 463 11.95 18.64 57.13
N GLY A 464 11.31 17.90 56.22
CA GLY A 464 10.18 17.06 56.55
C GLY A 464 8.83 17.73 56.59
N GLU A 465 8.76 19.05 56.33
CA GLU A 465 7.49 19.77 56.35
C GLU A 465 6.86 19.75 54.96
N VAL A 466 5.62 20.25 54.88
CA VAL A 466 4.87 20.24 53.63
C VAL A 466 5.65 20.99 52.57
N VAL A 467 5.73 20.39 51.37
CA VAL A 467 6.50 20.95 50.27
C VAL A 467 5.59 21.52 49.17
N VAL A 468 4.28 21.54 49.40
CA VAL A 468 3.33 22.09 48.45
C VAL A 468 3.07 23.54 48.85
N LYS A 469 3.55 24.48 48.03
CA LYS A 469 3.46 25.89 48.41
C LYS A 469 2.02 26.39 48.42
N GLU A 470 1.15 25.81 47.61
CA GLU A 470 -0.25 26.20 47.55
C GLU A 470 -1.13 25.45 48.52
N TRP A 471 -0.56 24.51 49.29
CA TRP A 471 -1.35 23.82 50.31
C TRP A 471 -1.84 24.78 51.37
N ARG A 472 -3.08 24.60 51.81
CA ARG A 472 -3.66 25.39 52.87
C ARG A 472 -4.42 24.46 53.81
N PRO A 473 -4.49 24.81 55.10
CA PRO A 473 -5.40 24.08 55.99
C PRO A 473 -6.84 24.28 55.57
N MET A 474 -7.65 23.24 55.74
CA MET A 474 -9.07 23.37 55.41
C MET A 474 -9.74 24.38 56.33
N ALA A 475 -10.62 25.20 55.75
CA ALA A 475 -11.30 26.23 56.52
C ALA A 475 -12.54 25.67 57.21
N TYR A 484 -19.94 12.64 64.53
CA TYR A 484 -19.42 11.30 64.68
C TYR A 484 -20.18 10.25 63.88
N LEU A 485 -21.39 9.93 64.34
CA LEU A 485 -22.28 8.95 63.74
C LEU A 485 -21.77 7.51 63.92
N GLY A 486 -20.85 7.30 64.85
CA GLY A 486 -20.25 5.99 65.08
C GLY A 486 -20.73 5.25 66.32
N HIS A 487 -21.85 5.66 66.88
CA HIS A 487 -22.38 5.04 68.09
C HIS A 487 -22.78 3.58 67.88
N GLU A 488 -22.86 2.86 68.99
CA GLU A 488 -23.21 1.44 68.97
C GLU A 488 -24.66 1.26 68.51
N TRP A 489 -24.95 0.07 67.97
CA TRP A 489 -26.22 -0.16 67.30
C TRP A 489 -27.42 -0.02 68.25
N ASP A 490 -27.24 -0.30 69.55
CA ASP A 490 -28.33 -0.27 70.51
C ASP A 490 -28.52 1.10 71.15
N THR A 491 -27.94 2.14 70.56
CA THR A 491 -28.15 3.50 71.06
C THR A 491 -29.63 3.86 70.98
N PRO A 492 -30.20 4.47 72.02
CA PRO A 492 -31.60 4.90 71.96
C PRO A 492 -31.84 5.95 70.90
N TRP A 493 -33.05 5.93 70.33
CA TRP A 493 -33.41 6.83 69.25
C TRP A 493 -34.90 7.08 69.28
N SER A 494 -35.33 8.15 68.62
CA SER A 494 -36.71 8.62 68.65
C SER A 494 -37.55 7.85 67.65
N ASN A 495 -38.16 6.76 68.10
CA ASN A 495 -38.96 5.89 67.24
C ASN A 495 -40.39 6.35 67.06
N THR A 496 -40.92 7.15 67.98
CA THR A 496 -42.33 7.54 67.95
C THR A 496 -42.56 8.69 66.97
N TYR A 497 -43.80 8.78 66.50
CA TYR A 497 -44.26 9.84 65.62
C TYR A 497 -45.69 10.18 65.97
N ASP A 498 -46.05 11.46 65.85
CA ASP A 498 -47.42 11.87 66.12
C ASP A 498 -48.36 11.14 65.17
N LYS A 499 -49.32 10.40 65.74
CA LYS A 499 -50.17 9.54 64.92
C LYS A 499 -51.04 10.34 63.96
N GLN A 500 -51.50 11.52 64.37
CA GLN A 500 -52.31 12.32 63.44
C GLN A 500 -51.47 12.87 62.30
N ARG A 501 -50.21 13.25 62.57
CA ARG A 501 -49.34 13.63 61.47
C ARG A 501 -49.10 12.45 60.54
N LEU A 502 -48.97 11.26 61.11
CA LEU A 502 -48.73 10.08 60.30
C LEU A 502 -49.91 9.81 59.38
N VAL A 503 -51.14 10.06 59.85
CA VAL A 503 -52.31 9.93 58.99
C VAL A 503 -52.35 11.06 57.97
N GLU A 504 -51.97 12.27 58.39
CA GLU A 504 -51.97 13.41 57.48
C GLU A 504 -50.94 13.21 56.36
N LEU A 505 -49.80 12.59 56.68
CA LEU A 505 -48.84 12.26 55.64
C LEU A 505 -49.41 11.25 54.67
N GLY A 506 -50.14 10.25 55.19
CA GLY A 506 -50.71 9.23 54.31
C GLY A 506 -51.78 9.79 53.38
N LYS A 507 -52.58 10.74 53.89
CA LYS A 507 -53.58 11.35 53.03
C LYS A 507 -52.93 12.16 51.92
N ARG A 508 -51.81 12.83 52.21
CA ARG A 508 -51.09 13.55 51.18
C ARG A 508 -50.44 12.61 50.16
N LEU A 509 -49.99 11.43 50.61
CA LEU A 509 -49.40 10.48 49.69
C LEU A 509 -50.41 9.95 48.68
N CYS A 510 -51.68 9.87 49.07
CA CYS A 510 -52.72 9.36 48.18
C CYS A 510 -53.28 10.44 47.27
N GLN A 511 -52.90 11.70 47.47
CA GLN A 511 -53.35 12.77 46.60
C GLN A 511 -52.47 12.86 45.35
N TYR A 512 -53.11 13.24 44.24
CA TYR A 512 -52.43 13.49 42.98
C TYR A 512 -53.36 14.34 42.12
N PRO A 513 -52.82 15.07 41.14
CA PRO A 513 -53.67 15.97 40.36
C PRO A 513 -54.78 15.21 39.66
N GLU A 514 -55.97 15.82 39.63
CA GLU A 514 -57.14 15.14 39.08
C GLU A 514 -56.99 14.88 37.59
N SER A 515 -56.23 15.72 36.88
CA SER A 515 -55.98 15.50 35.46
C SER A 515 -54.93 14.43 35.20
N HIS A 516 -54.21 13.99 36.23
CA HIS A 516 -53.11 13.03 36.08
C HIS A 516 -53.69 11.62 36.15
N THR A 517 -54.29 11.20 35.03
CA THR A 517 -54.97 9.92 34.98
C THR A 517 -54.01 8.77 35.26
N LEU A 518 -54.41 7.88 36.16
CA LEU A 518 -53.62 6.70 36.52
C LEU A 518 -54.20 5.45 35.85
N HIS A 519 -53.33 4.47 35.64
CA HIS A 519 -53.79 3.15 35.22
C HIS A 519 -54.64 2.52 36.31
N SER A 520 -55.66 1.76 35.90
CA SER A 520 -56.68 1.30 36.84
C SER A 520 -56.09 0.44 37.96
N ARG A 521 -55.04 -0.34 37.66
CA ARG A 521 -54.40 -1.11 38.72
C ARG A 521 -53.66 -0.21 39.70
N VAL A 522 -53.19 0.95 39.25
CA VAL A 522 -52.53 1.89 40.15
C VAL A 522 -53.58 2.67 40.95
N SER A 523 -54.70 3.01 40.32
CA SER A 523 -55.79 3.65 41.04
C SER A 523 -56.35 2.73 42.13
N LYS A 524 -56.41 1.43 41.86
CA LYS A 524 -56.88 0.48 42.86
C LYS A 524 -55.97 0.46 44.07
N LEU A 525 -54.65 0.39 43.83
CA LEU A 525 -53.70 0.33 44.93
C LEU A 525 -53.73 1.61 45.76
N TYR A 526 -53.88 2.75 45.11
CA TYR A 526 -53.97 4.00 45.85
C TYR A 526 -55.30 4.12 46.59
N ASN A 527 -56.38 3.53 46.06
CA ASN A 527 -57.61 3.46 46.81
C ASN A 527 -57.46 2.58 48.05
N ASP A 528 -56.71 1.47 47.93
CA ASP A 528 -56.41 0.67 49.10
C ASP A 528 -55.59 1.47 50.10
N ARG A 529 -54.62 2.25 49.61
CA ARG A 529 -53.84 3.11 50.47
C ARG A 529 -54.70 4.18 51.13
N THR A 530 -55.74 4.65 50.43
CA THR A 530 -56.69 5.57 51.05
C THR A 530 -57.44 4.91 52.20
N ALA A 531 -57.84 3.65 52.02
CA ALA A 531 -58.52 2.93 53.09
C ALA A 531 -57.59 2.66 54.27
N MET A 532 -56.30 2.48 54.01
CA MET A 532 -55.34 2.29 55.10
C MET A 532 -55.19 3.56 55.94
N THR A 533 -55.30 4.73 55.32
CA THR A 533 -55.19 5.97 56.06
C THR A 533 -56.40 6.25 56.94
N ASN A 534 -57.55 5.66 56.62
CA ASN A 534 -58.78 5.87 57.39
C ASN A 534 -59.01 4.80 58.44
N GLY A 535 -58.06 3.88 58.62
CA GLY A 535 -58.20 2.83 59.60
C GLY A 535 -59.09 1.67 59.18
N GLU A 536 -59.57 1.68 57.94
CA GLU A 536 -60.44 0.61 57.45
C GLU A 536 -59.67 -0.65 57.05
N LYS A 537 -58.35 -0.55 56.90
CA LYS A 537 -57.51 -1.68 56.54
C LYS A 537 -56.18 -1.56 57.25
N GLU A 538 -55.62 -2.70 57.64
CA GLU A 538 -54.25 -2.71 58.15
C GLU A 538 -53.28 -2.38 57.02
N LEU A 539 -52.16 -1.76 57.37
CA LEU A 539 -51.21 -1.31 56.38
C LEU A 539 -50.40 -2.50 55.86
N ASP A 540 -50.16 -2.50 54.55
CA ASP A 540 -49.30 -3.50 53.93
C ASP A 540 -47.87 -2.97 53.84
N TRP A 541 -46.97 -3.82 53.34
CA TRP A 541 -45.56 -3.47 53.28
C TRP A 541 -45.32 -2.19 52.48
N GLY A 542 -46.02 -2.04 51.35
CA GLY A 542 -45.78 -0.89 50.49
C GLY A 542 -46.16 0.42 51.15
N MET A 543 -47.25 0.42 51.92
CA MET A 543 -47.69 1.65 52.58
C MET A 543 -46.79 2.02 53.74
N ALA A 544 -46.44 1.04 54.58
CA ALA A 544 -45.58 1.34 55.72
C ALA A 544 -44.20 1.79 55.26
N GLU A 545 -43.71 1.23 54.16
CA GLU A 545 -42.45 1.70 53.59
C GLU A 545 -42.58 3.13 53.09
N THR A 546 -43.72 3.47 52.49
CA THR A 546 -43.91 4.83 51.97
C THR A 546 -44.02 5.85 53.09
N LEU A 547 -44.73 5.53 54.19
CA LEU A 547 -44.78 6.46 55.31
C LEU A 547 -43.41 6.67 55.92
N ALA A 548 -42.56 5.63 55.94
CA ALA A 548 -41.22 5.79 56.48
C ALA A 548 -40.43 6.84 55.71
N TYR A 549 -40.53 6.81 54.38
CA TYR A 549 -39.90 7.86 53.59
C TYR A 549 -40.55 9.21 53.84
N ALA A 550 -41.87 9.23 54.04
CA ALA A 550 -42.58 10.49 54.21
C ALA A 550 -42.18 11.20 55.50
N THR A 551 -41.94 10.44 56.57
CA THR A 551 -41.54 11.07 57.83
C THR A 551 -40.14 11.66 57.77
N LEU A 552 -39.28 11.11 56.92
CA LEU A 552 -37.91 11.61 56.84
C LEU A 552 -37.82 12.87 56.01
N VAL A 553 -38.50 12.91 54.86
CA VAL A 553 -38.56 14.16 54.10
C VAL A 553 -39.41 15.19 54.84
N ASP A 554 -40.36 14.73 55.67
CA ASP A 554 -41.10 15.65 56.53
C ASP A 554 -40.17 16.32 57.54
N ASP A 555 -39.12 15.62 57.96
CA ASP A 555 -38.12 16.16 58.87
C ASP A 555 -36.99 16.87 58.14
N GLY A 556 -37.10 17.01 56.82
CA GLY A 556 -36.10 17.67 56.03
C GLY A 556 -34.92 16.82 55.63
N LYS A 557 -34.94 15.53 55.96
CA LYS A 557 -33.85 14.64 55.59
C LYS A 557 -33.95 14.26 54.13
N ARG A 558 -32.79 14.07 53.50
CA ARG A 558 -32.72 13.65 52.11
C ARG A 558 -33.01 12.15 51.99
N ILE A 559 -33.61 11.77 50.87
CA ILE A 559 -33.79 10.36 50.51
C ILE A 559 -33.42 10.20 49.05
N ARG A 560 -32.45 9.32 48.78
CA ARG A 560 -32.07 8.93 47.43
C ARG A 560 -32.19 7.43 47.31
N ILE A 561 -33.03 6.98 46.39
CA ILE A 561 -33.21 5.56 46.09
C ILE A 561 -32.80 5.32 44.65
N SER A 562 -32.03 4.27 44.42
CA SER A 562 -31.71 3.84 43.07
C SER A 562 -31.74 2.32 43.01
N GLY A 563 -32.03 1.81 41.83
CA GLY A 563 -32.16 0.38 41.61
C GLY A 563 -33.03 0.12 40.41
N GLN A 564 -32.93 -1.11 39.90
CA GLN A 564 -33.63 -1.46 38.68
C GLN A 564 -35.13 -1.47 38.92
N ASP A 565 -35.86 -0.62 38.19
CA ASP A 565 -37.31 -0.54 38.26
C ASP A 565 -37.80 -0.13 39.65
N SER A 566 -36.97 0.62 40.39
CA SER A 566 -37.32 0.97 41.76
C SER A 566 -38.45 2.00 41.85
N GLY A 567 -38.70 2.76 40.78
CA GLY A 567 -39.78 3.73 40.83
C GLY A 567 -41.14 3.08 41.05
N ARG A 568 -41.43 2.04 40.26
CA ARG A 568 -42.63 1.24 40.46
C ARG A 568 -42.42 0.13 41.47
N GLY A 569 -41.23 -0.46 41.50
CA GLY A 569 -40.98 -1.65 42.27
C GLY A 569 -41.04 -2.88 41.38
N THR A 570 -40.06 -3.78 41.53
CA THR A 570 -40.05 -5.01 40.73
C THR A 570 -41.30 -5.84 40.97
N PHE A 571 -41.84 -5.80 42.18
CA PHE A 571 -42.99 -6.60 42.57
C PHE A 571 -44.27 -5.78 42.67
N PHE A 572 -44.32 -4.63 41.99
CA PHE A 572 -45.55 -3.85 41.80
C PHE A 572 -46.11 -3.34 43.13
N HIS A 573 -45.24 -3.11 44.11
CA HIS A 573 -45.70 -2.74 45.45
C HIS A 573 -45.44 -1.28 45.82
N ARG A 574 -44.50 -0.59 45.16
CA ARG A 574 -44.08 0.73 45.61
C ARG A 574 -44.83 1.85 44.89
N HIS A 575 -44.69 1.95 43.57
CA HIS A 575 -45.36 2.97 42.76
C HIS A 575 -45.08 4.38 43.30
N ALA A 576 -43.80 4.66 43.55
CA ALA A 576 -43.41 6.00 43.98
C ALA A 576 -43.60 7.04 42.89
N VAL A 577 -43.59 6.62 41.62
CA VAL A 577 -43.74 7.53 40.49
C VAL A 577 -45.04 7.18 39.78
N LEU A 578 -45.94 8.16 39.68
CA LEU A 578 -47.23 7.98 39.03
C LEU A 578 -47.12 8.47 37.59
N HIS A 579 -47.37 7.58 36.63
CA HIS A 579 -47.25 7.90 35.21
C HIS A 579 -48.61 8.21 34.64
N ASN A 580 -48.74 9.40 34.04
CA ASN A 580 -50.00 9.80 33.43
C ASN A 580 -50.32 8.87 32.25
N GLN A 581 -51.59 8.49 32.12
CA GLN A 581 -52.00 7.64 31.01
C GLN A 581 -52.24 8.41 29.71
N ASN A 582 -52.43 9.73 29.79
CA ASN A 582 -52.70 10.52 28.58
C ASN A 582 -51.40 10.91 27.89
N ASP A 583 -50.64 11.81 28.51
CA ASP A 583 -49.25 12.03 28.14
C ASP A 583 -48.37 11.05 28.91
N ALA A 584 -47.05 11.30 28.92
CA ALA A 584 -46.13 10.49 29.70
C ALA A 584 -45.61 11.21 30.94
N SER A 585 -46.31 12.26 31.37
CA SER A 585 -45.86 13.04 32.51
C SER A 585 -45.93 12.22 33.79
N THR A 586 -45.03 12.54 34.72
CA THR A 586 -44.92 11.82 35.98
C THR A 586 -45.27 12.74 37.14
N TYR A 587 -45.69 12.13 38.24
CA TYR A 587 -45.93 12.84 39.49
C TYR A 587 -45.46 11.96 40.64
N VAL A 588 -44.77 12.56 41.59
CA VAL A 588 -44.13 11.85 42.70
C VAL A 588 -44.70 12.38 44.00
N PRO A 589 -45.64 11.65 44.61
CA PRO A 589 -46.25 12.14 45.86
C PRO A 589 -45.25 12.40 46.97
N LEU A 590 -44.18 11.58 47.07
CA LEU A 590 -43.19 11.79 48.11
C LEU A 590 -42.38 13.07 47.90
N ALA A 591 -42.36 13.60 46.68
CA ALA A 591 -41.74 14.87 46.39
C ALA A 591 -42.68 16.05 46.60
N ASN A 592 -43.90 15.79 47.08
CA ASN A 592 -44.93 16.82 47.24
C ASN A 592 -45.56 16.78 48.63
N ILE A 593 -44.80 16.41 49.65
CA ILE A 593 -45.35 16.38 51.01
C ILE A 593 -45.67 17.80 51.48
N HIS A 594 -44.66 18.67 51.49
CA HIS A 594 -44.87 20.07 51.82
C HIS A 594 -43.63 20.85 51.38
N ASP A 595 -43.78 22.16 51.25
CA ASP A 595 -42.62 22.97 50.95
C ASP A 595 -41.69 22.93 52.16
N LYS A 596 -40.39 23.08 51.91
CA LYS A 596 -39.31 23.03 52.88
C LYS A 596 -39.00 21.59 53.27
N GLN A 597 -39.56 20.61 52.56
CA GLN A 597 -39.31 19.21 52.84
C GLN A 597 -37.90 18.85 52.35
N GLY A 598 -37.35 17.79 52.93
CA GLY A 598 -36.11 17.27 52.41
C GLY A 598 -36.32 16.67 51.03
N PRO A 599 -35.29 16.74 50.19
CA PRO A 599 -35.43 16.23 48.81
C PRO A 599 -35.72 14.73 48.79
N PHE A 600 -36.54 14.33 47.82
CA PHE A 600 -36.80 12.91 47.58
C PHE A 600 -36.52 12.60 46.11
N GLU A 601 -35.79 11.51 45.87
CA GLU A 601 -35.57 11.04 44.51
C GLU A 601 -35.50 9.51 44.53
N VAL A 602 -36.16 8.89 43.56
CA VAL A 602 -36.00 7.47 43.27
C VAL A 602 -35.73 7.33 41.77
N PHE A 603 -34.61 6.70 41.43
CA PHE A 603 -34.19 6.55 40.04
C PHE A 603 -34.30 5.10 39.62
N ASP A 604 -34.88 4.87 38.44
CA ASP A 604 -34.74 3.59 37.78
C ASP A 604 -33.31 3.47 37.25
N SER A 605 -32.49 2.67 37.92
CA SER A 605 -31.07 2.64 37.65
C SER A 605 -30.77 1.94 36.34
N VAL A 606 -29.56 2.20 35.82
CA VAL A 606 -29.09 1.46 34.66
C VAL A 606 -28.96 -0.02 35.05
N LEU A 607 -28.98 -0.88 34.03
CA LEU A 607 -28.90 -2.32 34.27
C LEU A 607 -27.46 -2.69 34.62
N SER A 608 -27.04 -2.22 35.79
CA SER A 608 -25.73 -2.50 36.34
C SER A 608 -25.84 -2.63 37.86
N GLU A 609 -24.96 -3.45 38.43
CA GLU A 609 -24.87 -3.61 39.87
C GLU A 609 -23.55 -3.12 40.43
N GLU A 610 -22.43 -3.46 39.77
CA GLU A 610 -21.11 -3.13 40.31
C GLU A 610 -20.92 -1.62 40.40
N ALA A 611 -21.07 -0.92 39.27
CA ALA A 611 -20.84 0.52 39.27
C ALA A 611 -21.92 1.27 40.06
N VAL A 612 -23.15 0.75 40.08
CA VAL A 612 -24.23 1.46 40.75
C VAL A 612 -24.09 1.34 42.26
N LEU A 613 -23.82 0.14 42.76
CA LEU A 613 -23.64 -0.02 44.20
C LEU A 613 -22.40 0.69 44.70
N ALA A 614 -21.35 0.76 43.86
CA ALA A 614 -20.19 1.57 44.20
C ALA A 614 -20.55 3.05 44.23
N PHE A 615 -21.46 3.47 43.35
CA PHE A 615 -21.87 4.87 43.31
C PHE A 615 -22.62 5.25 44.57
N GLU A 616 -23.58 4.41 44.98
CA GLU A 616 -24.38 4.73 46.16
C GLU A 616 -23.57 4.61 47.45
N TYR A 617 -22.55 3.75 47.48
CA TYR A 617 -21.64 3.75 48.63
C TYR A 617 -20.88 5.06 48.72
N GLY A 618 -20.47 5.60 47.57
CA GLY A 618 -19.79 6.89 47.58
C GLY A 618 -20.74 8.03 47.93
N TYR A 619 -22.00 7.92 47.51
CA TYR A 619 -22.98 8.93 47.84
C TYR A 619 -23.27 8.93 49.34
N ALA A 620 -23.50 7.74 49.92
CA ALA A 620 -23.84 7.66 51.33
C ALA A 620 -22.69 8.05 52.23
N THR A 621 -21.45 7.71 51.83
CA THR A 621 -20.30 8.06 52.65
C THR A 621 -20.05 9.57 52.64
N ALA A 622 -20.32 10.23 51.52
CA ALA A 622 -20.11 11.67 51.42
C ALA A 622 -21.19 12.48 52.13
N GLU A 623 -22.44 12.00 52.13
CA GLU A 623 -23.57 12.70 52.72
C GLU A 623 -24.35 11.75 53.62
N PRO A 624 -23.84 11.49 54.83
CA PRO A 624 -24.49 10.49 55.70
C PRO A 624 -25.80 10.94 56.33
N SER A 625 -26.15 12.23 56.25
CA SER A 625 -27.28 12.73 57.02
C SER A 625 -28.60 12.10 56.58
N GLY A 626 -28.79 11.90 55.28
CA GLY A 626 -30.03 11.38 54.76
C GLY A 626 -30.04 9.87 54.65
N LEU A 627 -31.06 9.37 53.95
CA LEU A 627 -31.19 7.96 53.63
C LEU A 627 -30.69 7.73 52.20
N THR A 628 -29.78 6.77 52.05
CA THR A 628 -29.28 6.36 50.73
C THR A 628 -29.50 4.86 50.61
N LEU A 629 -30.37 4.48 49.68
CA LEU A 629 -30.83 3.10 49.58
C LEU A 629 -30.62 2.60 48.16
N TRP A 630 -30.02 1.41 48.03
CA TRP A 630 -29.91 0.71 46.76
C TRP A 630 -30.71 -0.57 46.82
N GLU A 631 -31.53 -0.80 45.80
CA GLU A 631 -32.39 -1.98 45.74
C GLU A 631 -31.98 -2.86 44.56
N ALA A 632 -31.54 -4.08 44.87
CA ALA A 632 -31.37 -5.09 43.84
C ALA A 632 -32.74 -5.54 43.34
N GLN A 633 -32.80 -5.92 42.07
CA GLN A 633 -34.06 -6.46 41.54
C GLN A 633 -34.41 -7.77 42.25
N PHE A 634 -33.45 -8.69 42.31
CA PHE A 634 -33.46 -9.79 43.25
C PHE A 634 -32.12 -9.80 43.97
N GLY A 635 -32.11 -10.27 45.22
CA GLY A 635 -30.87 -10.32 45.96
C GLY A 635 -29.83 -11.23 45.34
N ASP A 636 -30.27 -12.19 44.52
CA ASP A 636 -29.36 -13.10 43.85
C ASP A 636 -28.39 -12.37 42.93
N PHE A 637 -28.76 -11.20 42.43
CA PHE A 637 -27.95 -10.47 41.46
C PHE A 637 -26.92 -9.55 42.09
N ALA A 638 -26.95 -9.36 43.41
CA ALA A 638 -26.01 -8.45 44.05
C ALA A 638 -24.58 -8.96 44.03
N ASN A 639 -24.38 -10.25 43.75
CA ASN A 639 -23.03 -10.81 43.69
C ASN A 639 -22.22 -10.26 42.53
N GLY A 640 -22.88 -9.63 41.54
CA GLY A 640 -22.15 -8.92 40.51
C GLY A 640 -21.47 -7.66 41.02
N ALA A 641 -21.86 -7.18 42.19
CA ALA A 641 -21.19 -6.09 42.88
C ALA A 641 -20.45 -6.58 44.11
N GLN A 642 -19.93 -7.80 44.06
CA GLN A 642 -19.30 -8.41 45.22
C GLN A 642 -18.06 -7.64 45.67
N VAL A 643 -17.34 -7.00 44.74
CA VAL A 643 -16.15 -6.27 45.11
C VAL A 643 -16.50 -5.06 45.98
N VAL A 644 -17.59 -4.37 45.65
CA VAL A 644 -18.04 -3.25 46.47
C VAL A 644 -18.45 -3.76 47.85
N ILE A 645 -19.05 -4.95 47.91
CA ILE A 645 -19.49 -5.49 49.19
C ILE A 645 -18.29 -5.90 50.03
N ASP A 646 -17.30 -6.54 49.43
CA ASP A 646 -16.16 -7.06 50.19
C ASP A 646 -15.16 -5.97 50.55
N GLN A 647 -14.84 -5.08 49.61
CA GLN A 647 -13.72 -4.16 49.78
C GLN A 647 -14.13 -2.77 50.26
N PHE A 648 -15.42 -2.43 50.22
CA PHE A 648 -15.88 -1.13 50.69
C PHE A 648 -16.90 -1.26 51.81
N ILE A 649 -18.05 -1.86 51.53
CA ILE A 649 -19.18 -1.83 52.45
C ILE A 649 -18.84 -2.53 53.76
N SER A 650 -18.32 -3.75 53.69
CA SER A 650 -18.09 -4.54 54.88
C SER A 650 -16.79 -4.19 55.60
N SER A 651 -15.86 -3.48 54.94
CA SER A 651 -14.52 -3.32 55.49
C SER A 651 -14.01 -1.88 55.51
N GLY A 652 -14.78 -0.91 55.00
CA GLY A 652 -14.26 0.44 54.88
C GLY A 652 -14.00 1.11 56.21
N GLU A 653 -14.76 0.76 57.24
CA GLU A 653 -14.56 1.37 58.54
C GLU A 653 -13.26 0.90 59.18
N GLN A 654 -13.03 -0.42 59.21
CA GLN A 654 -11.79 -0.92 59.79
C GLN A 654 -10.56 -0.49 59.01
N LYS A 655 -10.69 -0.39 57.68
CA LYS A 655 -9.52 -0.12 56.84
C LYS A 655 -9.22 1.37 56.71
N TRP A 656 -10.24 2.22 56.64
CA TRP A 656 -10.03 3.64 56.35
C TRP A 656 -10.76 4.57 57.32
N ALA A 657 -11.42 4.03 58.35
CA ALA A 657 -12.22 4.83 59.28
C ALA A 657 -13.36 5.55 58.57
N ARG A 658 -13.88 4.94 57.50
CA ARG A 658 -14.97 5.52 56.72
C ARG A 658 -16.29 4.96 57.25
N LEU A 659 -17.20 5.86 57.64
CA LEU A 659 -18.54 5.48 58.01
C LEU A 659 -19.46 5.57 56.79
N CYS A 660 -20.35 4.59 56.65
CA CYS A 660 -21.26 4.55 55.51
C CYS A 660 -22.58 3.95 55.95
N GLY A 661 -23.66 4.72 55.83
CA GLY A 661 -24.97 4.30 56.27
C GLY A 661 -25.84 3.76 55.15
N LEU A 662 -25.21 3.33 54.06
CA LEU A 662 -25.94 2.84 52.90
C LEU A 662 -26.86 1.68 53.27
N THR A 663 -28.09 1.72 52.76
CA THR A 663 -29.06 0.65 52.92
C THR A 663 -29.14 -0.15 51.63
N MET A 664 -29.15 -1.48 51.77
CA MET A 664 -29.25 -2.38 50.62
C MET A 664 -30.52 -3.23 50.77
N LEU A 665 -31.49 -2.99 49.89
CA LEU A 665 -32.67 -3.84 49.79
C LEU A 665 -32.36 -5.00 48.85
N LEU A 666 -32.38 -6.22 49.38
CA LEU A 666 -32.09 -7.43 48.61
C LEU A 666 -33.30 -8.34 48.67
N PRO A 667 -34.14 -8.38 47.63
CA PRO A 667 -35.32 -9.25 47.69
C PRO A 667 -34.90 -10.70 47.89
N HIS A 668 -35.62 -11.39 48.75
CA HIS A 668 -35.15 -12.66 49.29
C HIS A 668 -36.34 -13.49 49.75
N GLY A 669 -36.30 -14.77 49.45
CA GLY A 669 -37.37 -15.66 49.88
C GLY A 669 -37.54 -16.86 48.97
N TYR A 670 -37.72 -18.04 49.55
CA TYR A 670 -37.88 -19.27 48.78
C TYR A 670 -39.35 -19.46 48.47
N GLU A 671 -39.72 -19.19 47.22
CA GLU A 671 -41.11 -19.24 46.77
C GLU A 671 -41.27 -20.10 45.52
N GLY A 672 -40.26 -20.90 45.16
CA GLY A 672 -40.36 -21.78 44.02
C GLY A 672 -40.01 -21.18 42.68
N GLN A 673 -39.29 -20.06 42.65
CA GLN A 673 -38.96 -19.38 41.40
C GLN A 673 -37.55 -19.68 40.89
N GLY A 674 -36.84 -20.60 41.52
CA GLY A 674 -35.59 -21.08 40.98
C GLY A 674 -34.34 -20.50 41.63
N PRO A 675 -33.17 -21.01 41.20
CA PRO A 675 -31.91 -20.67 41.90
C PRO A 675 -31.59 -19.18 41.93
N GLU A 676 -31.96 -18.41 40.91
CA GLU A 676 -31.60 -17.00 40.83
C GLU A 676 -32.72 -16.07 41.25
N HIS A 677 -33.80 -16.58 41.84
CA HIS A 677 -34.88 -15.72 42.31
C HIS A 677 -35.36 -16.15 43.69
N SER A 678 -34.47 -16.68 44.51
CA SER A 678 -34.84 -17.20 45.82
C SER A 678 -33.92 -16.74 46.94
N SER A 679 -32.61 -16.62 46.67
CA SER A 679 -31.63 -16.42 47.73
C SER A 679 -30.79 -15.20 47.44
N ALA A 680 -30.76 -14.26 48.37
CA ALA A 680 -29.84 -13.12 48.38
C ALA A 680 -28.49 -13.50 48.95
N ARG A 681 -28.28 -14.79 49.25
CA ARG A 681 -27.05 -15.30 49.83
C ARG A 681 -26.78 -14.65 51.19
N LEU A 682 -27.77 -14.84 52.08
CA LEU A 682 -27.68 -14.32 53.45
C LEU A 682 -26.45 -14.86 54.19
N GLU A 683 -26.05 -16.09 53.87
CA GLU A 683 -24.89 -16.68 54.52
C GLU A 683 -23.61 -15.90 54.24
N ARG A 684 -23.49 -15.33 53.05
CA ARG A 684 -22.28 -14.57 52.71
C ARG A 684 -22.20 -13.29 53.51
N TYR A 685 -23.31 -12.57 53.67
CA TYR A 685 -23.29 -11.33 54.44
C TYR A 685 -22.99 -11.60 55.92
N LEU A 686 -23.57 -12.68 56.47
CA LEU A 686 -23.26 -13.02 57.86
C LEU A 686 -21.80 -13.43 58.02
N GLN A 687 -21.23 -14.07 57.00
CA GLN A 687 -19.81 -14.40 57.06
C GLN A 687 -18.95 -13.14 57.07
N LEU A 688 -19.41 -12.09 56.40
CA LEU A 688 -18.68 -10.83 56.38
C LEU A 688 -18.80 -10.06 57.69
N CYS A 689 -19.80 -10.35 58.51
CA CYS A 689 -20.00 -9.59 59.73
C CYS A 689 -18.89 -9.86 60.73
N ALA A 690 -18.39 -8.78 61.34
CA ALA A 690 -17.39 -8.83 62.40
C ALA A 690 -17.08 -7.41 62.86
N GLU A 691 -16.74 -7.25 64.14
CA GLU A 691 -16.32 -5.95 64.67
C GLU A 691 -17.38 -4.87 64.41
N GLN A 692 -18.65 -5.26 64.53
CA GLN A 692 -19.78 -4.33 64.41
C GLN A 692 -19.82 -3.62 63.06
N ASN A 693 -19.27 -4.25 62.02
CA ASN A 693 -19.11 -3.54 60.74
C ASN A 693 -20.45 -3.27 60.06
N MET A 694 -21.39 -4.22 60.11
CA MET A 694 -22.60 -4.13 59.32
C MET A 694 -23.81 -4.57 60.14
N GLN A 695 -24.98 -4.25 59.63
CA GLN A 695 -26.25 -4.74 60.15
C GLN A 695 -26.91 -5.64 59.12
N VAL A 696 -27.29 -6.84 59.54
CA VAL A 696 -28.05 -7.77 58.70
C VAL A 696 -29.42 -7.95 59.35
N VAL A 697 -30.47 -7.55 58.63
CA VAL A 697 -31.83 -7.52 59.16
C VAL A 697 -32.76 -8.23 58.20
N VAL A 698 -33.73 -8.96 58.75
CA VAL A 698 -34.73 -9.67 57.98
C VAL A 698 -36.11 -9.28 58.51
N PRO A 699 -36.64 -8.12 58.13
CA PRO A 699 -37.95 -7.70 58.65
C PRO A 699 -39.07 -8.64 58.20
N SER A 700 -40.07 -8.79 59.08
CA SER A 700 -41.19 -9.69 58.82
C SER A 700 -42.55 -9.00 58.88
N THR A 701 -42.62 -7.73 59.26
CA THR A 701 -43.88 -7.01 59.33
C THR A 701 -43.74 -5.64 58.66
N PRO A 702 -44.83 -5.08 58.14
CA PRO A 702 -44.74 -3.71 57.62
C PRO A 702 -44.29 -2.70 58.66
N ALA A 703 -44.67 -2.89 59.93
CA ALA A 703 -44.18 -2.00 60.98
C ALA A 703 -42.69 -2.16 61.19
N GLN A 704 -42.16 -3.38 61.02
CA GLN A 704 -40.74 -3.60 61.24
C GLN A 704 -39.89 -2.88 60.19
N VAL A 705 -40.32 -2.90 58.93
CA VAL A 705 -39.56 -2.21 57.90
C VAL A 705 -39.69 -0.70 58.05
N TYR A 706 -40.81 -0.22 58.60
CA TYR A 706 -40.98 1.22 58.80
C TYR A 706 -39.99 1.72 59.85
N HIS A 707 -39.93 1.04 61.00
CA HIS A 707 -38.98 1.42 62.03
C HIS A 707 -37.54 1.15 61.59
N MET A 708 -37.33 0.12 60.79
CA MET A 708 -36.01 -0.21 60.32
C MET A 708 -35.47 0.91 59.45
N ILE A 709 -36.28 1.38 58.55
CA ILE A 709 -35.88 2.47 57.74
C ILE A 709 -35.65 3.75 58.54
N ARG A 710 -36.54 4.11 59.42
CA ARG A 710 -36.37 5.28 60.22
C ARG A 710 -35.15 5.21 61.12
N ARG A 711 -34.90 4.07 61.69
CA ARG A 711 -33.76 3.92 62.59
C ARG A 711 -32.45 4.19 61.87
N GLN A 712 -32.40 3.90 60.57
CA GLN A 712 -31.17 4.09 59.81
C GLN A 712 -30.80 5.56 59.66
N VAL A 713 -31.76 6.47 59.81
CA VAL A 713 -31.51 7.90 59.75
C VAL A 713 -31.58 8.54 61.14
N VAL A 714 -32.63 8.25 61.91
CA VAL A 714 -32.85 8.95 63.17
C VAL A 714 -31.79 8.55 64.20
N ARG A 715 -31.44 7.27 64.27
CA ARG A 715 -30.37 6.85 65.15
C ARG A 715 -29.04 7.39 64.65
N PRO A 716 -28.20 7.93 65.55
CA PRO A 716 -26.93 8.53 65.11
C PRO A 716 -25.84 7.49 64.87
N MET A 717 -26.11 6.53 63.99
CA MET A 717 -25.13 5.57 63.54
C MET A 717 -25.22 5.45 62.03
N ARG A 718 -24.05 5.32 61.38
CA ARG A 718 -23.97 5.21 59.92
C ARG A 718 -23.07 4.02 59.59
N ARG A 719 -23.65 2.83 59.68
CA ARG A 719 -23.02 1.59 59.25
C ARG A 719 -23.97 0.89 58.29
N PRO A 720 -23.45 0.09 57.37
CA PRO A 720 -24.30 -0.42 56.29
C PRO A 720 -25.45 -1.28 56.82
N LEU A 721 -26.60 -1.14 56.16
CA LEU A 721 -27.81 -1.88 56.52
C LEU A 721 -28.12 -2.85 55.40
N ILE A 722 -27.91 -4.14 55.65
CA ILE A 722 -28.20 -5.20 54.71
C ILE A 722 -29.59 -5.76 55.04
N VAL A 723 -30.51 -5.68 54.08
CA VAL A 723 -31.90 -6.04 54.30
C VAL A 723 -32.29 -7.15 53.35
N MET A 724 -32.85 -8.23 53.90
CA MET A 724 -33.49 -9.28 53.10
C MET A 724 -34.92 -8.84 52.81
N SER A 725 -35.14 -8.24 51.65
CA SER A 725 -36.46 -7.73 51.31
C SER A 725 -37.41 -8.88 50.97
N PRO A 726 -38.66 -8.80 51.41
CA PRO A 726 -39.64 -9.83 51.07
C PRO A 726 -40.19 -9.66 49.66
N LYS A 727 -40.84 -10.73 49.18
CA LYS A 727 -41.51 -10.70 47.88
C LYS A 727 -42.98 -11.08 48.03
N SER A 728 -43.29 -12.33 48.39
CA SER A 728 -44.68 -12.72 48.60
C SER A 728 -45.29 -12.02 49.81
N LEU A 729 -44.46 -11.62 50.79
CA LEU A 729 -44.98 -10.95 51.98
C LEU A 729 -45.59 -9.59 51.64
N LEU A 730 -45.26 -9.02 50.48
CA LEU A 730 -45.85 -7.75 50.08
C LEU A 730 -47.37 -7.86 49.93
N ARG A 731 -47.91 -9.05 49.66
CA ARG A 731 -49.35 -9.25 49.61
C ARG A 731 -49.85 -10.33 50.56
N HIS A 732 -49.02 -10.78 51.50
CA HIS A 732 -49.48 -11.80 52.45
C HIS A 732 -50.55 -11.20 53.34
N PRO A 733 -51.74 -11.83 53.43
CA PRO A 733 -52.81 -11.26 54.27
C PRO A 733 -52.43 -11.11 55.74
N LEU A 734 -51.57 -11.97 56.27
CA LEU A 734 -51.16 -11.89 57.66
C LEU A 734 -49.97 -10.96 57.89
N CYS A 735 -49.38 -10.41 56.84
CA CYS A 735 -48.22 -9.54 56.98
C CYS A 735 -48.66 -8.08 56.88
N THR A 736 -49.30 -7.62 57.95
CA THR A 736 -49.88 -6.29 58.01
C THR A 736 -49.61 -5.68 59.37
N SER A 737 -49.73 -4.35 59.44
CA SER A 737 -49.55 -3.62 60.69
C SER A 737 -50.56 -2.50 60.76
N SER A 738 -50.82 -2.06 61.99
CA SER A 738 -51.74 -0.96 62.25
C SER A 738 -51.00 0.36 62.36
N LEU A 739 -51.75 1.46 62.28
CA LEU A 739 -51.17 2.78 62.47
C LEU A 739 -50.57 2.92 63.85
N ASP A 740 -51.15 2.25 64.84
CA ASP A 740 -50.60 2.27 66.20
C ASP A 740 -49.24 1.60 66.28
N ASP A 741 -49.02 0.57 65.47
CA ASP A 741 -47.69 -0.05 65.43
C ASP A 741 -46.64 0.90 64.88
N LEU A 742 -47.00 1.77 63.93
CA LEU A 742 -46.03 2.70 63.37
C LEU A 742 -45.78 3.88 64.32
N ALA A 743 -46.86 4.50 64.81
CA ALA A 743 -46.71 5.74 65.57
C ALA A 743 -46.06 5.50 66.92
N ASN A 744 -46.41 4.41 67.59
CA ASN A 744 -45.96 4.17 68.96
C ASN A 744 -45.06 2.95 69.12
N GLY A 745 -44.84 2.18 68.06
CA GLY A 745 -43.96 1.04 68.12
C GLY A 745 -42.51 1.42 67.93
N THR A 746 -41.67 0.39 67.83
CA THR A 746 -40.25 0.56 67.59
C THR A 746 -39.75 -0.67 66.86
N PHE A 747 -38.56 -0.56 66.27
CA PHE A 747 -37.97 -1.72 65.63
C PHE A 747 -37.63 -2.76 66.67
N MET A 748 -38.10 -3.99 66.46
CA MET A 748 -37.84 -5.05 67.42
C MET A 748 -36.71 -5.92 66.89
N PRO A 749 -35.55 -5.95 67.54
CA PRO A 749 -34.50 -6.88 67.11
C PRO A 749 -34.94 -8.32 67.16
N ALA A 750 -35.82 -8.67 68.10
CA ALA A 750 -36.46 -9.97 68.14
C ALA A 750 -37.92 -9.77 68.49
N ILE A 751 -38.79 -10.60 67.92
CA ILE A 751 -40.22 -10.52 68.13
C ILE A 751 -40.66 -11.72 68.96
N PRO A 752 -41.22 -11.51 70.15
CA PRO A 752 -41.67 -12.64 70.98
C PRO A 752 -42.92 -13.31 70.41
N GLU A 753 -43.35 -14.39 71.06
CA GLU A 753 -44.55 -15.11 70.64
C GLU A 753 -45.76 -14.17 70.66
N ILE A 754 -46.56 -14.23 69.59
CA ILE A 754 -47.67 -13.30 69.42
C ILE A 754 -49.01 -13.93 69.81
N ASP A 755 -49.11 -15.25 69.66
CA ASP A 755 -50.33 -16.00 69.98
C ASP A 755 -50.47 -16.23 71.49
N GLU A 756 -51.71 -16.47 71.90
CA GLU A 756 -52.06 -16.70 73.31
C GLU A 756 -51.61 -18.11 73.69
N LEU A 757 -50.40 -18.20 74.21
CA LEU A 757 -49.84 -19.47 74.66
C LEU A 757 -49.77 -19.52 76.18
N ASP A 758 -49.71 -20.75 76.70
CA ASP A 758 -49.40 -20.95 78.11
C ASP A 758 -47.90 -21.12 78.25
N PRO A 759 -47.21 -20.22 78.95
CA PRO A 759 -45.73 -20.31 79.00
C PRO A 759 -45.22 -21.62 79.58
N ALA A 760 -45.91 -22.20 80.57
CA ALA A 760 -45.43 -23.43 81.18
C ALA A 760 -45.63 -24.66 80.31
N LYS A 761 -46.57 -24.62 79.37
CA LYS A 761 -46.86 -25.76 78.51
C LYS A 761 -45.98 -25.82 77.26
N VAL A 762 -45.18 -24.79 76.99
CA VAL A 762 -44.39 -24.76 75.75
C VAL A 762 -43.28 -25.78 75.84
N LYS A 763 -43.30 -26.76 74.94
CA LYS A 763 -42.30 -27.82 74.90
C LYS A 763 -41.12 -27.51 73.97
N ARG A 764 -41.28 -26.58 73.04
CA ARG A 764 -40.21 -26.27 72.09
C ARG A 764 -40.36 -24.82 71.63
N VAL A 765 -39.23 -24.15 71.45
CA VAL A 765 -39.19 -22.82 70.85
C VAL A 765 -38.54 -22.95 69.48
N VAL A 766 -39.18 -22.39 68.45
CA VAL A 766 -38.63 -22.37 67.11
C VAL A 766 -38.11 -20.96 66.80
N PHE A 767 -36.80 -20.86 66.61
CA PHE A 767 -36.21 -19.63 66.09
C PHE A 767 -36.34 -19.59 64.57
N CYS A 768 -36.57 -18.39 64.04
CA CYS A 768 -36.68 -18.20 62.59
C CYS A 768 -36.56 -16.71 62.26
N SER A 769 -36.51 -16.43 60.96
CA SER A 769 -36.54 -15.07 60.46
C SER A 769 -37.26 -15.05 59.13
N GLY A 770 -37.89 -13.91 58.82
CA GLY A 770 -38.49 -13.73 57.52
C GLY A 770 -39.79 -14.49 57.29
N LYS A 771 -40.08 -14.72 56.00
CA LYS A 771 -41.38 -15.24 55.58
C LYS A 771 -41.65 -16.66 56.06
N VAL A 772 -40.61 -17.41 56.43
CA VAL A 772 -40.82 -18.76 56.94
C VAL A 772 -41.63 -18.72 58.23
N TYR A 773 -41.61 -17.60 58.95
CA TYR A 773 -42.39 -17.47 60.17
C TYR A 773 -43.88 -17.64 59.90
N PHE A 774 -44.38 -16.97 58.86
CA PHE A 774 -45.81 -17.04 58.56
C PHE A 774 -46.23 -18.43 58.11
N ASP A 775 -45.30 -19.20 57.52
CA ASP A 775 -45.61 -20.60 57.23
C ASP A 775 -45.70 -21.42 58.51
N LEU A 776 -44.77 -21.19 59.44
CA LEU A 776 -44.84 -21.88 60.73
C LEU A 776 -46.06 -21.45 61.52
N LEU A 777 -46.39 -20.15 61.51
CA LEU A 777 -47.50 -19.66 62.30
C LEU A 777 -48.83 -20.23 61.83
N GLU A 778 -49.03 -20.31 60.51
CA GLU A 778 -50.29 -20.83 59.99
C GLU A 778 -50.43 -22.32 60.22
N GLN A 779 -49.32 -23.07 60.07
CA GLN A 779 -49.38 -24.51 60.29
C GLN A 779 -49.58 -24.82 61.76
N ARG A 780 -48.94 -24.04 62.63
CA ARG A 780 -49.11 -24.24 64.06
C ARG A 780 -50.52 -23.91 64.51
N ARG A 781 -51.16 -22.94 63.87
CA ARG A 781 -52.54 -22.62 64.21
C ARG A 781 -53.50 -23.66 63.65
N ASN A 782 -53.27 -24.09 62.41
CA ASN A 782 -54.12 -25.12 61.83
C ASN A 782 -53.99 -26.44 62.57
N ASN A 783 -52.84 -26.71 63.18
CA ASN A 783 -52.67 -27.90 63.99
C ASN A 783 -53.27 -27.74 65.38
N GLU A 784 -53.75 -26.54 65.71
CA GLU A 784 -54.20 -26.20 67.06
C GLU A 784 -53.11 -26.51 68.08
N GLN A 785 -51.86 -26.28 67.67
CA GLN A 785 -50.72 -26.60 68.49
C GLN A 785 -50.46 -25.47 69.48
N ASP A 786 -50.12 -25.83 70.72
CA ASP A 786 -49.85 -24.84 71.75
C ASP A 786 -48.67 -25.22 72.62
N ASP A 787 -47.94 -26.28 72.29
CA ASP A 787 -46.71 -26.65 72.97
C ASP A 787 -45.48 -26.16 72.22
N VAL A 788 -45.66 -25.30 71.25
CA VAL A 788 -44.57 -24.84 70.40
C VAL A 788 -44.63 -23.33 70.35
N ALA A 789 -43.53 -22.67 70.71
CA ALA A 789 -43.37 -21.22 70.59
C ALA A 789 -42.54 -20.89 69.36
N ILE A 790 -42.87 -19.78 68.70
CA ILE A 790 -42.18 -19.34 67.49
C ILE A 790 -41.69 -17.92 67.72
N VAL A 791 -40.38 -17.75 67.78
CA VAL A 791 -39.75 -16.45 68.04
C VAL A 791 -38.94 -16.04 66.82
N ARG A 792 -39.12 -14.80 66.37
CA ARG A 792 -38.35 -14.25 65.26
C ARG A 792 -37.12 -13.50 65.73
N ILE A 793 -35.99 -13.72 65.05
CA ILE A 793 -34.79 -12.92 65.25
C ILE A 793 -34.70 -11.99 64.05
N GLU A 794 -35.22 -10.77 64.21
CA GLU A 794 -35.32 -9.85 63.08
C GLU A 794 -33.96 -9.29 62.69
N GLN A 795 -33.09 -9.02 63.66
CA GLN A 795 -31.75 -8.53 63.42
C GLN A 795 -30.77 -9.66 63.68
N LEU A 796 -30.15 -10.18 62.64
CA LEU A 796 -29.21 -11.29 62.79
C LEU A 796 -27.79 -10.83 63.12
N TYR A 797 -27.45 -9.56 62.83
CA TYR A 797 -26.18 -9.03 63.26
C TYR A 797 -26.29 -7.50 63.33
N PRO A 798 -25.77 -6.86 64.38
CA PRO A 798 -25.21 -7.48 65.59
C PRO A 798 -26.25 -8.29 66.35
N PHE A 799 -25.86 -9.41 66.93
CA PHE A 799 -26.83 -10.33 67.51
C PHE A 799 -27.45 -9.70 68.76
N PRO A 800 -28.79 -9.63 68.84
CA PRO A 800 -29.47 -9.03 70.00
C PRO A 800 -29.70 -10.05 71.11
N MET A 801 -28.62 -10.34 71.86
CA MET A 801 -28.67 -11.39 72.87
C MET A 801 -29.73 -11.10 73.93
N ASP A 802 -29.77 -9.86 74.43
CA ASP A 802 -30.72 -9.53 75.49
C ASP A 802 -32.15 -9.66 75.01
N ASP A 803 -32.45 -9.19 73.80
CA ASP A 803 -33.80 -9.31 73.27
C ASP A 803 -34.18 -10.77 73.05
N VAL A 804 -33.22 -11.59 72.62
CA VAL A 804 -33.51 -13.01 72.39
C VAL A 804 -33.75 -13.71 73.71
N LYS A 805 -32.90 -13.45 74.71
CA LYS A 805 -33.11 -14.07 76.02
C LYS A 805 -34.40 -13.59 76.67
N ALA A 806 -34.79 -12.34 76.42
CA ALA A 806 -36.05 -11.84 76.98
C ALA A 806 -37.24 -12.55 76.35
N ALA A 807 -37.18 -12.84 75.05
CA ALA A 807 -38.27 -13.54 74.39
C ALA A 807 -38.38 -15.00 74.83
N ILE A 808 -37.29 -15.56 75.38
CA ILE A 808 -37.24 -16.97 75.73
C ILE A 808 -37.46 -17.23 77.22
N ALA A 809 -37.41 -16.19 78.05
CA ALA A 809 -37.53 -16.37 79.50
C ALA A 809 -38.80 -17.07 79.95
N PRO A 810 -40.00 -16.75 79.44
CA PRO A 810 -41.22 -17.34 80.05
C PRO A 810 -41.28 -18.85 80.02
N TYR A 811 -40.63 -19.50 79.06
CA TYR A 811 -40.77 -20.94 78.86
C TYR A 811 -39.77 -21.68 79.75
N VAL A 812 -40.13 -21.79 81.03
CA VAL A 812 -39.26 -22.41 82.02
C VAL A 812 -39.21 -23.93 81.88
N ASN A 813 -40.16 -24.51 81.14
CA ASN A 813 -40.21 -25.96 80.91
C ASN A 813 -39.66 -26.34 79.54
N VAL A 814 -38.94 -25.44 78.88
CA VAL A 814 -38.46 -25.72 77.53
C VAL A 814 -37.50 -26.90 77.55
N GLU A 815 -37.55 -27.68 76.47
CA GLU A 815 -36.70 -28.87 76.32
C GLU A 815 -35.69 -28.76 75.20
N ASP A 816 -36.08 -28.23 74.04
CA ASP A 816 -35.16 -28.07 72.94
C ASP A 816 -35.50 -26.81 72.16
N PHE A 817 -34.51 -26.30 71.43
CA PHE A 817 -34.67 -25.14 70.58
C PHE A 817 -34.39 -25.53 69.13
N VAL A 818 -35.16 -24.97 68.21
CA VAL A 818 -35.04 -25.27 66.79
C VAL A 818 -34.78 -23.97 66.03
N TRP A 819 -33.74 -23.97 65.20
CA TRP A 819 -33.55 -22.92 64.20
C TRP A 819 -34.17 -23.40 62.89
N CYS A 820 -35.25 -22.75 62.48
CA CYS A 820 -35.92 -23.08 61.22
C CYS A 820 -35.54 -22.04 60.17
N GLN A 821 -35.24 -22.53 58.96
CA GLN A 821 -34.89 -21.64 57.86
C GLN A 821 -35.31 -22.28 56.54
N GLU A 822 -35.76 -21.45 55.60
CA GLU A 822 -36.05 -21.94 54.25
C GLU A 822 -34.78 -22.27 53.48
N GLU A 823 -33.64 -21.71 53.87
CA GLU A 823 -32.42 -21.85 53.10
C GLU A 823 -31.82 -23.25 53.27
N PRO A 824 -31.02 -23.68 52.29
CA PRO A 824 -30.28 -24.93 52.45
C PRO A 824 -29.29 -24.83 53.60
N GLN A 825 -29.01 -25.98 54.22
CA GLN A 825 -28.27 -25.99 55.48
C GLN A 825 -26.89 -25.35 55.36
N ASN A 826 -26.28 -25.40 54.17
CA ASN A 826 -25.01 -24.72 53.96
C ASN A 826 -25.20 -23.24 53.62
N GLN A 827 -26.43 -22.75 53.63
CA GLN A 827 -26.74 -21.35 53.36
C GLN A 827 -27.57 -20.80 54.51
N GLY A 828 -27.95 -19.53 54.40
CA GLY A 828 -28.70 -18.93 55.49
C GLY A 828 -27.84 -18.70 56.72
N ALA A 829 -28.51 -18.58 57.86
CA ALA A 829 -27.87 -18.19 59.10
C ALA A 829 -27.23 -19.35 59.86
N TRP A 830 -27.50 -20.60 59.48
CA TRP A 830 -27.16 -21.75 60.32
C TRP A 830 -25.69 -21.81 60.73
N TYR A 831 -24.80 -22.03 59.76
CA TYR A 831 -23.39 -22.23 60.10
C TYR A 831 -22.77 -20.99 60.73
N CYS A 832 -23.26 -19.80 60.37
CA CYS A 832 -22.65 -18.57 60.85
C CYS A 832 -23.23 -18.09 62.18
N SER A 833 -24.51 -18.38 62.46
CA SER A 833 -25.18 -17.83 63.63
C SER A 833 -25.50 -18.85 64.71
N GLN A 834 -25.15 -20.13 64.52
CA GLN A 834 -25.57 -21.14 65.49
C GLN A 834 -24.94 -20.90 66.86
N HIS A 835 -23.70 -20.40 66.89
CA HIS A 835 -23.04 -20.15 68.18
C HIS A 835 -23.77 -19.07 68.97
N ASN A 836 -24.36 -18.08 68.28
CA ASN A 836 -25.18 -17.09 68.97
C ASN A 836 -26.44 -17.71 69.55
N PHE A 837 -27.08 -18.62 68.80
CA PHE A 837 -28.29 -19.26 69.31
C PHE A 837 -27.99 -20.15 70.51
N ARG A 838 -26.86 -20.86 70.48
CA ARG A 838 -26.51 -21.72 71.60
C ARG A 838 -26.21 -20.91 72.86
N ALA A 839 -25.59 -19.73 72.71
CA ALA A 839 -25.26 -18.91 73.87
C ALA A 839 -26.50 -18.31 74.52
N ALA A 840 -27.64 -18.27 73.81
CA ALA A 840 -28.85 -17.70 74.35
C ALA A 840 -29.75 -18.70 75.06
N ILE A 841 -29.62 -19.98 74.75
CA ILE A 841 -30.53 -21.01 75.27
C ILE A 841 -30.05 -21.51 76.63
N PRO A 842 -30.94 -22.04 77.46
CA PRO A 842 -30.51 -22.59 78.76
C PRO A 842 -29.56 -23.77 78.57
N ALA A 843 -28.64 -23.92 79.53
CA ALA A 843 -27.54 -24.85 79.39
C ALA A 843 -28.02 -26.30 79.23
N GLY A 844 -29.18 -26.64 79.78
CA GLY A 844 -29.64 -28.01 79.69
C GLY A 844 -30.25 -28.42 78.36
N THR A 845 -30.54 -27.46 77.49
CA THR A 845 -31.27 -27.72 76.26
C THR A 845 -30.33 -27.83 75.05
N GLU A 846 -30.81 -28.51 74.02
CA GLU A 846 -30.09 -28.68 72.77
C GLU A 846 -30.72 -27.81 71.68
N LEU A 847 -29.89 -27.38 70.74
CA LEU A 847 -30.34 -26.66 69.55
C LEU A 847 -30.35 -27.60 68.36
N LYS A 848 -31.47 -27.63 67.64
CA LYS A 848 -31.65 -28.50 66.49
C LYS A 848 -31.91 -27.68 65.24
N TYR A 849 -31.63 -28.28 64.09
CA TYR A 849 -31.81 -27.65 62.79
C TYR A 849 -33.07 -28.16 62.10
N ALA A 850 -33.84 -27.25 61.53
CA ALA A 850 -34.94 -27.58 60.64
C ALA A 850 -34.85 -26.68 59.41
N GLY A 851 -34.71 -27.29 58.24
CA GLY A 851 -34.59 -26.51 57.02
C GLY A 851 -34.30 -27.39 55.83
N ARG A 852 -33.98 -26.73 54.72
CA ARG A 852 -33.67 -27.46 53.50
C ARG A 852 -32.30 -28.13 53.59
N PRO A 853 -32.13 -29.28 52.92
CA PRO A 853 -30.82 -29.92 52.89
C PRO A 853 -29.81 -29.07 52.14
N ALA A 854 -28.53 -29.23 52.52
CA ALA A 854 -27.47 -28.52 51.85
C ALA A 854 -27.46 -28.88 50.36
N SER A 855 -27.17 -27.87 49.53
CA SER A 855 -27.25 -28.04 48.08
C SER A 855 -26.23 -27.12 47.41
N ALA A 856 -25.75 -27.58 46.25
CA ALA A 856 -24.81 -26.76 45.48
C ALA A 856 -25.51 -25.56 44.86
N SER A 857 -26.75 -25.74 44.40
CA SER A 857 -27.55 -24.65 43.86
C SER A 857 -28.44 -24.05 44.94
N PRO A 858 -28.66 -22.74 44.91
CA PRO A 858 -29.47 -22.10 45.96
C PRO A 858 -30.88 -22.65 46.06
N ALA A 859 -31.50 -23.04 44.94
CA ALA A 859 -32.89 -23.48 44.98
C ALA A 859 -33.16 -24.41 43.81
N VAL A 860 -34.16 -25.26 43.97
CA VAL A 860 -34.57 -26.17 42.93
C VAL A 860 -35.20 -25.45 41.75
N GLY A 861 -35.10 -26.05 40.59
CA GLY A 861 -35.68 -25.54 39.39
C GLY A 861 -37.16 -25.78 39.24
N TYR A 862 -37.74 -26.64 40.04
CA TYR A 862 -39.15 -26.97 39.89
C TYR A 862 -40.02 -26.66 41.05
N MET A 863 -41.13 -26.04 40.75
CA MET A 863 -42.06 -25.62 41.76
C MET A 863 -42.60 -26.76 42.58
N SER A 864 -42.90 -27.87 41.94
CA SER A 864 -43.43 -29.00 42.70
C SER A 864 -42.43 -29.53 43.71
N VAL A 865 -41.15 -29.58 43.33
CA VAL A 865 -40.12 -29.98 44.28
C VAL A 865 -39.98 -28.95 45.40
N HIS A 866 -40.20 -27.67 45.09
CA HIS A 866 -40.09 -26.64 46.12
C HIS A 866 -41.17 -26.77 47.17
N LEU A 867 -42.41 -27.02 46.76
CA LEU A 867 -43.52 -27.08 47.72
C LEU A 867 -43.37 -28.27 48.66
N LYS A 868 -42.90 -29.41 48.15
CA LYS A 868 -42.70 -30.57 49.02
C LYS A 868 -41.55 -30.31 50.01
N GLN A 869 -40.49 -29.65 49.56
CA GLN A 869 -39.40 -29.31 50.48
C GLN A 869 -39.86 -28.33 51.55
N GLN A 870 -40.75 -27.41 51.18
CA GLN A 870 -41.22 -26.41 52.14
C GLN A 870 -42.06 -27.06 53.23
N LYS A 871 -42.95 -27.99 52.85
CA LYS A 871 -43.79 -28.65 53.85
C LYS A 871 -42.98 -29.52 54.79
N ALA A 872 -41.89 -30.13 54.30
CA ALA A 872 -41.09 -31.01 55.16
C ALA A 872 -40.37 -30.23 56.24
N LEU A 873 -39.79 -29.07 55.90
CA LEU A 873 -39.10 -28.27 56.89
C LEU A 873 -40.05 -27.66 57.90
N ILE A 874 -41.30 -27.38 57.50
CA ILE A 874 -42.29 -26.88 58.43
C ILE A 874 -42.70 -27.97 59.41
N ASP A 875 -43.01 -29.16 58.90
CA ASP A 875 -43.40 -30.26 59.77
C ASP A 875 -42.25 -30.67 60.70
N ASP A 876 -41.02 -30.63 60.20
CA ASP A 876 -39.89 -31.02 61.03
C ASP A 876 -39.66 -30.04 62.18
N ALA A 877 -39.85 -28.74 61.90
CA ALA A 877 -39.66 -27.73 62.96
C ALA A 877 -40.74 -27.83 64.03
N LEU A 878 -41.96 -28.20 63.65
CA LEU A 878 -43.09 -28.23 64.56
C LEU A 878 -43.31 -29.59 65.22
N ASN A 879 -42.50 -30.61 64.88
CA ASN A 879 -42.73 -31.96 65.37
C ASN A 879 -42.03 -32.11 66.72
N VAL A 880 -42.80 -32.03 67.79
CA VAL A 880 -42.32 -32.36 69.12
C VAL A 880 -41.90 -33.81 69.20
N ASP B 32 -17.58 23.49 -11.16
CA ASP B 32 -17.54 22.17 -10.53
C ASP B 32 -17.62 22.29 -9.01
N ALA B 33 -18.04 23.47 -8.53
CA ALA B 33 -18.13 23.67 -7.09
C ALA B 33 -19.25 22.85 -6.48
N LYS B 34 -20.38 22.73 -7.20
CA LYS B 34 -21.47 21.90 -6.72
C LYS B 34 -21.08 20.43 -6.71
N GLN B 35 -20.15 20.03 -7.59
CA GLN B 35 -19.68 18.65 -7.59
C GLN B 35 -18.98 18.28 -6.29
N VAL B 36 -18.27 19.23 -5.69
CA VAL B 36 -17.70 18.99 -4.37
C VAL B 36 -18.81 18.95 -3.32
N LYS B 37 -19.83 19.79 -3.49
CA LYS B 37 -20.97 19.77 -2.57
C LYS B 37 -21.73 18.46 -2.65
N VAL B 38 -21.83 17.88 -3.85
CA VAL B 38 -22.52 16.60 -4.00
C VAL B 38 -21.75 15.49 -3.30
N LEU B 39 -20.42 15.50 -3.40
CA LEU B 39 -19.62 14.47 -2.74
C LEU B 39 -19.73 14.58 -1.23
N GLN B 40 -19.78 15.81 -0.71
CA GLN B 40 -19.96 15.98 0.73
C GLN B 40 -21.36 15.59 1.17
N LEU B 41 -22.36 15.74 0.29
CA LEU B 41 -23.69 15.25 0.61
C LEU B 41 -23.70 13.72 0.71
N ILE B 42 -23.00 13.05 -0.20
CA ILE B 42 -22.91 11.59 -0.13
C ILE B 42 -22.22 11.16 1.16
N ASN B 43 -21.12 11.83 1.51
CA ASN B 43 -20.39 11.50 2.72
C ASN B 43 -21.23 11.74 3.98
N ALA B 44 -22.07 12.77 3.96
CA ALA B 44 -22.91 13.05 5.13
C ALA B 44 -23.93 11.97 5.37
N TYR B 45 -24.44 11.34 4.31
CA TYR B 45 -25.38 10.24 4.49
C TYR B 45 -24.68 8.97 4.95
N ARG B 46 -23.44 8.74 4.50
CA ARG B 46 -22.70 7.58 4.97
C ARG B 46 -22.40 7.69 6.46
N PHE B 47 -22.12 8.90 6.93
CA PHE B 47 -21.79 9.09 8.35
C PHE B 47 -23.03 9.15 9.23
N ARG B 48 -24.08 9.85 8.78
CA ARG B 48 -25.18 10.23 9.66
C ARG B 48 -26.56 9.85 9.14
N GLY B 49 -26.64 9.10 8.03
CA GLY B 49 -27.94 8.69 7.53
C GLY B 49 -28.71 7.83 8.51
N HIS B 50 -27.99 7.04 9.32
CA HIS B 50 -28.64 6.19 10.30
C HIS B 50 -29.42 6.99 11.35
N GLU B 51 -29.02 8.25 11.58
CA GLU B 51 -29.69 9.08 12.58
C GLU B 51 -31.08 9.51 12.14
N ALA B 52 -31.38 9.48 10.84
CA ALA B 52 -32.70 9.79 10.34
C ALA B 52 -33.46 8.57 9.83
N ALA B 53 -32.87 7.38 9.91
CA ALA B 53 -33.50 6.18 9.37
C ALA B 53 -34.77 5.83 10.14
N GLU B 54 -35.72 5.23 9.42
CA GLU B 54 -36.99 4.80 10.01
C GLU B 54 -36.77 3.45 10.69
N LEU B 55 -36.20 3.51 11.91
CA LEU B 55 -35.84 2.30 12.63
C LEU B 55 -36.93 1.80 13.57
N ASP B 56 -37.71 2.70 14.16
CA ASP B 56 -38.69 2.29 15.15
C ASP B 56 -39.93 1.71 14.46
N PRO B 57 -40.27 0.44 14.69
CA PRO B 57 -41.53 -0.08 14.13
C PRO B 57 -42.76 0.68 14.57
N LEU B 58 -42.78 1.19 15.81
CA LEU B 58 -43.95 1.88 16.32
C LEU B 58 -44.07 3.30 15.81
N GLY B 59 -42.99 3.87 15.28
CA GLY B 59 -43.03 5.24 14.81
C GLY B 59 -43.23 6.27 15.91
N LEU B 60 -42.98 5.88 17.17
CA LEU B 60 -43.04 6.83 18.27
C LEU B 60 -41.81 7.72 18.33
N TRP B 61 -40.68 7.23 17.85
CA TRP B 61 -39.43 7.99 17.91
C TRP B 61 -39.58 9.29 17.13
N GLN B 62 -39.40 10.41 17.81
CA GLN B 62 -39.23 11.71 17.15
C GLN B 62 -37.73 11.99 17.11
N ARG B 63 -37.10 11.56 16.03
CA ARG B 63 -35.66 11.68 15.98
C ARG B 63 -35.25 13.10 15.61
N PRO B 64 -34.23 13.65 16.27
CA PRO B 64 -33.81 15.02 15.98
C PRO B 64 -33.33 15.16 14.54
N THR B 65 -33.63 16.31 13.95
CA THR B 65 -33.22 16.59 12.57
C THR B 65 -31.70 16.67 12.47
N VAL B 66 -31.17 16.21 11.35
CA VAL B 66 -29.74 16.30 11.06
C VAL B 66 -29.57 17.27 9.89
N ALA B 67 -28.94 18.41 10.16
CA ALA B 67 -28.82 19.44 9.13
C ALA B 67 -27.96 18.96 7.96
N GLU B 68 -26.96 18.13 8.23
CA GLU B 68 -26.05 17.70 7.16
C GLU B 68 -26.76 16.88 6.09
N LEU B 69 -27.86 16.23 6.46
CA LEU B 69 -28.63 15.45 5.49
C LEU B 69 -29.45 16.32 4.55
N ASP B 70 -29.63 17.59 4.87
CA ASP B 70 -30.40 18.49 4.01
C ASP B 70 -29.51 18.97 2.86
N PRO B 71 -29.96 18.83 1.60
CA PRO B 71 -29.18 19.39 0.49
C PRO B 71 -28.96 20.90 0.60
N ALA B 72 -29.91 21.63 1.19
CA ALA B 72 -29.73 23.06 1.38
C ALA B 72 -28.55 23.37 2.31
N PHE B 73 -28.22 22.45 3.22
CA PHE B 73 -27.05 22.62 4.06
C PHE B 73 -25.77 22.65 3.24
N HIS B 74 -25.76 21.99 2.08
CA HIS B 74 -24.59 21.95 1.21
C HIS B 74 -24.72 22.94 0.06
N ASN B 75 -25.61 23.91 0.19
CA ASN B 75 -25.82 24.95 -0.82
C ASN B 75 -26.18 24.34 -2.16
N LEU B 76 -27.00 23.29 -2.14
CA LEU B 76 -27.55 22.69 -3.34
C LEU B 76 -29.03 23.05 -3.43
N THR B 77 -29.42 23.65 -4.55
CA THR B 77 -30.76 24.17 -4.78
C THR B 77 -31.51 23.30 -5.77
N GLU B 78 -32.74 23.72 -6.09
CA GLU B 78 -33.57 22.98 -7.03
C GLU B 78 -32.95 22.90 -8.42
N ASP B 79 -32.21 23.93 -8.84
CA ASP B 79 -31.59 23.89 -10.16
C ASP B 79 -30.52 22.81 -10.23
N ASP B 80 -29.77 22.61 -9.14
CA ASP B 80 -28.74 21.58 -9.12
C ASP B 80 -29.34 20.18 -9.24
N PHE B 81 -30.57 19.98 -8.76
CA PHE B 81 -31.14 18.64 -8.72
C PHE B 81 -31.36 18.06 -10.12
N GLU B 82 -31.53 18.92 -11.13
CA GLU B 82 -31.70 18.42 -12.49
C GLU B 82 -30.38 18.17 -13.21
N GLU B 83 -29.28 18.76 -12.75
CA GLU B 83 -28.01 18.60 -13.43
C GLU B 83 -27.35 17.28 -13.03
N THR B 84 -26.63 16.69 -13.99
CA THR B 84 -25.89 15.46 -13.77
C THR B 84 -24.59 15.74 -13.00
N PHE B 85 -24.19 14.77 -12.17
CA PHE B 85 -22.97 14.88 -11.38
C PHE B 85 -22.27 13.53 -11.35
N ASN B 86 -20.96 13.56 -11.09
CA ASN B 86 -20.21 12.34 -10.84
C ASN B 86 -20.43 11.89 -9.40
N VAL B 87 -20.61 10.57 -9.21
CA VAL B 87 -20.97 10.04 -7.91
C VAL B 87 -19.76 9.75 -7.03
N GLY B 88 -18.54 9.93 -7.54
CA GLY B 88 -17.36 9.58 -6.74
C GLY B 88 -17.34 8.09 -6.45
N SER B 89 -17.12 7.76 -5.18
CA SER B 89 -17.07 6.37 -4.73
C SER B 89 -18.44 5.79 -4.41
N PHE B 90 -19.51 6.57 -4.58
CA PHE B 90 -20.86 6.04 -4.40
C PHE B 90 -21.05 4.83 -5.31
N ALA B 91 -21.32 3.68 -4.71
CA ALA B 91 -21.24 2.40 -5.42
C ALA B 91 -22.60 1.95 -5.97
N VAL B 92 -23.33 2.87 -6.60
CA VAL B 92 -24.68 2.55 -7.11
C VAL B 92 -24.65 1.77 -8.42
N GLY B 93 -23.50 1.67 -9.06
CA GLY B 93 -23.40 0.97 -10.33
C GLY B 93 -23.36 1.84 -11.57
N GLN B 94 -23.29 3.16 -11.41
CA GLN B 94 -23.02 4.05 -12.53
C GLN B 94 -22.25 5.26 -12.02
N GLU B 95 -21.24 5.67 -12.79
CA GLU B 95 -20.33 6.72 -12.36
C GLU B 95 -20.95 8.11 -12.37
N THR B 96 -22.03 8.32 -13.13
CA THR B 96 -22.60 9.64 -13.33
C THR B 96 -24.11 9.58 -13.17
N MET B 97 -24.69 10.61 -12.54
CA MET B 97 -26.10 10.60 -12.23
C MET B 97 -26.56 12.03 -11.93
N PRO B 98 -27.79 12.38 -12.30
CA PRO B 98 -28.36 13.66 -11.86
C PRO B 98 -28.57 13.68 -10.35
N LEU B 99 -28.45 14.88 -9.76
CA LEU B 99 -28.48 15.00 -8.32
C LEU B 99 -29.79 14.52 -7.72
N LYS B 100 -30.92 14.68 -8.43
CA LYS B 100 -32.20 14.22 -7.91
C LYS B 100 -32.22 12.70 -7.73
N ASP B 101 -31.52 11.95 -8.59
CA ASP B 101 -31.46 10.51 -8.43
C ASP B 101 -30.45 10.09 -7.38
N ILE B 102 -29.34 10.83 -7.25
CA ILE B 102 -28.38 10.56 -6.18
C ILE B 102 -29.02 10.77 -4.83
N TYR B 103 -29.82 11.83 -4.69
CA TYR B 103 -30.46 12.12 -3.42
C TYR B 103 -31.49 11.06 -3.06
N THR B 104 -32.25 10.57 -4.05
CA THR B 104 -33.16 9.46 -3.80
C THR B 104 -32.41 8.19 -3.45
N ALA B 105 -31.25 7.97 -4.08
CA ALA B 105 -30.47 6.77 -3.80
C ALA B 105 -29.93 6.78 -2.37
N LEU B 106 -29.49 7.94 -1.89
CA LEU B 106 -28.95 8.03 -0.53
C LEU B 106 -30.02 7.77 0.51
N LYS B 107 -31.22 8.34 0.30
CA LYS B 107 -32.30 8.14 1.27
C LYS B 107 -32.74 6.68 1.31
N LYS B 108 -32.76 6.02 0.15
CA LYS B 108 -33.12 4.61 0.11
C LYS B 108 -32.04 3.74 0.75
N THR B 109 -30.77 4.13 0.58
CA THR B 109 -29.67 3.31 1.11
C THR B 109 -29.53 3.47 2.62
N TYR B 110 -29.56 4.70 3.12
CA TYR B 110 -29.15 4.98 4.49
C TYR B 110 -30.26 5.49 5.39
N CYS B 111 -31.46 5.79 4.86
CA CYS B 111 -32.54 6.33 5.69
C CYS B 111 -33.82 5.52 5.57
N GLY B 112 -33.73 4.27 5.11
CA GLY B 112 -34.90 3.41 5.07
C GLY B 112 -35.03 2.55 6.32
N SER B 113 -35.19 1.24 6.13
CA SER B 113 -35.29 0.33 7.25
C SER B 113 -33.94 0.01 7.87
N ILE B 114 -32.84 0.38 7.21
CA ILE B 114 -31.48 0.02 7.64
C ILE B 114 -30.76 1.29 8.06
N GLY B 115 -30.28 1.30 9.30
CA GLY B 115 -29.40 2.36 9.76
C GLY B 115 -27.97 1.86 9.88
N ALA B 116 -27.14 2.16 8.88
CA ALA B 116 -25.79 1.63 8.81
C ALA B 116 -24.82 2.58 9.50
N GLU B 117 -24.06 2.03 10.45
CA GLU B 117 -23.08 2.79 11.23
C GLU B 117 -21.73 2.11 11.03
N TYR B 118 -20.90 2.66 10.14
CA TYR B 118 -19.67 1.98 9.77
C TYR B 118 -18.53 2.94 9.43
N MET B 119 -18.84 4.22 9.22
CA MET B 119 -17.81 5.17 8.81
C MET B 119 -16.85 5.53 9.93
N HIS B 120 -17.18 5.19 11.18
CA HIS B 120 -16.25 5.37 12.28
C HIS B 120 -15.04 4.45 12.16
N MET B 121 -15.14 3.36 11.39
CA MET B 121 -14.01 2.47 11.19
C MET B 121 -12.87 3.19 10.48
N THR B 122 -11.64 2.86 10.88
CA THR B 122 -10.46 3.45 10.25
C THR B 122 -9.97 2.66 9.02
N ASP B 123 -10.34 1.39 8.90
CA ASP B 123 -9.83 0.56 7.81
C ASP B 123 -10.58 0.89 6.52
N THR B 124 -9.83 1.40 5.53
CA THR B 124 -10.45 1.83 4.28
C THR B 124 -11.03 0.65 3.51
N GLU B 125 -10.34 -0.50 3.53
CA GLU B 125 -10.84 -1.66 2.80
C GLU B 125 -12.17 -2.14 3.35
N GLN B 126 -12.34 -2.09 4.68
CA GLN B 126 -13.59 -2.53 5.28
C GLN B 126 -14.73 -1.55 5.00
N LYS B 127 -14.42 -0.25 4.96
CA LYS B 127 -15.45 0.72 4.63
C LYS B 127 -15.90 0.60 3.18
N ARG B 128 -14.94 0.38 2.27
CA ARG B 128 -15.31 0.16 0.87
C ARG B 128 -16.09 -1.14 0.69
N TRP B 129 -15.78 -2.16 1.51
CA TRP B 129 -16.49 -3.43 1.42
C TRP B 129 -17.96 -3.26 1.78
N ILE B 130 -18.25 -2.51 2.86
CA ILE B 130 -19.63 -2.28 3.25
C ILE B 130 -20.34 -1.39 2.25
N GLN B 131 -19.63 -0.40 1.70
CA GLN B 131 -20.25 0.49 0.72
C GLN B 131 -20.68 -0.25 -0.54
N GLN B 132 -19.86 -1.21 -0.99
CA GLN B 132 -20.24 -1.99 -2.16
C GLN B 132 -21.48 -2.83 -1.91
N ARG B 133 -21.64 -3.33 -0.68
CA ARG B 133 -22.80 -4.16 -0.37
C ARG B 133 -24.08 -3.35 -0.30
N LEU B 134 -24.05 -2.22 0.40
CA LEU B 134 -25.28 -1.45 0.63
C LEU B 134 -25.63 -0.58 -0.57
N GLU B 135 -24.65 0.16 -1.09
CA GLU B 135 -24.95 1.16 -2.10
C GLU B 135 -25.31 0.55 -3.45
N SER B 136 -24.71 -0.59 -3.80
CA SER B 136 -25.09 -1.26 -5.04
C SER B 136 -26.53 -1.75 -5.01
N VAL B 137 -26.99 -2.19 -3.83
CA VAL B 137 -28.36 -2.64 -3.70
C VAL B 137 -29.34 -1.47 -3.64
N VAL B 138 -28.86 -0.27 -3.31
CA VAL B 138 -29.69 0.93 -3.14
C VAL B 138 -30.85 0.61 -2.19
N GLY B 139 -30.54 -0.10 -1.12
CA GLY B 139 -31.54 -0.40 -0.11
C GLY B 139 -32.46 -1.57 -0.38
N GLN B 140 -32.76 -1.86 -1.65
CA GLN B 140 -33.77 -2.86 -1.99
C GLN B 140 -33.15 -4.23 -2.23
N PRO B 141 -33.10 -5.12 -1.23
CA PRO B 141 -32.56 -6.46 -1.47
C PRO B 141 -33.46 -7.28 -2.38
N SER B 142 -32.86 -8.22 -3.10
CA SER B 142 -33.58 -9.11 -3.99
C SER B 142 -33.52 -10.53 -3.45
N PHE B 143 -34.67 -11.06 -3.05
CA PHE B 143 -34.77 -12.45 -2.63
C PHE B 143 -35.70 -13.20 -3.58
N ASP B 144 -35.37 -14.46 -3.83
CA ASP B 144 -36.21 -15.28 -4.68
C ASP B 144 -37.53 -15.61 -3.98
N LYS B 145 -38.55 -15.93 -4.78
CA LYS B 145 -39.87 -16.21 -4.24
C LYS B 145 -39.85 -17.35 -3.23
N ASP B 146 -38.94 -18.33 -3.39
CA ASP B 146 -38.79 -19.34 -2.34
C ASP B 146 -38.31 -18.71 -1.04
N GLU B 147 -37.35 -17.79 -1.11
CA GLU B 147 -36.80 -17.20 0.10
C GLU B 147 -37.84 -16.34 0.83
N LYS B 148 -38.65 -15.60 0.08
CA LYS B 148 -39.69 -14.78 0.70
C LYS B 148 -40.72 -15.68 1.39
N ARG B 149 -41.00 -16.84 0.80
CA ARG B 149 -41.93 -17.77 1.43
C ARG B 149 -41.37 -18.36 2.70
N THR B 150 -40.05 -18.61 2.73
CA THR B 150 -39.42 -19.12 3.94
C THR B 150 -39.45 -18.09 5.06
N PHE B 151 -39.26 -16.81 4.72
CA PHE B 151 -39.30 -15.77 5.74
C PHE B 151 -40.70 -15.62 6.33
N LEU B 152 -41.73 -15.65 5.47
CA LEU B 152 -43.10 -15.55 5.97
C LEU B 152 -43.46 -16.76 6.83
N ALA B 153 -43.04 -17.96 6.39
CA ALA B 153 -43.31 -19.16 7.18
C ALA B 153 -42.60 -19.13 8.52
N GLU B 154 -41.39 -18.55 8.57
CA GLU B 154 -40.65 -18.48 9.82
C GLU B 154 -41.22 -17.41 10.74
N LEU B 155 -41.69 -16.29 10.17
CA LEU B 155 -42.45 -15.33 10.98
C LEU B 155 -43.74 -15.94 11.48
N THR B 156 -44.36 -16.82 10.69
CA THR B 156 -45.57 -17.49 11.14
C THR B 156 -45.27 -18.46 12.28
N ALA B 157 -44.14 -19.17 12.20
CA ALA B 157 -43.76 -20.08 13.28
C ALA B 157 -43.49 -19.33 14.57
N ALA B 158 -42.86 -18.15 14.47
CA ALA B 158 -42.55 -17.37 15.66
C ALA B 158 -43.84 -16.88 16.34
N GLU B 159 -44.77 -16.32 15.55
CA GLU B 159 -46.01 -15.82 16.12
C GLU B 159 -46.89 -16.96 16.62
N GLY B 160 -47.00 -18.03 15.85
CA GLY B 160 -47.94 -19.09 16.20
C GLY B 160 -47.60 -19.80 17.50
N LEU B 161 -46.31 -20.08 17.71
CA LEU B 161 -45.89 -20.75 18.93
C LEU B 161 -46.16 -19.88 20.16
N GLU B 162 -46.01 -18.55 20.01
CA GLU B 162 -46.17 -17.67 21.15
C GLU B 162 -47.64 -17.49 21.51
N ARG B 163 -48.50 -17.29 20.51
CA ARG B 163 -49.93 -17.24 20.77
C ARG B 163 -50.45 -18.58 21.27
N TYR B 164 -49.86 -19.68 20.82
CA TYR B 164 -50.27 -21.01 21.26
C TYR B 164 -49.97 -21.20 22.75
N LEU B 165 -48.78 -20.80 23.19
CA LEU B 165 -48.42 -20.93 24.60
C LEU B 165 -49.27 -20.03 25.49
N GLY B 166 -49.67 -18.86 24.98
CA GLY B 166 -50.52 -17.98 25.76
C GLY B 166 -51.93 -18.54 25.91
N ALA B 167 -52.44 -19.19 24.88
CA ALA B 167 -53.76 -19.81 24.97
C ALA B 167 -53.74 -21.01 25.91
N LYS B 168 -52.71 -21.85 25.81
CA LYS B 168 -52.68 -23.10 26.56
C LYS B 168 -52.22 -22.88 28.01
N PHE B 169 -51.36 -21.91 28.26
CA PHE B 169 -50.85 -21.62 29.60
C PHE B 169 -50.97 -20.13 29.87
N PRO B 170 -52.19 -19.61 30.03
CA PRO B 170 -52.35 -18.18 30.26
C PRO B 170 -51.66 -17.75 31.54
N GLY B 171 -50.98 -16.60 31.47
CA GLY B 171 -50.33 -16.01 32.63
C GLY B 171 -48.97 -16.57 32.96
N ALA B 172 -48.60 -17.72 32.40
CA ALA B 172 -47.31 -18.33 32.68
C ALA B 172 -46.17 -17.50 32.10
N LYS B 173 -45.08 -17.40 32.85
CA LYS B 173 -43.90 -16.70 32.36
C LYS B 173 -43.31 -17.47 31.17
N ARG B 174 -43.23 -16.81 30.02
CA ARG B 174 -42.56 -17.39 28.87
C ARG B 174 -41.62 -16.42 28.16
N PHE B 175 -41.62 -15.14 28.53
CA PHE B 175 -40.75 -14.13 27.94
C PHE B 175 -40.86 -14.14 26.41
N SER B 176 -42.04 -13.72 25.96
CA SER B 176 -42.42 -13.84 24.56
C SER B 176 -41.51 -13.04 23.64
N LEU B 177 -41.27 -13.58 22.46
CA LEU B 177 -40.54 -12.90 21.39
C LEU B 177 -41.43 -11.93 20.61
N GLU B 178 -42.74 -11.92 20.87
CA GLU B 178 -43.66 -11.17 20.03
C GLU B 178 -43.27 -9.70 19.97
N GLY B 179 -43.30 -9.15 18.75
CA GLY B 179 -42.77 -7.85 18.44
C GLY B 179 -41.36 -7.90 17.87
N GLY B 180 -40.60 -8.94 18.19
CA GLY B 180 -39.28 -9.17 17.65
C GLY B 180 -39.24 -10.46 16.86
N ASP B 181 -40.36 -10.77 16.19
CA ASP B 181 -40.53 -12.06 15.53
C ASP B 181 -39.47 -12.29 14.46
N ALA B 182 -38.91 -11.23 13.90
CA ALA B 182 -37.95 -11.35 12.80
C ALA B 182 -36.67 -12.06 13.23
N MET B 183 -36.42 -12.18 14.54
CA MET B 183 -35.21 -12.88 14.98
C MET B 183 -35.21 -14.35 14.55
N ILE B 184 -36.38 -15.00 14.51
CA ILE B 184 -36.42 -16.40 14.11
C ILE B 184 -35.96 -16.60 12.67
N PRO B 185 -36.49 -15.89 11.66
CA PRO B 185 -35.88 -15.95 10.33
C PRO B 185 -34.44 -15.47 10.29
N MET B 186 -34.08 -14.50 11.14
CA MET B 186 -32.71 -14.00 11.14
C MET B 186 -31.73 -15.08 11.58
N MET B 187 -32.07 -15.79 12.65
CA MET B 187 -31.19 -16.85 13.13
C MET B 187 -31.09 -17.98 12.13
N LYS B 188 -32.23 -18.43 11.58
CA LYS B 188 -32.15 -19.52 10.61
C LYS B 188 -31.45 -19.09 9.33
N GLU B 189 -31.59 -17.83 8.92
CA GLU B 189 -30.81 -17.35 7.77
C GLU B 189 -29.33 -17.28 8.12
N LEU B 190 -29.01 -16.93 9.36
CA LEU B 190 -27.61 -16.94 9.79
C LEU B 190 -27.02 -18.34 9.73
N ILE B 191 -27.79 -19.34 10.17
CA ILE B 191 -27.30 -20.72 10.15
C ILE B 191 -27.26 -21.25 8.73
N ARG B 192 -28.28 -20.93 7.92
CA ARG B 192 -28.26 -21.36 6.53
C ARG B 192 -27.09 -20.74 5.78
N HIS B 193 -26.84 -19.44 6.01
CA HIS B 193 -25.70 -18.79 5.37
C HIS B 193 -24.38 -19.31 5.92
N ALA B 194 -24.36 -19.77 7.17
CA ALA B 194 -23.14 -20.32 7.75
C ALA B 194 -22.75 -21.63 7.06
N GLY B 195 -23.71 -22.52 6.84
CA GLY B 195 -23.44 -23.72 6.07
C GLY B 195 -23.18 -23.43 4.61
N ARG B 196 -23.81 -22.37 4.08
CA ARG B 196 -23.60 -21.98 2.70
C ARG B 196 -22.16 -21.57 2.45
N SER B 197 -21.48 -21.04 3.47
CA SER B 197 -20.09 -20.62 3.38
C SER B 197 -19.12 -21.65 3.97
N GLY B 198 -19.59 -22.87 4.20
CA GLY B 198 -18.72 -23.96 4.60
C GLY B 198 -18.38 -24.07 6.07
N MET B 199 -19.00 -23.29 6.94
CA MET B 199 -18.77 -23.44 8.36
C MET B 199 -19.39 -24.74 8.88
N ARG B 200 -18.73 -25.36 9.84
CA ARG B 200 -19.16 -26.66 10.36
C ARG B 200 -20.01 -26.58 11.62
N GLU B 201 -19.79 -25.58 12.47
CA GLU B 201 -20.49 -25.52 13.75
C GLU B 201 -20.89 -24.07 14.06
N VAL B 202 -22.04 -23.93 14.73
CA VAL B 202 -22.53 -22.65 15.21
C VAL B 202 -22.89 -22.80 16.69
N VAL B 203 -22.42 -21.88 17.51
CA VAL B 203 -22.70 -21.89 18.95
C VAL B 203 -23.38 -20.58 19.31
N ILE B 204 -24.45 -20.67 20.09
CA ILE B 204 -25.32 -19.52 20.38
C ILE B 204 -25.36 -19.29 21.88
N GLY B 205 -25.21 -18.03 22.27
CA GLY B 205 -25.48 -17.60 23.63
C GLY B 205 -26.54 -16.52 23.64
N MET B 206 -27.54 -16.67 24.51
CA MET B 206 -28.69 -15.77 24.50
C MET B 206 -29.30 -15.72 25.90
N ALA B 207 -30.29 -14.85 26.06
CA ALA B 207 -30.99 -14.66 27.32
C ALA B 207 -32.44 -15.15 27.20
N HIS B 208 -33.31 -14.62 28.07
CA HIS B 208 -34.69 -15.10 28.15
C HIS B 208 -35.51 -14.74 26.91
N ARG B 209 -35.20 -13.62 26.26
CA ARG B 209 -36.08 -13.08 25.23
C ARG B 209 -36.07 -13.97 23.99
N GLY B 210 -37.23 -14.53 23.66
CA GLY B 210 -37.31 -15.43 22.53
C GLY B 210 -36.60 -16.74 22.72
N ARG B 211 -36.34 -17.13 23.97
CA ARG B 211 -35.56 -18.34 24.22
C ARG B 211 -36.36 -19.60 23.86
N LEU B 212 -37.62 -19.67 24.30
CA LEU B 212 -38.45 -20.81 23.93
C LEU B 212 -38.72 -20.86 22.43
N ASN B 213 -38.82 -19.69 21.80
CA ASN B 213 -38.97 -19.66 20.34
C ASN B 213 -37.73 -20.21 19.66
N MET B 214 -36.55 -19.83 20.14
CA MET B 214 -35.30 -20.36 19.57
C MET B 214 -35.20 -21.87 19.77
N LEU B 215 -35.69 -22.36 20.91
CA LEU B 215 -35.59 -23.79 21.20
C LEU B 215 -36.49 -24.60 20.26
N VAL B 216 -37.73 -24.15 20.09
CA VAL B 216 -38.69 -24.93 19.32
C VAL B 216 -38.51 -24.70 17.82
N ASN B 217 -38.34 -23.44 17.40
CA ASN B 217 -38.39 -23.09 15.99
C ASN B 217 -37.02 -23.00 15.32
N VAL B 218 -35.94 -23.20 16.05
CA VAL B 218 -34.61 -23.15 15.45
C VAL B 218 -33.81 -24.38 15.85
N LEU B 219 -33.67 -24.61 17.16
CA LEU B 219 -32.89 -25.74 17.64
C LEU B 219 -33.62 -27.07 17.51
N GLY B 220 -34.95 -27.05 17.30
CA GLY B 220 -35.68 -28.27 17.04
C GLY B 220 -36.18 -29.02 18.25
N LYS B 221 -36.27 -28.39 19.42
CA LYS B 221 -36.86 -29.05 20.57
C LYS B 221 -38.31 -29.42 20.29
N LYS B 222 -38.72 -30.59 20.78
CA LYS B 222 -40.08 -31.06 20.55
C LYS B 222 -41.09 -30.16 21.26
N PRO B 223 -42.10 -29.65 20.56
CA PRO B 223 -43.10 -28.80 21.23
C PRO B 223 -43.82 -29.50 22.36
N GLN B 224 -44.07 -30.82 22.23
CA GLN B 224 -44.72 -31.54 23.32
C GLN B 224 -43.84 -31.59 24.57
N ASP B 225 -42.52 -31.67 24.40
CA ASP B 225 -41.64 -31.64 25.56
C ASP B 225 -41.70 -30.28 26.26
N LEU B 226 -41.82 -29.21 25.50
CA LEU B 226 -42.00 -27.89 26.10
C LEU B 226 -43.34 -27.78 26.82
N PHE B 227 -44.39 -28.37 26.24
CA PHE B 227 -45.70 -28.32 26.88
C PHE B 227 -45.72 -29.11 28.19
N ASP B 228 -44.95 -30.21 28.26
CA ASP B 228 -44.85 -30.95 29.52
C ASP B 228 -44.18 -30.11 30.60
N GLU B 229 -43.15 -29.35 30.24
CA GLU B 229 -42.45 -28.54 31.23
C GLU B 229 -43.33 -27.41 31.77
N PHE B 230 -44.22 -26.85 30.94
CA PHE B 230 -45.17 -25.88 31.45
C PHE B 230 -46.17 -26.53 32.40
N ALA B 231 -46.47 -27.82 32.22
CA ALA B 231 -47.43 -28.52 33.06
C ALA B 231 -46.79 -29.09 34.33
N GLY B 232 -45.47 -29.01 34.46
CA GLY B 232 -44.79 -29.43 35.67
C GLY B 232 -44.20 -30.82 35.61
N LYS B 233 -42.96 -30.96 36.08
CA LYS B 233 -42.25 -32.24 36.10
C LYS B 233 -41.30 -32.32 37.29
N TRP B 238 -31.57 -35.67 36.81
CA TRP B 238 -30.12 -35.57 36.83
C TRP B 238 -29.64 -34.71 37.98
N GLY B 239 -30.52 -33.86 38.49
CA GLY B 239 -30.14 -32.93 39.53
C GLY B 239 -31.31 -32.03 39.89
N THR B 240 -30.99 -30.97 40.65
CA THR B 240 -32.02 -30.08 41.14
C THR B 240 -32.65 -29.23 40.03
N GLY B 241 -32.00 -29.12 38.87
CA GLY B 241 -32.62 -28.54 37.70
C GLY B 241 -32.61 -27.02 37.67
N ASP B 242 -33.32 -26.48 36.67
CA ASP B 242 -33.36 -25.05 36.41
C ASP B 242 -34.60 -24.72 35.59
N VAL B 243 -34.87 -23.42 35.47
CA VAL B 243 -36.08 -22.96 34.78
C VAL B 243 -35.98 -23.20 33.28
N LYS B 244 -37.15 -23.27 32.63
CA LYS B 244 -37.23 -23.76 31.25
C LYS B 244 -36.49 -22.87 30.26
N TYR B 245 -36.39 -21.57 30.53
CA TYR B 245 -35.74 -20.65 29.61
C TYR B 245 -34.25 -20.48 29.87
N HIS B 246 -33.66 -21.37 30.67
CA HIS B 246 -32.21 -21.48 30.79
C HIS B 246 -31.65 -22.70 30.07
N GLN B 247 -32.51 -23.52 29.48
CA GLN B 247 -32.07 -24.79 28.92
C GLN B 247 -31.24 -24.58 27.66
N GLY B 248 -30.19 -25.40 27.51
CA GLY B 248 -29.44 -25.47 26.28
C GLY B 248 -29.96 -26.57 25.38
N PHE B 249 -29.35 -26.68 24.20
CA PHE B 249 -29.80 -27.68 23.23
C PHE B 249 -28.72 -27.94 22.20
N SER B 250 -28.75 -29.16 21.64
CA SER B 250 -27.85 -29.56 20.58
C SER B 250 -28.66 -30.21 19.46
N ALA B 251 -28.29 -29.92 18.22
CA ALA B 251 -28.97 -30.49 17.07
C ALA B 251 -28.11 -30.28 15.83
N ASP B 252 -28.40 -31.06 14.80
CA ASP B 252 -27.90 -30.81 13.45
C ASP B 252 -28.95 -30.05 12.65
N PHE B 253 -28.50 -29.30 11.66
CA PHE B 253 -29.34 -28.33 10.96
C PHE B 253 -28.99 -28.35 9.48
N ALA B 254 -29.95 -28.78 8.65
CA ALA B 254 -29.69 -28.85 7.22
C ALA B 254 -29.59 -27.45 6.62
N THR B 255 -28.56 -27.23 5.83
CA THR B 255 -28.27 -25.96 5.18
C THR B 255 -27.98 -26.25 3.71
N PRO B 256 -28.06 -25.23 2.85
CA PRO B 256 -27.72 -25.45 1.44
C PRO B 256 -26.31 -25.99 1.25
N GLY B 257 -25.38 -25.63 2.14
CA GLY B 257 -24.02 -26.11 2.11
C GLY B 257 -23.75 -27.38 2.88
N GLY B 258 -24.78 -28.03 3.42
CA GLY B 258 -24.63 -29.26 4.16
C GLY B 258 -25.07 -29.11 5.61
N ASP B 259 -25.04 -30.24 6.32
CA ASP B 259 -25.45 -30.26 7.72
C ASP B 259 -24.48 -29.47 8.59
N VAL B 260 -25.05 -28.69 9.51
CA VAL B 260 -24.30 -27.90 10.47
C VAL B 260 -24.73 -28.30 11.88
N HIS B 261 -23.76 -28.44 12.79
CA HIS B 261 -24.09 -28.66 14.20
C HIS B 261 -24.50 -27.36 14.87
N LEU B 262 -25.52 -27.45 15.72
CA LEU B 262 -26.05 -26.30 16.44
C LEU B 262 -25.94 -26.53 17.94
N ALA B 263 -25.50 -25.50 18.66
CA ALA B 263 -25.40 -25.56 20.11
C ALA B 263 -25.94 -24.27 20.71
N LEU B 264 -26.90 -24.41 21.63
CA LEU B 264 -27.41 -23.29 22.41
C LEU B 264 -26.97 -23.49 23.86
N ALA B 265 -26.32 -22.49 24.43
CA ALA B 265 -25.71 -22.63 25.75
C ALA B 265 -26.76 -22.61 26.87
N PHE B 266 -26.46 -23.34 27.94
CA PHE B 266 -27.09 -23.10 29.23
C PHE B 266 -26.56 -21.78 29.81
N ASN B 267 -27.40 -21.10 30.57
CA ASN B 267 -26.99 -19.85 31.20
C ASN B 267 -27.88 -19.61 32.43
N PRO B 268 -27.41 -18.81 33.39
CA PRO B 268 -28.26 -18.44 34.53
C PRO B 268 -29.08 -17.18 34.25
N SER B 269 -29.81 -16.71 35.26
CA SER B 269 -30.57 -15.47 35.09
C SER B 269 -29.67 -14.26 34.89
N HIS B 270 -28.44 -14.31 35.42
CA HIS B 270 -27.52 -13.19 35.24
C HIS B 270 -27.27 -12.97 33.75
N LEU B 271 -27.53 -11.74 33.30
CA LEU B 271 -27.46 -11.43 31.88
C LEU B 271 -26.01 -11.24 31.44
N GLU B 272 -25.77 -11.50 30.15
CA GLU B 272 -24.53 -11.17 29.45
C GLU B 272 -23.34 -12.02 29.87
N ILE B 273 -23.39 -12.61 31.07
CA ILE B 273 -22.24 -13.40 31.54
C ILE B 273 -22.04 -14.63 30.67
N VAL B 274 -23.10 -15.12 30.00
CA VAL B 274 -22.97 -16.28 29.14
C VAL B 274 -22.09 -15.97 27.92
N ASN B 275 -22.01 -14.70 27.53
CA ASN B 275 -21.24 -14.35 26.32
C ASN B 275 -19.77 -14.76 26.40
N PRO B 276 -19.00 -14.40 27.44
CA PRO B 276 -17.63 -14.95 27.52
C PRO B 276 -17.59 -16.47 27.57
N VAL B 277 -18.59 -17.10 28.18
CA VAL B 277 -18.59 -18.56 28.26
C VAL B 277 -18.71 -19.19 26.87
N VAL B 278 -19.54 -18.60 26.02
CA VAL B 278 -19.64 -19.10 24.65
C VAL B 278 -18.33 -18.85 23.89
N MET B 279 -17.66 -17.74 24.18
CA MET B 279 -16.38 -17.46 23.53
C MET B 279 -15.36 -18.52 23.89
N GLY B 280 -15.37 -19.00 25.13
CA GLY B 280 -14.46 -20.06 25.51
C GLY B 280 -14.79 -21.39 24.87
N SER B 281 -16.09 -21.68 24.72
CA SER B 281 -16.51 -22.92 24.08
C SER B 281 -16.08 -22.97 22.61
N VAL B 282 -16.26 -21.86 21.88
CA VAL B 282 -15.91 -21.86 20.46
C VAL B 282 -14.40 -21.93 20.28
N ARG B 283 -13.65 -21.24 21.13
CA ARG B 283 -12.19 -21.35 21.05
C ARG B 283 -11.74 -22.78 21.36
N ALA B 284 -12.41 -23.43 22.30
CA ALA B 284 -12.09 -24.83 22.58
C ALA B 284 -12.41 -25.73 21.40
N ARG B 285 -13.48 -25.41 20.66
CA ARG B 285 -13.79 -26.16 19.45
C ARG B 285 -12.80 -25.84 18.33
N GLN B 286 -12.46 -24.55 18.17
CA GLN B 286 -11.52 -24.16 17.12
C GLN B 286 -10.13 -24.73 17.39
N ASP B 287 -9.73 -24.83 18.66
CA ASP B 287 -8.44 -25.44 18.98
C ASP B 287 -8.43 -26.92 18.61
N ARG B 288 -9.51 -27.64 18.95
CA ARG B 288 -9.57 -29.07 18.68
C ARG B 288 -9.62 -29.36 17.18
N LEU B 289 -10.30 -28.50 16.41
CA LEU B 289 -10.45 -28.72 14.98
C LEU B 289 -9.28 -28.20 14.16
N GLY B 290 -8.33 -27.49 14.79
CA GLY B 290 -7.31 -26.84 13.99
C GLY B 290 -7.83 -25.65 13.21
N ASP B 291 -8.94 -25.05 13.66
CA ASP B 291 -9.55 -23.91 12.98
C ASP B 291 -8.79 -22.65 13.42
N ASP B 292 -7.60 -22.48 12.82
CA ASP B 292 -6.68 -21.45 13.28
C ASP B 292 -7.19 -20.04 13.00
N ASP B 293 -7.99 -19.86 11.94
CA ASP B 293 -8.54 -18.54 11.62
C ASP B 293 -10.00 -18.39 12.03
N GLY B 294 -10.59 -19.41 12.67
CA GLY B 294 -11.96 -19.30 13.15
C GLY B 294 -13.03 -19.31 12.09
N SER B 295 -12.77 -19.90 10.93
CA SER B 295 -13.75 -19.96 9.85
C SER B 295 -14.64 -21.19 9.90
N LYS B 296 -14.37 -22.13 10.82
CA LYS B 296 -15.15 -23.37 10.90
C LYS B 296 -16.24 -23.33 11.95
N VAL B 297 -16.05 -22.57 13.03
CA VAL B 297 -17.01 -22.51 14.13
C VAL B 297 -17.46 -21.06 14.27
N LEU B 298 -18.78 -20.83 14.23
CA LEU B 298 -19.33 -19.48 14.30
C LEU B 298 -19.89 -19.22 15.68
N PRO B 299 -19.41 -18.20 16.40
CA PRO B 299 -20.06 -17.81 17.66
C PRO B 299 -21.13 -16.75 17.43
N ILE B 300 -22.29 -16.94 18.04
CA ILE B 300 -23.39 -15.97 17.96
C ILE B 300 -23.85 -15.65 19.38
N THR B 301 -23.90 -14.36 19.71
CA THR B 301 -24.40 -13.92 21.01
C THR B 301 -25.61 -13.00 20.80
N ILE B 302 -26.64 -13.21 21.62
CA ILE B 302 -27.87 -12.44 21.56
C ILE B 302 -28.00 -11.65 22.86
N HIS B 303 -28.38 -10.38 22.75
CA HIS B 303 -28.36 -9.47 23.87
C HIS B 303 -29.69 -8.73 23.99
N GLY B 304 -30.01 -8.33 25.22
CA GLY B 304 -31.07 -7.36 25.43
C GLY B 304 -30.53 -5.94 25.37
N ASP B 305 -31.41 -5.00 25.03
CA ASP B 305 -30.96 -3.63 24.80
C ASP B 305 -30.51 -2.96 26.10
N SER B 306 -31.24 -3.18 27.20
CA SER B 306 -30.83 -2.59 28.47
C SER B 306 -29.60 -3.31 29.03
N ALA B 307 -29.54 -4.63 28.88
CA ALA B 307 -28.44 -5.39 29.46
C ALA B 307 -27.11 -5.10 28.79
N ILE B 308 -27.10 -4.99 27.46
CA ILE B 308 -25.83 -4.83 26.76
C ILE B 308 -25.23 -3.46 27.04
N ALA B 309 -26.07 -2.45 27.29
CA ALA B 309 -25.55 -1.12 27.60
C ALA B 309 -24.99 -1.05 29.02
N GLY B 310 -25.54 -1.83 29.95
CA GLY B 310 -25.23 -1.63 31.35
C GLY B 310 -24.30 -2.63 32.00
N GLN B 311 -24.09 -3.78 31.38
CA GLN B 311 -23.27 -4.83 31.98
C GLN B 311 -21.83 -4.69 31.52
N GLY B 312 -20.90 -4.62 32.49
CA GLY B 312 -19.51 -4.39 32.17
C GLY B 312 -18.80 -5.57 31.56
N VAL B 313 -19.35 -6.77 31.71
CA VAL B 313 -18.74 -7.95 31.09
C VAL B 313 -18.78 -7.85 29.57
N VAL B 314 -19.71 -7.04 29.03
CA VAL B 314 -19.77 -6.84 27.58
C VAL B 314 -18.47 -6.19 27.08
N ALA B 315 -18.03 -5.13 27.76
CA ALA B 315 -16.79 -4.47 27.35
C ALA B 315 -15.58 -5.36 27.56
N GLU B 316 -15.59 -6.16 28.62
CA GLU B 316 -14.48 -7.08 28.86
C GLU B 316 -14.37 -8.12 27.75
N THR B 317 -15.50 -8.55 27.20
CA THR B 317 -15.48 -9.53 26.11
C THR B 317 -15.05 -8.90 24.80
N PHE B 318 -15.52 -7.67 24.54
CA PHE B 318 -15.07 -6.95 23.35
C PHE B 318 -13.57 -6.71 23.37
N ASN B 319 -13.00 -6.49 24.56
CA ASN B 319 -11.57 -6.27 24.68
C ASN B 319 -10.78 -7.56 24.47
N MET B 320 -11.43 -8.72 24.61
CA MET B 320 -10.81 -10.01 24.35
C MET B 320 -10.99 -10.48 22.91
N SER B 321 -11.76 -9.75 22.10
CA SER B 321 -12.14 -10.25 20.78
C SER B 321 -10.95 -10.42 19.85
N GLN B 322 -9.87 -9.65 20.05
CA GLN B 322 -8.68 -9.79 19.23
C GLN B 322 -7.42 -10.11 20.04
N ALA B 323 -7.54 -10.26 21.35
CA ALA B 323 -6.41 -10.75 22.14
C ALA B 323 -6.09 -12.19 21.78
N ARG B 324 -4.81 -12.49 21.61
CA ARG B 324 -4.43 -13.87 21.32
C ARG B 324 -4.73 -14.72 22.55
N GLY B 325 -5.19 -15.94 22.32
CA GLY B 325 -5.59 -16.82 23.40
C GLY B 325 -7.07 -16.72 23.75
N PHE B 326 -7.76 -15.69 23.26
CA PHE B 326 -9.20 -15.56 23.44
C PHE B 326 -9.92 -15.27 22.13
N CYS B 327 -9.21 -14.86 21.08
CA CYS B 327 -9.85 -14.54 19.80
C CYS B 327 -10.46 -15.80 19.20
N VAL B 328 -11.63 -15.63 18.58
CA VAL B 328 -12.33 -16.74 17.94
C VAL B 328 -12.73 -16.36 16.53
N GLY B 329 -12.02 -15.38 15.95
CA GLY B 329 -12.34 -14.93 14.61
C GLY B 329 -13.49 -13.95 14.51
N GLY B 330 -13.92 -13.38 15.63
CA GLY B 330 -15.03 -12.45 15.62
C GLY B 330 -16.35 -13.14 15.88
N THR B 331 -17.27 -12.38 16.48
CA THR B 331 -18.59 -12.88 16.85
C THR B 331 -19.66 -12.03 16.20
N VAL B 332 -20.72 -12.69 15.72
CA VAL B 332 -21.93 -12.00 15.30
C VAL B 332 -22.78 -11.76 16.54
N ARG B 333 -23.10 -10.50 16.81
CA ARG B 333 -23.79 -10.11 18.04
C ARG B 333 -25.11 -9.46 17.68
N VAL B 334 -26.20 -10.01 18.20
CA VAL B 334 -27.55 -9.54 17.89
C VAL B 334 -28.16 -8.96 19.16
N VAL B 335 -28.65 -7.73 19.06
CA VAL B 335 -29.38 -7.09 20.15
C VAL B 335 -30.86 -7.13 19.80
N VAL B 336 -31.66 -7.77 20.66
CA VAL B 336 -33.11 -7.69 20.53
C VAL B 336 -33.56 -6.41 21.20
N ASN B 337 -33.58 -5.32 20.43
CA ASN B 337 -33.80 -3.98 20.97
C ASN B 337 -35.28 -3.65 20.88
N ASN B 338 -36.02 -4.06 21.91
CA ASN B 338 -37.45 -3.75 22.01
C ASN B 338 -37.69 -2.41 22.71
N GLN B 339 -36.65 -1.61 22.92
CA GLN B 339 -36.75 -0.23 23.39
C GLN B 339 -37.33 -0.12 24.79
N VAL B 340 -37.14 -1.16 25.60
CA VAL B 340 -37.61 -1.14 26.98
C VAL B 340 -36.81 -2.17 27.77
N GLY B 341 -36.53 -1.85 29.03
CA GLY B 341 -35.96 -2.81 29.95
C GLY B 341 -36.85 -2.96 31.17
N PHE B 342 -37.58 -4.06 31.25
CA PHE B 342 -38.60 -4.26 32.29
C PHE B 342 -39.57 -3.08 32.29
N THR B 343 -39.49 -2.24 33.31
CA THR B 343 -40.33 -1.03 33.39
C THR B 343 -39.60 0.23 32.96
N THR B 344 -38.36 0.12 32.50
CA THR B 344 -37.54 1.28 32.18
C THR B 344 -37.40 1.42 30.68
N SER B 345 -37.91 2.53 30.13
CA SER B 345 -37.82 2.81 28.70
C SER B 345 -37.17 4.16 28.37
N ASN B 346 -37.08 5.08 29.33
CA ASN B 346 -36.50 6.39 29.07
C ASN B 346 -35.02 6.25 28.77
N PRO B 347 -34.53 6.75 27.64
CA PRO B 347 -33.09 6.65 27.33
C PRO B 347 -32.20 7.33 28.35
N ARG B 348 -32.69 8.37 29.03
CA ARG B 348 -31.89 9.06 30.03
C ARG B 348 -31.68 8.22 31.28
N ASP B 349 -32.39 7.10 31.44
CA ASP B 349 -32.21 6.23 32.59
C ASP B 349 -31.46 4.93 32.29
N THR B 350 -31.46 4.47 31.04
CA THR B 350 -30.84 3.19 30.71
C THR B 350 -29.43 3.29 30.18
N ARG B 351 -29.03 4.45 29.64
CA ARG B 351 -27.74 4.58 28.95
C ARG B 351 -27.44 6.07 28.80
N SER B 352 -26.25 6.36 28.28
CA SER B 352 -25.77 7.72 28.11
C SER B 352 -25.64 8.14 26.66
N THR B 353 -26.17 7.36 25.71
CA THR B 353 -25.97 7.61 24.29
C THR B 353 -27.25 7.26 23.54
N MET B 354 -27.29 7.65 22.27
CA MET B 354 -28.48 7.41 21.44
C MET B 354 -28.72 5.91 21.25
N TYR B 355 -27.66 5.13 21.10
CA TYR B 355 -27.77 3.71 20.80
C TYR B 355 -27.26 2.87 21.96
N CYS B 356 -27.95 1.76 22.24
CA CYS B 356 -27.46 0.81 23.21
C CYS B 356 -26.22 0.06 22.71
N THR B 357 -25.99 0.07 21.40
CA THR B 357 -24.88 -0.66 20.78
C THR B 357 -23.59 0.14 20.71
N ASP B 358 -23.56 1.35 21.26
CA ASP B 358 -22.38 2.21 21.12
C ASP B 358 -21.16 1.63 21.80
N ILE B 359 -21.33 0.68 22.73
CA ILE B 359 -20.20 0.00 23.34
C ILE B 359 -19.36 -0.73 22.29
N ALA B 360 -19.99 -1.18 21.21
CA ALA B 360 -19.27 -1.91 20.17
C ALA B 360 -18.20 -1.06 19.49
N LYS B 361 -18.32 0.26 19.56
CA LYS B 361 -17.36 1.15 18.91
C LYS B 361 -15.97 1.07 19.53
N MET B 362 -15.84 0.52 20.75
CA MET B 362 -14.52 0.38 21.34
C MET B 362 -13.61 -0.50 20.50
N VAL B 363 -14.19 -1.43 19.74
CA VAL B 363 -13.43 -2.28 18.84
C VAL B 363 -13.76 -1.96 17.37
N GLN B 364 -14.36 -0.79 17.12
CA GLN B 364 -14.64 -0.30 15.78
C GLN B 364 -15.49 -1.28 14.97
N ALA B 365 -16.40 -1.98 15.64
CA ALA B 365 -17.30 -2.88 14.94
C ALA B 365 -18.35 -2.10 14.17
N PRO B 366 -18.67 -2.50 12.93
CA PRO B 366 -19.85 -1.95 12.26
C PRO B 366 -21.11 -2.36 12.98
N ILE B 367 -22.10 -1.47 12.96
CA ILE B 367 -23.39 -1.71 13.63
C ILE B 367 -24.50 -1.47 12.62
N PHE B 368 -25.33 -2.48 12.41
CA PHE B 368 -26.44 -2.42 11.46
C PHE B 368 -27.74 -2.39 12.25
N HIS B 369 -28.33 -1.19 12.35
CA HIS B 369 -29.67 -1.07 12.89
C HIS B 369 -30.67 -1.36 11.78
N VAL B 370 -31.69 -2.16 12.10
CA VAL B 370 -32.68 -2.56 11.10
C VAL B 370 -34.06 -2.62 11.76
N ASN B 371 -35.06 -2.06 11.10
CA ASN B 371 -36.44 -2.17 11.57
C ASN B 371 -36.86 -3.63 11.52
N ALA B 372 -37.40 -4.12 12.64
CA ALA B 372 -37.79 -5.53 12.72
C ALA B 372 -39.08 -5.83 11.97
N ASP B 373 -39.83 -4.81 11.57
CA ASP B 373 -41.03 -5.00 10.76
C ASP B 373 -40.72 -5.14 9.29
N ASP B 374 -39.43 -5.22 8.93
CA ASP B 374 -38.99 -5.36 7.54
C ASP B 374 -38.06 -6.57 7.49
N PRO B 375 -38.62 -7.78 7.47
CA PRO B 375 -37.78 -8.98 7.52
C PRO B 375 -36.78 -9.08 6.38
N GLU B 376 -37.10 -8.60 5.18
CA GLU B 376 -36.15 -8.67 4.08
C GLU B 376 -34.94 -7.78 4.34
N ALA B 377 -35.14 -6.60 4.93
CA ALA B 377 -34.01 -5.81 5.39
C ALA B 377 -33.26 -6.53 6.50
N VAL B 378 -33.98 -7.28 7.34
CA VAL B 378 -33.33 -8.05 8.40
C VAL B 378 -32.45 -9.13 7.82
N ALA B 379 -33.01 -9.94 6.91
CA ALA B 379 -32.23 -11.01 6.30
C ALA B 379 -31.08 -10.46 5.46
N PHE B 380 -31.30 -9.32 4.81
CA PHE B 380 -30.24 -8.72 4.00
C PHE B 380 -29.10 -8.22 4.86
N VAL B 381 -29.42 -7.56 5.98
CA VAL B 381 -28.39 -7.14 6.92
C VAL B 381 -27.73 -8.34 7.57
N THR B 382 -28.49 -9.44 7.73
CA THR B 382 -27.93 -10.64 8.36
C THR B 382 -26.83 -11.27 7.50
N ARG B 383 -27.06 -11.38 6.20
CA ARG B 383 -26.03 -11.94 5.32
C ARG B 383 -24.80 -11.05 5.27
N ILE B 384 -24.99 -9.73 5.32
CA ILE B 384 -23.85 -8.81 5.29
C ILE B 384 -23.00 -8.98 6.55
N ALA B 385 -23.64 -9.03 7.71
CA ALA B 385 -22.91 -9.12 8.96
C ALA B 385 -22.10 -10.41 9.05
N LEU B 386 -22.66 -11.52 8.56
CA LEU B 386 -21.91 -12.77 8.57
C LEU B 386 -20.80 -12.76 7.54
N ASP B 387 -21.06 -12.21 6.35
CA ASP B 387 -20.03 -12.09 5.34
C ASP B 387 -18.91 -11.16 5.80
N TYR B 388 -19.26 -10.10 6.54
CA TYR B 388 -18.23 -9.23 7.11
C TYR B 388 -17.41 -9.97 8.15
N ARG B 389 -18.05 -10.77 8.99
CA ARG B 389 -17.33 -11.51 10.02
C ARG B 389 -16.37 -12.51 9.40
N ASN B 390 -16.83 -13.24 8.39
CA ASN B 390 -15.97 -14.24 7.76
C ASN B 390 -14.86 -13.60 6.92
N GLU B 391 -15.10 -12.40 6.39
CA GLU B 391 -14.09 -11.77 5.55
C GLU B 391 -12.97 -11.14 6.38
N PHE B 392 -13.32 -10.42 7.45
CA PHE B 392 -12.35 -9.64 8.21
C PHE B 392 -12.09 -10.18 9.61
N LYS B 393 -12.78 -11.25 10.03
CA LYS B 393 -12.54 -11.91 11.31
C LYS B 393 -12.64 -10.92 12.47
N ARG B 394 -13.71 -10.11 12.45
CA ARG B 394 -13.92 -9.08 13.46
C ARG B 394 -15.38 -9.11 13.92
N ASP B 395 -15.62 -8.59 15.12
CA ASP B 395 -16.96 -8.52 15.67
C ASP B 395 -17.84 -7.61 14.82
N VAL B 396 -19.12 -7.99 14.72
CA VAL B 396 -20.13 -7.23 14.00
C VAL B 396 -21.42 -7.31 14.80
N VAL B 397 -22.19 -6.22 14.78
CA VAL B 397 -23.38 -6.09 15.62
C VAL B 397 -24.58 -5.82 14.73
N ILE B 398 -25.69 -6.51 15.04
CA ILE B 398 -26.98 -6.30 14.39
C ILE B 398 -27.94 -5.77 15.44
N ASP B 399 -28.43 -4.55 15.24
CA ASP B 399 -29.38 -3.91 16.16
C ASP B 399 -30.79 -4.13 15.62
N LEU B 400 -31.47 -5.14 16.13
CA LEU B 400 -32.82 -5.47 15.70
C LEU B 400 -33.81 -4.59 16.46
N VAL B 401 -34.22 -3.48 15.84
CA VAL B 401 -35.10 -2.53 16.50
C VAL B 401 -36.53 -3.04 16.40
N CYS B 402 -37.12 -3.34 17.54
CA CYS B 402 -38.43 -4.00 17.59
C CYS B 402 -39.20 -3.44 18.77
N TYR B 403 -40.18 -4.19 19.26
CA TYR B 403 -40.96 -3.81 20.42
C TYR B 403 -41.29 -5.06 21.22
N ARG B 404 -41.79 -4.85 22.43
CA ARG B 404 -42.20 -5.92 23.35
C ARG B 404 -43.72 -5.93 23.41
N ARG B 405 -44.33 -6.95 22.79
CA ARG B 405 -45.78 -6.96 22.63
C ARG B 405 -46.49 -6.97 23.98
N HIS B 406 -45.98 -7.73 24.94
CA HIS B 406 -46.58 -7.84 26.25
C HIS B 406 -45.70 -7.09 27.27
N GLY B 407 -46.04 -7.26 28.55
CA GLY B 407 -45.18 -6.76 29.60
C GLY B 407 -43.88 -7.54 29.64
N HIS B 408 -42.99 -7.12 30.54
CA HIS B 408 -41.68 -7.75 30.64
C HIS B 408 -41.80 -9.26 30.74
N ASN B 409 -42.70 -9.73 31.60
CA ASN B 409 -43.20 -11.09 31.54
C ASN B 409 -44.71 -11.02 31.32
N GLU B 410 -45.32 -12.18 31.12
CA GLU B 410 -46.71 -12.24 30.68
C GLU B 410 -47.68 -11.93 31.80
N ALA B 411 -47.22 -11.83 33.05
CA ALA B 411 -48.09 -11.51 34.18
C ALA B 411 -47.81 -10.12 34.75
N ASP B 412 -47.21 -9.23 33.97
CA ASP B 412 -46.85 -7.89 34.42
C ASP B 412 -47.58 -6.85 33.59
N GLU B 413 -47.95 -5.74 34.23
CA GLU B 413 -48.67 -4.67 33.54
C GLU B 413 -47.66 -3.64 33.05
N PRO B 414 -47.50 -3.47 31.73
CA PRO B 414 -46.57 -2.44 31.24
C PRO B 414 -47.15 -1.04 31.21
N ASN B 415 -48.47 -0.89 31.17
CA ASN B 415 -49.10 0.41 31.01
C ASN B 415 -48.90 1.33 32.21
N ALA B 416 -48.61 0.76 33.39
CA ALA B 416 -48.37 1.60 34.55
C ALA B 416 -47.15 2.50 34.36
N THR B 417 -46.17 2.05 33.56
CA THR B 417 -44.94 2.80 33.35
C THR B 417 -44.65 3.13 31.90
N GLN B 418 -45.30 2.46 30.94
CA GLN B 418 -45.14 2.77 29.52
C GLN B 418 -46.52 2.88 28.87
N PRO B 419 -47.27 3.93 29.18
CA PRO B 419 -48.64 4.03 28.65
C PRO B 419 -48.69 4.27 27.14
N LEU B 420 -48.03 5.31 26.65
CA LEU B 420 -48.12 5.63 25.22
C LEU B 420 -47.50 4.53 24.36
N MET B 421 -46.45 3.89 24.84
CA MET B 421 -45.79 2.85 24.07
C MET B 421 -46.74 1.68 23.82
N TYR B 422 -47.55 1.31 24.82
CA TYR B 422 -48.43 0.18 24.68
C TYR B 422 -49.81 0.55 24.17
N GLN B 423 -50.20 1.82 24.26
CA GLN B 423 -51.35 2.29 23.50
C GLN B 423 -51.07 2.18 22.01
N LYS B 424 -49.81 2.40 21.61
CA LYS B 424 -49.43 2.24 20.21
C LYS B 424 -49.29 0.76 19.84
N ILE B 425 -48.74 -0.06 20.74
CA ILE B 425 -48.59 -1.48 20.46
C ILE B 425 -49.94 -2.17 20.36
N LYS B 426 -50.94 -1.68 21.10
CA LYS B 426 -52.25 -2.32 21.10
C LYS B 426 -52.92 -2.23 19.74
N LYS B 427 -52.57 -1.22 18.94
CA LYS B 427 -53.11 -1.04 17.60
C LYS B 427 -52.08 -1.34 16.52
N HIS B 428 -50.98 -2.00 16.87
CA HIS B 428 -49.91 -2.28 15.92
C HIS B 428 -50.03 -3.70 15.39
N PRO B 429 -50.17 -3.90 14.08
CA PRO B 429 -50.19 -5.26 13.53
C PRO B 429 -48.85 -5.96 13.68
N THR B 430 -48.93 -7.29 13.75
CA THR B 430 -47.77 -8.13 13.97
C THR B 430 -46.88 -8.20 12.73
N PRO B 431 -45.59 -8.50 12.90
CA PRO B 431 -44.69 -8.57 11.73
C PRO B 431 -45.11 -9.58 10.69
N ARG B 432 -45.70 -10.71 11.10
CA ARG B 432 -46.20 -11.67 10.12
C ARG B 432 -47.28 -11.05 9.25
N LYS B 433 -48.17 -10.29 9.87
CA LYS B 433 -49.27 -9.70 9.12
C LYS B 433 -48.77 -8.63 8.15
N LEU B 434 -47.80 -7.82 8.56
CA LEU B 434 -47.28 -6.79 7.66
C LEU B 434 -46.54 -7.38 6.48
N TYR B 435 -45.73 -8.42 6.73
CA TYR B 435 -44.97 -9.03 5.65
C TYR B 435 -45.89 -9.77 4.68
N ALA B 436 -46.91 -10.46 5.20
CA ALA B 436 -47.86 -11.11 4.33
C ALA B 436 -48.61 -10.12 3.45
N ASP B 437 -48.99 -8.97 4.02
CA ASP B 437 -49.65 -7.95 3.21
C ASP B 437 -48.73 -7.39 2.13
N VAL B 438 -47.45 -7.27 2.44
CA VAL B 438 -46.49 -6.74 1.47
C VAL B 438 -46.33 -7.73 0.31
N LEU B 439 -46.19 -9.01 0.63
CA LEU B 439 -46.05 -10.02 -0.43
C LEU B 439 -47.33 -10.13 -1.27
N ILE B 440 -48.49 -9.93 -0.65
CA ILE B 440 -49.75 -10.00 -1.40
C ILE B 440 -49.90 -8.78 -2.30
N ASP B 441 -49.54 -7.60 -1.79
CA ASP B 441 -49.63 -6.39 -2.62
C ASP B 441 -48.65 -6.45 -3.78
N ARG B 442 -47.53 -7.15 -3.62
CA ARG B 442 -46.58 -7.38 -4.70
C ARG B 442 -46.93 -8.56 -5.58
N ASN B 443 -48.01 -9.29 -5.26
CA ASN B 443 -48.39 -10.52 -5.98
C ASN B 443 -47.26 -11.54 -5.96
N GLU B 444 -46.50 -11.56 -4.88
CA GLU B 444 -45.49 -12.59 -4.64
C GLU B 444 -45.99 -13.63 -3.63
N CYS B 445 -47.18 -13.43 -3.09
CA CYS B 445 -47.84 -14.41 -2.24
C CYS B 445 -49.34 -14.13 -2.30
N ASP B 446 -50.13 -15.05 -1.77
CA ASP B 446 -51.58 -14.91 -1.75
C ASP B 446 -52.11 -15.13 -0.35
N ILE B 447 -53.32 -14.63 -0.11
CA ILE B 447 -53.90 -14.67 1.23
C ILE B 447 -54.14 -16.11 1.68
N GLU B 448 -54.40 -17.02 0.73
CA GLU B 448 -54.65 -18.40 1.11
C GLU B 448 -53.37 -19.11 1.55
N THR B 449 -52.25 -18.80 0.90
CA THR B 449 -50.98 -19.37 1.33
C THR B 449 -50.60 -18.89 2.74
N ALA B 450 -50.77 -17.59 3.00
CA ALA B 450 -50.46 -17.07 4.33
C ALA B 450 -51.41 -17.63 5.37
N THR B 451 -52.69 -17.83 5.02
CA THR B 451 -53.62 -18.45 5.95
C THR B 451 -53.30 -19.92 6.16
N GLN B 452 -52.87 -20.61 5.09
CA GLN B 452 -52.53 -22.02 5.21
C GLN B 452 -51.36 -22.21 6.17
N MET B 453 -50.39 -21.30 6.15
CA MET B 453 -49.25 -21.39 7.05
C MET B 453 -49.67 -21.27 8.51
N VAL B 454 -50.58 -20.33 8.79
CA VAL B 454 -51.00 -20.10 10.17
C VAL B 454 -51.69 -21.34 10.73
N ASN B 455 -52.66 -21.88 10.00
CA ASN B 455 -53.44 -23.01 10.49
C ASN B 455 -52.62 -24.30 10.46
N GLU B 456 -51.75 -24.46 9.47
CA GLU B 456 -50.93 -25.68 9.42
C GLU B 456 -49.92 -25.71 10.55
N TYR B 457 -49.37 -24.54 10.92
CA TYR B 457 -48.43 -24.52 12.04
C TYR B 457 -49.13 -24.82 13.36
N ARG B 458 -50.36 -24.35 13.54
CA ARG B 458 -51.10 -24.66 14.75
C ARG B 458 -51.38 -26.16 14.84
N ASP B 459 -51.64 -26.81 13.70
CA ASP B 459 -51.86 -28.25 13.70
C ASP B 459 -50.58 -28.99 14.07
N ALA B 460 -49.43 -28.50 13.60
CA ALA B 460 -48.17 -29.16 13.92
C ALA B 460 -47.86 -29.08 15.41
N LEU B 461 -48.21 -27.95 16.05
CA LEU B 461 -48.05 -27.85 17.50
C LEU B 461 -49.00 -28.81 18.22
N ASP B 462 -50.20 -29.01 17.68
CA ASP B 462 -51.11 -29.99 18.26
C ASP B 462 -50.54 -31.40 18.13
N HIS B 463 -49.89 -31.69 17.01
CA HIS B 463 -49.28 -33.01 16.83
C HIS B 463 -48.11 -33.22 17.79
N GLY B 464 -47.40 -32.15 18.15
CA GLY B 464 -46.39 -32.19 19.18
C GLY B 464 -45.01 -32.64 18.75
N GLU B 465 -44.80 -32.99 17.49
CA GLU B 465 -43.48 -33.41 17.02
C GLU B 465 -42.67 -32.22 16.51
N VAL B 466 -41.40 -32.48 16.19
CA VAL B 466 -40.48 -31.42 15.81
C VAL B 466 -41.04 -30.66 14.61
N VAL B 467 -40.99 -29.32 14.69
CA VAL B 467 -41.53 -28.45 13.66
C VAL B 467 -40.45 -27.76 12.85
N VAL B 468 -39.19 -28.11 13.08
CA VAL B 468 -38.08 -27.55 12.32
C VAL B 468 -37.77 -28.51 11.18
N LYS B 469 -38.07 -28.09 9.94
CA LYS B 469 -37.95 -28.99 8.81
C LYS B 469 -36.50 -29.35 8.50
N GLU B 470 -35.56 -28.47 8.82
CA GLU B 470 -34.14 -28.71 8.57
C GLU B 470 -33.44 -29.38 9.75
N TRP B 471 -34.15 -29.64 10.85
CA TRP B 471 -33.56 -30.36 11.96
C TRP B 471 -33.15 -31.76 11.54
N ARG B 472 -32.00 -32.21 12.03
CA ARG B 472 -31.51 -33.56 11.79
C ARG B 472 -30.96 -34.11 13.10
N PRO B 473 -31.05 -35.43 13.30
CA PRO B 473 -30.37 -36.04 14.45
C PRO B 473 -28.86 -35.86 14.34
N MET B 474 -28.22 -35.68 15.49
CA MET B 474 -26.76 -35.54 15.50
C MET B 474 -26.11 -36.84 15.06
N ALA B 475 -25.06 -36.71 14.26
CA ALA B 475 -24.34 -37.87 13.74
C ALA B 475 -23.32 -38.39 14.75
N TYR B 484 -18.51 -41.19 30.73
CA TYR B 484 -18.88 -40.47 31.94
C TYR B 484 -17.64 -39.88 32.61
N LEU B 485 -17.73 -38.63 33.05
CA LEU B 485 -16.65 -37.96 33.74
C LEU B 485 -17.03 -37.61 35.18
N GLY B 486 -18.08 -38.24 35.71
CA GLY B 486 -18.61 -37.94 37.02
C GLY B 486 -18.31 -38.92 38.15
N HIS B 487 -17.30 -39.76 38.01
CA HIS B 487 -17.00 -40.73 39.07
C HIS B 487 -16.60 -40.00 40.36
N GLU B 488 -16.74 -40.70 41.48
CA GLU B 488 -16.49 -40.10 42.78
C GLU B 488 -15.02 -39.74 42.94
N TRP B 489 -14.77 -38.75 43.82
CA TRP B 489 -13.43 -38.16 43.93
C TRP B 489 -12.38 -39.17 44.38
N ASP B 490 -12.77 -40.19 45.14
CA ASP B 490 -11.82 -41.15 45.68
C ASP B 490 -11.57 -42.33 44.73
N THR B 491 -11.97 -42.20 43.47
CA THR B 491 -11.68 -43.23 42.49
C THR B 491 -10.16 -43.40 42.33
N PRO B 492 -9.66 -44.63 42.31
CA PRO B 492 -8.22 -44.84 42.08
C PRO B 492 -7.80 -44.36 40.69
N TRP B 493 -6.56 -43.91 40.60
CA TRP B 493 -6.04 -43.33 39.37
C TRP B 493 -4.54 -43.58 39.32
N SER B 494 -3.97 -43.44 38.12
CA SER B 494 -2.58 -43.78 37.85
C SER B 494 -1.70 -42.63 38.32
N ASN B 495 -1.26 -42.71 39.57
CA ASN B 495 -0.45 -41.66 40.19
C ASN B 495 1.03 -41.80 39.91
N THR B 496 1.52 -43.00 39.62
CA THR B 496 2.95 -43.22 39.47
C THR B 496 3.42 -42.81 38.07
N TYR B 497 4.70 -42.50 37.98
CA TYR B 497 5.35 -42.16 36.73
C TYR B 497 6.77 -42.70 36.77
N ASP B 498 7.27 -43.12 35.60
CA ASP B 498 8.62 -43.64 35.53
C ASP B 498 9.62 -42.58 35.96
N LYS B 499 10.40 -42.89 36.99
CA LYS B 499 11.32 -41.89 37.54
C LYS B 499 12.37 -41.48 36.52
N GLN B 500 12.82 -42.43 35.69
CA GLN B 500 13.77 -42.10 34.65
C GLN B 500 13.11 -41.23 33.58
N ARG B 501 11.83 -41.48 33.30
CA ARG B 501 11.07 -40.63 32.38
C ARG B 501 10.94 -39.23 32.93
N LEU B 502 10.69 -39.10 34.24
CA LEU B 502 10.52 -37.79 34.86
C LEU B 502 11.83 -37.00 34.81
N VAL B 503 12.97 -37.68 34.95
CA VAL B 503 14.26 -36.98 34.87
C VAL B 503 14.52 -36.52 33.44
N GLU B 504 14.15 -37.35 32.46
CA GLU B 504 14.33 -36.96 31.07
C GLU B 504 13.43 -35.78 30.71
N LEU B 505 12.22 -35.72 31.28
CA LEU B 505 11.36 -34.57 31.05
C LEU B 505 11.96 -33.31 31.67
N GLY B 506 12.54 -33.42 32.86
CA GLY B 506 13.12 -32.25 33.50
C GLY B 506 14.33 -31.72 32.77
N LYS B 507 15.16 -32.62 32.23
CA LYS B 507 16.32 -32.17 31.47
C LYS B 507 15.90 -31.46 30.19
N ARG B 508 14.83 -31.92 29.55
CA ARG B 508 14.33 -31.21 28.37
C ARG B 508 13.74 -29.85 28.74
N LEU B 509 13.13 -29.74 29.93
CA LEU B 509 12.60 -28.46 30.38
C LEU B 509 13.71 -27.44 30.60
N CYS B 510 14.89 -27.91 30.99
CA CYS B 510 16.03 -27.02 31.24
C CYS B 510 16.80 -26.68 29.98
N GLN B 511 16.46 -27.30 28.85
CA GLN B 511 17.10 -26.97 27.59
C GLN B 511 16.45 -25.74 26.97
N TYR B 512 17.29 -24.95 26.30
CA TYR B 512 16.87 -23.80 25.52
C TYR B 512 17.99 -23.48 24.55
N PRO B 513 17.70 -22.78 23.44
CA PRO B 513 18.78 -22.54 22.46
C PRO B 513 19.90 -21.76 23.10
N GLU B 514 21.13 -22.13 22.74
CA GLU B 514 22.30 -21.51 23.37
C GLU B 514 22.39 -20.03 23.00
N SER B 515 21.86 -19.65 21.85
CA SER B 515 21.80 -18.26 21.42
C SER B 515 20.67 -17.49 22.09
N HIS B 516 19.77 -18.16 22.80
CA HIS B 516 18.61 -17.54 23.42
C HIS B 516 19.03 -17.01 24.79
N THR B 517 19.70 -15.86 24.78
CA THR B 517 20.24 -15.31 26.00
C THR B 517 19.12 -15.02 26.99
N LEU B 518 19.29 -15.51 28.22
CA LEU B 518 18.34 -15.30 29.30
C LEU B 518 18.86 -14.24 30.25
N HIS B 519 17.93 -13.58 30.94
CA HIS B 519 18.32 -12.71 32.04
C HIS B 519 18.97 -13.54 33.13
N SER B 520 19.98 -12.96 33.79
CA SER B 520 20.82 -13.74 34.69
C SER B 520 20.02 -14.34 35.85
N ARG B 521 18.97 -13.65 36.31
CA ARG B 521 18.13 -14.22 37.35
C ARG B 521 17.33 -15.40 36.84
N VAL B 522 17.01 -15.42 35.54
CA VAL B 522 16.31 -16.56 34.96
C VAL B 522 17.29 -17.71 34.70
N SER B 523 18.52 -17.38 34.28
CA SER B 523 19.54 -18.40 34.14
C SER B 523 19.87 -19.06 35.46
N LYS B 524 19.84 -18.28 36.55
CA LYS B 524 20.11 -18.84 37.87
C LYS B 524 19.04 -19.86 38.25
N LEU B 525 17.76 -19.49 38.06
CA LEU B 525 16.68 -20.40 38.43
C LEU B 525 16.70 -21.64 37.55
N TYR B 526 17.01 -21.49 36.26
CA TYR B 526 17.09 -22.66 35.38
C TYR B 526 18.31 -23.51 35.68
N ASN B 527 19.40 -22.89 36.16
CA ASN B 527 20.53 -23.68 36.63
C ASN B 527 20.14 -24.49 37.87
N ASP B 528 19.30 -23.92 38.74
CA ASP B 528 18.80 -24.67 39.88
C ASP B 528 17.98 -25.86 39.44
N ARG B 529 17.12 -25.67 38.43
CA ARG B 529 16.31 -26.77 37.93
C ARG B 529 17.16 -27.86 37.31
N THR B 530 18.29 -27.50 36.70
CA THR B 530 19.21 -28.52 36.19
C THR B 530 19.78 -29.35 37.33
N ALA B 531 20.16 -28.71 38.44
CA ALA B 531 20.64 -29.45 39.59
C ALA B 531 19.54 -30.29 40.22
N MET B 532 18.30 -29.82 40.16
CA MET B 532 17.19 -30.62 40.66
C MET B 532 16.97 -31.87 39.83
N THR B 533 17.21 -31.79 38.51
CA THR B 533 17.07 -32.96 37.66
C THR B 533 18.18 -33.96 37.86
N ASN B 534 19.32 -33.52 38.39
CA ASN B 534 20.48 -34.38 38.62
C ASN B 534 20.51 -34.94 40.03
N GLY B 535 19.48 -34.67 40.83
CA GLY B 535 19.38 -35.16 42.18
C GLY B 535 20.21 -34.42 43.21
N GLU B 536 20.88 -33.33 42.81
CA GLU B 536 21.70 -32.56 43.75
C GLU B 536 20.88 -31.60 44.61
N LYS B 537 19.62 -31.33 44.26
CA LYS B 537 18.77 -30.44 45.04
C LYS B 537 17.33 -30.96 45.03
N GLU B 538 16.66 -30.78 46.15
CA GLU B 538 15.24 -31.10 46.25
C GLU B 538 14.40 -30.13 45.42
N LEU B 539 13.26 -30.61 44.96
CA LEU B 539 12.40 -29.85 44.07
C LEU B 539 11.70 -28.73 44.82
N ASP B 540 11.62 -27.56 44.19
CA ASP B 540 10.81 -26.47 44.72
C ASP B 540 9.44 -26.48 44.05
N TRP B 541 8.55 -25.58 44.49
CA TRP B 541 7.19 -25.57 43.97
C TRP B 541 7.16 -25.37 42.45
N GLY B 542 8.00 -24.47 41.93
CA GLY B 542 7.96 -24.19 40.51
C GLY B 542 8.36 -25.37 39.65
N MET B 543 9.33 -26.16 40.12
CA MET B 543 9.80 -27.29 39.32
C MET B 543 8.78 -28.42 39.31
N ALA B 544 8.23 -28.75 40.48
CA ALA B 544 7.24 -29.82 40.53
C ALA B 544 5.97 -29.45 39.78
N GLU B 545 5.59 -28.17 39.81
CA GLU B 545 4.46 -27.73 39.00
C GLU B 545 4.76 -27.85 37.51
N THR B 546 6.00 -27.54 37.11
CA THR B 546 6.36 -27.64 35.70
C THR B 546 6.44 -29.10 35.26
N LEU B 547 7.00 -29.98 36.09
CA LEU B 547 7.04 -31.39 35.74
C LEU B 547 5.64 -31.98 35.66
N ALA B 548 4.71 -31.50 36.50
CA ALA B 548 3.34 -31.97 36.39
C ALA B 548 2.74 -31.64 35.02
N TYR B 549 3.01 -30.43 34.52
CA TYR B 549 2.60 -30.10 33.17
C TYR B 549 3.32 -30.96 32.14
N ALA B 550 4.59 -31.29 32.40
CA ALA B 550 5.37 -32.05 31.43
C ALA B 550 4.83 -33.45 31.23
N THR B 551 4.32 -34.08 32.31
CA THR B 551 3.79 -35.43 32.18
C THR B 551 2.47 -35.46 31.40
N LEU B 552 1.72 -34.37 31.43
CA LEU B 552 0.42 -34.37 30.75
C LEU B 552 0.56 -34.16 29.25
N VAL B 553 1.39 -33.20 28.83
CA VAL B 553 1.66 -33.06 27.41
C VAL B 553 2.48 -34.24 26.91
N ASP B 554 3.26 -34.88 27.79
CA ASP B 554 3.98 -36.09 27.39
C ASP B 554 3.03 -37.21 27.00
N ASP B 555 1.85 -37.26 27.62
CA ASP B 555 0.82 -38.24 27.31
C ASP B 555 -0.13 -37.74 26.22
N GLY B 556 0.16 -36.59 25.61
CA GLY B 556 -0.68 -36.03 24.57
C GLY B 556 -1.85 -35.22 25.04
N LYS B 557 -1.99 -34.99 26.36
CA LYS B 557 -3.09 -34.19 26.86
C LYS B 557 -2.81 -32.70 26.63
N ARG B 558 -3.89 -31.96 26.39
CA ARG B 558 -3.79 -30.51 26.22
C ARG B 558 -3.62 -29.83 27.57
N ILE B 559 -2.91 -28.71 27.58
CA ILE B 559 -2.80 -27.84 28.75
C ILE B 559 -3.01 -26.41 28.27
N ARG B 560 -4.01 -25.74 28.83
CA ARG B 560 -4.24 -24.32 28.57
C ARG B 560 -4.26 -23.59 29.90
N ILE B 561 -3.34 -22.64 30.06
CA ILE B 561 -3.26 -21.80 31.25
C ILE B 561 -3.46 -20.35 30.82
N SER B 562 -4.28 -19.62 31.57
CA SER B 562 -4.43 -18.19 31.38
C SER B 562 -4.52 -17.51 32.73
N GLY B 563 -4.13 -16.25 32.76
CA GLY B 563 -4.10 -15.48 33.98
C GLY B 563 -3.11 -14.36 33.88
N GLN B 564 -3.28 -13.38 34.76
CA GLN B 564 -2.46 -12.18 34.72
C GLN B 564 -1.01 -12.53 35.08
N ASP B 565 -0.09 -12.29 34.13
CA ASP B 565 1.33 -12.52 34.31
C ASP B 565 1.65 -13.99 34.58
N SER B 566 0.81 -14.89 34.07
CA SER B 566 0.98 -16.31 34.33
C SER B 566 2.17 -16.92 33.61
N GLY B 567 2.64 -16.30 32.52
CA GLY B 567 3.79 -16.86 31.82
C GLY B 567 5.03 -16.91 32.68
N ARG B 568 5.36 -15.80 33.33
CA ARG B 568 6.45 -15.74 34.29
C ARG B 568 6.01 -16.18 35.69
N GLY B 569 4.79 -15.83 36.06
CA GLY B 569 4.33 -16.00 37.42
C GLY B 569 4.41 -14.68 38.18
N THR B 570 3.35 -14.33 38.90
CA THR B 570 3.36 -13.09 39.67
C THR B 570 4.50 -13.09 40.68
N PHE B 571 4.85 -14.26 41.20
CA PHE B 571 5.86 -14.41 42.25
C PHE B 571 7.17 -14.97 41.71
N PHE B 572 7.42 -14.83 40.40
CA PHE B 572 8.72 -15.11 39.79
C PHE B 572 9.11 -16.59 39.90
N HIS B 573 8.12 -17.48 39.95
CA HIS B 573 8.40 -18.89 40.20
C HIS B 573 8.23 -19.81 38.98
N ARG B 574 7.45 -19.39 37.98
CA ARG B 574 7.09 -20.32 36.90
C ARG B 574 8.04 -20.21 35.70
N HIS B 575 8.10 -19.04 35.09
CA HIS B 575 8.96 -18.78 33.93
C HIS B 575 8.75 -19.81 32.82
N ALA B 576 7.47 -20.04 32.49
CA ALA B 576 7.14 -20.94 31.39
C ALA B 576 7.59 -20.39 30.04
N VAL B 577 7.73 -19.07 29.92
CA VAL B 577 8.14 -18.42 28.69
C VAL B 577 9.48 -17.75 28.92
N LEU B 578 10.48 -18.13 28.14
CA LEU B 578 11.82 -17.56 28.24
C LEU B 578 11.95 -16.43 27.22
N HIS B 579 12.24 -15.22 27.71
CA HIS B 579 12.33 -14.04 26.85
C HIS B 579 13.80 -13.78 26.53
N ASN B 580 14.11 -13.73 25.23
CA ASN B 580 15.47 -13.45 24.81
C ASN B 580 15.86 -12.04 25.21
N GLN B 581 17.09 -11.87 25.70
CA GLN B 581 17.57 -10.55 26.08
C GLN B 581 18.09 -9.73 24.90
N ASN B 582 18.42 -10.38 23.78
CA ASN B 582 18.96 -9.66 22.63
C ASN B 582 17.83 -9.09 21.78
N ASP B 583 17.07 -9.94 21.11
CA ASP B 583 15.79 -9.55 20.55
C ASP B 583 14.72 -9.73 21.65
N ALA B 584 13.45 -9.69 21.27
CA ALA B 584 12.37 -9.95 22.22
C ALA B 584 11.69 -11.30 21.97
N SER B 585 12.37 -12.21 21.27
CA SER B 585 11.79 -13.50 20.94
C SER B 585 11.62 -14.36 22.18
N THR B 586 10.64 -15.27 22.12
CA THR B 586 10.28 -16.13 23.24
C THR B 586 10.58 -17.59 22.91
N TYR B 587 10.76 -18.38 23.97
CA TYR B 587 10.90 -19.82 23.85
C TYR B 587 10.19 -20.47 25.02
N VAL B 588 9.45 -21.53 24.73
CA VAL B 588 8.59 -22.20 25.71
C VAL B 588 9.02 -23.65 25.82
N PRO B 589 9.78 -24.00 26.85
CA PRO B 589 10.24 -25.39 27.00
C PRO B 589 9.13 -26.42 27.07
N LEU B 590 7.99 -26.09 27.70
CA LEU B 590 6.90 -27.04 27.80
C LEU B 590 6.24 -27.32 26.46
N ALA B 591 6.43 -26.45 25.47
CA ALA B 591 5.95 -26.68 24.12
C ALA B 591 6.95 -27.47 23.28
N ASN B 592 8.07 -27.91 23.86
CA ASN B 592 9.14 -28.58 23.13
C ASN B 592 9.56 -29.88 23.79
N ILE B 593 8.62 -30.59 24.41
CA ILE B 593 8.96 -31.88 25.04
C ILE B 593 9.30 -32.91 23.97
N HIS B 594 8.36 -33.17 23.05
CA HIS B 594 8.61 -34.08 21.93
C HIS B 594 7.56 -33.83 20.85
N ASP B 595 7.84 -34.36 19.66
CA ASP B 595 7.03 -34.07 18.48
C ASP B 595 5.59 -34.55 18.61
N LYS B 596 5.34 -35.59 19.39
CA LYS B 596 3.99 -36.12 19.58
C LYS B 596 3.29 -35.59 20.82
N GLN B 597 3.83 -34.54 21.45
CA GLN B 597 3.26 -34.04 22.69
C GLN B 597 1.92 -33.35 22.45
N GLY B 598 1.09 -33.33 23.49
CA GLY B 598 -0.11 -32.54 23.50
C GLY B 598 0.21 -31.06 23.52
N PRO B 599 -0.69 -30.23 22.99
CA PRO B 599 -0.42 -28.79 22.94
C PRO B 599 -0.29 -28.19 24.33
N PHE B 600 0.61 -27.20 24.44
CA PHE B 600 0.76 -26.43 25.67
C PHE B 600 0.64 -24.95 25.32
N GLU B 601 -0.13 -24.23 26.13
CA GLU B 601 -0.25 -22.79 25.98
C GLU B 601 -0.42 -22.17 27.36
N VAL B 602 0.31 -21.09 27.60
CA VAL B 602 0.09 -20.22 28.75
C VAL B 602 -0.01 -18.79 28.23
N PHE B 603 -1.12 -18.12 28.53
CA PHE B 603 -1.36 -16.77 28.03
C PHE B 603 -1.31 -15.79 29.19
N ASP B 604 -0.61 -14.68 28.99
CA ASP B 604 -0.74 -13.53 29.88
C ASP B 604 -2.09 -12.88 29.60
N SER B 605 -3.03 -13.07 30.52
CA SER B 605 -4.41 -12.68 30.28
C SER B 605 -4.59 -11.16 30.39
N VAL B 606 -5.70 -10.69 29.81
CA VAL B 606 -6.08 -9.30 29.94
C VAL B 606 -6.39 -9.00 31.42
N LEU B 607 -6.36 -7.71 31.75
CA LEU B 607 -6.62 -7.31 33.12
C LEU B 607 -8.12 -7.45 33.40
N SER B 608 -8.61 -8.69 33.42
CA SER B 608 -10.00 -8.97 33.71
C SER B 608 -10.08 -10.28 34.49
N GLU B 609 -11.09 -10.38 35.34
CA GLU B 609 -11.39 -11.62 36.06
C GLU B 609 -12.72 -12.21 35.66
N GLU B 610 -13.76 -11.39 35.55
CA GLU B 610 -15.10 -11.89 35.26
C GLU B 610 -15.17 -12.57 33.90
N ALA B 611 -14.80 -11.84 32.83
CA ALA B 611 -14.92 -12.41 31.50
C ALA B 611 -13.89 -13.52 31.26
N VAL B 612 -12.71 -13.43 31.88
CA VAL B 612 -11.69 -14.43 31.64
C VAL B 612 -12.04 -15.75 32.31
N LEU B 613 -12.48 -15.69 33.57
CA LEU B 613 -12.88 -16.92 34.26
C LEU B 613 -14.14 -17.52 33.63
N ALA B 614 -15.04 -16.68 33.11
CA ALA B 614 -16.16 -17.20 32.35
C ALA B 614 -15.71 -17.85 31.06
N PHE B 615 -14.65 -17.31 30.44
CA PHE B 615 -14.12 -17.89 29.22
C PHE B 615 -13.52 -19.26 29.48
N GLU B 616 -12.71 -19.37 30.53
CA GLU B 616 -12.06 -20.65 30.82
C GLU B 616 -13.05 -21.69 31.32
N TYR B 617 -14.14 -21.28 31.98
CA TYR B 617 -15.19 -22.23 32.31
C TYR B 617 -15.83 -22.80 31.05
N GLY B 618 -16.02 -21.97 30.03
CA GLY B 618 -16.55 -22.46 28.78
C GLY B 618 -15.57 -23.35 28.04
N TYR B 619 -14.28 -23.03 28.14
CA TYR B 619 -13.26 -23.85 27.49
C TYR B 619 -13.18 -25.23 28.14
N ALA B 620 -13.14 -25.27 29.47
CA ALA B 620 -12.99 -26.55 30.18
C ALA B 620 -14.23 -27.41 30.01
N THR B 621 -15.41 -26.80 30.00
CA THR B 621 -16.65 -27.58 29.82
C THR B 621 -16.75 -28.15 28.42
N ALA B 622 -16.26 -27.42 27.42
CA ALA B 622 -16.34 -27.89 26.04
C ALA B 622 -15.29 -28.96 25.73
N GLU B 623 -14.11 -28.87 26.34
CA GLU B 623 -13.02 -29.81 26.09
C GLU B 623 -12.45 -30.30 27.41
N PRO B 624 -13.13 -31.24 28.07
CA PRO B 624 -12.70 -31.67 29.41
C PRO B 624 -11.46 -32.54 29.45
N SER B 625 -10.96 -33.03 28.30
CA SER B 625 -9.91 -34.05 28.34
C SER B 625 -8.62 -33.51 28.94
N GLY B 626 -8.26 -32.27 28.63
CA GLY B 626 -7.01 -31.69 29.07
C GLY B 626 -7.12 -30.97 30.40
N LEU B 627 -6.07 -30.22 30.72
CA LEU B 627 -6.05 -29.35 31.89
C LEU B 627 -6.36 -27.93 31.43
N THR B 628 -7.34 -27.30 32.07
CA THR B 628 -7.70 -25.91 31.81
C THR B 628 -7.61 -25.18 33.15
N LEU B 629 -6.66 -24.26 33.27
CA LEU B 629 -6.33 -23.65 34.55
C LEU B 629 -6.37 -22.13 34.42
N TRP B 630 -7.04 -21.48 35.36
CA TRP B 630 -7.04 -20.02 35.47
C TRP B 630 -6.35 -19.63 36.77
N GLU B 631 -5.43 -18.68 36.68
CA GLU B 631 -4.66 -18.22 37.83
C GLU B 631 -5.00 -16.77 38.12
N ALA B 632 -5.58 -16.52 39.30
CA ALA B 632 -5.69 -15.15 39.78
C ALA B 632 -4.32 -14.64 40.18
N GLN B 633 -4.11 -13.33 40.02
CA GLN B 633 -2.86 -12.74 40.47
C GLN B 633 -2.72 -12.87 41.98
N PHE B 634 -3.77 -12.48 42.70
CA PHE B 634 -3.98 -12.89 44.08
C PHE B 634 -5.40 -13.43 44.17
N GLY B 635 -5.61 -14.38 45.09
CA GLY B 635 -6.95 -14.92 45.26
C GLY B 635 -7.96 -13.90 45.72
N ASP B 636 -7.49 -12.80 46.33
CA ASP B 636 -8.38 -11.74 46.78
C ASP B 636 -9.15 -11.11 45.63
N PHE B 637 -8.60 -11.16 44.42
CA PHE B 637 -9.20 -10.50 43.27
C PHE B 637 -10.21 -11.38 42.54
N ALA B 638 -10.34 -12.65 42.90
CA ALA B 638 -11.25 -13.55 42.21
C ALA B 638 -12.71 -13.19 42.46
N ASN B 639 -13.00 -12.39 43.49
CA ASN B 639 -14.37 -11.99 43.78
C ASN B 639 -14.96 -11.09 42.70
N GLY B 640 -14.13 -10.52 41.83
CA GLY B 640 -14.65 -9.81 40.68
C GLY B 640 -15.30 -10.73 39.65
N ALA B 641 -15.04 -12.02 39.73
CA ALA B 641 -15.71 -13.02 38.92
C ALA B 641 -16.67 -13.87 39.75
N GLN B 642 -17.28 -13.27 40.78
CA GLN B 642 -18.12 -14.03 41.70
C GLN B 642 -19.33 -14.64 41.01
N VAL B 643 -19.84 -13.98 39.96
CA VAL B 643 -21.01 -14.52 39.27
C VAL B 643 -20.66 -15.82 38.55
N VAL B 644 -19.47 -15.90 37.96
CA VAL B 644 -19.04 -17.15 37.34
C VAL B 644 -18.87 -18.24 38.40
N ILE B 645 -18.39 -17.85 39.58
CA ILE B 645 -18.19 -18.83 40.65
C ILE B 645 -19.54 -19.31 41.19
N ASP B 646 -20.48 -18.40 41.40
CA ASP B 646 -21.74 -18.76 42.02
C ASP B 646 -22.68 -19.46 41.04
N GLN B 647 -22.79 -18.95 39.82
CA GLN B 647 -23.81 -19.40 38.88
C GLN B 647 -23.34 -20.43 37.87
N PHE B 648 -22.02 -20.64 37.73
CA PHE B 648 -21.51 -21.62 36.78
C PHE B 648 -20.68 -22.69 37.47
N ILE B 649 -19.56 -22.32 38.08
CA ILE B 649 -18.58 -23.29 38.57
C ILE B 649 -19.18 -24.16 39.67
N SER B 650 -19.79 -23.52 40.67
CA SER B 650 -20.27 -24.25 41.84
C SER B 650 -21.61 -24.93 41.63
N SER B 651 -22.38 -24.55 40.61
CA SER B 651 -23.76 -25.00 40.49
C SER B 651 -24.13 -25.57 39.14
N GLY B 652 -23.23 -25.57 38.17
CA GLY B 652 -23.60 -25.98 36.82
C GLY B 652 -23.97 -27.45 36.70
N GLU B 653 -23.38 -28.31 37.55
CA GLU B 653 -23.71 -29.73 37.49
C GLU B 653 -25.11 -30.00 37.99
N GLN B 654 -25.46 -29.47 39.17
CA GLN B 654 -26.79 -29.69 39.71
C GLN B 654 -27.86 -29.03 38.86
N LYS B 655 -27.57 -27.88 38.27
CA LYS B 655 -28.58 -27.11 37.54
C LYS B 655 -28.73 -27.57 36.09
N TRP B 656 -27.63 -27.93 35.43
CA TRP B 656 -27.68 -28.24 34.00
C TRP B 656 -27.00 -29.55 33.64
N ALA B 657 -26.54 -30.33 34.61
CA ALA B 657 -25.84 -31.59 34.37
C ALA B 657 -24.56 -31.40 33.56
N ARG B 658 -23.94 -30.23 33.69
CA ARG B 658 -22.70 -29.93 32.99
C ARG B 658 -21.51 -30.20 33.91
N LEU B 659 -20.58 -31.03 33.45
CA LEU B 659 -19.33 -31.26 34.16
C LEU B 659 -18.27 -30.27 33.68
N CYS B 660 -17.47 -29.79 34.63
CA CYS B 660 -16.43 -28.81 34.31
C CYS B 660 -15.23 -29.07 35.21
N GLY B 661 -14.09 -29.39 34.61
CA GLY B 661 -12.89 -29.72 35.34
C GLY B 661 -11.92 -28.57 35.49
N LEU B 662 -12.43 -27.34 35.34
CA LEU B 662 -11.57 -26.16 35.42
C LEU B 662 -10.83 -26.11 36.75
N THR B 663 -9.54 -25.80 36.68
CA THR B 663 -8.71 -25.59 37.86
C THR B 663 -8.49 -24.10 38.08
N MET B 664 -8.63 -23.66 39.32
CA MET B 664 -8.44 -22.26 39.68
C MET B 664 -7.29 -22.17 40.69
N LEU B 665 -6.16 -21.59 40.25
CA LEU B 665 -5.07 -21.26 41.16
C LEU B 665 -5.33 -19.89 41.77
N LEU B 666 -5.53 -19.85 43.08
CA LEU B 666 -5.84 -18.62 43.79
C LEU B 666 -4.76 -18.39 44.85
N PRO B 667 -3.78 -17.52 44.61
CA PRO B 667 -2.73 -17.32 45.60
C PRO B 667 -3.32 -16.86 46.94
N HIS B 668 -2.79 -17.42 48.01
CA HIS B 668 -3.45 -17.34 49.31
C HIS B 668 -2.40 -17.51 50.40
N GLY B 669 -2.50 -16.71 51.45
CA GLY B 669 -1.56 -16.81 52.54
C GLY B 669 -1.35 -15.49 53.28
N TYR B 670 -1.32 -15.56 54.60
CA TYR B 670 -1.17 -14.37 55.44
C TYR B 670 0.32 -14.13 55.67
N GLU B 671 0.87 -13.12 54.98
CA GLU B 671 2.29 -12.81 55.06
C GLU B 671 2.55 -11.34 55.40
N GLY B 672 1.53 -10.61 55.86
CA GLY B 672 1.70 -9.23 56.23
C GLY B 672 1.60 -8.21 55.12
N GLN B 673 0.98 -8.57 54.00
CA GLN B 673 0.89 -7.69 52.84
C GLN B 673 -0.45 -6.98 52.72
N GLY B 674 -1.34 -7.11 53.72
CA GLY B 674 -2.55 -6.32 53.77
C GLY B 674 -3.80 -7.06 53.34
N PRO B 675 -4.95 -6.37 53.48
CA PRO B 675 -6.24 -7.04 53.26
C PRO B 675 -6.43 -7.66 51.88
N GLU B 676 -5.87 -7.08 50.83
CA GLU B 676 -6.08 -7.56 49.47
C GLU B 676 -4.94 -8.43 48.94
N HIS B 677 -4.00 -8.83 49.80
CA HIS B 677 -2.92 -9.70 49.36
C HIS B 677 -2.68 -10.83 50.35
N SER B 678 -3.73 -11.29 51.01
CA SER B 678 -3.62 -12.31 52.04
C SER B 678 -4.64 -13.42 51.92
N SER B 679 -5.87 -13.11 51.51
CA SER B 679 -6.98 -14.04 51.61
C SER B 679 -7.67 -14.21 50.26
N ALA B 680 -7.74 -15.45 49.78
CA ALA B 680 -8.57 -15.82 48.66
C ALA B 680 -10.01 -16.08 49.05
N ARG B 681 -10.34 -15.81 50.32
CA ARG B 681 -11.68 -16.02 50.88
C ARG B 681 -12.07 -17.50 50.78
N LEU B 682 -11.24 -18.32 51.43
CA LEU B 682 -11.47 -19.77 51.47
C LEU B 682 -12.82 -20.11 52.08
N GLU B 683 -13.28 -19.29 53.02
CA GLU B 683 -14.57 -19.55 53.67
C GLU B 683 -15.73 -19.49 52.68
N ARG B 684 -15.63 -18.61 51.67
CA ARG B 684 -16.71 -18.50 50.69
C ARG B 684 -16.79 -19.75 49.83
N TYR B 685 -15.65 -20.27 49.38
CA TYR B 685 -15.65 -21.48 48.56
C TYR B 685 -16.15 -22.67 49.36
N LEU B 686 -15.77 -22.77 50.63
CA LEU B 686 -16.27 -23.85 51.47
C LEU B 686 -17.78 -23.73 51.71
N GLN B 687 -18.29 -22.50 51.80
CA GLN B 687 -19.72 -22.31 51.92
C GLN B 687 -20.45 -22.79 50.66
N LEU B 688 -19.82 -22.62 49.50
CA LEU B 688 -20.44 -23.06 48.25
C LEU B 688 -20.41 -24.57 48.07
N CYS B 689 -19.54 -25.27 48.79
CA CYS B 689 -19.42 -26.71 48.61
C CYS B 689 -20.68 -27.42 49.13
N ALA B 690 -21.17 -28.37 48.33
CA ALA B 690 -22.30 -29.22 48.68
C ALA B 690 -22.55 -30.20 47.54
N GLU B 691 -23.04 -31.40 47.86
CA GLU B 691 -23.40 -32.39 46.83
C GLU B 691 -22.22 -32.69 45.91
N GLN B 692 -21.02 -32.74 46.49
CA GLN B 692 -19.80 -33.10 45.77
C GLN B 692 -19.52 -32.17 44.58
N ASN B 693 -19.98 -30.92 44.66
CA ASN B 693 -19.92 -30.03 43.50
C ASN B 693 -18.48 -29.64 43.15
N MET B 694 -17.64 -29.40 44.15
CA MET B 694 -16.32 -28.83 43.91
C MET B 694 -15.28 -29.52 44.78
N GLN B 695 -14.01 -29.29 44.44
CA GLN B 695 -12.88 -29.70 45.25
C GLN B 695 -12.18 -28.46 45.78
N VAL B 696 -11.99 -28.41 47.09
CA VAL B 696 -11.23 -27.34 47.74
C VAL B 696 -9.97 -27.94 48.32
N VAL B 697 -8.81 -27.50 47.84
CA VAL B 697 -7.53 -28.09 48.19
C VAL B 697 -6.58 -26.98 48.61
N VAL B 698 -5.75 -27.25 49.60
CA VAL B 698 -4.73 -26.33 50.08
C VAL B 698 -3.40 -27.06 50.10
N PRO B 699 -2.73 -27.23 48.95
CA PRO B 699 -1.46 -27.97 48.94
C PRO B 699 -0.39 -27.27 49.75
N SER B 700 0.49 -28.07 50.36
CA SER B 700 1.54 -27.56 51.22
C SER B 700 2.94 -27.99 50.82
N THR B 701 3.09 -28.90 49.86
CA THR B 701 4.41 -29.35 49.42
C THR B 701 4.48 -29.33 47.91
N PRO B 702 5.68 -29.18 47.34
CA PRO B 702 5.80 -29.26 45.87
C PRO B 702 5.29 -30.58 45.30
N ALA B 703 5.48 -31.68 46.01
CA ALA B 703 4.95 -32.95 45.53
C ALA B 703 3.42 -32.96 45.54
N GLN B 704 2.80 -32.28 46.52
CA GLN B 704 1.35 -32.29 46.59
C GLN B 704 0.71 -31.56 45.42
N VAL B 705 1.30 -30.44 45.00
CA VAL B 705 0.73 -29.73 43.86
C VAL B 705 0.98 -30.50 42.57
N TYR B 706 2.05 -31.29 42.50
CA TYR B 706 2.31 -32.09 41.31
C TYR B 706 1.26 -33.18 41.17
N HIS B 707 1.00 -33.93 42.24
CA HIS B 707 -0.03 -34.95 42.20
C HIS B 707 -1.43 -34.35 42.09
N MET B 708 -1.65 -33.20 42.67
CA MET B 708 -2.94 -32.58 42.58
C MET B 708 -3.26 -32.22 41.14
N ILE B 709 -2.31 -31.68 40.45
CA ILE B 709 -2.48 -31.32 39.09
C ILE B 709 -2.70 -32.52 38.20
N ARG B 710 -1.92 -33.55 38.39
CA ARG B 710 -2.05 -34.75 37.62
C ARG B 710 -3.38 -35.40 37.87
N ARG B 711 -3.81 -35.42 39.10
CA ARG B 711 -5.07 -36.07 39.44
C ARG B 711 -6.24 -35.42 38.71
N GLN B 712 -6.15 -34.11 38.44
CA GLN B 712 -7.26 -33.43 37.80
C GLN B 712 -7.47 -33.89 36.36
N VAL B 713 -6.44 -34.46 35.74
CA VAL B 713 -6.55 -35.01 34.39
C VAL B 713 -6.58 -36.53 34.40
N VAL B 714 -5.66 -37.16 35.15
CA VAL B 714 -5.53 -38.61 35.09
C VAL B 714 -6.73 -39.30 35.72
N ARG B 715 -7.22 -38.79 36.84
CA ARG B 715 -8.43 -39.34 37.43
C ARG B 715 -9.63 -39.01 36.54
N PRO B 716 -10.51 -39.99 36.30
CA PRO B 716 -11.66 -39.75 35.41
C PRO B 716 -12.81 -39.02 36.09
N MET B 717 -12.51 -37.85 36.64
CA MET B 717 -13.54 -36.97 37.18
C MET B 717 -13.26 -35.55 36.71
N ARG B 718 -14.33 -34.80 36.40
CA ARG B 718 -14.24 -33.42 35.92
C ARG B 718 -15.20 -32.58 36.75
N ARG B 719 -14.75 -32.20 37.94
CA ARG B 719 -15.42 -31.24 38.81
C ARG B 719 -14.42 -30.18 39.19
N PRO B 720 -14.88 -28.96 39.48
CA PRO B 720 -13.95 -27.84 39.65
C PRO B 720 -12.97 -28.07 40.80
N LEU B 721 -11.74 -27.64 40.59
CA LEU B 721 -10.66 -27.76 41.57
C LEU B 721 -10.29 -26.37 42.05
N ILE B 722 -10.65 -26.05 43.29
CA ILE B 722 -10.33 -24.77 43.90
C ILE B 722 -9.04 -24.94 44.70
N VAL B 723 -8.02 -24.15 44.36
CA VAL B 723 -6.69 -24.31 44.92
C VAL B 723 -6.29 -23.03 45.63
N MET B 724 -5.89 -23.16 46.89
CA MET B 724 -5.26 -22.06 47.63
C MET B 724 -3.76 -22.11 47.31
N SER B 725 -3.34 -21.30 46.35
CA SER B 725 -1.94 -21.32 45.92
C SER B 725 -1.05 -20.63 46.94
N PRO B 726 0.13 -21.15 47.21
CA PRO B 726 1.07 -20.52 48.14
C PRO B 726 1.79 -19.34 47.48
N LYS B 727 2.41 -18.53 48.35
CA LYS B 727 3.25 -17.42 47.90
C LYS B 727 4.65 -17.52 48.49
N SER B 728 4.81 -17.37 49.81
CA SER B 728 6.13 -17.54 50.41
C SER B 728 6.63 -18.99 50.33
N LEU B 729 5.70 -19.96 50.26
CA LEU B 729 6.11 -21.35 50.18
C LEU B 729 6.86 -21.67 48.88
N LEU B 730 6.71 -20.83 47.86
CA LEU B 730 7.45 -21.04 46.62
C LEU B 730 8.95 -20.95 46.85
N ARG B 731 9.38 -20.29 47.92
CA ARG B 731 10.79 -20.14 48.29
C ARG B 731 11.09 -20.64 49.70
N HIS B 732 10.15 -21.32 50.36
CA HIS B 732 10.41 -21.81 51.72
C HIS B 732 11.42 -22.94 51.68
N PRO B 733 12.51 -22.86 52.45
CA PRO B 733 13.52 -23.94 52.44
C PRO B 733 12.97 -25.31 52.84
N LEU B 734 11.97 -25.35 53.72
CA LEU B 734 11.38 -26.61 54.16
C LEU B 734 10.28 -27.11 53.25
N CYS B 735 9.89 -26.32 52.23
CA CYS B 735 8.83 -26.72 51.32
C CYS B 735 9.43 -27.27 50.02
N THR B 736 9.96 -28.48 50.14
CA THR B 736 10.68 -29.13 49.04
C THR B 736 10.28 -30.60 48.98
N SER B 737 10.52 -31.20 47.82
CA SER B 737 10.24 -32.62 47.60
C SER B 737 11.33 -33.23 46.73
N SER B 738 11.45 -34.55 46.81
CA SER B 738 12.39 -35.31 46.01
C SER B 738 11.73 -35.81 44.73
N LEU B 739 12.56 -36.24 43.78
CA LEU B 739 12.03 -36.81 42.55
C LEU B 739 11.19 -38.06 42.82
N ASP B 740 11.55 -38.84 43.85
CA ASP B 740 10.76 -40.04 44.17
C ASP B 740 9.37 -39.69 44.69
N ASP B 741 9.23 -38.54 45.36
CA ASP B 741 7.90 -38.13 45.83
C ASP B 741 6.97 -37.93 44.66
N LEU B 742 7.50 -37.48 43.52
CA LEU B 742 6.69 -37.34 42.32
C LEU B 742 6.45 -38.69 41.65
N ALA B 743 7.52 -39.47 41.46
CA ALA B 743 7.41 -40.69 40.67
C ALA B 743 6.59 -41.76 41.37
N ASN B 744 6.76 -41.92 42.70
CA ASN B 744 6.11 -43.01 43.41
C ASN B 744 5.12 -42.56 44.47
N GLY B 745 5.00 -41.27 44.71
CA GLY B 745 4.03 -40.76 45.66
C GLY B 745 2.64 -40.63 45.05
N THR B 746 1.74 -40.06 45.84
CA THR B 746 0.38 -39.80 45.38
C THR B 746 -0.14 -38.58 46.13
N PHE B 747 -1.22 -38.00 45.63
CA PHE B 747 -1.84 -36.89 46.33
C PHE B 747 -2.41 -37.40 47.65
N MET B 748 -2.00 -36.78 48.75
CA MET B 748 -2.49 -37.19 50.05
C MET B 748 -3.58 -36.23 50.49
N PRO B 749 -4.84 -36.67 50.61
CA PRO B 749 -5.87 -35.77 51.14
C PRO B 749 -5.55 -35.27 52.54
N ALA B 750 -4.86 -36.08 53.33
CA ALA B 750 -4.30 -35.66 54.60
C ALA B 750 -2.90 -36.22 54.74
N ILE B 751 -2.00 -35.44 55.34
CA ILE B 751 -0.61 -35.82 55.52
C ILE B 751 -0.37 -36.07 57.00
N PRO B 752 0.02 -37.28 57.40
CA PRO B 752 0.28 -37.55 58.82
C PRO B 752 1.54 -36.86 59.33
N GLU B 753 1.81 -36.99 60.63
CA GLU B 753 3.00 -36.38 61.23
C GLU B 753 4.25 -36.88 60.53
N ILE B 754 5.17 -35.96 60.22
CA ILE B 754 6.34 -36.32 59.43
C ILE B 754 7.56 -36.53 60.33
N ASP B 755 7.61 -35.86 61.47
CA ASP B 755 8.70 -36.07 62.39
C ASP B 755 8.48 -37.37 63.16
N GLU B 756 9.57 -38.00 63.57
CA GLU B 756 9.49 -39.26 64.30
C GLU B 756 9.19 -38.97 65.77
N LEU B 757 7.91 -39.00 66.11
CA LEU B 757 7.43 -38.79 67.46
C LEU B 757 7.01 -40.12 68.07
N ASP B 758 6.90 -40.14 69.39
CA ASP B 758 6.34 -41.29 70.07
C ASP B 758 4.83 -41.14 70.11
N PRO B 759 4.06 -42.04 69.47
CA PRO B 759 2.61 -41.85 69.41
C PRO B 759 1.95 -41.80 70.78
N ALA B 760 2.49 -42.53 71.75
CA ALA B 760 1.89 -42.57 73.08
C ALA B 760 2.10 -41.29 73.85
N LYS B 761 3.12 -40.50 73.51
CA LYS B 761 3.38 -39.25 74.21
C LYS B 761 2.57 -38.07 73.69
N VAL B 762 1.87 -38.22 72.57
CA VAL B 762 1.16 -37.09 71.97
C VAL B 762 -0.07 -36.77 72.80
N LYS B 763 -0.08 -35.58 73.41
CA LYS B 763 -1.22 -35.15 74.20
C LYS B 763 -2.20 -34.29 73.43
N ARG B 764 -1.82 -33.77 72.26
CA ARG B 764 -2.67 -32.90 71.49
C ARG B 764 -2.34 -33.06 70.01
N VAL B 765 -3.38 -33.03 69.17
CA VAL B 765 -3.23 -33.00 67.72
C VAL B 765 -3.68 -31.64 67.21
N VAL B 766 -2.84 -31.02 66.38
CA VAL B 766 -3.15 -29.76 65.72
C VAL B 766 -3.50 -30.06 64.27
N PHE B 767 -4.75 -29.82 63.89
CA PHE B 767 -5.13 -29.82 62.48
C PHE B 767 -4.77 -28.47 61.87
N CYS B 768 -4.36 -28.48 60.60
CA CYS B 768 -4.04 -27.25 59.90
C CYS B 768 -3.98 -27.53 58.40
N SER B 769 -3.85 -26.45 57.63
CA SER B 769 -3.65 -26.55 56.19
C SER B 769 -2.75 -25.40 55.74
N GLY B 770 -2.02 -25.64 54.65
CA GLY B 770 -1.26 -24.56 54.04
C GLY B 770 -0.01 -24.16 54.80
N LYS B 771 0.40 -22.91 54.55
CA LYS B 771 1.69 -22.42 55.02
C LYS B 771 1.78 -22.30 56.54
N VAL B 772 0.64 -22.25 57.24
CA VAL B 772 0.70 -22.19 58.70
C VAL B 772 1.34 -23.45 59.27
N TYR B 773 1.31 -24.55 58.53
CA TYR B 773 1.96 -25.78 58.99
C TYR B 773 3.45 -25.57 59.19
N PHE B 774 4.10 -24.94 58.22
CA PHE B 774 5.55 -24.73 58.32
C PHE B 774 5.90 -23.78 59.46
N ASP B 775 5.00 -22.86 59.82
CA ASP B 775 5.22 -22.05 61.01
C ASP B 775 5.06 -22.88 62.28
N LEU B 776 4.02 -23.73 62.33
CA LEU B 776 3.83 -24.59 63.48
C LEU B 776 4.96 -25.60 63.63
N LEU B 777 5.41 -26.17 62.50
CA LEU B 777 6.45 -27.20 62.55
C LEU B 777 7.76 -26.65 63.10
N GLU B 778 8.14 -25.44 62.69
CA GLU B 778 9.40 -24.87 63.16
C GLU B 778 9.32 -24.48 64.63
N GLN B 779 8.17 -23.99 65.08
CA GLN B 779 8.04 -23.61 66.48
C GLN B 779 8.03 -24.83 67.39
N ARG B 780 7.36 -25.90 66.97
CA ARG B 780 7.36 -27.12 67.77
C ARG B 780 8.74 -27.75 67.83
N ARG B 781 9.54 -27.60 66.77
CA ARG B 781 10.89 -28.12 66.77
C ARG B 781 11.81 -27.28 67.65
N ASN B 782 11.68 -25.95 67.56
CA ASN B 782 12.50 -25.07 68.40
C ASN B 782 12.20 -25.27 69.87
N ASN B 783 10.97 -25.64 70.21
CA ASN B 783 10.59 -25.91 71.59
C ASN B 783 11.00 -27.30 72.06
N GLU B 784 11.53 -28.14 71.17
CA GLU B 784 11.82 -29.55 71.46
C GLU B 784 10.58 -30.25 71.99
N GLN B 785 9.42 -29.86 71.45
CA GLN B 785 8.14 -30.39 71.91
C GLN B 785 7.87 -31.74 71.25
N ASP B 786 7.30 -32.67 72.01
CA ASP B 786 7.02 -34.00 71.49
C ASP B 786 5.68 -34.55 71.95
N ASP B 787 4.86 -33.76 72.65
CA ASP B 787 3.52 -34.17 73.02
C ASP B 787 2.46 -33.58 72.07
N VAL B 788 2.88 -32.97 70.97
CA VAL B 788 1.97 -32.30 70.04
C VAL B 788 2.24 -32.81 68.64
N ALA B 789 1.21 -33.34 67.98
CA ALA B 789 1.28 -33.76 66.60
C ALA B 789 0.62 -32.71 65.71
N ILE B 790 1.15 -32.55 64.50
CA ILE B 790 0.65 -31.57 63.54
C ILE B 790 0.28 -32.33 62.27
N VAL B 791 -1.01 -32.37 61.95
CA VAL B 791 -1.53 -33.10 60.80
C VAL B 791 -2.14 -32.10 59.82
N ARG B 792 -1.79 -32.22 58.55
CA ARG B 792 -2.35 -31.36 57.50
C ARG B 792 -3.58 -32.01 56.87
N ILE B 793 -4.62 -31.21 56.67
CA ILE B 793 -5.79 -31.61 55.90
C ILE B 793 -5.67 -30.91 54.55
N GLU B 794 -5.09 -31.62 53.57
CA GLU B 794 -4.78 -30.98 52.29
C GLU B 794 -6.03 -30.73 51.45
N GLN B 795 -6.98 -31.65 51.48
CA GLN B 795 -8.24 -31.51 50.76
C GLN B 795 -9.34 -31.24 51.77
N LEU B 796 -9.88 -30.01 51.76
CA LEU B 796 -10.94 -29.66 52.69
C LEU B 796 -12.33 -30.04 52.22
N TYR B 797 -12.53 -30.25 50.91
CA TYR B 797 -13.80 -30.74 50.42
C TYR B 797 -13.60 -31.46 49.10
N PRO B 798 -14.25 -32.63 48.90
CA PRO B 798 -15.02 -33.36 49.90
C PRO B 798 -14.15 -33.81 51.07
N PHE B 799 -14.69 -33.81 52.28
CA PHE B 799 -13.86 -34.06 53.45
C PHE B 799 -13.39 -35.50 53.46
N PRO B 800 -12.08 -35.75 53.53
CA PRO B 800 -11.52 -37.12 53.52
C PRO B 800 -11.46 -37.72 54.92
N MET B 801 -12.62 -38.17 55.39
CA MET B 801 -12.75 -38.64 56.76
C MET B 801 -11.80 -39.82 57.04
N ASP B 802 -11.76 -40.78 56.11
CA ASP B 802 -10.91 -41.96 56.32
C ASP B 802 -9.44 -41.59 56.39
N ASP B 803 -8.97 -40.73 55.49
CA ASP B 803 -7.58 -40.32 55.52
C ASP B 803 -7.26 -39.54 56.79
N VAL B 804 -8.21 -38.71 57.25
CA VAL B 804 -7.98 -37.93 58.46
C VAL B 804 -7.97 -38.84 59.68
N LYS B 805 -8.93 -39.78 59.76
CA LYS B 805 -8.98 -40.68 60.89
C LYS B 805 -7.76 -41.60 60.93
N ALA B 806 -7.22 -41.98 59.76
CA ALA B 806 -6.02 -42.80 59.74
C ALA B 806 -4.82 -42.06 60.32
N ALA B 807 -4.71 -40.75 60.04
CA ALA B 807 -3.61 -39.96 60.57
C ALA B 807 -3.72 -39.76 62.07
N ILE B 808 -4.92 -39.90 62.64
CA ILE B 808 -5.15 -39.61 64.06
C ILE B 808 -5.19 -40.87 64.90
N ALA B 809 -5.32 -42.05 64.28
CA ALA B 809 -5.41 -43.30 65.03
C ALA B 809 -4.24 -43.56 65.98
N PRO B 810 -2.96 -43.37 65.59
CA PRO B 810 -1.86 -43.80 66.48
C PRO B 810 -1.86 -43.14 67.85
N TYR B 811 -2.40 -41.93 67.99
CA TYR B 811 -2.30 -41.16 69.23
C TYR B 811 -3.44 -41.56 70.16
N VAL B 812 -3.25 -42.69 70.83
CA VAL B 812 -4.28 -43.23 71.72
C VAL B 812 -4.38 -42.48 73.04
N ASN B 813 -3.38 -41.68 73.40
CA ASN B 813 -3.39 -40.93 74.65
C ASN B 813 -3.73 -39.45 74.46
N VAL B 814 -4.23 -39.07 73.28
CA VAL B 814 -4.53 -37.67 73.00
C VAL B 814 -5.66 -37.17 73.93
N GLU B 815 -5.60 -35.89 74.28
CA GLU B 815 -6.61 -35.27 75.12
C GLU B 815 -7.47 -34.24 74.41
N ASP B 816 -6.89 -33.41 73.54
CA ASP B 816 -7.67 -32.41 72.82
C ASP B 816 -7.12 -32.22 71.42
N PHE B 817 -7.97 -31.70 70.54
CA PHE B 817 -7.62 -31.42 69.16
C PHE B 817 -7.75 -29.93 68.90
N VAL B 818 -6.84 -29.39 68.09
CA VAL B 818 -6.81 -27.97 67.77
C VAL B 818 -6.90 -27.80 66.26
N TRP B 819 -7.83 -26.97 65.82
CA TRP B 819 -7.83 -26.48 64.44
C TRP B 819 -7.08 -25.14 64.41
N CYS B 820 -5.92 -25.13 63.77
CA CYS B 820 -5.12 -23.92 63.65
C CYS B 820 -5.27 -23.34 62.25
N GLN B 821 -5.44 -22.02 62.18
CA GLN B 821 -5.57 -21.35 60.90
C GLN B 821 -5.04 -19.93 61.01
N GLU B 822 -4.40 -19.44 59.95
CA GLU B 822 -4.00 -18.05 59.87
C GLU B 822 -5.19 -17.11 59.70
N GLU B 823 -6.30 -17.63 59.19
CA GLU B 823 -7.43 -16.80 58.84
C GLU B 823 -8.18 -16.32 60.08
N PRO B 824 -8.88 -15.19 59.97
CA PRO B 824 -9.77 -14.76 61.07
C PRO B 824 -10.88 -15.78 61.26
N GLN B 825 -11.36 -15.88 62.50
CA GLN B 825 -12.25 -16.96 62.88
C GLN B 825 -13.53 -16.97 62.05
N ASN B 826 -13.97 -15.81 61.57
CA ASN B 826 -15.12 -15.76 60.68
C ASN B 826 -14.75 -16.05 59.23
N GLN B 827 -13.49 -16.38 58.98
CA GLN B 827 -12.98 -16.71 57.65
C GLN B 827 -12.28 -18.05 57.73
N GLY B 828 -11.74 -18.50 56.60
CA GLY B 828 -11.08 -19.79 56.61
C GLY B 828 -12.08 -20.95 56.79
N ALA B 829 -11.55 -22.07 57.26
CA ALA B 829 -12.30 -23.31 57.33
C ALA B 829 -13.14 -23.46 58.60
N TRP B 830 -12.97 -22.60 59.60
CA TRP B 830 -13.52 -22.84 60.93
C TRP B 830 -15.03 -23.10 60.94
N TYR B 831 -15.83 -22.07 60.61
CA TYR B 831 -17.27 -22.19 60.74
C TYR B 831 -17.84 -23.25 59.80
N CYS B 832 -17.21 -23.48 58.65
CA CYS B 832 -17.77 -24.41 57.67
C CYS B 832 -17.31 -25.84 57.87
N SER B 833 -16.11 -26.06 58.40
CA SER B 833 -15.53 -27.39 58.49
C SER B 833 -15.44 -27.94 59.90
N GLN B 834 -15.90 -27.21 60.92
CA GLN B 834 -15.71 -27.67 62.28
C GLN B 834 -16.48 -28.96 62.54
N HIS B 835 -17.67 -29.10 61.94
CA HIS B 835 -18.46 -30.32 62.13
C HIS B 835 -17.73 -31.54 61.56
N ASN B 836 -16.97 -31.35 60.48
CA ASN B 836 -16.14 -32.44 59.96
C ASN B 836 -15.04 -32.80 60.95
N PHE B 837 -14.44 -31.80 61.59
CA PHE B 837 -13.38 -32.07 62.55
C PHE B 837 -13.92 -32.80 63.78
N ARG B 838 -15.12 -32.41 64.23
CA ARG B 838 -15.71 -33.06 65.40
C ARG B 838 -16.04 -34.52 65.12
N ALA B 839 -16.53 -34.81 63.91
CA ALA B 839 -16.90 -36.18 63.55
C ALA B 839 -15.69 -37.10 63.42
N ALA B 840 -14.49 -36.54 63.26
CA ALA B 840 -13.29 -37.36 63.09
C ALA B 840 -12.58 -37.69 64.39
N ILE B 841 -12.76 -36.87 65.43
CA ILE B 841 -12.02 -37.04 66.67
C ILE B 841 -12.77 -37.99 67.61
N PRO B 842 -12.07 -38.64 68.54
CA PRO B 842 -12.76 -39.51 69.50
C PRO B 842 -13.72 -38.73 70.39
N ALA B 843 -14.80 -39.41 70.79
CA ALA B 843 -15.91 -38.74 71.47
C ALA B 843 -15.50 -38.09 72.78
N GLY B 844 -14.45 -38.60 73.44
CA GLY B 844 -14.05 -38.04 74.70
C GLY B 844 -13.28 -36.74 74.63
N THR B 845 -12.82 -36.36 73.45
CA THR B 845 -11.94 -35.21 73.28
C THR B 845 -12.72 -33.99 72.80
N GLU B 846 -12.14 -32.82 73.07
CA GLU B 846 -12.70 -31.54 72.67
C GLU B 846 -11.92 -30.96 71.49
N LEU B 847 -12.62 -30.19 70.67
CA LEU B 847 -11.99 -29.45 69.57
C LEU B 847 -11.85 -27.99 69.97
N LYS B 848 -10.65 -27.45 69.80
CA LYS B 848 -10.35 -26.08 70.18
C LYS B 848 -9.88 -25.28 68.97
N TYR B 849 -10.03 -23.96 69.07
CA TYR B 849 -9.65 -23.06 68.00
C TYR B 849 -8.35 -22.34 68.35
N ALA B 850 -7.46 -22.26 67.37
CA ALA B 850 -6.28 -21.40 67.44
C ALA B 850 -6.16 -20.65 66.13
N GLY B 851 -6.21 -19.33 66.18
CA GLY B 851 -6.11 -18.54 64.97
C GLY B 851 -6.36 -17.08 65.25
N ARG B 852 -6.49 -16.32 64.16
CA ARG B 852 -6.71 -14.90 64.28
C ARG B 852 -8.15 -14.60 64.73
N PRO B 853 -8.34 -13.53 65.48
CA PRO B 853 -9.70 -13.12 65.85
C PRO B 853 -10.49 -12.68 64.63
N ALA B 854 -11.81 -12.83 64.73
CA ALA B 854 -12.70 -12.38 63.66
C ALA B 854 -12.51 -10.90 63.39
N SER B 855 -12.59 -10.52 62.13
CA SER B 855 -12.31 -9.15 61.72
C SER B 855 -13.14 -8.81 60.50
N ALA B 856 -13.50 -7.52 60.38
CA ALA B 856 -14.27 -7.08 59.22
C ALA B 856 -13.42 -7.10 57.96
N SER B 857 -12.14 -6.74 58.07
CA SER B 857 -11.18 -6.79 56.97
C SER B 857 -10.40 -8.09 57.03
N PRO B 858 -10.05 -8.67 55.87
CA PRO B 858 -9.32 -9.95 55.88
C PRO B 858 -7.99 -9.90 56.62
N ALA B 859 -7.28 -8.77 56.59
CA ALA B 859 -5.96 -8.72 57.20
C ALA B 859 -5.63 -7.29 57.58
N VAL B 860 -4.76 -7.15 58.57
CA VAL B 860 -4.31 -5.83 59.04
C VAL B 860 -3.43 -5.18 57.98
N GLY B 861 -3.41 -3.88 58.05
CA GLY B 861 -2.58 -3.01 57.26
C GLY B 861 -1.10 -3.04 57.56
N TYR B 862 -0.74 -3.36 58.77
CA TYR B 862 0.66 -3.28 59.18
C TYR B 862 1.36 -4.56 59.43
N MET B 863 2.54 -4.65 58.89
CA MET B 863 3.35 -5.81 59.02
C MET B 863 3.71 -6.11 60.47
N SER B 864 3.95 -5.09 61.27
CA SER B 864 4.33 -5.35 62.66
C SER B 864 3.17 -5.97 63.44
N VAL B 865 1.95 -5.49 63.19
CA VAL B 865 0.78 -6.10 63.82
C VAL B 865 0.59 -7.53 63.32
N HIS B 866 0.95 -7.79 62.06
CA HIS B 866 0.76 -9.12 61.50
C HIS B 866 1.69 -10.13 62.17
N LEU B 867 2.96 -9.78 62.38
CA LEU B 867 3.87 -10.72 63.02
C LEU B 867 3.46 -11.03 64.45
N LYS B 868 2.93 -10.02 65.17
CA LYS B 868 2.48 -10.29 66.53
C LYS B 868 1.26 -11.20 66.54
N GLN B 869 0.34 -11.01 65.60
CA GLN B 869 -0.81 -11.91 65.49
C GLN B 869 -0.36 -13.31 65.08
N GLN B 870 0.64 -13.41 64.20
CA GLN B 870 1.09 -14.72 63.75
C GLN B 870 1.77 -15.49 64.87
N LYS B 871 2.61 -14.80 65.66
CA LYS B 871 3.27 -15.47 66.77
C LYS B 871 2.27 -15.90 67.84
N ALA B 872 1.19 -15.14 68.03
CA ALA B 872 0.22 -15.48 69.06
C ALA B 872 -0.57 -16.73 68.71
N LEU B 873 -1.02 -16.84 67.46
CA LEU B 873 -1.79 -18.03 67.07
C LEU B 873 -0.92 -19.27 67.02
N ILE B 874 0.37 -19.11 66.68
CA ILE B 874 1.27 -20.27 66.66
C ILE B 874 1.54 -20.75 68.08
N ASP B 875 1.86 -19.83 68.99
CA ASP B 875 2.13 -20.23 70.37
C ASP B 875 0.88 -20.80 71.03
N ASP B 876 -0.30 -20.25 70.70
CA ASP B 876 -1.54 -20.74 71.30
C ASP B 876 -1.87 -22.15 70.83
N ALA B 877 -1.61 -22.45 69.55
CA ALA B 877 -1.92 -23.78 69.04
C ALA B 877 -1.03 -24.86 69.65
N LEU B 878 0.23 -24.53 69.93
CA LEU B 878 1.18 -25.51 70.45
C LEU B 878 1.26 -25.55 71.97
N ASN B 879 0.55 -24.66 72.67
CA ASN B 879 0.69 -24.55 74.12
C ASN B 879 -0.29 -25.51 74.78
N VAL B 880 0.20 -26.67 75.18
CA VAL B 880 -0.54 -27.57 76.05
C VAL B 880 -0.75 -26.91 77.41
N VAL C 31 9.95 -20.62 10.83
CA VAL C 31 11.14 -21.46 10.91
C VAL C 31 10.95 -22.72 10.07
N ASP C 32 9.73 -22.91 9.58
CA ASP C 32 9.41 -24.07 8.76
C ASP C 32 10.14 -24.01 7.42
N ALA C 33 10.66 -25.16 6.99
CA ALA C 33 11.40 -25.20 5.73
C ALA C 33 10.47 -25.12 4.52
N LYS C 34 9.34 -25.82 4.55
CA LYS C 34 8.40 -25.75 3.42
C LYS C 34 7.76 -24.39 3.29
N GLN C 35 7.63 -23.65 4.40
CA GLN C 35 7.11 -22.29 4.31
C GLN C 35 8.05 -21.39 3.51
N VAL C 36 9.35 -21.63 3.60
CA VAL C 36 10.32 -20.89 2.79
C VAL C 36 10.21 -21.30 1.33
N LYS C 37 9.93 -22.58 1.08
CA LYS C 37 9.77 -23.03 -0.31
C LYS C 37 8.56 -22.39 -0.97
N VAL C 38 7.51 -22.14 -0.20
CA VAL C 38 6.33 -21.48 -0.75
C VAL C 38 6.66 -20.05 -1.17
N LEU C 39 7.49 -19.36 -0.38
CA LEU C 39 7.85 -17.98 -0.71
C LEU C 39 8.67 -17.92 -1.99
N GLN C 40 9.58 -18.88 -2.19
CA GLN C 40 10.33 -18.90 -3.44
C GLN C 40 9.45 -19.30 -4.62
N LEU C 41 8.42 -20.11 -4.38
CA LEU C 41 7.46 -20.40 -5.44
C LEU C 41 6.69 -19.15 -5.84
N ILE C 42 6.29 -18.34 -4.86
CA ILE C 42 5.60 -17.08 -5.15
C ILE C 42 6.51 -16.16 -5.95
N ASN C 43 7.77 -16.04 -5.51
CA ASN C 43 8.71 -15.14 -6.20
C ASN C 43 8.98 -15.61 -7.62
N ALA C 44 9.01 -16.92 -7.85
CA ALA C 44 9.28 -17.42 -9.19
C ALA C 44 8.16 -17.07 -10.16
N TYR C 45 6.91 -17.04 -9.69
CA TYR C 45 5.81 -16.64 -10.56
C TYR C 45 5.83 -15.14 -10.83
N ARG C 46 6.25 -14.32 -9.87
CA ARG C 46 6.36 -12.89 -10.11
C ARG C 46 7.42 -12.58 -11.15
N PHE C 47 8.52 -13.34 -11.16
CA PHE C 47 9.60 -13.08 -12.12
C PHE C 47 9.31 -13.68 -13.48
N ARG C 48 8.82 -14.93 -13.53
CA ARG C 48 8.80 -15.70 -14.76
C ARG C 48 7.44 -16.28 -15.11
N GLY C 49 6.39 -15.96 -14.35
CA GLY C 49 5.07 -16.47 -14.68
C GLY C 49 4.59 -16.04 -16.05
N HIS C 50 5.01 -14.85 -16.50
CA HIS C 50 4.61 -14.36 -17.81
C HIS C 50 5.16 -15.24 -18.93
N GLU C 51 6.26 -15.95 -18.68
CA GLU C 51 6.85 -16.79 -19.71
C GLU C 51 6.01 -18.02 -20.03
N ALA C 52 5.10 -18.41 -19.13
CA ALA C 52 4.18 -19.52 -19.37
C ALA C 52 2.75 -19.07 -19.58
N ALA C 53 2.49 -17.75 -19.55
CA ALA C 53 1.11 -17.26 -19.65
C ALA C 53 0.51 -17.57 -21.02
N GLU C 54 -0.81 -17.77 -21.04
CA GLU C 54 -1.53 -18.06 -22.27
C GLU C 54 -1.82 -16.73 -22.98
N LEU C 55 -0.80 -16.24 -23.67
CA LEU C 55 -0.87 -14.92 -24.30
C LEU C 55 -1.33 -14.98 -25.75
N ASP C 56 -1.00 -16.04 -26.48
CA ASP C 56 -1.31 -16.09 -27.90
C ASP C 56 -2.79 -16.45 -28.10
N PRO C 57 -3.58 -15.58 -28.74
CA PRO C 57 -4.95 -15.97 -29.07
C PRO C 57 -5.05 -17.21 -29.94
N LEU C 58 -4.10 -17.40 -30.86
CA LEU C 58 -4.15 -18.53 -31.78
C LEU C 58 -3.70 -19.84 -31.15
N GLY C 59 -2.97 -19.77 -30.03
CA GLY C 59 -2.47 -20.98 -29.41
C GLY C 59 -1.45 -21.73 -30.22
N LEU C 60 -0.82 -21.07 -31.20
CA LEU C 60 0.23 -21.72 -31.97
C LEU C 60 1.55 -21.76 -31.19
N TRP C 61 1.73 -20.84 -30.25
CA TRP C 61 2.96 -20.77 -29.47
C TRP C 61 3.15 -22.05 -28.68
N GLN C 62 4.27 -22.74 -28.91
CA GLN C 62 4.73 -23.76 -27.99
C GLN C 62 5.83 -23.11 -27.17
N ARG C 63 5.44 -22.50 -26.06
CA ARG C 63 6.40 -21.76 -25.26
C ARG C 63 7.22 -22.72 -24.41
N PRO C 64 8.54 -22.52 -24.35
CA PRO C 64 9.37 -23.44 -23.57
C PRO C 64 8.97 -23.44 -22.10
N THR C 65 9.03 -24.62 -21.50
CA THR C 65 8.68 -24.78 -20.09
C THR C 65 9.68 -24.05 -19.20
N VAL C 66 9.19 -23.52 -18.09
CA VAL C 66 10.02 -22.88 -17.08
C VAL C 66 9.97 -23.77 -15.84
N ALA C 67 11.12 -24.35 -15.49
CA ALA C 67 11.17 -25.32 -14.40
C ALA C 67 10.81 -24.70 -13.05
N GLU C 68 11.16 -23.43 -12.84
CA GLU C 68 10.91 -22.79 -11.55
C GLU C 68 9.43 -22.68 -11.24
N LEU C 69 8.57 -22.66 -12.27
CA LEU C 69 7.14 -22.57 -12.05
C LEU C 69 6.54 -23.88 -11.55
N ASP C 70 7.26 -24.98 -11.67
CA ASP C 70 6.77 -26.28 -11.19
C ASP C 70 6.99 -26.38 -9.69
N PRO C 71 5.97 -26.70 -8.90
CA PRO C 71 6.17 -26.88 -7.45
C PRO C 71 7.19 -27.95 -7.11
N ALA C 72 7.31 -29.00 -7.93
CA ALA C 72 8.31 -30.04 -7.66
C ALA C 72 9.72 -29.48 -7.71
N PHE C 73 9.94 -28.39 -8.45
CA PHE C 73 11.25 -27.75 -8.47
C PHE C 73 11.65 -27.23 -7.10
N HIS C 74 10.66 -26.88 -6.27
CA HIS C 74 10.91 -26.38 -4.93
C HIS C 74 10.65 -27.43 -3.84
N ASN C 75 10.61 -28.71 -4.22
CA ASN C 75 10.40 -29.82 -3.28
C ASN C 75 9.10 -29.66 -2.51
N LEU C 76 8.04 -29.28 -3.21
CA LEU C 76 6.69 -29.24 -2.65
C LEU C 76 5.91 -30.42 -3.21
N THR C 77 5.37 -31.25 -2.33
CA THR C 77 4.72 -32.49 -2.72
C THR C 77 3.20 -32.36 -2.59
N GLU C 78 2.51 -33.44 -2.97
CA GLU C 78 1.05 -33.44 -2.85
C GLU C 78 0.61 -33.32 -1.40
N ASP C 79 1.39 -33.88 -0.47
CA ASP C 79 1.05 -33.76 0.94
C ASP C 79 1.19 -32.32 1.43
N ASP C 80 2.18 -31.59 0.92
CA ASP C 80 2.35 -30.19 1.28
C ASP C 80 1.18 -29.34 0.80
N PHE C 81 0.57 -29.73 -0.32
CA PHE C 81 -0.45 -28.89 -0.95
C PHE C 81 -1.70 -28.75 -0.08
N GLU C 82 -1.97 -29.73 0.80
CA GLU C 82 -3.14 -29.61 1.66
C GLU C 82 -2.88 -28.80 2.92
N GLU C 83 -1.62 -28.60 3.30
CA GLU C 83 -1.34 -27.87 4.52
C GLU C 83 -1.43 -26.36 4.29
N THR C 84 -1.87 -25.65 5.32
CA THR C 84 -1.97 -24.19 5.28
C THR C 84 -0.59 -23.55 5.43
N PHE C 85 -0.39 -22.41 4.77
CA PHE C 85 0.87 -21.69 4.81
C PHE C 85 0.62 -20.18 4.91
N ASN C 86 1.63 -19.47 5.41
CA ASN C 86 1.63 -18.01 5.36
C ASN C 86 2.03 -17.53 3.98
N VAL C 87 1.37 -16.46 3.52
CA VAL C 87 1.57 -16.00 2.14
C VAL C 87 2.74 -15.05 1.97
N GLY C 88 3.41 -14.67 3.05
CA GLY C 88 4.48 -13.68 2.93
C GLY C 88 3.94 -12.37 2.41
N SER C 89 4.62 -11.81 1.41
CA SER C 89 4.22 -10.54 0.80
C SER C 89 3.17 -10.72 -0.29
N PHE C 90 2.77 -11.96 -0.59
CA PHE C 90 1.69 -12.22 -1.54
C PHE C 90 0.44 -11.48 -1.09
N ALA C 91 -0.06 -10.58 -1.94
CA ALA C 91 -1.06 -9.60 -1.53
C ALA C 91 -2.49 -10.06 -1.83
N VAL C 92 -2.82 -11.31 -1.49
CA VAL C 92 -4.15 -11.85 -1.79
C VAL C 92 -5.22 -11.38 -0.82
N GLY C 93 -4.84 -10.77 0.30
CA GLY C 93 -5.81 -10.29 1.27
C GLY C 93 -6.04 -11.19 2.47
N GLN C 94 -5.25 -12.24 2.64
CA GLN C 94 -5.31 -13.03 3.87
C GLN C 94 -3.92 -13.56 4.17
N GLU C 95 -3.55 -13.52 5.46
CA GLU C 95 -2.20 -13.88 5.85
C GLU C 95 -1.91 -15.37 5.73
N THR C 96 -2.95 -16.22 5.78
CA THR C 96 -2.74 -17.65 5.80
C THR C 96 -3.75 -18.33 4.88
N MET C 97 -3.28 -19.36 4.16
CA MET C 97 -4.12 -20.11 3.23
C MET C 97 -3.43 -21.41 2.84
N PRO C 98 -4.18 -22.47 2.53
CA PRO C 98 -3.55 -23.73 2.10
C PRO C 98 -2.80 -23.60 0.78
N LEU C 99 -1.74 -24.41 0.67
CA LEU C 99 -0.83 -24.32 -0.47
C LEU C 99 -1.54 -24.60 -1.79
N LYS C 100 -2.53 -25.48 -1.80
CA LYS C 100 -3.25 -25.74 -3.04
C LYS C 100 -3.97 -24.49 -3.52
N ASP C 101 -4.41 -23.64 -2.59
CA ASP C 101 -5.04 -22.38 -2.96
C ASP C 101 -4.01 -21.32 -3.34
N ILE C 102 -2.82 -21.35 -2.73
CA ILE C 102 -1.75 -20.45 -3.16
C ILE C 102 -1.35 -20.76 -4.59
N TYR C 103 -1.24 -22.05 -4.92
CA TYR C 103 -0.80 -22.45 -6.25
C TYR C 103 -1.82 -22.06 -7.31
N THR C 104 -3.10 -22.22 -7.01
CA THR C 104 -4.14 -21.76 -7.94
C THR C 104 -4.12 -20.24 -8.07
N ALA C 105 -3.84 -19.53 -6.97
CA ALA C 105 -3.81 -18.08 -7.01
C ALA C 105 -2.68 -17.56 -7.90
N LEU C 106 -1.50 -18.20 -7.83
CA LEU C 106 -0.37 -17.74 -8.64
C LEU C 106 -0.63 -17.95 -10.12
N LYS C 107 -1.18 -19.11 -10.50
CA LYS C 107 -1.43 -19.38 -11.91
C LYS C 107 -2.52 -18.48 -12.47
N LYS C 108 -3.54 -18.17 -11.66
CA LYS C 108 -4.57 -17.24 -12.12
C LYS C 108 -4.02 -15.83 -12.26
N THR C 109 -3.10 -15.44 -11.37
CA THR C 109 -2.57 -14.09 -11.39
C THR C 109 -1.56 -13.89 -12.52
N TYR C 110 -0.62 -14.83 -12.68
CA TYR C 110 0.53 -14.60 -13.53
C TYR C 110 0.62 -15.52 -14.74
N CYS C 111 -0.24 -16.53 -14.87
CA CYS C 111 -0.15 -17.47 -15.99
C CYS C 111 -1.47 -17.60 -16.74
N GLY C 112 -2.38 -16.64 -16.58
CA GLY C 112 -3.62 -16.64 -17.33
C GLY C 112 -3.53 -15.81 -18.59
N SER C 113 -4.48 -14.92 -18.79
CA SER C 113 -4.48 -14.05 -19.96
C SER C 113 -3.51 -12.88 -19.82
N ILE C 114 -2.96 -12.64 -18.63
CA ILE C 114 -2.11 -11.48 -18.38
C ILE C 114 -0.71 -11.98 -18.06
N GLY C 115 0.27 -11.53 -18.84
CA GLY C 115 1.67 -11.77 -18.53
C GLY C 115 2.37 -10.52 -18.05
N ALA C 116 2.53 -10.40 -16.73
CA ALA C 116 3.07 -9.19 -16.12
C ALA C 116 4.59 -9.30 -15.98
N GLU C 117 5.30 -8.30 -16.48
CA GLU C 117 6.76 -8.24 -16.44
C GLU C 117 7.15 -6.96 -15.71
N TYR C 118 7.50 -7.09 -14.42
CA TYR C 118 7.72 -5.90 -13.60
C TYR C 118 8.81 -6.09 -12.55
N MET C 119 9.22 -7.34 -12.28
CA MET C 119 10.18 -7.58 -11.22
C MET C 119 11.59 -7.14 -11.59
N HIS C 120 11.86 -6.85 -12.87
CA HIS C 120 13.14 -6.28 -13.25
C HIS C 120 13.33 -4.87 -12.72
N MET C 121 12.24 -4.19 -12.34
CA MET C 121 12.36 -2.86 -11.77
C MET C 121 13.10 -2.90 -10.45
N THR C 122 13.90 -1.87 -10.19
CA THR C 122 14.63 -1.77 -8.93
C THR C 122 13.84 -1.06 -7.83
N ASP C 123 12.82 -0.28 -8.19
CA ASP C 123 12.07 0.50 -7.21
C ASP C 123 11.13 -0.41 -6.44
N THR C 124 11.36 -0.55 -5.14
CA THR C 124 10.55 -1.45 -4.32
C THR C 124 9.12 -0.97 -4.19
N GLU C 125 8.92 0.36 -4.08
CA GLU C 125 7.55 0.87 -3.95
C GLU C 125 6.73 0.60 -5.20
N GLN C 126 7.35 0.70 -6.37
CA GLN C 126 6.62 0.45 -7.61
C GLN C 126 6.30 -1.03 -7.77
N LYS C 127 7.21 -1.91 -7.34
CA LYS C 127 6.94 -3.34 -7.41
C LYS C 127 5.86 -3.75 -6.42
N ARG C 128 5.89 -3.21 -5.20
CA ARG C 128 4.84 -3.49 -4.25
C ARG C 128 3.50 -2.93 -4.73
N TRP C 129 3.54 -1.80 -5.44
CA TRP C 129 2.31 -1.20 -5.96
C TRP C 129 1.66 -2.10 -7.01
N ILE C 130 2.47 -2.67 -7.91
CA ILE C 130 1.92 -3.55 -8.93
C ILE C 130 1.42 -4.85 -8.31
N GLN C 131 2.14 -5.35 -7.30
CA GLN C 131 1.72 -6.59 -6.64
C GLN C 131 0.36 -6.43 -5.97
N GLN C 132 0.10 -5.27 -5.37
CA GLN C 132 -1.19 -5.02 -4.75
C GLN C 132 -2.30 -5.00 -5.79
N ARG C 133 -2.00 -4.51 -7.00
CA ARG C 133 -3.01 -4.41 -8.04
C ARG C 133 -3.38 -5.79 -8.60
N LEU C 134 -2.37 -6.59 -8.91
CA LEU C 134 -2.63 -7.88 -9.56
C LEU C 134 -3.00 -8.97 -8.55
N GLU C 135 -2.24 -9.09 -7.47
CA GLU C 135 -2.39 -10.24 -6.59
C GLU C 135 -3.68 -10.18 -5.78
N SER C 136 -4.12 -8.99 -5.39
CA SER C 136 -5.40 -8.87 -4.69
C SER C 136 -6.56 -9.26 -5.59
N VAL C 137 -6.45 -8.97 -6.88
CA VAL C 137 -7.49 -9.34 -7.84
C VAL C 137 -7.45 -10.83 -8.18
N VAL C 138 -6.31 -11.48 -7.94
CA VAL C 138 -6.08 -12.89 -8.25
C VAL C 138 -6.43 -13.12 -9.72
N GLY C 139 -6.05 -12.19 -10.58
CA GLY C 139 -6.27 -12.36 -12.00
C GLY C 139 -7.65 -12.00 -12.49
N GLN C 140 -8.66 -12.15 -11.63
CA GLN C 140 -10.06 -12.03 -12.02
C GLN C 140 -10.58 -10.60 -11.84
N PRO C 141 -10.58 -9.77 -12.90
CA PRO C 141 -11.09 -8.41 -12.75
C PRO C 141 -12.60 -8.40 -12.53
N SER C 142 -13.07 -7.35 -11.85
CA SER C 142 -14.49 -7.18 -11.57
C SER C 142 -15.00 -5.97 -12.35
N PHE C 143 -15.85 -6.23 -13.34
CA PHE C 143 -16.54 -5.17 -14.06
C PHE C 143 -18.04 -5.35 -13.88
N ASP C 144 -18.77 -4.25 -13.73
CA ASP C 144 -20.22 -4.31 -13.62
C ASP C 144 -20.83 -4.64 -14.98
N LYS C 145 -22.05 -5.16 -14.94
CA LYS C 145 -22.73 -5.57 -16.17
C LYS C 145 -22.86 -4.44 -17.18
N ASP C 146 -22.95 -3.19 -16.73
CA ASP C 146 -22.93 -2.07 -17.68
C ASP C 146 -21.60 -1.99 -18.42
N GLU C 147 -20.48 -2.15 -17.70
CA GLU C 147 -19.18 -2.03 -18.34
C GLU C 147 -18.93 -3.17 -19.33
N LYS C 148 -19.34 -4.38 -18.99
CA LYS C 148 -19.14 -5.50 -19.91
C LYS C 148 -19.94 -5.31 -21.19
N ARG C 149 -21.11 -4.68 -21.11
CA ARG C 149 -21.88 -4.42 -22.32
C ARG C 149 -21.18 -3.40 -23.21
N THR C 150 -20.50 -2.41 -22.59
CA THR C 150 -19.76 -1.44 -23.38
C THR C 150 -18.58 -2.10 -24.09
N PHE C 151 -17.92 -3.06 -23.43
CA PHE C 151 -16.82 -3.76 -24.08
C PHE C 151 -17.30 -4.58 -25.26
N LEU C 152 -18.42 -5.29 -25.10
CA LEU C 152 -18.97 -6.07 -26.20
C LEU C 152 -19.44 -5.16 -27.34
N ALA C 153 -20.08 -4.04 -27.01
CA ALA C 153 -20.51 -3.10 -28.04
C ALA C 153 -19.34 -2.47 -28.76
N GLU C 154 -18.23 -2.22 -28.06
CA GLU C 154 -17.07 -1.64 -28.71
C GLU C 154 -16.32 -2.68 -29.55
N LEU C 155 -16.28 -3.93 -29.10
CA LEU C 155 -15.81 -5.00 -29.96
C LEU C 155 -16.71 -5.17 -31.17
N THR C 156 -18.01 -4.96 -31.00
CA THR C 156 -18.95 -5.03 -32.12
C THR C 156 -18.69 -3.92 -33.12
N ALA C 157 -18.41 -2.70 -32.63
CA ALA C 157 -18.12 -1.59 -33.52
C ALA C 157 -16.84 -1.83 -34.30
N ALA C 158 -15.84 -2.43 -33.67
CA ALA C 158 -14.56 -2.68 -34.34
C ALA C 158 -14.73 -3.67 -35.48
N GLU C 159 -15.42 -4.78 -35.21
CA GLU C 159 -15.62 -5.79 -36.25
C GLU C 159 -16.56 -5.31 -37.34
N GLY C 160 -17.65 -4.64 -36.95
CA GLY C 160 -18.67 -4.27 -37.92
C GLY C 160 -18.18 -3.26 -38.94
N LEU C 161 -17.43 -2.25 -38.48
CA LEU C 161 -16.90 -1.26 -39.42
C LEU C 161 -15.91 -1.89 -40.39
N GLU C 162 -15.14 -2.87 -39.93
CA GLU C 162 -14.13 -3.46 -40.79
C GLU C 162 -14.75 -4.39 -41.84
N ARG C 163 -15.72 -5.21 -41.42
CA ARG C 163 -16.44 -6.02 -42.40
C ARG C 163 -17.27 -5.15 -43.33
N TYR C 164 -17.77 -4.02 -42.85
CA TYR C 164 -18.53 -3.11 -43.70
C TYR C 164 -17.66 -2.51 -44.79
N LEU C 165 -16.45 -2.06 -44.42
CA LEU C 165 -15.55 -1.49 -45.41
C LEU C 165 -15.07 -2.54 -46.41
N GLY C 166 -14.93 -3.79 -45.97
CA GLY C 166 -14.55 -4.85 -46.91
C GLY C 166 -15.65 -5.18 -47.90
N ALA C 167 -16.90 -5.13 -47.44
CA ALA C 167 -18.03 -5.38 -48.34
C ALA C 167 -18.21 -4.23 -49.33
N LYS C 168 -18.11 -3.00 -48.86
CA LYS C 168 -18.42 -1.85 -49.71
C LYS C 168 -17.28 -1.49 -50.66
N PHE C 169 -16.04 -1.71 -50.25
CA PHE C 169 -14.87 -1.41 -51.08
C PHE C 169 -13.96 -2.64 -51.07
N PRO C 170 -14.36 -3.72 -51.73
CA PRO C 170 -13.53 -4.93 -51.72
C PRO C 170 -12.16 -4.68 -52.33
N GLY C 171 -11.14 -5.23 -51.68
CA GLY C 171 -9.78 -5.15 -52.17
C GLY C 171 -9.05 -3.87 -51.84
N ALA C 172 -9.77 -2.82 -51.42
CA ALA C 172 -9.15 -1.54 -51.11
C ALA C 172 -8.27 -1.66 -49.87
N LYS C 173 -7.12 -1.01 -49.91
CA LYS C 173 -6.24 -0.99 -48.74
C LYS C 173 -6.90 -0.22 -47.62
N ARG C 174 -7.10 -0.87 -46.48
CA ARG C 174 -7.62 -0.21 -45.29
C ARG C 174 -6.85 -0.55 -44.03
N PHE C 175 -5.92 -1.51 -44.07
CA PHE C 175 -5.12 -1.92 -42.92
C PHE C 175 -6.01 -2.25 -41.73
N SER C 176 -6.75 -3.35 -41.91
CA SER C 176 -7.78 -3.74 -40.98
C SER C 176 -7.24 -4.02 -39.59
N LEU C 177 -8.02 -3.66 -38.57
CA LEU C 177 -7.73 -3.99 -37.19
C LEU C 177 -8.15 -5.41 -36.82
N GLU C 178 -8.83 -6.13 -37.71
CA GLU C 178 -9.44 -7.40 -37.35
C GLU C 178 -8.39 -8.37 -36.81
N GLY C 179 -8.74 -9.04 -35.72
CA GLY C 179 -7.82 -9.82 -34.93
C GLY C 179 -7.27 -9.08 -33.73
N GLY C 180 -7.23 -7.75 -33.79
CA GLY C 180 -6.80 -6.92 -32.69
C GLY C 180 -7.92 -6.00 -32.26
N ASP C 181 -9.15 -6.51 -32.32
CA ASP C 181 -10.35 -5.69 -32.09
C ASP C 181 -10.36 -5.09 -30.69
N ALA C 182 -9.67 -5.72 -29.74
CA ALA C 182 -9.72 -5.26 -28.35
C ALA C 182 -9.09 -3.89 -28.17
N MET C 183 -8.32 -3.41 -29.15
CA MET C 183 -7.75 -2.07 -29.01
C MET C 183 -8.83 -1.00 -28.96
N ILE C 184 -9.95 -1.20 -29.67
CA ILE C 184 -11.01 -0.19 -29.64
C ILE C 184 -11.58 0.00 -28.24
N PRO C 185 -12.03 -1.05 -27.53
CA PRO C 185 -12.37 -0.87 -26.11
C PRO C 185 -11.22 -0.41 -25.24
N MET C 186 -9.97 -0.82 -25.56
CA MET C 186 -8.84 -0.42 -24.73
C MET C 186 -8.60 1.08 -24.79
N MET C 187 -8.61 1.65 -26.01
CA MET C 187 -8.39 3.08 -26.14
C MET C 187 -9.51 3.89 -25.49
N LYS C 188 -10.78 3.50 -25.73
CA LYS C 188 -11.86 4.26 -25.12
C LYS C 188 -11.87 4.10 -23.60
N GLU C 189 -11.48 2.95 -23.07
CA GLU C 189 -11.31 2.83 -21.63
C GLU C 189 -10.14 3.67 -21.14
N LEU C 190 -9.08 3.78 -21.95
CA LEU C 190 -7.97 4.66 -21.59
C LEU C 190 -8.42 6.11 -21.50
N ILE C 191 -9.25 6.55 -22.45
CA ILE C 191 -9.72 7.93 -22.44
C ILE C 191 -10.71 8.17 -21.31
N ARG C 192 -11.61 7.20 -21.07
CA ARG C 192 -12.55 7.35 -19.96
C ARG C 192 -11.82 7.39 -18.63
N HIS C 193 -10.84 6.50 -18.44
CA HIS C 193 -10.07 6.52 -17.20
C HIS C 193 -9.21 7.78 -17.08
N ALA C 194 -8.80 8.36 -18.22
CA ALA C 194 -8.04 9.61 -18.16
C ALA C 194 -8.90 10.76 -17.66
N GLY C 195 -10.13 10.87 -18.15
CA GLY C 195 -11.05 11.86 -17.61
C GLY C 195 -11.50 11.52 -16.20
N ARG C 196 -11.56 10.23 -15.89
CA ARG C 196 -11.93 9.79 -14.56
C ARG C 196 -10.90 10.24 -13.52
N SER C 197 -9.65 10.40 -13.94
CA SER C 197 -8.57 10.84 -13.07
C SER C 197 -8.22 12.31 -13.26
N GLY C 198 -9.10 13.07 -13.92
CA GLY C 198 -8.96 14.51 -14.01
C GLY C 198 -8.04 15.04 -15.08
N MET C 199 -7.55 14.20 -15.99
CA MET C 199 -6.76 14.69 -17.11
C MET C 199 -7.64 15.46 -18.09
N ARG C 200 -7.08 16.51 -18.68
CA ARG C 200 -7.85 17.37 -19.57
C ARG C 200 -7.69 17.03 -21.05
N GLU C 201 -6.53 16.52 -21.46
CA GLU C 201 -6.24 16.30 -22.87
C GLU C 201 -5.50 14.98 -23.05
N VAL C 202 -5.77 14.33 -24.18
CA VAL C 202 -5.08 13.12 -24.58
C VAL C 202 -4.61 13.28 -26.03
N VAL C 203 -3.34 12.99 -26.28
CA VAL C 203 -2.75 13.06 -27.61
C VAL C 203 -2.24 11.69 -27.99
N ILE C 204 -2.56 11.25 -29.21
CA ILE C 204 -2.31 9.87 -29.63
C ILE C 204 -1.41 9.89 -30.86
N GLY C 205 -0.38 9.04 -30.85
CA GLY C 205 0.41 8.75 -32.03
C GLY C 205 0.33 7.28 -32.39
N MET C 206 0.07 6.99 -33.66
CA MET C 206 -0.16 5.61 -34.08
C MET C 206 0.22 5.46 -35.54
N ALA C 207 0.16 4.21 -36.02
CA ALA C 207 0.48 3.88 -37.39
C ALA C 207 -0.77 3.43 -38.15
N HIS C 208 -0.57 2.66 -39.21
CA HIS C 208 -1.65 2.26 -40.09
C HIS C 208 -2.64 1.30 -39.43
N ARG C 209 -2.18 0.48 -38.49
CA ARG C 209 -3.00 -0.63 -38.01
C ARG C 209 -4.16 -0.11 -37.16
N GLY C 210 -5.38 -0.38 -37.62
CA GLY C 210 -6.54 0.09 -36.91
C GLY C 210 -6.74 1.59 -36.94
N ARG C 211 -6.13 2.28 -37.91
CA ARG C 211 -6.20 3.74 -37.94
C ARG C 211 -7.60 4.22 -38.32
N LEU C 212 -8.19 3.62 -39.36
CA LEU C 212 -9.55 4.00 -39.73
C LEU C 212 -10.53 3.61 -38.63
N ASN C 213 -10.28 2.49 -37.94
CA ASN C 213 -11.09 2.14 -36.80
C ASN C 213 -10.96 3.18 -35.68
N MET C 214 -9.74 3.67 -35.44
CA MET C 214 -9.53 4.69 -34.42
C MET C 214 -10.28 5.97 -34.76
N LEU C 215 -10.34 6.32 -36.05
CA LEU C 215 -10.98 7.57 -36.45
C LEU C 215 -12.49 7.49 -36.28
N VAL C 216 -13.10 6.38 -36.72
CA VAL C 216 -14.55 6.30 -36.73
C VAL C 216 -15.09 5.90 -35.35
N ASN C 217 -14.46 4.93 -34.70
CA ASN C 217 -15.02 4.34 -33.49
C ASN C 217 -14.47 4.92 -32.19
N VAL C 218 -13.51 5.85 -32.27
CA VAL C 218 -12.99 6.46 -31.05
C VAL C 218 -12.98 7.98 -31.18
N LEU C 219 -12.32 8.49 -32.21
CA LEU C 219 -12.22 9.94 -32.37
C LEU C 219 -13.50 10.56 -32.94
N GLY C 220 -14.42 9.76 -33.47
CA GLY C 220 -15.70 10.30 -33.90
C GLY C 220 -15.77 10.83 -35.31
N LYS C 221 -14.85 10.45 -36.19
CA LYS C 221 -14.95 10.84 -37.59
C LYS C 221 -16.25 10.30 -38.19
N LYS C 222 -16.88 11.12 -39.04
CA LYS C 222 -18.13 10.71 -39.66
C LYS C 222 -17.87 9.53 -40.58
N PRO C 223 -18.59 8.41 -40.42
CA PRO C 223 -18.39 7.27 -41.32
C PRO C 223 -18.65 7.61 -42.78
N GLN C 224 -19.60 8.51 -43.05
CA GLN C 224 -19.88 8.90 -44.42
C GLN C 224 -18.70 9.62 -45.05
N ASP C 225 -17.95 10.39 -44.26
CA ASP C 225 -16.76 11.06 -44.78
C ASP C 225 -15.68 10.04 -45.15
N LEU C 226 -15.55 8.96 -44.37
CA LEU C 226 -14.59 7.92 -44.72
C LEU C 226 -15.00 7.20 -46.00
N PHE C 227 -16.31 6.97 -46.18
CA PHE C 227 -16.78 6.31 -47.39
C PHE C 227 -16.55 7.17 -48.62
N ASP C 228 -16.63 8.50 -48.47
CA ASP C 228 -16.31 9.38 -49.59
C ASP C 228 -14.84 9.26 -49.98
N GLU C 229 -13.95 9.16 -48.99
CA GLU C 229 -12.53 9.08 -49.29
C GLU C 229 -12.17 7.78 -50.00
N PHE C 230 -12.84 6.68 -49.66
CA PHE C 230 -12.65 5.44 -50.40
C PHE C 230 -13.18 5.55 -51.83
N ALA C 231 -14.19 6.39 -52.03
CA ALA C 231 -14.80 6.57 -53.35
C ALA C 231 -14.07 7.59 -54.20
N GLY C 232 -13.07 8.28 -53.65
CA GLY C 232 -12.26 9.22 -54.40
C GLY C 232 -12.66 10.66 -54.19
N LYS C 233 -11.67 11.52 -53.98
CA LYS C 233 -11.92 12.94 -53.73
C LYS C 233 -11.04 13.80 -54.63
N SER C 237 -8.37 24.27 -52.36
CA SER C 237 -7.88 23.30 -51.38
C SER C 237 -6.59 23.78 -50.74
N TRP C 238 -6.35 23.34 -49.50
CA TRP C 238 -5.20 23.81 -48.73
C TRP C 238 -3.88 23.24 -49.25
N GLY C 239 -3.89 22.08 -49.90
CA GLY C 239 -2.64 21.53 -50.39
C GLY C 239 -2.82 20.21 -51.10
N THR C 240 -1.67 19.56 -51.37
CA THR C 240 -1.62 18.33 -52.14
C THR C 240 -2.14 17.11 -51.41
N GLY C 241 -2.25 17.15 -50.08
CA GLY C 241 -2.93 16.09 -49.35
C GLY C 241 -2.07 14.86 -49.10
N ASP C 242 -2.73 13.83 -48.57
CA ASP C 242 -2.06 12.59 -48.18
C ASP C 242 -3.08 11.47 -48.11
N VAL C 243 -2.59 10.23 -47.96
CA VAL C 243 -3.45 9.06 -47.96
C VAL C 243 -4.32 9.02 -46.72
N LYS C 244 -5.44 8.30 -46.82
CA LYS C 244 -6.50 8.38 -45.81
C LYS C 244 -6.06 7.88 -44.44
N TYR C 245 -5.12 6.95 -44.38
CA TYR C 245 -4.71 6.38 -43.10
C TYR C 245 -3.54 7.15 -42.47
N HIS C 246 -3.25 8.35 -42.96
CA HIS C 246 -2.34 9.27 -42.30
C HIS C 246 -3.04 10.45 -41.64
N GLN C 247 -4.36 10.58 -41.79
CA GLN C 247 -5.05 11.76 -41.30
C GLN C 247 -5.11 11.80 -39.78
N GLY C 248 -4.97 13.01 -39.23
CA GLY C 248 -5.22 13.25 -37.81
C GLY C 248 -6.64 13.69 -37.57
N PHE C 249 -6.95 13.91 -36.29
CA PHE C 249 -8.31 14.29 -35.92
C PHE C 249 -8.31 14.93 -34.54
N SER C 250 -9.29 15.80 -34.32
CA SER C 250 -9.52 16.43 -33.03
C SER C 250 -11.00 16.32 -32.68
N ALA C 251 -11.28 16.08 -31.40
CA ALA C 251 -12.66 15.96 -30.92
C ALA C 251 -12.66 16.04 -29.41
N ASP C 252 -13.84 16.34 -28.87
CA ASP C 252 -14.10 16.16 -27.45
C ASP C 252 -14.77 14.81 -27.22
N PHE C 253 -14.58 14.28 -26.02
CA PHE C 253 -14.93 12.89 -25.70
C PHE C 253 -15.50 12.86 -24.30
N ALA C 254 -16.79 12.50 -24.18
CA ALA C 254 -17.42 12.48 -22.88
C ALA C 254 -16.86 11.35 -22.03
N THR C 255 -16.48 11.68 -20.81
CA THR C 255 -15.89 10.78 -19.82
C THR C 255 -16.64 10.98 -18.51
N PRO C 256 -16.55 10.01 -17.59
CA PRO C 256 -17.20 10.21 -16.28
C PRO C 256 -16.73 11.46 -15.56
N GLY C 257 -15.48 11.88 -15.77
CA GLY C 257 -14.95 13.08 -15.19
C GLY C 257 -15.14 14.35 -15.99
N GLY C 258 -15.87 14.29 -17.10
CA GLY C 258 -16.10 15.44 -17.94
C GLY C 258 -15.50 15.27 -19.32
N ASP C 259 -15.75 16.28 -20.17
CA ASP C 259 -15.23 16.25 -21.51
C ASP C 259 -13.70 16.31 -21.51
N VAL C 260 -13.08 15.51 -22.37
CA VAL C 260 -11.63 15.50 -22.55
C VAL C 260 -11.36 15.81 -24.02
N HIS C 261 -10.35 16.65 -24.27
CA HIS C 261 -9.94 16.91 -25.65
C HIS C 261 -9.11 15.75 -26.15
N LEU C 262 -9.35 15.37 -27.40
CA LEU C 262 -8.66 14.26 -28.05
C LEU C 262 -7.93 14.77 -29.27
N ALA C 263 -6.69 14.31 -29.45
CA ALA C 263 -5.91 14.65 -30.62
C ALA C 263 -5.25 13.39 -31.16
N LEU C 264 -5.46 13.12 -32.44
CA LEU C 264 -4.76 12.06 -33.16
C LEU C 264 -3.84 12.71 -34.16
N ALA C 265 -2.55 12.36 -34.09
CA ALA C 265 -1.54 13.05 -34.89
C ALA C 265 -1.59 12.64 -36.36
N PHE C 266 -1.25 13.59 -37.22
CA PHE C 266 -0.82 13.26 -38.58
C PHE C 266 0.56 12.61 -38.52
N ASN C 267 0.82 11.72 -39.47
CA ASN C 267 2.12 11.05 -39.55
C ASN C 267 2.33 10.57 -40.96
N PRO C 268 3.60 10.35 -41.36
CA PRO C 268 3.87 9.74 -42.68
C PRO C 268 3.90 8.23 -42.60
N SER C 269 4.23 7.58 -43.72
CA SER C 269 4.35 6.12 -43.72
C SER C 269 5.50 5.65 -42.83
N HIS C 270 6.53 6.49 -42.65
CA HIS C 270 7.66 6.12 -41.81
C HIS C 270 7.17 5.82 -40.39
N LEU C 271 7.45 4.61 -39.93
CA LEU C 271 6.94 4.16 -38.64
C LEU C 271 7.77 4.71 -37.48
N GLU C 272 7.10 4.84 -36.33
CA GLU C 272 7.72 5.13 -35.04
C GLU C 272 8.21 6.57 -34.90
N ILE C 273 8.52 7.23 -36.01
CA ILE C 273 9.04 8.60 -35.93
C ILE C 273 8.01 9.56 -35.35
N VAL C 274 6.72 9.24 -35.48
CA VAL C 274 5.68 10.11 -34.94
C VAL C 274 5.73 10.16 -33.41
N ASN C 275 6.27 9.13 -32.77
CA ASN C 275 6.27 9.08 -31.31
C ASN C 275 7.00 10.27 -30.68
N PRO C 276 8.25 10.60 -31.06
CA PRO C 276 8.85 11.83 -30.52
C PRO C 276 8.06 13.08 -30.84
N VAL C 277 7.40 13.14 -32.00
CA VAL C 277 6.63 14.32 -32.36
C VAL C 277 5.47 14.53 -31.40
N VAL C 278 4.81 13.43 -31.00
CA VAL C 278 3.74 13.55 -30.01
C VAL C 278 4.28 13.98 -28.66
N MET C 279 5.49 13.52 -28.32
CA MET C 279 6.09 13.92 -27.04
C MET C 279 6.33 15.43 -27.01
N GLY C 280 6.76 16.02 -28.13
CA GLY C 280 6.97 17.45 -28.16
C GLY C 280 5.67 18.23 -28.12
N SER C 281 4.63 17.71 -28.78
CA SER C 281 3.33 18.36 -28.74
C SER C 281 2.75 18.34 -27.33
N VAL C 282 2.91 17.22 -26.62
CA VAL C 282 2.37 17.09 -25.28
C VAL C 282 3.13 18.00 -24.31
N ARG C 283 4.46 18.07 -24.45
CA ARG C 283 5.24 18.98 -23.61
C ARG C 283 4.86 20.43 -23.88
N ALA C 284 4.57 20.77 -25.14
CA ALA C 284 4.15 22.12 -25.46
C ALA C 284 2.81 22.45 -24.81
N ARG C 285 1.91 21.46 -24.72
CA ARG C 285 0.65 21.67 -24.03
C ARG C 285 0.85 21.76 -22.53
N GLN C 286 1.69 20.88 -21.97
CA GLN C 286 1.94 20.89 -20.53
C GLN C 286 2.62 22.19 -20.10
N ASP C 287 3.52 22.72 -20.95
CA ASP C 287 4.13 24.00 -20.64
C ASP C 287 3.10 25.12 -20.62
N ARG C 288 2.19 25.12 -21.60
CA ARG C 288 1.19 26.18 -21.68
C ARG C 288 0.23 26.13 -20.51
N LEU C 289 -0.11 24.93 -20.04
CA LEU C 289 -1.07 24.78 -18.96
C LEU C 289 -0.45 24.89 -17.58
N GLY C 290 0.87 24.99 -17.49
CA GLY C 290 1.49 24.91 -16.18
C GLY C 290 1.42 23.53 -15.57
N ASP C 291 1.27 22.49 -16.40
CA ASP C 291 1.17 21.11 -15.94
C ASP C 291 2.58 20.60 -15.67
N ASP C 292 3.11 21.01 -14.52
CA ASP C 292 4.51 20.78 -14.21
C ASP C 292 4.82 19.30 -14.01
N ASP C 293 3.85 18.51 -13.54
CA ASP C 293 4.06 17.08 -13.35
C ASP C 293 3.45 16.23 -14.47
N GLY C 294 2.87 16.87 -15.49
CA GLY C 294 2.32 16.11 -16.61
C GLY C 294 1.05 15.34 -16.28
N SER C 295 0.27 15.80 -15.31
CA SER C 295 -0.96 15.11 -14.94
C SER C 295 -2.19 15.60 -15.70
N LYS C 296 -2.05 16.64 -16.53
CA LYS C 296 -3.20 17.18 -17.25
C LYS C 296 -3.27 16.71 -18.70
N VAL C 297 -2.15 16.41 -19.33
CA VAL C 297 -2.10 15.99 -20.74
C VAL C 297 -1.49 14.61 -20.80
N LEU C 298 -2.21 13.66 -21.40
CA LEU C 298 -1.77 12.27 -21.46
C LEU C 298 -1.24 11.94 -22.85
N PRO C 299 0.03 11.52 -22.98
CA PRO C 299 0.50 11.03 -24.27
C PRO C 299 0.29 9.53 -24.43
N ILE C 300 -0.22 9.11 -25.58
CA ILE C 300 -0.41 7.70 -25.90
C ILE C 300 0.21 7.44 -27.26
N THR C 301 1.08 6.43 -27.34
CA THR C 301 1.68 6.02 -28.60
C THR C 301 1.33 4.57 -28.88
N ILE C 302 1.00 4.28 -30.14
CA ILE C 302 0.63 2.93 -30.58
C ILE C 302 1.69 2.46 -31.56
N HIS C 303 2.12 1.21 -31.40
CA HIS C 303 3.26 0.68 -32.15
C HIS C 303 2.90 -0.67 -32.76
N GLY C 304 3.56 -0.99 -33.87
CA GLY C 304 3.57 -2.34 -34.38
C GLY C 304 4.70 -3.14 -33.75
N ASP C 305 4.52 -4.47 -33.70
CA ASP C 305 5.51 -5.29 -33.00
C ASP C 305 6.83 -5.33 -33.74
N SER C 306 6.80 -5.43 -35.07
CA SER C 306 8.06 -5.44 -35.82
C SER C 306 8.73 -4.07 -35.82
N ALA C 307 7.93 -2.99 -35.91
CA ALA C 307 8.51 -1.65 -36.00
C ALA C 307 9.16 -1.24 -34.68
N ILE C 308 8.53 -1.55 -33.55
CA ILE C 308 9.06 -1.08 -32.27
C ILE C 308 10.37 -1.79 -31.94
N ALA C 309 10.56 -3.03 -32.40
CA ALA C 309 11.81 -3.73 -32.13
C ALA C 309 12.95 -3.21 -32.99
N GLY C 310 12.67 -2.74 -34.20
CA GLY C 310 13.73 -2.47 -35.14
C GLY C 310 14.10 -1.02 -35.38
N GLN C 311 13.23 -0.09 -34.99
CA GLN C 311 13.46 1.32 -35.26
C GLN C 311 14.19 1.95 -34.08
N GLY C 312 15.32 2.60 -34.38
CA GLY C 312 16.15 3.16 -33.32
C GLY C 312 15.56 4.40 -32.67
N VAL C 313 14.61 5.06 -33.33
CA VAL C 313 13.97 6.23 -32.74
C VAL C 313 13.18 5.85 -31.49
N VAL C 314 12.77 4.59 -31.38
CA VAL C 314 12.08 4.14 -30.16
C VAL C 314 12.99 4.27 -28.95
N ALA C 315 14.24 3.79 -29.08
CA ALA C 315 15.18 3.89 -27.97
C ALA C 315 15.55 5.34 -27.67
N GLU C 316 15.68 6.17 -28.72
CA GLU C 316 16.01 7.57 -28.49
C GLU C 316 14.91 8.27 -27.72
N THR C 317 13.64 7.89 -27.94
CA THR C 317 12.53 8.50 -27.22
C THR C 317 12.44 7.99 -25.79
N PHE C 318 12.70 6.70 -25.58
CA PHE C 318 12.74 6.17 -24.23
C PHE C 318 13.83 6.84 -23.39
N ASN C 319 14.96 7.18 -24.03
CA ASN C 319 16.05 7.84 -23.31
C ASN C 319 15.71 9.29 -23.00
N MET C 320 14.76 9.89 -23.70
CA MET C 320 14.28 11.23 -23.41
C MET C 320 13.13 11.26 -22.41
N SER C 321 12.62 10.10 -22.00
CA SER C 321 11.40 10.07 -21.20
C SER C 321 11.57 10.71 -19.83
N GLN C 322 12.80 10.75 -19.31
CA GLN C 322 13.06 11.37 -18.01
C GLN C 322 14.07 12.51 -18.10
N ALA C 323 14.51 12.88 -19.31
CA ALA C 323 15.30 14.10 -19.46
C ALA C 323 14.45 15.30 -19.09
N ARG C 324 15.04 16.23 -18.35
CA ARG C 324 14.26 17.37 -17.87
C ARG C 324 13.76 18.26 -19.01
N GLY C 325 14.47 18.30 -20.13
CA GLY C 325 14.03 19.13 -21.24
C GLY C 325 12.99 18.49 -22.14
N PHE C 326 12.75 17.19 -21.98
CA PHE C 326 11.80 16.47 -22.82
C PHE C 326 10.76 15.67 -22.07
N CYS C 327 10.90 15.47 -20.76
CA CYS C 327 9.96 14.64 -20.01
C CYS C 327 8.55 15.21 -20.10
N VAL C 328 7.56 14.31 -20.19
CA VAL C 328 6.16 14.69 -20.27
C VAL C 328 5.36 13.92 -19.23
N GLY C 329 6.02 13.46 -18.18
CA GLY C 329 5.36 12.69 -17.14
C GLY C 329 5.13 11.24 -17.46
N GLY C 330 5.78 10.70 -18.48
CA GLY C 330 5.59 9.31 -18.86
C GLY C 330 4.52 9.14 -19.92
N THR C 331 4.68 8.11 -20.73
CA THR C 331 3.77 7.81 -21.83
C THR C 331 3.21 6.41 -21.69
N VAL C 332 1.92 6.26 -21.98
CA VAL C 332 1.32 4.93 -22.13
C VAL C 332 1.57 4.48 -23.57
N ARG C 333 2.22 3.33 -23.71
CA ARG C 333 2.65 2.82 -25.01
C ARG C 333 2.00 1.47 -25.26
N VAL C 334 1.27 1.37 -26.36
CA VAL C 334 0.52 0.16 -26.70
C VAL C 334 1.14 -0.43 -27.96
N VAL C 335 1.50 -1.71 -27.90
CA VAL C 335 1.98 -2.46 -29.06
C VAL C 335 0.84 -3.34 -29.55
N VAL C 336 0.42 -3.12 -30.80
CA VAL C 336 -0.53 -4.01 -31.45
C VAL C 336 0.27 -5.20 -32.00
N ASN C 337 0.43 -6.23 -31.18
CA ASN C 337 1.33 -7.33 -31.47
C ASN C 337 0.53 -8.44 -32.15
N ASN C 338 0.40 -8.35 -33.47
CA ASN C 338 -0.24 -9.38 -34.27
C ASN C 338 0.74 -10.46 -34.72
N GLN C 339 1.96 -10.45 -34.19
CA GLN C 339 2.93 -11.54 -34.34
C GLN C 339 3.38 -11.72 -35.78
N VAL C 340 3.32 -10.66 -36.59
CA VAL C 340 3.82 -10.72 -37.95
C VAL C 340 4.08 -9.30 -38.42
N GLY C 341 5.11 -9.14 -39.24
CA GLY C 341 5.37 -7.88 -39.92
C GLY C 341 5.42 -8.08 -41.41
N PHE C 342 4.36 -7.66 -42.10
CA PHE C 342 4.19 -7.93 -43.53
C PHE C 342 4.32 -9.42 -43.80
N THR C 343 5.42 -9.84 -44.43
CA THR C 343 5.67 -11.25 -44.70
C THR C 343 6.62 -11.90 -43.70
N THR C 344 7.06 -11.19 -42.68
CA THR C 344 8.05 -11.70 -41.74
C THR C 344 7.40 -12.00 -40.40
N SER C 345 7.41 -13.28 -40.01
CA SER C 345 6.86 -13.70 -38.74
C SER C 345 7.83 -14.48 -37.87
N ASN C 346 8.91 -14.99 -38.41
CA ASN C 346 9.87 -15.76 -37.63
C ASN C 346 10.54 -14.84 -36.61
N PRO C 347 10.50 -15.17 -35.31
CA PRO C 347 11.17 -14.32 -34.31
C PRO C 347 12.66 -14.16 -34.54
N ARG C 348 13.30 -15.17 -35.14
CA ARG C 348 14.73 -15.08 -35.43
C ARG C 348 15.05 -14.08 -36.54
N ASP C 349 14.05 -13.58 -37.26
CA ASP C 349 14.27 -12.58 -38.29
C ASP C 349 13.86 -11.17 -37.88
N THR C 350 12.93 -11.03 -36.93
CA THR C 350 12.40 -9.73 -36.56
C THR C 350 13.07 -9.11 -35.35
N ARG C 351 13.71 -9.89 -34.49
CA ARG C 351 14.21 -9.40 -33.21
C ARG C 351 15.20 -10.41 -32.65
N SER C 352 15.83 -10.05 -31.54
CA SER C 352 16.83 -10.89 -30.88
C SER C 352 16.39 -11.38 -29.51
N THR C 353 15.11 -11.25 -29.17
CA THR C 353 14.62 -11.59 -27.85
C THR C 353 13.22 -12.16 -27.95
N MET C 354 12.72 -12.72 -26.85
CA MET C 354 11.39 -13.34 -26.86
C MET C 354 10.29 -12.31 -27.10
N TYR C 355 10.44 -11.10 -26.56
CA TYR C 355 9.40 -10.08 -26.65
C TYR C 355 9.86 -8.91 -27.50
N CYS C 356 8.94 -8.37 -28.31
CA CYS C 356 9.22 -7.14 -29.04
C CYS C 356 9.30 -5.92 -28.12
N THR C 357 8.77 -6.03 -26.90
CA THR C 357 8.73 -4.91 -25.95
C THR C 357 9.97 -4.83 -25.06
N ASP C 358 10.97 -5.69 -25.28
CA ASP C 358 12.13 -5.73 -24.40
C ASP C 358 12.95 -4.45 -24.43
N ILE C 359 12.79 -3.63 -25.47
CA ILE C 359 13.46 -2.32 -25.49
C ILE C 359 13.02 -1.48 -24.29
N ALA C 360 11.80 -1.70 -23.80
CA ALA C 360 11.29 -0.92 -22.68
C ALA C 360 12.10 -1.12 -21.41
N LYS C 361 12.85 -2.22 -21.30
CA LYS C 361 13.64 -2.48 -20.10
C LYS C 361 14.77 -1.48 -19.93
N MET C 362 15.14 -0.74 -20.96
CA MET C 362 16.22 0.25 -20.82
C MET C 362 15.87 1.33 -19.81
N VAL C 363 14.58 1.63 -19.65
CA VAL C 363 14.11 2.58 -18.64
C VAL C 363 13.31 1.87 -17.55
N GLN C 364 13.44 0.55 -17.45
CA GLN C 364 12.80 -0.26 -16.40
C GLN C 364 11.28 -0.08 -16.37
N ALA C 365 10.68 0.11 -17.54
CA ALA C 365 9.23 0.20 -17.59
C ALA C 365 8.60 -1.16 -17.39
N PRO C 366 7.53 -1.25 -16.58
CA PRO C 366 6.74 -2.48 -16.55
C PRO C 366 6.08 -2.73 -17.90
N ILE C 367 5.93 -4.01 -18.24
CA ILE C 367 5.33 -4.41 -19.51
C ILE C 367 4.22 -5.41 -19.20
N PHE C 368 3.01 -5.10 -19.66
CA PHE C 368 1.84 -5.94 -19.43
C PHE C 368 1.44 -6.61 -20.75
N HIS C 369 1.79 -7.88 -20.88
CA HIS C 369 1.30 -8.70 -21.98
C HIS C 369 -0.09 -9.20 -21.62
N VAL C 370 -1.02 -9.13 -22.57
CA VAL C 370 -2.40 -9.54 -22.35
C VAL C 370 -2.93 -10.19 -23.62
N ASN C 371 -3.60 -11.33 -23.46
CA ASN C 371 -4.26 -11.97 -24.60
C ASN C 371 -5.36 -11.05 -25.11
N ALA C 372 -5.37 -10.81 -26.42
CA ALA C 372 -6.35 -9.89 -26.99
C ALA C 372 -7.75 -10.50 -27.09
N ASP C 373 -7.87 -11.82 -26.92
CA ASP C 373 -9.18 -12.47 -26.90
C ASP C 373 -9.85 -12.40 -25.54
N ASP C 374 -9.27 -11.65 -24.60
CA ASP C 374 -9.81 -11.51 -23.25
C ASP C 374 -9.94 -10.01 -22.97
N PRO C 375 -10.99 -9.38 -23.51
CA PRO C 375 -11.13 -7.92 -23.36
C PRO C 375 -11.17 -7.44 -21.92
N GLU C 376 -11.74 -8.23 -21.00
CA GLU C 376 -11.79 -7.79 -19.61
C GLU C 376 -10.38 -7.74 -18.99
N ALA C 377 -9.53 -8.69 -19.35
CA ALA C 377 -8.12 -8.58 -18.97
C ALA C 377 -7.46 -7.39 -19.67
N VAL C 378 -7.88 -7.09 -20.90
CA VAL C 378 -7.33 -5.95 -21.62
C VAL C 378 -7.70 -4.65 -20.90
N ALA C 379 -8.98 -4.46 -20.61
CA ALA C 379 -9.42 -3.25 -19.93
C ALA C 379 -8.82 -3.18 -18.52
N PHE C 380 -8.68 -4.32 -17.85
CA PHE C 380 -8.11 -4.34 -16.52
C PHE C 380 -6.63 -3.96 -16.53
N VAL C 381 -5.88 -4.50 -17.49
CA VAL C 381 -4.48 -4.10 -17.65
C VAL C 381 -4.39 -2.65 -18.08
N THR C 382 -5.39 -2.15 -18.82
CA THR C 382 -5.36 -0.76 -19.28
C THR C 382 -5.49 0.21 -18.12
N ARG C 383 -6.40 -0.05 -17.18
CA ARG C 383 -6.55 0.83 -16.03
C ARG C 383 -5.30 0.79 -15.14
N ILE C 384 -4.67 -0.38 -15.02
CA ILE C 384 -3.46 -0.48 -14.19
C ILE C 384 -2.33 0.33 -14.80
N ALA C 385 -2.13 0.19 -16.12
CA ALA C 385 -1.02 0.88 -16.76
C ALA C 385 -1.16 2.40 -16.67
N LEU C 386 -2.39 2.90 -16.79
CA LEU C 386 -2.59 4.34 -16.66
C LEU C 386 -2.44 4.77 -15.21
N ASP C 387 -2.93 3.96 -14.27
CA ASP C 387 -2.74 4.27 -12.86
C ASP C 387 -1.26 4.24 -12.50
N TYR C 388 -0.50 3.32 -13.09
CA TYR C 388 0.94 3.31 -12.87
C TYR C 388 1.58 4.57 -13.44
N ARG C 389 1.16 4.99 -14.64
CA ARG C 389 1.72 6.19 -15.25
C ARG C 389 1.40 7.42 -14.42
N ASN C 390 0.15 7.55 -13.96
CA ASN C 390 -0.22 8.71 -13.16
C ASN C 390 0.38 8.68 -11.77
N GLU C 391 0.65 7.50 -11.23
CA GLU C 391 1.19 7.42 -9.88
C GLU C 391 2.68 7.76 -9.84
N PHE C 392 3.46 7.21 -10.77
CA PHE C 392 4.90 7.32 -10.73
C PHE C 392 5.48 8.15 -11.87
N LYS C 393 4.65 8.64 -12.78
CA LYS C 393 5.09 9.53 -13.86
C LYS C 393 6.20 8.88 -14.71
N ARG C 394 5.98 7.62 -15.07
CA ARG C 394 6.97 6.85 -15.82
C ARG C 394 6.28 6.11 -16.96
N ASP C 395 7.08 5.76 -17.97
CA ASP C 395 6.58 5.03 -19.12
C ASP C 395 6.08 3.65 -18.71
N VAL C 396 5.03 3.21 -19.40
CA VAL C 396 4.45 1.88 -19.18
C VAL C 396 4.02 1.34 -20.54
N VAL C 397 4.14 0.03 -20.70
CA VAL C 397 3.94 -0.63 -21.99
C VAL C 397 2.85 -1.68 -21.84
N ILE C 398 1.93 -1.71 -22.82
CA ILE C 398 0.90 -2.73 -22.91
C ILE C 398 1.16 -3.52 -24.19
N ASP C 399 1.41 -4.81 -24.06
CA ASP C 399 1.68 -5.70 -25.19
C ASP C 399 0.37 -6.41 -25.53
N LEU C 400 -0.35 -5.89 -26.51
CA LEU C 400 -1.62 -6.48 -26.93
C LEU C 400 -1.34 -7.60 -27.91
N VAL C 401 -1.31 -8.83 -27.40
CA VAL C 401 -0.96 -10.00 -28.21
C VAL C 401 -2.22 -10.42 -28.98
N CYS C 402 -2.17 -10.30 -30.30
CA CYS C 402 -3.33 -10.53 -31.15
C CYS C 402 -2.87 -11.18 -32.44
N TYR C 403 -3.67 -11.06 -33.49
CA TYR C 403 -3.34 -11.59 -34.80
C TYR C 403 -3.86 -10.64 -35.87
N ARG C 404 -3.41 -10.86 -37.10
CA ARG C 404 -3.80 -10.08 -38.27
C ARG C 404 -4.71 -10.94 -39.12
N ARG C 405 -6.02 -10.61 -39.14
CA ARG C 405 -7.00 -11.49 -39.77
C ARG C 405 -6.73 -11.65 -41.26
N HIS C 406 -6.34 -10.58 -41.93
CA HIS C 406 -6.06 -10.62 -43.36
C HIS C 406 -4.55 -10.52 -43.59
N GLY C 407 -4.16 -10.35 -44.85
CA GLY C 407 -2.79 -10.07 -45.18
C GLY C 407 -2.39 -8.69 -44.66
N HIS C 408 -1.11 -8.37 -44.87
CA HIS C 408 -0.58 -7.09 -44.38
C HIS C 408 -1.46 -5.93 -44.82
N ASN C 409 -1.84 -5.92 -46.08
CA ASN C 409 -2.96 -5.13 -46.56
C ASN C 409 -3.98 -6.08 -47.17
N GLU C 410 -5.13 -5.54 -47.52
CA GLU C 410 -6.26 -6.38 -47.91
C GLU C 410 -6.10 -6.96 -49.31
N ALA C 411 -5.10 -6.52 -50.08
CA ALA C 411 -4.86 -7.03 -51.43
C ALA C 411 -3.59 -7.88 -51.50
N ASP C 412 -3.12 -8.38 -50.37
CA ASP C 412 -1.89 -9.17 -50.30
C ASP C 412 -2.22 -10.56 -49.78
N GLU C 413 -1.50 -11.58 -50.29
CA GLU C 413 -1.75 -12.96 -49.90
C GLU C 413 -0.83 -13.33 -48.73
N PRO C 414 -1.38 -13.62 -47.54
CA PRO C 414 -0.51 -14.01 -46.43
C PRO C 414 -0.10 -15.48 -46.44
N ASN C 415 -0.86 -16.36 -47.10
CA ASN C 415 -0.57 -17.78 -47.04
C ASN C 415 0.72 -18.16 -47.75
N ALA C 416 1.20 -17.32 -48.68
CA ALA C 416 2.45 -17.63 -49.37
C ALA C 416 3.63 -17.68 -48.40
N THR C 417 3.57 -16.94 -47.30
CA THR C 417 4.66 -16.89 -46.34
C THR C 417 4.27 -17.28 -44.92
N GLN C 418 2.99 -17.30 -44.59
CA GLN C 418 2.51 -17.75 -43.28
C GLN C 418 1.35 -18.71 -43.46
N PRO C 419 1.61 -19.93 -43.98
CA PRO C 419 0.51 -20.87 -44.22
C PRO C 419 -0.14 -21.38 -42.94
N LEU C 420 0.64 -21.93 -42.02
CA LEU C 420 0.04 -22.50 -40.80
C LEU C 420 -0.62 -21.42 -39.94
N MET C 421 -0.06 -20.20 -39.93
CA MET C 421 -0.64 -19.15 -39.10
C MET C 421 -2.06 -18.83 -39.54
N TYR C 422 -2.30 -18.81 -40.86
CA TYR C 422 -3.60 -18.43 -41.37
C TYR C 422 -4.53 -19.63 -41.56
N GLN C 423 -4.00 -20.85 -41.61
CA GLN C 423 -4.86 -22.01 -41.47
C GLN C 423 -5.51 -22.02 -40.10
N LYS C 424 -4.80 -21.56 -39.07
CA LYS C 424 -5.38 -21.45 -37.75
C LYS C 424 -6.32 -20.25 -37.65
N ILE C 425 -5.97 -19.14 -38.29
CA ILE C 425 -6.83 -17.96 -38.25
C ILE C 425 -8.12 -18.23 -39.00
N LYS C 426 -8.08 -19.08 -40.03
CA LYS C 426 -9.27 -19.34 -40.83
C LYS C 426 -10.35 -20.05 -40.02
N LYS C 427 -9.98 -20.78 -38.97
CA LYS C 427 -10.93 -21.45 -38.10
C LYS C 427 -11.01 -20.79 -36.72
N HIS C 428 -10.48 -19.57 -36.58
CA HIS C 428 -10.48 -18.89 -35.29
C HIS C 428 -11.63 -17.90 -35.21
N PRO C 429 -12.54 -18.04 -34.25
CA PRO C 429 -13.62 -17.06 -34.10
C PRO C 429 -13.09 -15.69 -33.68
N THR C 430 -13.85 -14.66 -34.06
CA THR C 430 -13.46 -13.29 -33.82
C THR C 430 -13.62 -12.93 -32.34
N PRO C 431 -12.91 -11.90 -31.87
CA PRO C 431 -13.01 -11.53 -30.45
C PRO C 431 -14.42 -11.16 -30.02
N ARG C 432 -15.22 -10.56 -30.90
CA ARG C 432 -16.61 -10.27 -30.55
C ARG C 432 -17.38 -11.56 -30.26
N LYS C 433 -17.21 -12.57 -31.11
CA LYS C 433 -17.95 -13.82 -30.92
C LYS C 433 -17.53 -14.54 -29.66
N LEU C 434 -16.22 -14.52 -29.34
CA LEU C 434 -15.76 -15.20 -28.14
C LEU C 434 -16.26 -14.51 -26.87
N TYR C 435 -16.23 -13.18 -26.85
CA TYR C 435 -16.67 -12.47 -25.65
C TYR C 435 -18.17 -12.58 -25.45
N ALA C 436 -18.95 -12.52 -26.53
CA ALA C 436 -20.39 -12.69 -26.42
C ALA C 436 -20.73 -14.08 -25.89
N ASP C 437 -20.04 -15.12 -26.38
CA ASP C 437 -20.27 -16.46 -25.87
C ASP C 437 -19.90 -16.56 -24.40
N VAL C 438 -18.86 -15.82 -23.99
CA VAL C 438 -18.43 -15.83 -22.59
C VAL C 438 -19.49 -15.20 -21.70
N LEU C 439 -20.01 -14.04 -22.10
CA LEU C 439 -21.03 -13.36 -21.31
C LEU C 439 -22.35 -14.15 -21.26
N ILE C 440 -22.68 -14.86 -22.34
CA ILE C 440 -23.94 -15.62 -22.35
C ILE C 440 -23.86 -16.83 -21.42
N ASP C 441 -22.73 -17.53 -21.43
CA ASP C 441 -22.58 -18.68 -20.54
C ASP C 441 -22.58 -18.28 -19.07
N ARG C 442 -22.16 -17.06 -18.77
CA ARG C 442 -22.16 -16.52 -17.42
C ARG C 442 -23.49 -15.87 -17.07
N ASN C 443 -24.45 -15.85 -17.99
CA ASN C 443 -25.74 -15.18 -17.80
C ASN C 443 -25.58 -13.71 -17.46
N GLU C 444 -24.55 -13.07 -18.02
CA GLU C 444 -24.37 -11.63 -17.94
C GLU C 444 -24.74 -10.94 -19.26
N CYS C 445 -25.11 -11.71 -20.26
CA CYS C 445 -25.66 -11.18 -21.51
C CYS C 445 -26.50 -12.27 -22.15
N ASP C 446 -27.26 -11.89 -23.17
CA ASP C 446 -28.11 -12.81 -23.90
C ASP C 446 -27.83 -12.69 -25.39
N ILE C 447 -28.20 -13.73 -26.14
CA ILE C 447 -27.88 -13.76 -27.56
C ILE C 447 -28.59 -12.66 -28.33
N GLU C 448 -29.77 -12.23 -27.88
CA GLU C 448 -30.49 -11.20 -28.61
C GLU C 448 -29.85 -9.83 -28.43
N THR C 449 -29.33 -9.53 -27.24
CA THR C 449 -28.62 -8.27 -27.05
C THR C 449 -27.35 -8.22 -27.90
N ALA C 450 -26.59 -9.32 -27.93
CA ALA C 450 -25.38 -9.35 -28.75
C ALA C 450 -25.72 -9.29 -30.24
N THR C 451 -26.84 -9.91 -30.64
CA THR C 451 -27.26 -9.84 -32.03
C THR C 451 -27.74 -8.44 -32.38
N GLN C 452 -28.44 -7.77 -31.46
CA GLN C 452 -28.93 -6.43 -31.71
C GLN C 452 -27.79 -5.45 -31.96
N MET C 453 -26.67 -5.62 -31.24
CA MET C 453 -25.54 -4.72 -31.41
C MET C 453 -24.97 -4.83 -32.83
N VAL C 454 -24.86 -6.05 -33.35
CA VAL C 454 -24.27 -6.25 -34.68
C VAL C 454 -25.13 -5.56 -35.74
N ASN C 455 -26.44 -5.81 -35.72
CA ASN C 455 -27.30 -5.24 -36.75
C ASN C 455 -27.55 -3.75 -36.55
N GLU C 456 -27.62 -3.29 -35.29
CA GLU C 456 -27.81 -1.87 -35.06
C GLU C 456 -26.59 -1.06 -35.49
N TYR C 457 -25.39 -1.61 -35.30
CA TYR C 457 -24.19 -0.91 -35.75
C TYR C 457 -24.12 -0.85 -37.28
N ARG C 458 -24.56 -1.91 -37.95
CA ARG C 458 -24.60 -1.88 -39.41
C ARG C 458 -25.57 -0.83 -39.92
N ASP C 459 -26.70 -0.66 -39.22
CA ASP C 459 -27.64 0.39 -39.59
C ASP C 459 -27.06 1.78 -39.36
N ALA C 460 -26.29 1.95 -38.28
CA ALA C 460 -25.71 3.26 -38.01
C ALA C 460 -24.68 3.64 -39.07
N LEU C 461 -23.91 2.66 -39.57
CA LEU C 461 -23.00 2.95 -40.68
C LEU C 461 -23.77 3.30 -41.95
N ASP C 462 -24.93 2.66 -42.16
CA ASP C 462 -25.77 3.02 -43.29
C ASP C 462 -26.27 4.46 -43.15
N HIS C 463 -26.60 4.87 -41.93
CA HIS C 463 -27.02 6.25 -41.70
C HIS C 463 -25.89 7.23 -41.93
N GLY C 464 -24.65 6.83 -41.67
CA GLY C 464 -23.48 7.62 -42.03
C GLY C 464 -23.08 8.69 -41.05
N GLU C 465 -23.80 8.84 -39.94
CA GLU C 465 -23.46 9.86 -38.95
C GLU C 465 -22.51 9.27 -37.89
N VAL C 466 -22.02 10.15 -37.02
CA VAL C 466 -21.05 9.74 -36.01
C VAL C 466 -21.63 8.63 -35.15
N VAL C 467 -20.82 7.60 -34.92
CA VAL C 467 -21.25 6.42 -34.17
C VAL C 467 -20.62 6.35 -32.79
N VAL C 468 -19.88 7.38 -32.39
CA VAL C 468 -19.27 7.44 -31.07
C VAL C 468 -20.22 8.25 -30.18
N LYS C 469 -20.85 7.57 -29.22
CA LYS C 469 -21.86 8.24 -28.39
C LYS C 469 -21.26 9.28 -27.47
N GLU C 470 -20.00 9.12 -27.08
CA GLU C 470 -19.34 10.09 -26.20
C GLU C 470 -18.66 11.22 -26.96
N TRP C 471 -18.69 11.20 -28.28
CA TRP C 471 -18.14 12.31 -29.05
C TRP C 471 -18.91 13.60 -28.77
N ARG C 472 -18.18 14.70 -28.67
CA ARG C 472 -18.76 16.03 -28.48
C ARG C 472 -18.05 17.02 -29.38
N PRO C 473 -18.75 18.05 -29.85
CA PRO C 473 -18.06 19.15 -30.54
C PRO C 473 -17.09 19.85 -29.60
N MET C 474 -15.96 20.28 -30.13
CA MET C 474 -14.99 21.02 -29.34
C MET C 474 -15.55 22.38 -28.93
N ALA C 475 -15.29 22.77 -27.68
CA ALA C 475 -15.76 24.05 -27.17
C ALA C 475 -14.79 25.16 -27.54
N TYR C 484 -4.91 33.60 -38.94
CA TYR C 484 -4.07 32.88 -39.87
C TYR C 484 -2.60 33.17 -39.58
N LEU C 485 -1.73 32.17 -39.77
CA LEU C 485 -0.29 32.32 -39.64
C LEU C 485 0.45 31.89 -40.91
N GLY C 486 -0.27 31.82 -42.02
CA GLY C 486 0.28 31.40 -43.30
C GLY C 486 0.58 32.55 -44.25
N HIS C 487 0.70 33.77 -43.73
CA HIS C 487 0.92 34.93 -44.58
C HIS C 487 2.24 34.81 -45.34
N GLU C 488 2.34 35.57 -46.42
CA GLU C 488 3.50 35.51 -47.31
C GLU C 488 4.75 36.03 -46.59
N TRP C 489 5.91 35.55 -47.05
CA TRP C 489 7.16 35.84 -46.35
C TRP C 489 7.48 37.32 -46.34
N ASP C 490 7.05 38.07 -47.35
CA ASP C 490 7.37 39.48 -47.48
C ASP C 490 6.34 40.37 -46.79
N THR C 491 5.49 39.81 -45.93
CA THR C 491 4.55 40.61 -45.17
C THR C 491 5.29 41.59 -44.27
N PRO C 492 4.86 42.85 -44.21
CA PRO C 492 5.50 43.80 -43.30
C PRO C 492 5.31 43.41 -41.84
N TRP C 493 6.30 43.75 -41.02
CA TRP C 493 6.32 43.36 -39.62
C TRP C 493 7.11 44.41 -38.83
N SER C 494 6.90 44.41 -37.51
CA SER C 494 7.47 45.44 -36.64
C SER C 494 8.92 45.08 -36.33
N ASN C 495 9.84 45.59 -37.14
CA ASN C 495 11.25 45.30 -37.00
C ASN C 495 11.97 46.22 -36.02
N THR C 496 11.44 47.41 -35.77
CA THR C 496 12.12 48.39 -34.93
C THR C 496 11.91 48.11 -33.45
N TYR C 497 12.85 48.60 -32.64
CA TYR C 497 12.79 48.50 -31.19
C TYR C 497 13.40 49.75 -30.59
N ASP C 498 12.86 50.19 -29.46
CA ASP C 498 13.39 51.36 -28.79
C ASP C 498 14.85 51.13 -28.41
N LYS C 499 15.74 52.00 -28.89
CA LYS C 499 17.17 51.77 -28.70
C LYS C 499 17.55 51.81 -27.22
N GLN C 500 16.90 52.67 -26.43
CA GLN C 500 17.20 52.70 -25.00
C GLN C 500 16.67 51.46 -24.31
N ARG C 501 15.52 50.96 -24.77
CA ARG C 501 15.01 49.69 -24.25
C ARG C 501 15.97 48.55 -24.57
N LEU C 502 16.53 48.56 -25.79
CA LEU C 502 17.48 47.53 -26.17
C LEU C 502 18.75 47.61 -25.34
N VAL C 503 19.18 48.83 -24.98
CA VAL C 503 20.34 48.99 -24.12
C VAL C 503 20.03 48.53 -22.71
N GLU C 504 18.82 48.82 -22.22
CA GLU C 504 18.44 48.38 -20.89
C GLU C 504 18.34 46.87 -20.81
N LEU C 505 17.90 46.23 -21.89
CA LEU C 505 17.89 44.76 -21.91
C LEU C 505 19.29 44.20 -21.85
N GLY C 506 20.23 44.82 -22.56
CA GLY C 506 21.61 44.34 -22.53
C GLY C 506 22.26 44.53 -21.18
N LYS C 507 21.92 45.63 -20.49
CA LYS C 507 22.46 45.83 -19.15
C LYS C 507 21.96 44.77 -18.19
N ARG C 508 20.69 44.35 -18.35
CA ARG C 508 20.16 43.29 -17.52
C ARG C 508 20.79 41.95 -17.86
N LEU C 509 21.11 41.72 -19.14
CA LEU C 509 21.76 40.47 -19.55
C LEU C 509 23.15 40.32 -18.96
N CYS C 510 23.86 41.43 -18.75
CA CYS C 510 25.21 41.39 -18.22
C CYS C 510 25.26 41.34 -16.70
N GLN C 511 24.12 41.48 -16.03
CA GLN C 511 24.08 41.38 -14.57
C GLN C 511 23.97 39.92 -14.13
N TYR C 512 24.59 39.62 -12.99
CA TYR C 512 24.49 38.32 -12.35
C TYR C 512 24.84 38.49 -10.87
N PRO C 513 24.41 37.58 -10.01
CA PRO C 513 24.65 37.76 -8.58
C PRO C 513 26.13 37.82 -8.26
N GLU C 514 26.48 38.69 -7.30
CA GLU C 514 27.89 38.91 -6.98
C GLU C 514 28.55 37.67 -6.41
N SER C 515 27.77 36.81 -5.75
CA SER C 515 28.29 35.54 -5.23
C SER C 515 28.41 34.47 -6.30
N HIS C 516 27.86 34.70 -7.49
CA HIS C 516 27.83 33.69 -8.55
C HIS C 516 29.13 33.81 -9.34
N THR C 517 30.20 33.24 -8.77
CA THR C 517 31.52 33.37 -9.38
C THR C 517 31.55 32.74 -10.77
N LEU C 518 32.08 33.47 -11.73
CA LEU C 518 32.22 32.99 -13.10
C LEU C 518 33.66 32.59 -13.38
N HIS C 519 33.82 31.67 -14.33
CA HIS C 519 35.14 31.37 -14.85
C HIS C 519 35.69 32.60 -15.57
N SER C 520 37.00 32.80 -15.48
CA SER C 520 37.59 34.06 -15.93
C SER C 520 37.35 34.30 -17.42
N ARG C 521 37.29 33.25 -18.23
CA ARG C 521 36.94 33.42 -19.63
C ARG C 521 35.48 33.82 -19.81
N VAL C 522 34.61 33.44 -18.88
CA VAL C 522 33.21 33.86 -18.96
C VAL C 522 33.06 35.30 -18.48
N SER C 523 33.82 35.69 -17.45
CA SER C 523 33.82 37.08 -17.03
C SER C 523 34.36 37.98 -18.13
N LYS C 524 35.34 37.48 -18.89
CA LYS C 524 35.91 38.25 -19.99
C LYS C 524 34.85 38.52 -21.07
N LEU C 525 34.13 37.49 -21.48
CA LEU C 525 33.13 37.67 -22.53
C LEU C 525 31.98 38.56 -22.07
N TYR C 526 31.56 38.41 -20.81
CA TYR C 526 30.49 39.26 -20.29
C TYR C 526 30.94 40.69 -20.06
N ASN C 527 32.20 40.92 -19.74
CA ASN C 527 32.72 42.28 -19.69
C ASN C 527 32.72 42.91 -21.08
N ASP C 528 33.03 42.12 -22.10
CA ASP C 528 32.93 42.62 -23.47
C ASP C 528 31.49 42.99 -23.82
N ARG C 529 30.53 42.17 -23.40
CA ARG C 529 29.13 42.50 -23.65
C ARG C 529 28.71 43.76 -22.92
N THR C 530 29.30 44.02 -21.75
CA THR C 530 29.03 45.27 -21.05
C THR C 530 29.54 46.46 -21.86
N ALA C 531 30.72 46.32 -22.48
CA ALA C 531 31.24 47.39 -23.33
C ALA C 531 30.38 47.57 -24.58
N MET C 532 29.78 46.48 -25.09
CA MET C 532 28.89 46.61 -26.24
C MET C 532 27.63 47.38 -25.87
N THR C 533 27.15 47.24 -24.64
CA THR C 533 25.94 47.95 -24.20
C THR C 533 26.18 49.44 -23.99
N ASN C 534 27.43 49.84 -23.76
CA ASN C 534 27.76 51.24 -23.52
C ASN C 534 28.18 51.97 -24.79
N GLY C 535 28.12 51.32 -25.94
CA GLY C 535 28.53 51.93 -27.18
C GLY C 535 30.02 51.97 -27.39
N GLU C 536 30.80 51.40 -26.48
CA GLU C 536 32.26 51.41 -26.57
C GLU C 536 32.79 50.35 -27.53
N LYS C 537 31.97 49.38 -27.91
CA LYS C 537 32.42 48.30 -28.78
C LYS C 537 31.24 47.87 -29.65
N GLU C 538 31.53 47.50 -30.90
CA GLU C 538 30.49 46.93 -31.74
C GLU C 538 30.08 45.54 -31.26
N LEU C 539 28.83 45.20 -31.53
CA LEU C 539 28.26 43.94 -31.06
C LEU C 539 28.75 42.77 -31.91
N ASP C 540 29.05 41.66 -31.26
CA ASP C 540 29.40 40.43 -31.96
C ASP C 540 28.15 39.55 -32.13
N TRP C 541 28.33 38.41 -32.79
CA TRP C 541 27.21 37.54 -33.09
C TRP C 541 26.49 37.07 -31.83
N GLY C 542 27.26 36.74 -30.79
CA GLY C 542 26.65 36.21 -29.58
C GLY C 542 25.78 37.22 -28.86
N MET C 543 26.19 38.50 -28.87
CA MET C 543 25.43 39.52 -28.17
C MET C 543 24.13 39.86 -28.91
N ALA C 544 24.21 40.05 -30.23
CA ALA C 544 23.02 40.37 -31.01
C ALA C 544 22.02 39.24 -30.99
N GLU C 545 22.51 37.99 -30.99
CA GLU C 545 21.61 36.85 -30.84
C GLU C 545 20.92 36.87 -29.48
N THR C 546 21.64 37.27 -28.45
CA THR C 546 21.06 37.34 -27.11
C THR C 546 20.03 38.46 -26.99
N LEU C 547 20.29 39.62 -27.59
CA LEU C 547 19.29 40.68 -27.57
C LEU C 547 18.02 40.27 -28.31
N ALA C 548 18.16 39.48 -29.37
CA ALA C 548 16.97 39.02 -30.08
C ALA C 548 16.09 38.17 -29.17
N TYR C 549 16.70 37.28 -28.38
CA TYR C 549 15.94 36.54 -27.39
C TYR C 549 15.38 37.46 -26.32
N ALA C 550 16.15 38.49 -25.95
CA ALA C 550 15.74 39.38 -24.87
C ALA C 550 14.50 40.19 -25.25
N THR C 551 14.41 40.61 -26.52
CA THR C 551 13.25 41.40 -26.94
C THR C 551 11.99 40.55 -27.01
N LEU C 552 12.12 39.24 -27.24
CA LEU C 552 10.93 38.41 -27.40
C LEU C 552 10.33 38.04 -26.05
N VAL C 553 11.17 37.64 -25.08
CA VAL C 553 10.65 37.41 -23.73
C VAL C 553 10.26 38.73 -23.09
N ASP C 554 10.87 39.85 -23.52
CA ASP C 554 10.44 41.16 -23.04
C ASP C 554 9.00 41.46 -23.44
N ASP C 555 8.57 40.94 -24.59
CA ASP C 555 7.20 41.08 -25.06
C ASP C 555 6.30 39.94 -24.58
N GLY C 556 6.83 39.06 -23.73
CA GLY C 556 6.06 37.95 -23.21
C GLY C 556 6.04 36.71 -24.08
N LYS C 557 6.77 36.69 -25.19
CA LYS C 557 6.81 35.51 -26.04
C LYS C 557 7.71 34.44 -25.44
N ARG C 558 7.33 33.18 -25.65
CA ARG C 558 8.12 32.06 -25.20
C ARG C 558 9.31 31.82 -26.13
N ILE C 559 10.40 31.32 -25.55
CA ILE C 559 11.55 30.85 -26.32
C ILE C 559 11.99 29.52 -25.74
N ARG C 560 12.01 28.48 -26.58
CA ARG C 560 12.54 27.18 -26.21
C ARG C 560 13.66 26.82 -27.16
N ILE C 561 14.85 26.62 -26.62
CA ILE C 561 16.01 26.19 -27.40
C ILE C 561 16.48 24.85 -26.86
N SER C 562 16.76 23.91 -27.77
CA SER C 562 17.38 22.65 -27.41
C SER C 562 18.41 22.29 -28.46
N GLY C 563 19.40 21.52 -28.04
CA GLY C 563 20.50 21.14 -28.90
C GLY C 563 21.71 20.79 -28.08
N GLN C 564 22.63 20.07 -28.71
CA GLN C 564 23.80 19.57 -28.00
C GLN C 564 24.69 20.74 -27.58
N ASP C 565 24.88 20.88 -26.27
CA ASP C 565 25.75 21.90 -25.69
C ASP C 565 25.28 23.32 -26.03
N SER C 566 23.97 23.47 -26.25
CA SER C 566 23.43 24.76 -26.66
C SER C 566 23.43 25.80 -25.55
N GLY C 567 23.48 25.37 -24.28
CA GLY C 567 23.50 26.34 -23.20
C GLY C 567 24.72 27.25 -23.26
N ARG C 568 25.89 26.65 -23.41
CA ARG C 568 27.12 27.42 -23.63
C ARG C 568 27.34 27.75 -25.09
N GLY C 569 26.98 26.84 -26.00
CA GLY C 569 27.33 26.96 -27.39
C GLY C 569 28.55 26.12 -27.71
N THR C 570 28.48 25.36 -28.81
CA THR C 570 29.62 24.52 -29.20
C THR C 570 30.86 25.36 -29.44
N PHE C 571 30.69 26.61 -29.91
CA PHE C 571 31.80 27.48 -30.24
C PHE C 571 32.00 28.58 -29.20
N PHE C 572 31.53 28.35 -27.98
CA PHE C 572 31.85 29.19 -26.83
C PHE C 572 31.35 30.62 -26.98
N HIS C 573 30.27 30.81 -27.74
CA HIS C 573 29.80 32.15 -28.08
C HIS C 573 28.53 32.58 -27.35
N ARG C 574 27.73 31.65 -26.84
CA ARG C 574 26.41 32.00 -26.31
C ARG C 574 26.43 32.25 -24.81
N HIS C 575 26.79 31.22 -24.04
CA HIS C 575 26.85 31.30 -22.57
C HIS C 575 25.54 31.82 -21.98
N ALA C 576 24.44 31.22 -22.43
CA ALA C 576 23.13 31.55 -21.86
C ALA C 576 23.00 31.10 -20.41
N VAL C 577 23.76 30.09 -20.01
CA VAL C 577 23.71 29.56 -18.64
C VAL C 577 25.05 29.83 -17.98
N LEU C 578 25.02 30.54 -16.85
CA LEU C 578 26.22 30.85 -16.09
C LEU C 578 26.37 29.84 -14.96
N HIS C 579 27.48 29.11 -14.96
CA HIS C 579 27.73 28.06 -13.97
C HIS C 579 28.62 28.61 -12.87
N ASN C 580 28.15 28.51 -11.63
CA ASN C 580 28.93 28.99 -10.49
C ASN C 580 30.20 28.16 -10.35
N GLN C 581 31.32 28.85 -10.06
CA GLN C 581 32.58 28.15 -9.89
C GLN C 581 32.77 27.57 -8.49
N ASN C 582 32.01 28.05 -7.50
CA ASN C 582 32.17 27.55 -6.13
C ASN C 582 31.35 26.28 -5.92
N ASP C 583 30.03 26.41 -5.91
CA ASP C 583 29.15 25.26 -6.06
C ASP C 583 28.94 25.03 -7.55
N ALA C 584 27.94 24.21 -7.91
CA ALA C 584 27.60 23.99 -9.31
C ALA C 584 26.30 24.67 -9.70
N SER C 585 25.85 25.66 -8.94
CA SER C 585 24.58 26.31 -9.22
C SER C 585 24.65 27.13 -10.50
N THR C 586 23.51 27.28 -11.15
CA THR C 586 23.40 27.97 -12.42
C THR C 586 22.57 29.23 -12.29
N TYR C 587 22.81 30.17 -13.20
CA TYR C 587 22.02 31.39 -13.32
C TYR C 587 21.86 31.72 -14.80
N VAL C 588 20.65 32.09 -15.18
CA VAL C 588 20.28 32.31 -16.58
C VAL C 588 19.80 33.75 -16.74
N PRO C 589 20.64 34.64 -17.26
CA PRO C 589 20.21 36.05 -17.40
C PRO C 589 18.97 36.24 -18.26
N LEU C 590 18.77 35.43 -19.30
CA LEU C 590 17.58 35.58 -20.14
C LEU C 590 16.29 35.22 -19.41
N ALA C 591 16.39 34.47 -18.32
CA ALA C 591 15.24 34.16 -17.48
C ALA C 591 14.98 35.23 -16.43
N ASN C 592 15.74 36.33 -16.45
CA ASN C 592 15.65 37.36 -15.42
C ASN C 592 15.51 38.76 -16.03
N ILE C 593 14.85 38.87 -17.18
CA ILE C 593 14.65 40.18 -17.78
C ILE C 593 13.71 41.03 -16.93
N HIS C 594 12.51 40.53 -16.69
CA HIS C 594 11.54 41.19 -15.79
C HIS C 594 10.48 40.17 -15.40
N ASP C 595 9.74 40.50 -14.33
CA ASP C 595 8.81 39.56 -13.73
C ASP C 595 7.65 39.18 -14.64
N LYS C 596 7.34 39.99 -15.66
CA LYS C 596 6.24 39.69 -16.58
C LYS C 596 6.71 39.10 -17.90
N GLN C 597 7.97 38.68 -17.98
CA GLN C 597 8.54 38.18 -19.22
C GLN C 597 7.95 36.82 -19.60
N GLY C 598 7.99 36.53 -20.90
CA GLY C 598 7.68 35.21 -21.40
C GLY C 598 8.72 34.21 -20.95
N PRO C 599 8.33 32.94 -20.85
CA PRO C 599 9.28 31.92 -20.36
C PRO C 599 10.46 31.77 -21.30
N PHE C 600 11.63 31.50 -20.70
CA PHE C 600 12.84 31.21 -21.45
C PHE C 600 13.42 29.88 -20.96
N GLU C 601 13.79 29.03 -21.92
CA GLU C 601 14.48 27.79 -21.61
C GLU C 601 15.47 27.48 -22.73
N VAL C 602 16.68 27.07 -22.34
CA VAL C 602 17.64 26.48 -23.26
C VAL C 602 18.13 25.19 -22.61
N PHE C 603 17.96 24.08 -23.31
CA PHE C 603 18.32 22.77 -22.79
C PHE C 603 19.51 22.20 -23.55
N ASP C 604 20.48 21.69 -22.81
CA ASP C 604 21.50 20.84 -23.40
C ASP C 604 20.86 19.49 -23.73
N SER C 605 20.62 19.25 -25.02
CA SER C 605 19.84 18.10 -25.43
C SER C 605 20.65 16.81 -25.32
N VAL C 606 19.93 15.69 -25.30
CA VAL C 606 20.57 14.39 -25.35
C VAL C 606 21.31 14.26 -26.69
N LEU C 607 22.27 13.34 -26.72
CA LEU C 607 23.06 13.10 -27.92
C LEU C 607 22.20 12.34 -28.93
N SER C 608 21.21 13.05 -29.45
CA SER C 608 20.30 12.54 -30.47
C SER C 608 19.94 13.65 -31.42
N GLU C 609 19.68 13.28 -32.68
CA GLU C 609 19.20 14.20 -33.69
C GLU C 609 17.80 13.87 -34.17
N GLU C 610 17.54 12.59 -34.45
CA GLU C 610 16.27 12.18 -35.03
C GLU C 610 15.11 12.46 -34.08
N ALA C 611 15.18 11.88 -32.86
CA ALA C 611 14.07 12.05 -31.92
C ALA C 611 13.97 13.47 -31.38
N VAL C 612 15.10 14.18 -31.27
CA VAL C 612 15.06 15.53 -30.70
C VAL C 612 14.44 16.51 -31.69
N LEU C 613 14.86 16.45 -32.96
CA LEU C 613 14.29 17.34 -33.96
C LEU C 613 12.82 17.01 -34.21
N ALA C 614 12.45 15.73 -34.10
CA ALA C 614 11.04 15.38 -34.18
C ALA C 614 10.27 15.96 -33.00
N PHE C 615 10.90 16.03 -31.83
CA PHE C 615 10.26 16.61 -30.66
C PHE C 615 10.01 18.10 -30.86
N GLU C 616 11.03 18.83 -31.33
CA GLU C 616 10.89 20.27 -31.50
C GLU C 616 9.94 20.63 -32.63
N TYR C 617 9.84 19.78 -33.65
CA TYR C 617 8.82 19.99 -34.68
C TYR C 617 7.42 19.87 -34.07
N GLY C 618 7.23 18.91 -33.17
CA GLY C 618 5.95 18.77 -32.51
C GLY C 618 5.66 19.91 -31.55
N TYR C 619 6.70 20.41 -30.89
CA TYR C 619 6.52 21.53 -29.96
C TYR C 619 6.13 22.80 -30.71
N ALA C 620 6.83 23.11 -31.81
CA ALA C 620 6.57 24.34 -32.54
C ALA C 620 5.21 24.31 -33.22
N THR C 621 4.80 23.14 -33.73
CA THR C 621 3.51 23.05 -34.40
C THR C 621 2.37 23.20 -33.39
N ALA C 622 2.55 22.68 -32.17
CA ALA C 622 1.51 22.75 -31.16
C ALA C 622 1.40 24.14 -30.54
N GLU C 623 2.52 24.85 -30.39
CA GLU C 623 2.55 26.18 -29.77
C GLU C 623 3.34 27.12 -30.68
N PRO C 624 2.71 27.59 -31.76
CA PRO C 624 3.45 28.41 -32.74
C PRO C 624 3.74 29.84 -32.28
N SER C 625 3.16 30.31 -31.18
CA SER C 625 3.25 31.73 -30.84
C SER C 625 4.68 32.14 -30.53
N GLY C 626 5.43 31.29 -29.83
CA GLY C 626 6.78 31.63 -29.41
C GLY C 626 7.84 31.22 -30.41
N LEU C 627 9.08 31.29 -29.95
CA LEU C 627 10.23 30.82 -30.73
C LEU C 627 10.61 29.42 -30.25
N THR C 628 10.71 28.49 -31.18
CA THR C 628 11.15 27.13 -30.91
C THR C 628 12.33 26.84 -31.82
N LEU C 629 13.51 26.68 -31.25
CA LEU C 629 14.74 26.60 -32.01
C LEU C 629 15.50 25.34 -31.64
N TRP C 630 15.94 24.60 -32.65
CA TRP C 630 16.83 23.45 -32.47
C TRP C 630 18.17 23.76 -33.09
N GLU C 631 19.24 23.50 -32.34
CA GLU C 631 20.60 23.78 -32.79
C GLU C 631 21.36 22.48 -32.95
N ALA C 632 21.75 22.18 -34.18
CA ALA C 632 22.72 21.12 -34.41
C ALA C 632 24.10 21.57 -33.93
N GLN C 633 24.90 20.61 -33.44
CA GLN C 633 26.26 20.95 -33.05
C GLN C 633 27.07 21.39 -34.26
N PHE C 634 27.03 20.59 -35.33
CA PHE C 634 27.39 21.02 -36.67
C PHE C 634 26.24 20.64 -37.59
N GLY C 635 26.05 21.42 -38.65
CA GLY C 635 24.99 21.13 -39.59
C GLY C 635 25.16 19.80 -40.30
N ASP C 636 26.39 19.29 -40.36
CA ASP C 636 26.65 18.01 -41.00
C ASP C 636 25.89 16.87 -40.34
N PHE C 637 25.56 17.01 -39.06
CA PHE C 637 24.94 15.92 -38.31
C PHE C 637 23.41 15.90 -38.40
N ALA C 638 22.79 16.91 -39.02
CA ALA C 638 21.34 16.94 -39.10
C ALA C 638 20.78 15.85 -40.01
N ASN C 639 21.61 15.25 -40.86
CA ASN C 639 21.14 14.19 -41.75
C ASN C 639 20.74 12.94 -40.98
N GLY C 640 21.14 12.81 -39.71
CA GLY C 640 20.61 11.75 -38.88
C GLY C 640 19.16 11.92 -38.54
N ALA C 641 18.62 13.13 -38.72
CA ALA C 641 17.20 13.42 -38.58
C ALA C 641 16.56 13.72 -39.93
N GLN C 642 17.07 13.07 -40.98
CA GLN C 642 16.61 13.36 -42.33
C GLN C 642 15.13 13.04 -42.51
N VAL C 643 14.61 12.03 -41.80
CA VAL C 643 13.21 11.67 -41.96
C VAL C 643 12.30 12.79 -41.45
N VAL C 644 12.69 13.43 -40.34
CA VAL C 644 11.90 14.57 -39.85
C VAL C 644 11.95 15.72 -40.84
N ILE C 645 13.09 15.90 -41.49
CA ILE C 645 13.24 16.98 -42.47
C ILE C 645 12.40 16.71 -43.70
N ASP C 646 12.43 15.46 -44.21
CA ASP C 646 11.76 15.14 -45.45
C ASP C 646 10.26 14.98 -45.27
N GLN C 647 9.84 14.29 -44.21
CA GLN C 647 8.45 13.87 -44.06
C GLN C 647 7.61 14.79 -43.18
N PHE C 648 8.24 15.69 -42.43
CA PHE C 648 7.52 16.63 -41.57
C PHE C 648 7.81 18.08 -41.93
N ILE C 649 9.06 18.51 -41.77
CA ILE C 649 9.39 19.93 -41.85
C ILE C 649 9.11 20.47 -43.25
N SER C 650 9.62 19.79 -44.27
CA SER C 650 9.52 20.32 -45.64
C SER C 650 8.17 20.07 -46.29
N SER C 651 7.38 19.13 -45.76
CA SER C 651 6.19 18.68 -46.47
C SER C 651 4.92 18.66 -45.63
N GLY C 652 5.00 19.00 -44.34
CA GLY C 652 3.82 18.87 -43.49
C GLY C 652 2.70 19.82 -43.85
N GLU C 653 3.05 20.98 -44.41
CA GLU C 653 2.02 21.95 -44.80
C GLU C 653 1.24 21.45 -46.01
N GLN C 654 1.94 21.02 -47.06
CA GLN C 654 1.25 20.53 -48.25
C GLN C 654 0.47 19.26 -47.97
N LYS C 655 0.98 18.40 -47.08
CA LYS C 655 0.39 17.09 -46.85
C LYS C 655 -0.74 17.13 -45.82
N TRP C 656 -0.60 17.95 -44.78
CA TRP C 656 -1.55 17.94 -43.67
C TRP C 656 -2.04 19.33 -43.29
N ALA C 657 -1.67 20.37 -44.03
CA ALA C 657 -2.05 21.75 -43.73
C ALA C 657 -1.54 22.20 -42.36
N ARG C 658 -0.40 21.66 -41.94
CA ARG C 658 0.20 22.01 -40.66
C ARG C 658 1.26 23.09 -40.85
N LEU C 659 1.12 24.20 -40.13
CA LEU C 659 2.14 25.23 -40.09
C LEU C 659 3.10 24.95 -38.95
N CYS C 660 4.39 25.19 -39.19
CA CYS C 660 5.40 24.94 -38.18
C CYS C 660 6.51 25.98 -38.34
N GLY C 661 6.71 26.79 -37.30
CA GLY C 661 7.67 27.87 -37.34
C GLY C 661 9.02 27.52 -36.73
N LEU C 662 9.31 26.22 -36.65
CA LEU C 662 10.55 25.76 -36.05
C LEU C 662 11.77 26.37 -36.74
N THR C 663 12.72 26.82 -35.94
CA THR C 663 13.99 27.33 -36.43
C THR C 663 15.07 26.29 -36.23
N MET C 664 15.89 26.07 -37.25
CA MET C 664 16.99 25.13 -37.20
C MET C 664 18.29 25.88 -37.42
N LEU C 665 19.10 25.99 -36.37
CA LEU C 665 20.45 26.54 -36.49
C LEU C 665 21.39 25.40 -36.87
N LEU C 666 21.98 25.49 -38.06
CA LEU C 666 22.86 24.46 -38.59
C LEU C 666 24.22 25.09 -38.86
N PRO C 667 25.21 24.91 -37.98
CA PRO C 667 26.52 25.52 -38.21
C PRO C 667 27.11 25.03 -39.52
N HIS C 668 27.70 25.98 -40.26
CA HIS C 668 28.05 25.75 -41.65
C HIS C 668 29.19 26.70 -42.01
N GLY C 669 30.15 26.20 -42.78
CA GLY C 669 31.26 27.02 -43.19
C GLY C 669 32.52 26.23 -43.44
N TYR C 670 33.21 26.55 -44.53
CA TYR C 670 34.44 25.85 -44.91
C TYR C 670 35.64 26.53 -44.25
N GLU C 671 36.16 25.90 -43.20
CA GLU C 671 37.26 26.44 -42.44
C GLU C 671 38.42 25.46 -42.31
N GLY C 672 38.43 24.38 -43.09
CA GLY C 672 39.51 23.43 -43.06
C GLY C 672 39.42 22.36 -42.00
N GLN C 673 38.24 22.11 -41.44
CA GLN C 673 38.08 21.15 -40.36
C GLN C 673 37.56 19.79 -40.82
N GLY C 674 37.44 19.56 -42.13
CA GLY C 674 37.16 18.24 -42.64
C GLY C 674 35.74 18.00 -43.10
N PRO C 675 35.50 16.81 -43.65
CA PRO C 675 34.20 16.53 -44.31
C PRO C 675 32.98 16.67 -43.42
N GLU C 676 33.09 16.38 -42.12
CA GLU C 676 31.93 16.42 -41.23
C GLU C 676 31.87 17.68 -40.38
N HIS C 677 32.69 18.70 -40.69
CA HIS C 677 32.64 19.95 -39.93
C HIS C 677 32.69 21.15 -40.86
N SER C 678 32.14 21.03 -42.05
CA SER C 678 32.18 22.10 -43.05
C SER C 678 30.84 22.39 -43.69
N SER C 679 30.02 21.38 -43.93
CA SER C 679 28.82 21.52 -44.75
C SER C 679 27.59 21.03 -44.01
N ALA C 680 26.61 21.90 -43.86
CA ALA C 680 25.27 21.54 -43.41
C ALA C 680 24.42 21.00 -44.54
N ARG C 681 25.03 20.81 -45.72
CA ARG C 681 24.36 20.33 -46.93
C ARG C 681 23.24 21.29 -47.33
N LEU C 682 23.65 22.53 -47.60
CA LEU C 682 22.73 23.57 -48.03
C LEU C 682 22.02 23.18 -49.31
N GLU C 683 22.69 22.41 -50.18
CA GLU C 683 22.07 21.99 -51.44
C GLU C 683 20.85 21.10 -51.21
N ARG C 684 20.87 20.27 -50.16
CA ARG C 684 19.73 19.40 -49.91
C ARG C 684 18.51 20.19 -49.48
N TYR C 685 18.69 21.18 -48.61
CA TYR C 685 17.55 21.98 -48.17
C TYR C 685 16.98 22.81 -49.32
N LEU C 686 17.85 23.34 -50.19
CA LEU C 686 17.35 24.07 -51.36
C LEU C 686 16.60 23.16 -52.32
N GLN C 687 17.04 21.90 -52.44
CA GLN C 687 16.31 20.95 -53.28
C GLN C 687 14.92 20.68 -52.70
N LEU C 688 14.79 20.70 -51.38
CA LEU C 688 13.50 20.48 -50.76
C LEU C 688 12.56 21.67 -50.89
N CYS C 689 13.09 22.86 -51.19
CA CYS C 689 12.26 24.04 -51.26
C CYS C 689 11.33 23.97 -52.46
N ALA C 690 10.05 24.31 -52.23
CA ALA C 690 9.03 24.39 -53.27
C ALA C 690 7.71 24.82 -52.64
N GLU C 691 6.88 25.54 -53.39
CA GLU C 691 5.55 25.95 -52.92
C GLU C 691 5.64 26.71 -51.59
N GLN C 692 6.69 27.52 -51.45
CA GLN C 692 6.88 28.41 -50.30
C GLN C 692 6.93 27.64 -48.98
N ASN C 693 7.37 26.38 -49.01
CA ASN C 693 7.28 25.54 -47.82
C ASN C 693 8.22 26.01 -46.70
N MET C 694 9.43 26.44 -47.06
CA MET C 694 10.46 26.70 -46.05
C MET C 694 11.21 28.00 -46.38
N GLN C 695 11.95 28.48 -45.38
CA GLN C 695 12.88 29.58 -45.55
C GLN C 695 14.30 29.08 -45.36
N VAL C 696 15.17 29.38 -46.32
CA VAL C 696 16.59 29.07 -46.23
C VAL C 696 17.35 30.38 -46.18
N VAL C 697 18.05 30.62 -45.08
CA VAL C 697 18.71 31.90 -44.83
C VAL C 697 20.16 31.63 -44.43
N VAL C 698 21.07 32.49 -44.88
CA VAL C 698 22.49 32.41 -44.56
C VAL C 698 22.93 33.75 -44.03
N PRO C 699 22.66 34.06 -42.76
CA PRO C 699 23.03 35.37 -42.21
C PRO C 699 24.53 35.59 -42.20
N SER C 700 24.93 36.84 -42.39
CA SER C 700 26.34 37.23 -42.43
C SER C 700 26.71 38.32 -41.44
N THR C 701 25.76 38.90 -40.74
CA THR C 701 26.05 39.95 -39.76
C THR C 701 25.31 39.66 -38.46
N PRO C 702 25.84 40.13 -37.34
CA PRO C 702 25.08 39.99 -36.08
C PRO C 702 23.72 40.66 -36.12
N ALA C 703 23.59 41.79 -36.82
CA ALA C 703 22.29 42.42 -36.97
C ALA C 703 21.35 41.55 -37.80
N GLN C 704 21.88 40.84 -38.79
CA GLN C 704 21.02 40.03 -39.64
C GLN C 704 20.42 38.85 -38.88
N VAL C 705 21.22 38.20 -38.03
CA VAL C 705 20.68 37.09 -37.24
C VAL C 705 19.72 37.61 -36.19
N TYR C 706 19.92 38.84 -35.71
CA TYR C 706 18.99 39.43 -34.75
C TYR C 706 17.64 39.70 -35.39
N HIS C 707 17.64 40.34 -36.55
CA HIS C 707 16.39 40.59 -37.27
C HIS C 707 15.79 39.30 -37.81
N MET C 708 16.62 38.32 -38.13
CA MET C 708 16.15 37.04 -38.59
C MET C 708 15.40 36.32 -37.50
N ILE C 709 15.94 36.30 -36.32
CA ILE C 709 15.29 35.66 -35.22
C ILE C 709 14.02 36.39 -34.89
N ARG C 710 14.03 37.70 -34.85
CA ARG C 710 12.83 38.41 -34.51
C ARG C 710 11.72 38.24 -35.52
N ARG C 711 12.06 38.24 -36.75
CA ARG C 711 11.06 38.09 -37.81
C ARG C 711 10.32 36.77 -37.69
N GLN C 712 10.98 35.74 -37.16
CA GLN C 712 10.35 34.43 -37.07
C GLN C 712 9.21 34.40 -36.06
N VAL C 713 9.18 35.34 -35.12
CA VAL C 713 8.09 35.45 -34.16
C VAL C 713 7.19 36.65 -34.47
N VAL C 714 7.79 37.82 -34.71
CA VAL C 714 6.99 39.04 -34.85
C VAL C 714 6.19 39.01 -36.15
N ARG C 715 6.79 38.54 -37.24
CA ARG C 715 6.04 38.40 -38.49
C ARG C 715 4.99 37.29 -38.33
N PRO C 716 3.76 37.52 -38.78
CA PRO C 716 2.70 36.51 -38.60
C PRO C 716 2.76 35.40 -39.65
N MET C 717 3.90 34.72 -39.73
CA MET C 717 4.06 33.53 -40.55
C MET C 717 4.76 32.46 -39.74
N ARG C 718 4.34 31.21 -39.94
CA ARG C 718 4.90 30.06 -39.22
C ARG C 718 5.25 28.98 -40.25
N ARG C 719 6.40 29.14 -40.89
CA ARG C 719 7.00 28.17 -41.76
C ARG C 719 8.44 27.94 -41.32
N PRO C 720 8.99 26.75 -41.58
CA PRO C 720 10.30 26.43 -40.99
C PRO C 720 11.39 27.38 -41.45
N LEU C 721 12.30 27.71 -40.54
CA LEU C 721 13.43 28.59 -40.81
C LEU C 721 14.70 27.76 -40.74
N ILE C 722 15.31 27.53 -41.90
CA ILE C 722 16.57 26.81 -42.00
C ILE C 722 17.69 27.83 -42.06
N VAL C 723 18.62 27.75 -41.12
CA VAL C 723 19.67 28.76 -40.95
C VAL C 723 21.03 28.08 -41.08
N MET C 724 21.88 28.61 -41.95
CA MET C 724 23.28 28.22 -41.99
C MET C 724 24.03 29.06 -40.98
N SER C 725 24.23 28.52 -39.78
CA SER C 725 24.86 29.26 -38.71
C SER C 725 26.37 29.38 -38.95
N PRO C 726 26.97 30.53 -38.64
CA PRO C 726 28.41 30.69 -38.79
C PRO C 726 29.18 30.05 -37.65
N LYS C 727 30.49 29.90 -37.88
CA LYS C 727 31.41 29.41 -36.85
C LYS C 727 32.55 30.39 -36.62
N SER C 728 33.43 30.60 -37.61
CA SER C 728 34.51 31.57 -37.45
C SER C 728 33.98 33.00 -37.39
N LEU C 729 32.82 33.27 -38.00
CA LEU C 729 32.25 34.61 -37.99
C LEU C 729 31.85 35.05 -36.58
N LEU C 730 31.68 34.11 -35.65
CA LEU C 730 31.35 34.48 -34.28
C LEU C 730 32.42 35.36 -33.64
N ARG C 731 33.66 35.27 -34.11
CA ARG C 731 34.72 36.14 -33.60
C ARG C 731 35.42 36.92 -34.71
N HIS C 732 34.84 36.96 -35.92
CA HIS C 732 35.47 37.71 -37.01
C HIS C 732 35.43 39.21 -36.70
N PRO C 733 36.58 39.89 -36.75
CA PRO C 733 36.57 41.33 -36.44
C PRO C 733 35.68 42.17 -37.34
N LEU C 734 35.49 41.78 -38.59
CA LEU C 734 34.64 42.52 -39.50
C LEU C 734 33.17 42.13 -39.42
N CYS C 735 32.83 41.11 -38.64
CA CYS C 735 31.45 40.64 -38.53
C CYS C 735 30.84 41.19 -37.24
N THR C 736 30.54 42.50 -37.28
CA THR C 736 30.02 43.20 -36.12
C THR C 736 28.89 44.13 -36.55
N SER C 737 28.08 44.53 -35.57
CA SER C 737 26.98 45.45 -35.81
C SER C 737 26.86 46.43 -34.65
N SER C 738 26.23 47.57 -34.92
CA SER C 738 26.02 48.58 -33.91
C SER C 738 24.64 48.39 -33.27
N LEU C 739 24.46 49.03 -32.12
CA LEU C 739 23.15 48.99 -31.46
C LEU C 739 22.07 49.61 -32.33
N ASP C 740 22.43 50.63 -33.11
CA ASP C 740 21.45 51.28 -33.97
C ASP C 740 21.02 50.35 -35.11
N ASP C 741 21.91 49.46 -35.56
CA ASP C 741 21.53 48.49 -36.58
C ASP C 741 20.44 47.55 -36.07
N LEU C 742 20.44 47.24 -34.78
CA LEU C 742 19.40 46.41 -34.20
C LEU C 742 18.11 47.19 -34.03
N ALA C 743 18.21 48.39 -33.45
CA ALA C 743 17.01 49.14 -33.07
C ALA C 743 16.25 49.65 -34.30
N ASN C 744 16.96 50.14 -35.31
CA ASN C 744 16.32 50.79 -36.44
C ASN C 744 16.51 50.06 -37.77
N GLY C 745 17.29 48.99 -37.80
CA GLY C 745 17.48 48.22 -39.01
C GLY C 745 16.35 47.23 -39.21
N THR C 746 16.53 46.39 -40.23
CA THR C 746 15.58 45.34 -40.53
C THR C 746 16.33 44.19 -41.19
N PHE C 747 15.68 43.02 -41.23
CA PHE C 747 16.29 41.91 -41.94
C PHE C 747 16.33 42.23 -43.43
N MET C 748 17.53 42.16 -44.01
CA MET C 748 17.70 42.46 -45.42
C MET C 748 17.79 41.15 -46.18
N PRO C 749 16.82 40.83 -47.05
CA PRO C 749 16.94 39.61 -47.87
C PRO C 749 18.17 39.61 -48.74
N ALA C 750 18.62 40.78 -49.20
CA ALA C 750 19.89 40.92 -49.89
C ALA C 750 20.59 42.16 -49.37
N ILE C 751 21.91 42.10 -49.31
CA ILE C 751 22.72 43.20 -48.80
C ILE C 751 23.48 43.80 -49.99
N PRO C 752 23.25 45.07 -50.32
CA PRO C 752 23.98 45.69 -51.43
C PRO C 752 25.44 45.94 -51.08
N GLU C 753 26.21 46.44 -52.05
CA GLU C 753 27.61 46.73 -51.80
C GLU C 753 27.75 47.73 -50.66
N ILE C 754 28.67 47.45 -49.74
CA ILE C 754 28.77 48.26 -48.52
C ILE C 754 29.88 49.30 -48.66
N ASP C 755 30.89 49.00 -49.46
CA ASP C 755 31.96 49.97 -49.67
C ASP C 755 31.51 51.03 -50.67
N GLU C 756 32.10 52.20 -50.55
CA GLU C 756 31.75 53.32 -51.43
C GLU C 756 32.45 53.14 -52.76
N LEU C 757 31.75 52.53 -53.71
CA LEU C 757 32.25 52.31 -55.05
C LEU C 757 31.59 53.30 -56.00
N ASP C 758 32.22 53.50 -57.15
CA ASP C 758 31.61 54.27 -58.22
C ASP C 758 30.76 53.33 -59.07
N PRO C 759 29.44 53.52 -59.13
CA PRO C 759 28.59 52.55 -59.84
C PRO C 759 28.97 52.35 -61.30
N ALA C 760 29.44 53.41 -61.97
CA ALA C 760 29.78 53.30 -63.38
C ALA C 760 31.05 52.51 -63.62
N LYS C 761 31.92 52.39 -62.63
CA LYS C 761 33.19 51.69 -62.80
C LYS C 761 33.07 50.19 -62.60
N VAL C 762 31.95 49.68 -62.09
CA VAL C 762 31.79 48.27 -61.77
C VAL C 762 31.60 47.46 -63.06
N LYS C 763 32.53 46.57 -63.34
CA LYS C 763 32.44 45.69 -64.49
C LYS C 763 31.82 44.34 -64.15
N ARG C 764 31.81 43.98 -62.87
CA ARG C 764 31.32 42.67 -62.44
C ARG C 764 30.79 42.78 -61.02
N VAL C 765 29.68 42.10 -60.74
CA VAL C 765 29.19 41.94 -59.38
C VAL C 765 29.32 40.47 -59.01
N VAL C 766 29.82 40.21 -57.80
CA VAL C 766 29.93 38.86 -57.26
C VAL C 766 28.79 38.63 -56.28
N PHE C 767 27.89 37.70 -56.63
CA PHE C 767 26.89 37.23 -55.68
C PHE C 767 27.52 36.19 -54.75
N CYS C 768 27.08 36.20 -53.49
CA CYS C 768 27.58 35.23 -52.52
C CYS C 768 26.65 35.24 -51.31
N SER C 769 26.90 34.29 -50.40
CA SER C 769 26.21 34.22 -49.12
C SER C 769 27.19 33.74 -48.06
N GLY C 770 26.94 34.16 -46.83
CA GLY C 770 27.71 33.64 -45.72
C GLY C 770 29.13 34.19 -45.61
N LYS C 771 29.97 33.38 -44.94
CA LYS C 771 31.31 33.83 -44.54
C LYS C 771 32.25 34.05 -45.72
N VAL C 772 31.95 33.49 -46.89
CA VAL C 772 32.80 33.72 -48.06
C VAL C 772 32.83 35.18 -48.46
N TYR C 773 31.81 35.95 -48.09
CA TYR C 773 31.80 37.38 -48.40
C TYR C 773 32.97 38.10 -47.75
N PHE C 774 33.23 37.80 -46.47
CA PHE C 774 34.31 38.50 -45.76
C PHE C 774 35.67 38.15 -46.33
N ASP C 775 35.82 36.97 -46.93
CA ASP C 775 37.06 36.67 -47.65
C ASP C 775 37.15 37.50 -48.92
N LEU C 776 36.05 37.61 -49.66
CA LEU C 776 36.04 38.42 -50.87
C LEU C 776 36.24 39.90 -50.56
N LEU C 777 35.59 40.39 -49.51
CA LEU C 777 35.68 41.81 -49.19
C LEU C 777 37.10 42.20 -48.82
N GLU C 778 37.79 41.37 -48.03
CA GLU C 778 39.14 41.69 -47.62
C GLU C 778 40.11 41.58 -48.80
N GLN C 779 39.92 40.60 -49.67
CA GLN C 779 40.82 40.45 -50.81
C GLN C 779 40.61 41.57 -51.83
N ARG C 780 39.36 41.98 -52.06
CA ARG C 780 39.10 43.09 -52.96
C ARG C 780 39.63 44.40 -52.40
N ARG C 781 39.63 44.55 -51.08
CA ARG C 781 40.19 45.75 -50.47
C ARG C 781 41.72 45.75 -50.53
N ASN C 782 42.34 44.60 -50.25
CA ASN C 782 43.79 44.52 -50.32
C ASN C 782 44.29 44.75 -51.74
N ASN C 783 43.49 44.40 -52.74
CA ASN C 783 43.84 44.66 -54.13
C ASN C 783 43.57 46.10 -54.54
N GLU C 784 42.94 46.90 -53.67
CA GLU C 784 42.47 48.24 -54.01
C GLU C 784 41.59 48.20 -55.25
N GLN C 785 40.83 47.11 -55.37
CA GLN C 785 39.98 46.88 -56.52
C GLN C 785 38.67 47.63 -56.37
N ASP C 786 38.19 48.20 -57.49
CA ASP C 786 36.95 48.96 -57.44
C ASP C 786 36.07 48.75 -58.67
N ASP C 787 36.42 47.82 -59.56
CA ASP C 787 35.58 47.49 -60.70
C ASP C 787 34.70 46.27 -60.44
N VAL C 788 34.69 45.75 -59.22
CA VAL C 788 33.93 44.55 -58.88
C VAL C 788 33.10 44.83 -57.64
N ALA C 789 31.79 44.61 -57.73
CA ALA C 789 30.87 44.74 -56.62
C ALA C 789 30.56 43.37 -56.02
N ILE C 790 30.33 43.33 -54.72
CA ILE C 790 30.04 42.09 -54.01
C ILE C 790 28.69 42.26 -53.32
N VAL C 791 27.70 41.47 -53.75
CA VAL C 791 26.34 41.56 -53.24
C VAL C 791 26.01 40.25 -52.52
N ARG C 792 25.46 40.37 -51.32
CA ARG C 792 25.10 39.23 -50.49
C ARG C 792 23.63 38.86 -50.70
N ILE C 793 23.36 37.57 -50.87
CA ILE C 793 22.00 37.07 -50.90
C ILE C 793 21.73 36.32 -49.59
N GLU C 794 21.16 37.03 -48.61
CA GLU C 794 21.00 36.46 -47.28
C GLU C 794 19.92 35.40 -47.23
N GLN C 795 18.81 35.60 -47.94
CA GLN C 795 17.72 34.65 -47.99
C GLN C 795 17.73 33.97 -49.36
N LEU C 796 18.07 32.68 -49.40
CA LEU C 796 18.12 31.96 -50.66
C LEU C 796 16.77 31.38 -51.08
N TYR C 797 15.83 31.20 -50.15
CA TYR C 797 14.49 30.78 -50.53
C TYR C 797 13.50 31.23 -49.46
N PRO C 798 12.33 31.77 -49.84
CA PRO C 798 11.94 32.10 -51.21
C PRO C 798 12.85 33.17 -51.80
N PHE C 799 13.15 33.08 -53.09
CA PHE C 799 14.15 33.97 -53.65
C PHE C 799 13.61 35.41 -53.69
N PRO C 800 14.33 36.36 -53.11
CA PRO C 800 13.90 37.77 -53.08
C PRO C 800 14.35 38.52 -54.33
N MET C 801 13.63 38.26 -55.43
CA MET C 801 14.02 38.79 -56.72
C MET C 801 14.11 40.31 -56.72
N ASP C 802 13.09 40.97 -56.13
CA ASP C 802 13.09 42.43 -56.12
C ASP C 802 14.26 42.99 -55.32
N ASP C 803 14.56 42.39 -54.16
CA ASP C 803 15.68 42.86 -53.36
C ASP C 803 17.00 42.67 -54.08
N VAL C 804 17.13 41.56 -54.83
CA VAL C 804 18.35 41.32 -55.59
C VAL C 804 18.50 42.31 -56.73
N LYS C 805 17.40 42.55 -57.47
CA LYS C 805 17.44 43.48 -58.58
C LYS C 805 17.72 44.90 -58.12
N ALA C 806 17.24 45.28 -56.94
CA ALA C 806 17.51 46.63 -56.43
C ALA C 806 19.00 46.81 -56.14
N ALA C 807 19.66 45.79 -55.59
CA ALA C 807 21.08 45.88 -55.30
C ALA C 807 21.93 45.91 -56.56
N ILE C 808 21.42 45.41 -57.68
CA ILE C 808 22.20 45.29 -58.91
C ILE C 808 21.91 46.40 -59.91
N ALA C 809 20.82 47.16 -59.72
CA ALA C 809 20.47 48.22 -60.65
C ALA C 809 21.55 49.28 -60.86
N PRO C 810 22.23 49.80 -59.82
CA PRO C 810 23.13 50.95 -60.05
C PRO C 810 24.25 50.66 -61.05
N TYR C 811 24.68 49.42 -61.19
CA TYR C 811 25.86 49.10 -62.00
C TYR C 811 25.39 48.90 -63.45
N VAL C 812 25.18 50.04 -64.12
CA VAL C 812 24.65 50.02 -65.49
C VAL C 812 25.70 49.60 -66.51
N ASN C 813 26.98 49.61 -66.15
CA ASN C 813 28.04 49.22 -67.05
C ASN C 813 28.57 47.80 -66.75
N VAL C 814 27.85 47.03 -65.95
CA VAL C 814 28.29 45.69 -65.60
C VAL C 814 28.34 44.81 -66.85
N GLU C 815 29.30 43.88 -66.89
CA GLU C 815 29.43 42.97 -68.02
C GLU C 815 29.13 41.51 -67.69
N ASP C 816 29.53 41.00 -66.52
CA ASP C 816 29.25 39.61 -66.17
C ASP C 816 28.97 39.52 -64.69
N PHE C 817 28.27 38.46 -64.31
CA PHE C 817 27.90 38.17 -62.94
C PHE C 817 28.54 36.86 -62.51
N VAL C 818 28.99 36.80 -61.27
CA VAL C 818 29.65 35.62 -60.72
C VAL C 818 28.90 35.18 -59.46
N TRP C 819 28.54 33.90 -59.40
CA TRP C 819 28.09 33.28 -58.16
C TRP C 819 29.29 32.61 -57.51
N CYS C 820 29.72 33.14 -56.36
CA CYS C 820 30.84 32.59 -55.62
C CYS C 820 30.33 31.80 -54.41
N GLN C 821 30.91 30.63 -54.19
CA GLN C 821 30.53 29.80 -53.05
C GLN C 821 31.73 28.99 -52.59
N GLU C 822 31.85 28.78 -51.27
CA GLU C 822 32.86 27.89 -50.75
C GLU C 822 32.56 26.43 -51.04
N GLU C 823 31.30 26.08 -51.29
CA GLU C 823 30.89 24.71 -51.45
C GLU C 823 31.35 24.15 -52.78
N PRO C 824 31.51 22.82 -52.88
CA PRO C 824 31.79 22.20 -54.17
C PRO C 824 30.63 22.42 -55.13
N GLN C 825 30.95 22.46 -56.43
CA GLN C 825 30.00 22.89 -57.43
C GLN C 825 28.74 22.03 -57.44
N ASN C 826 28.84 20.77 -57.05
CA ASN C 826 27.66 19.92 -56.92
C ASN C 826 26.94 20.12 -55.59
N GLN C 827 27.41 21.04 -54.75
CA GLN C 827 26.82 21.35 -53.47
C GLN C 827 26.55 22.85 -53.40
N GLY C 828 26.03 23.30 -52.27
CA GLY C 828 25.70 24.71 -52.16
C GLY C 828 24.50 25.08 -53.01
N ALA C 829 24.41 26.38 -53.31
CA ALA C 829 23.24 26.91 -53.99
C ALA C 829 23.29 26.79 -55.51
N TRP C 830 24.43 26.43 -56.09
CA TRP C 830 24.66 26.56 -57.53
C TRP C 830 23.61 25.86 -58.39
N TYR C 831 23.55 24.52 -58.33
CA TYR C 831 22.67 23.79 -59.24
C TYR C 831 21.20 24.09 -58.99
N CYS C 832 20.83 24.44 -57.76
CA CYS C 832 19.42 24.65 -57.43
C CYS C 832 18.96 26.08 -57.67
N SER C 833 19.86 27.06 -57.58
CA SER C 833 19.49 28.47 -57.61
C SER C 833 19.90 29.21 -58.88
N GLN C 834 20.49 28.53 -59.86
CA GLN C 834 21.02 29.25 -61.02
C GLN C 834 19.91 29.96 -61.79
N HIS C 835 18.73 29.34 -61.88
CA HIS C 835 17.63 29.98 -62.60
C HIS C 835 17.19 31.26 -61.90
N ASN C 836 17.29 31.30 -60.57
CA ASN C 836 17.00 32.53 -59.86
C ASN C 836 18.03 33.61 -60.17
N PHE C 837 19.31 33.23 -60.25
CA PHE C 837 20.35 34.22 -60.55
C PHE C 837 20.23 34.76 -61.96
N ARG C 838 19.98 33.88 -62.94
CA ARG C 838 19.84 34.33 -64.33
C ARG C 838 18.61 35.20 -64.52
N ALA C 839 17.52 34.89 -63.83
CA ALA C 839 16.31 35.69 -63.97
C ALA C 839 16.48 37.09 -63.41
N ALA C 840 17.50 37.30 -62.57
CA ALA C 840 17.75 38.61 -61.98
C ALA C 840 18.70 39.47 -62.78
N ILE C 841 19.56 38.88 -63.61
CA ILE C 841 20.59 39.64 -64.31
C ILE C 841 20.07 40.19 -65.63
N PRO C 842 20.63 41.29 -66.12
CA PRO C 842 20.24 41.81 -67.44
C PRO C 842 20.57 40.83 -68.56
N ALA C 843 19.74 40.85 -69.60
CA ALA C 843 19.83 39.84 -70.64
C ALA C 843 21.18 39.83 -71.36
N GLY C 844 21.86 40.98 -71.39
CA GLY C 844 23.14 41.01 -72.09
C GLY C 844 24.31 40.40 -71.35
N THR C 845 24.15 40.14 -70.06
CA THR C 845 25.25 39.67 -69.22
C THR C 845 25.18 38.16 -69.01
N GLU C 846 26.33 37.57 -68.73
CA GLU C 846 26.46 36.15 -68.44
C GLU C 846 26.70 35.90 -66.96
N LEU C 847 26.25 34.74 -66.48
CA LEU C 847 26.50 34.29 -65.13
C LEU C 847 27.60 33.24 -65.13
N LYS C 848 28.59 33.41 -64.27
CA LYS C 848 29.73 32.51 -64.16
C LYS C 848 29.81 31.93 -62.76
N TYR C 849 30.48 30.78 -62.66
CA TYR C 849 30.67 30.09 -61.39
C TYR C 849 32.08 30.32 -60.88
N ALA C 850 32.20 30.59 -59.58
CA ALA C 850 33.48 30.60 -58.88
C ALA C 850 33.30 29.84 -57.58
N GLY C 851 34.07 28.78 -57.39
CA GLY C 851 33.95 27.99 -56.19
C GLY C 851 34.80 26.74 -56.27
N ARG C 852 34.59 25.87 -55.29
CA ARG C 852 35.33 24.62 -55.22
C ARG C 852 34.85 23.64 -56.28
N PRO C 853 35.74 22.79 -56.78
CA PRO C 853 35.32 21.75 -57.73
C PRO C 853 34.40 20.74 -57.07
N ALA C 854 33.53 20.14 -57.89
CA ALA C 854 32.63 19.10 -57.41
C ALA C 854 33.43 17.95 -56.79
N SER C 855 32.89 17.37 -55.72
CA SER C 855 33.60 16.35 -54.98
C SER C 855 32.61 15.38 -54.36
N ALA C 856 33.03 14.12 -54.21
CA ALA C 856 32.18 13.12 -53.59
C ALA C 856 32.02 13.38 -52.10
N SER C 857 33.09 13.83 -51.44
CA SER C 857 33.12 14.22 -50.03
C SER C 857 32.90 15.73 -49.89
N PRO C 858 32.20 16.17 -48.85
CA PRO C 858 31.95 17.60 -48.69
C PRO C 858 33.20 18.46 -48.61
N ALA C 859 34.29 17.95 -48.01
CA ALA C 859 35.47 18.78 -47.81
C ALA C 859 36.70 17.92 -47.68
N VAL C 860 37.85 18.51 -47.99
CA VAL C 860 39.13 17.82 -47.90
C VAL C 860 39.50 17.61 -46.44
N GLY C 861 40.27 16.57 -46.23
CA GLY C 861 40.82 16.20 -44.96
C GLY C 861 41.96 17.03 -44.44
N TYR C 862 42.64 17.73 -45.34
CA TYR C 862 43.83 18.50 -45.00
C TYR C 862 43.69 20.00 -45.04
N MET C 863 44.07 20.64 -43.98
CA MET C 863 43.97 22.07 -43.89
C MET C 863 44.79 22.78 -44.98
N SER C 864 45.97 22.30 -45.30
CA SER C 864 46.76 22.94 -46.34
C SER C 864 46.07 22.88 -47.70
N VAL C 865 45.44 21.74 -48.02
CA VAL C 865 44.67 21.65 -49.25
C VAL C 865 43.47 22.58 -49.22
N HIS C 866 42.87 22.76 -48.03
CA HIS C 866 41.72 23.64 -47.91
C HIS C 866 42.09 25.09 -48.17
N LEU C 867 43.21 25.55 -47.62
CA LEU C 867 43.60 26.95 -47.77
C LEU C 867 43.92 27.28 -49.22
N LYS C 868 44.56 26.35 -49.94
CA LYS C 868 44.84 26.59 -51.35
C LYS C 868 43.56 26.63 -52.18
N GLN C 869 42.60 25.77 -51.86
CA GLN C 869 41.31 25.82 -52.55
C GLN C 869 40.58 27.12 -52.25
N GLN C 870 40.70 27.60 -51.00
CA GLN C 870 40.00 28.82 -50.61
C GLN C 870 40.60 30.03 -51.32
N LYS C 871 41.93 30.10 -51.40
CA LYS C 871 42.60 31.20 -52.08
C LYS C 871 42.30 31.20 -53.57
N ALA C 872 42.14 30.02 -54.18
CA ALA C 872 41.90 29.95 -55.62
C ALA C 872 40.51 30.45 -55.98
N LEU C 873 39.49 30.07 -55.21
CA LEU C 873 38.14 30.50 -55.53
C LEU C 873 37.94 32.00 -55.30
N ILE C 874 38.67 32.59 -54.35
CA ILE C 874 38.57 34.02 -54.12
C ILE C 874 39.17 34.80 -55.30
N ASP C 875 40.39 34.40 -55.72
CA ASP C 875 41.04 35.08 -56.83
C ASP C 875 40.24 34.91 -58.12
N ASP C 876 39.62 33.75 -58.32
CA ASP C 876 38.86 33.52 -59.54
C ASP C 876 37.63 34.43 -59.60
N ALA C 877 36.98 34.65 -58.46
CA ALA C 877 35.79 35.51 -58.45
C ALA C 877 36.14 36.97 -58.73
N LEU C 878 37.32 37.42 -58.29
CA LEU C 878 37.73 38.81 -58.44
C LEU C 878 38.52 39.08 -59.71
N ASN C 879 38.80 38.05 -60.50
CA ASN C 879 39.66 38.19 -61.68
C ASN C 879 38.82 38.59 -62.88
N VAL C 880 39.19 39.71 -63.51
CA VAL C 880 38.56 40.18 -64.73
C VAL C 880 38.46 39.08 -65.79
N ASP D 32 16.43 -21.07 12.60
CA ASP D 32 16.96 -21.03 11.24
C ASP D 32 16.34 -19.88 10.45
N ALA D 33 15.61 -19.01 11.15
CA ALA D 33 14.95 -17.89 10.46
C ALA D 33 15.97 -16.89 9.95
N LYS D 34 17.04 -16.66 10.71
CA LYS D 34 18.09 -15.76 10.25
C LYS D 34 18.82 -16.34 9.05
N GLN D 35 18.86 -17.67 8.91
CA GLN D 35 19.47 -18.29 7.74
C GLN D 35 18.75 -17.92 6.46
N VAL D 36 17.41 -17.76 6.51
CA VAL D 36 16.70 -17.27 5.35
C VAL D 36 17.02 -15.80 5.12
N LYS D 37 17.19 -15.04 6.20
CA LYS D 37 17.56 -13.63 6.08
C LYS D 37 18.97 -13.48 5.50
N VAL D 38 19.87 -14.40 5.85
CA VAL D 38 21.23 -14.32 5.32
C VAL D 38 21.24 -14.59 3.82
N LEU D 39 20.42 -15.55 3.35
CA LEU D 39 20.38 -15.83 1.92
C LEU D 39 19.82 -14.65 1.15
N GLN D 40 18.81 -13.99 1.71
CA GLN D 40 18.27 -12.79 1.07
C GLN D 40 19.25 -11.63 1.11
N LEU D 41 20.12 -11.59 2.12
CA LEU D 41 21.19 -10.60 2.12
C LEU D 41 22.16 -10.87 0.97
N ILE D 42 22.49 -12.14 0.73
CA ILE D 42 23.35 -12.50 -0.39
C ILE D 42 22.70 -12.10 -1.71
N ASN D 43 21.41 -12.41 -1.86
CA ASN D 43 20.70 -12.09 -3.10
C ASN D 43 20.60 -10.59 -3.31
N ALA D 44 20.45 -9.81 -2.23
CA ALA D 44 20.34 -8.36 -2.39
C ALA D 44 21.63 -7.74 -2.90
N TYR D 45 22.79 -8.30 -2.53
CA TYR D 45 24.04 -7.79 -3.06
C TYR D 45 24.25 -8.19 -4.51
N ARG D 46 23.79 -9.38 -4.89
CA ARG D 46 23.88 -9.79 -6.29
C ARG D 46 23.03 -8.89 -7.18
N PHE D 47 21.88 -8.46 -6.69
CA PHE D 47 20.98 -7.62 -7.48
C PHE D 47 21.41 -6.16 -7.48
N ARG D 48 21.79 -5.63 -6.32
CA ARG D 48 21.91 -4.18 -6.14
C ARG D 48 23.25 -3.74 -5.58
N GLY D 49 24.22 -4.66 -5.42
CA GLY D 49 25.52 -4.25 -4.92
C GLY D 49 26.22 -3.26 -5.81
N HIS D 50 25.98 -3.33 -7.11
CA HIS D 50 26.60 -2.39 -8.04
C HIS D 50 26.15 -0.96 -7.78
N GLU D 51 24.96 -0.78 -7.19
CA GLU D 51 24.45 0.55 -6.92
C GLU D 51 25.21 1.25 -5.80
N ALA D 52 25.94 0.49 -4.97
CA ALA D 52 26.78 1.06 -3.93
C ALA D 52 28.27 0.93 -4.24
N ALA D 53 28.63 0.35 -5.38
CA ALA D 53 30.03 0.11 -5.69
C ALA D 53 30.77 1.44 -5.89
N GLU D 54 32.05 1.44 -5.53
CA GLU D 54 32.90 2.62 -5.68
C GLU D 54 33.43 2.66 -7.11
N LEU D 55 32.57 3.15 -8.01
CA LEU D 55 32.86 3.15 -9.43
C LEU D 55 33.54 4.42 -9.91
N ASP D 56 33.24 5.56 -9.31
CA ASP D 56 33.78 6.83 -9.78
C ASP D 56 35.22 6.99 -9.31
N PRO D 57 36.19 7.11 -10.22
CA PRO D 57 37.56 7.42 -9.78
C PRO D 57 37.67 8.73 -9.01
N LEU D 58 36.86 9.73 -9.37
CA LEU D 58 36.95 11.04 -8.73
C LEU D 58 36.29 11.07 -7.36
N GLY D 59 35.42 10.11 -7.05
CA GLY D 59 34.74 10.12 -5.77
C GLY D 59 33.78 11.26 -5.57
N LEU D 60 33.34 11.93 -6.64
CA LEU D 60 32.34 12.99 -6.50
C LEU D 60 30.95 12.45 -6.28
N TRP D 61 30.67 11.23 -6.74
CA TRP D 61 29.33 10.66 -6.62
C TRP D 61 28.89 10.54 -5.18
N GLN D 62 27.72 11.12 -4.89
CA GLN D 62 26.97 10.82 -3.68
C GLN D 62 25.89 9.83 -4.11
N ARG D 63 26.22 8.54 -4.06
CA ARG D 63 25.26 7.59 -4.60
C ARG D 63 24.17 7.33 -3.56
N PRO D 64 22.91 7.29 -3.98
CA PRO D 64 21.82 7.08 -3.01
C PRO D 64 21.96 5.74 -2.32
N THR D 65 21.62 5.71 -1.04
CA THR D 65 21.69 4.49 -0.26
C THR D 65 20.63 3.50 -0.74
N VAL D 66 20.99 2.22 -0.71
CA VAL D 66 20.05 1.13 -1.00
C VAL D 66 19.89 0.34 0.30
N ALA D 67 18.66 0.32 0.81
CA ALA D 67 18.41 -0.26 2.13
C ALA D 67 18.67 -1.76 2.15
N GLU D 68 18.44 -2.46 1.04
CA GLU D 68 18.57 -3.91 1.03
C GLU D 68 19.99 -4.37 1.31
N LEU D 69 21.00 -3.53 1.03
CA LEU D 69 22.38 -3.89 1.32
C LEU D 69 22.71 -3.80 2.81
N ASP D 70 21.87 -3.16 3.60
CA ASP D 70 22.09 -3.06 5.04
C ASP D 70 21.64 -4.34 5.73
N PRO D 71 22.49 -4.97 6.54
CA PRO D 71 22.04 -6.15 7.29
C PRO D 71 20.86 -5.87 8.21
N ALA D 72 20.77 -4.65 8.75
CA ALA D 72 19.63 -4.29 9.60
C ALA D 72 18.32 -4.33 8.82
N PHE D 73 18.36 -4.12 7.51
CA PHE D 73 17.16 -4.23 6.69
C PHE D 73 16.59 -5.65 6.71
N HIS D 74 17.46 -6.65 6.90
CA HIS D 74 17.05 -8.05 6.93
C HIS D 74 16.99 -8.60 8.34
N ASN D 75 16.92 -7.72 9.34
CA ASN D 75 16.84 -8.11 10.75
C ASN D 75 18.01 -8.98 11.19
N LEU D 76 19.21 -8.61 10.76
CA LEU D 76 20.44 -9.21 11.27
C LEU D 76 21.11 -8.20 12.21
N THR D 77 21.39 -8.64 13.42
CA THR D 77 21.93 -7.81 14.48
C THR D 77 23.39 -8.16 14.70
N GLU D 78 24.01 -7.47 15.66
CA GLU D 78 25.40 -7.77 15.99
C GLU D 78 25.56 -9.19 16.47
N ASP D 79 24.55 -9.73 17.16
CA ASP D 79 24.63 -11.11 17.63
C ASP D 79 24.64 -12.11 16.48
N ASP D 80 23.87 -11.83 15.42
CA ASP D 80 23.85 -12.71 14.26
C ASP D 80 25.20 -12.75 13.55
N PHE D 81 25.96 -11.65 13.61
CA PHE D 81 27.21 -11.56 12.86
C PHE D 81 28.23 -12.57 13.33
N GLU D 82 28.15 -13.02 14.58
CA GLU D 82 29.10 -14.00 15.08
C GLU D 82 28.70 -15.44 14.74
N GLU D 83 27.44 -15.69 14.41
CA GLU D 83 27.00 -17.05 14.15
C GLU D 83 27.39 -17.50 12.75
N THR D 84 27.70 -18.79 12.65
CA THR D 84 28.00 -19.41 11.36
C THR D 84 26.71 -19.69 10.59
N PHE D 85 26.79 -19.59 9.26
CA PHE D 85 25.63 -19.81 8.40
C PHE D 85 26.05 -20.56 7.15
N ASN D 86 25.07 -21.22 6.52
CA ASN D 86 25.28 -21.79 5.20
C ASN D 86 25.18 -20.69 4.15
N VAL D 87 26.07 -20.75 3.15
CA VAL D 87 26.16 -19.68 2.16
C VAL D 87 25.21 -19.87 0.99
N GLY D 88 24.48 -20.99 0.94
CA GLY D 88 23.64 -21.24 -0.23
C GLY D 88 24.48 -21.37 -1.48
N SER D 89 24.07 -20.68 -2.54
CA SER D 89 24.76 -20.71 -3.81
C SER D 89 25.92 -19.72 -3.89
N PHE D 90 26.17 -18.96 -2.82
CA PHE D 90 27.34 -18.08 -2.77
C PHE D 90 28.59 -18.89 -3.03
N ALA D 91 29.31 -18.56 -4.09
CA ALA D 91 30.38 -19.42 -4.60
C ALA D 91 31.75 -19.03 -4.08
N VAL D 92 31.84 -18.80 -2.76
CA VAL D 92 33.09 -18.35 -2.13
C VAL D 92 34.10 -19.46 -1.93
N GLY D 93 33.71 -20.71 -2.10
CA GLY D 93 34.61 -21.83 -1.92
C GLY D 93 34.49 -22.56 -0.60
N GLN D 94 33.52 -22.19 0.24
CA GLN D 94 33.19 -22.99 1.41
C GLN D 94 31.70 -22.84 1.68
N GLU D 95 31.07 -23.97 2.02
CA GLU D 95 29.61 -24.00 2.17
C GLU D 95 29.13 -23.26 3.42
N THR D 96 29.99 -23.06 4.41
CA THR D 96 29.59 -22.54 5.71
C THR D 96 30.57 -21.46 6.14
N MET D 97 30.05 -20.41 6.77
CA MET D 97 30.87 -19.25 7.13
C MET D 97 30.13 -18.45 8.19
N PRO D 98 30.86 -17.83 9.12
CA PRO D 98 30.22 -16.87 10.04
C PRO D 98 29.68 -15.68 9.27
N LEU D 99 28.59 -15.10 9.78
CA LEU D 99 27.90 -14.04 9.06
C LEU D 99 28.79 -12.82 8.86
N LYS D 100 29.70 -12.54 9.81
CA LYS D 100 30.59 -11.40 9.66
C LYS D 100 31.51 -11.56 8.46
N ASP D 101 31.91 -12.80 8.13
CA ASP D 101 32.74 -13.02 6.96
C ASP D 101 31.94 -13.05 5.67
N ILE D 102 30.69 -13.54 5.72
CA ILE D 102 29.83 -13.47 4.55
C ILE D 102 29.57 -12.02 4.16
N TYR D 103 29.35 -11.16 5.15
CA TYR D 103 29.08 -9.75 4.90
C TYR D 103 30.31 -9.07 4.30
N THR D 104 31.49 -9.37 4.84
CA THR D 104 32.72 -8.83 4.26
C THR D 104 32.95 -9.36 2.85
N ALA D 105 32.59 -10.62 2.60
CA ALA D 105 32.79 -11.20 1.28
C ALA D 105 31.89 -10.54 0.24
N LEU D 106 30.64 -10.22 0.62
CA LEU D 106 29.73 -9.60 -0.33
C LEU D 106 30.18 -8.19 -0.71
N LYS D 107 30.61 -7.40 0.28
CA LYS D 107 31.03 -6.02 -0.01
C LYS D 107 32.29 -6.00 -0.85
N LYS D 108 33.22 -6.92 -0.63
CA LYS D 108 34.41 -6.98 -1.46
C LYS D 108 34.09 -7.47 -2.87
N THR D 109 33.12 -8.37 -3.00
CA THR D 109 32.78 -8.91 -4.31
C THR D 109 31.99 -7.91 -5.14
N TYR D 110 30.97 -7.29 -4.55
CA TYR D 110 29.99 -6.52 -5.30
C TYR D 110 30.01 -5.02 -5.03
N CYS D 111 30.79 -4.55 -4.05
CA CYS D 111 30.80 -3.13 -3.71
C CYS D 111 32.20 -2.54 -3.74
N GLY D 112 33.15 -3.20 -4.41
CA GLY D 112 34.48 -2.64 -4.57
C GLY D 112 34.62 -1.86 -5.85
N SER D 113 35.65 -2.16 -6.64
CA SER D 113 35.87 -1.49 -7.91
C SER D 113 34.98 -2.03 -9.02
N ILE D 114 34.31 -3.16 -8.82
CA ILE D 114 33.51 -3.82 -9.86
C ILE D 114 32.04 -3.74 -9.47
N GLY D 115 31.23 -3.15 -10.34
CA GLY D 115 29.79 -3.19 -10.20
C GLY D 115 29.16 -4.13 -11.20
N ALA D 116 28.83 -5.34 -10.75
CA ALA D 116 28.32 -6.38 -11.65
C ALA D 116 26.80 -6.31 -11.74
N GLU D 117 26.29 -6.24 -12.96
CA GLU D 117 24.85 -6.15 -13.24
C GLU D 117 24.49 -7.33 -14.14
N TYR D 118 23.94 -8.40 -13.55
CA TYR D 118 23.73 -9.63 -14.30
C TYR D 118 22.48 -10.38 -13.86
N MET D 119 21.93 -10.05 -12.70
CA MET D 119 20.80 -10.80 -12.17
C MET D 119 19.51 -10.54 -12.94
N HIS D 120 19.46 -9.50 -13.78
CA HIS D 120 18.32 -9.29 -14.65
C HIS D 120 18.20 -10.37 -15.71
N MET D 121 19.28 -11.09 -16.01
CA MET D 121 19.22 -12.17 -16.98
C MET D 121 18.30 -13.29 -16.49
N THR D 122 17.58 -13.89 -17.44
CA THR D 122 16.69 -15.00 -17.11
C THR D 122 17.37 -16.36 -17.16
N ASP D 123 18.50 -16.48 -17.86
CA ASP D 123 19.15 -17.78 -18.03
C ASP D 123 19.89 -18.15 -16.74
N THR D 124 19.45 -19.23 -16.11
CA THR D 124 20.03 -19.62 -14.82
C THR D 124 21.48 -20.07 -14.98
N GLU D 125 21.81 -20.75 -16.07
CA GLU D 125 23.18 -21.21 -16.27
C GLU D 125 24.15 -20.03 -16.41
N GLN D 126 23.73 -18.96 -17.09
CA GLN D 126 24.59 -17.80 -17.25
C GLN D 126 24.75 -17.04 -15.94
N LYS D 127 23.70 -17.01 -15.11
CA LYS D 127 23.83 -16.36 -13.81
C LYS D 127 24.75 -17.14 -12.89
N ARG D 128 24.66 -18.47 -12.91
CA ARG D 128 25.59 -19.29 -12.14
C ARG D 128 27.01 -19.18 -12.68
N TRP D 129 27.15 -19.01 -13.99
CA TRP D 129 28.49 -18.87 -14.57
C TRP D 129 29.16 -17.60 -14.10
N ILE D 130 28.41 -16.50 -14.07
CA ILE D 130 28.97 -15.23 -13.61
C ILE D 130 29.25 -15.27 -12.11
N GLN D 131 28.36 -15.92 -11.36
CA GLN D 131 28.57 -16.02 -9.91
C GLN D 131 29.84 -16.79 -9.58
N GLN D 132 30.13 -17.85 -10.35
CA GLN D 132 31.34 -18.62 -10.12
C GLN D 132 32.58 -17.79 -10.38
N ARG D 133 32.52 -16.88 -11.36
CA ARG D 133 33.70 -16.08 -11.70
C ARG D 133 34.00 -15.03 -10.64
N LEU D 134 32.97 -14.28 -10.20
CA LEU D 134 33.22 -13.19 -9.27
C LEU D 134 33.32 -13.67 -7.83
N GLU D 135 32.37 -14.50 -7.40
CA GLU D 135 32.27 -14.81 -5.98
C GLU D 135 33.41 -15.70 -5.49
N SER D 136 33.91 -16.60 -6.33
CA SER D 136 35.08 -17.40 -5.92
C SER D 136 36.31 -16.53 -5.74
N VAL D 137 36.45 -15.50 -6.58
CA VAL D 137 37.59 -14.59 -6.47
C VAL D 137 37.44 -13.61 -5.30
N VAL D 138 36.22 -13.40 -4.82
CA VAL D 138 35.90 -12.44 -3.76
C VAL D 138 36.50 -11.09 -4.13
N GLY D 139 36.38 -10.70 -5.40
CA GLY D 139 36.84 -9.41 -5.84
C GLY D 139 38.32 -9.29 -6.16
N GLN D 140 39.17 -10.08 -5.50
CA GLN D 140 40.62 -9.93 -5.62
C GLN D 140 41.21 -10.82 -6.70
N PRO D 141 41.41 -10.30 -7.92
CA PRO D 141 42.00 -11.11 -8.98
C PRO D 141 43.47 -11.41 -8.71
N SER D 142 43.94 -12.53 -9.27
CA SER D 142 45.33 -12.97 -9.14
C SER D 142 46.01 -12.84 -10.50
N PHE D 143 46.97 -11.94 -10.59
CA PHE D 143 47.77 -11.74 -11.79
C PHE D 143 49.24 -12.03 -11.51
N ASP D 144 49.95 -12.48 -12.56
CA ASP D 144 51.38 -12.73 -12.44
C ASP D 144 52.14 -11.43 -12.26
N LYS D 145 53.32 -11.52 -11.65
CA LYS D 145 54.16 -10.34 -11.49
C LYS D 145 54.55 -9.77 -12.85
N ASP D 146 54.70 -10.64 -13.85
CA ASP D 146 54.90 -10.16 -15.22
C ASP D 146 53.65 -9.44 -15.72
N GLU D 147 52.47 -9.97 -15.43
CA GLU D 147 51.24 -9.37 -15.93
C GLU D 147 51.01 -7.99 -15.32
N LYS D 148 51.27 -7.84 -14.03
CA LYS D 148 51.13 -6.53 -13.41
C LYS D 148 52.13 -5.53 -13.97
N ARG D 149 53.34 -6.00 -14.32
CA ARG D 149 54.33 -5.12 -14.93
C ARG D 149 53.90 -4.72 -16.34
N THR D 150 53.25 -5.63 -17.07
CA THR D 150 52.75 -5.29 -18.39
C THR D 150 51.63 -4.27 -18.31
N PHE D 151 50.78 -4.38 -17.30
CA PHE D 151 49.71 -3.40 -17.13
C PHE D 151 50.26 -2.02 -16.82
N LEU D 152 51.26 -1.95 -15.94
CA LEU D 152 51.88 -0.67 -15.63
C LEU D 152 52.58 -0.09 -16.85
N ALA D 153 53.27 -0.94 -17.62
CA ALA D 153 53.94 -0.47 -18.83
C ALA D 153 52.93 0.00 -19.87
N GLU D 154 51.77 -0.65 -19.94
CA GLU D 154 50.74 -0.22 -20.88
C GLU D 154 50.03 1.04 -20.41
N LEU D 155 49.82 1.18 -19.10
CA LEU D 155 49.37 2.45 -18.57
C LEU D 155 50.42 3.54 -18.81
N THR D 156 51.70 3.17 -18.75
CA THR D 156 52.76 4.13 -19.02
C THR D 156 52.77 4.55 -20.49
N ALA D 157 52.54 3.59 -21.40
CA ALA D 157 52.48 3.93 -22.81
C ALA D 157 51.29 4.84 -23.12
N ALA D 158 50.15 4.60 -22.47
CA ALA D 158 48.97 5.41 -22.75
C ALA D 158 49.19 6.85 -22.29
N GLU D 159 49.70 7.04 -21.07
CA GLU D 159 49.95 8.38 -20.56
C GLU D 159 51.09 9.07 -21.30
N GLY D 160 52.17 8.32 -21.57
CA GLY D 160 53.36 8.95 -22.13
C GLY D 160 53.14 9.50 -23.53
N LEU D 161 52.41 8.76 -24.36
CA LEU D 161 52.14 9.27 -25.71
C LEU D 161 51.28 10.52 -25.67
N GLU D 162 50.36 10.60 -24.71
CA GLU D 162 49.45 11.74 -24.66
C GLU D 162 50.15 13.00 -24.18
N ARG D 163 50.98 12.88 -23.13
CA ARG D 163 51.78 14.02 -22.70
C ARG D 163 52.79 14.41 -23.75
N TYR D 164 53.29 13.43 -24.52
CA TYR D 164 54.22 13.74 -25.60
C TYR D 164 53.54 14.57 -26.69
N LEU D 165 52.32 14.18 -27.08
CA LEU D 165 51.61 14.93 -28.11
C LEU D 165 51.22 16.32 -27.63
N GLY D 166 50.93 16.48 -26.34
CA GLY D 166 50.62 17.80 -25.82
C GLY D 166 51.84 18.71 -25.78
N ALA D 167 53.01 18.14 -25.45
CA ALA D 167 54.23 18.93 -25.44
C ALA D 167 54.65 19.33 -26.84
N LYS D 168 54.58 18.40 -27.80
CA LYS D 168 55.10 18.67 -29.13
C LYS D 168 54.13 19.47 -30.00
N PHE D 169 52.83 19.30 -29.79
CA PHE D 169 51.81 20.02 -30.56
C PHE D 169 50.80 20.61 -29.60
N PRO D 170 51.19 21.64 -28.83
CA PRO D 170 50.25 22.22 -27.86
C PRO D 170 49.02 22.77 -28.55
N GLY D 171 47.85 22.51 -27.95
CA GLY D 171 46.61 23.04 -28.45
C GLY D 171 45.99 22.25 -29.58
N ALA D 172 46.74 21.34 -30.21
CA ALA D 172 46.20 20.57 -31.31
C ALA D 172 45.15 19.59 -30.82
N LYS D 173 44.07 19.47 -31.59
CA LYS D 173 43.02 18.52 -31.25
C LYS D 173 43.54 17.10 -31.40
N ARG D 174 43.49 16.33 -30.31
CA ARG D 174 43.87 14.93 -30.34
C ARG D 174 42.91 14.01 -29.60
N PHE D 175 41.93 14.56 -28.87
CA PHE D 175 40.95 13.77 -28.11
C PHE D 175 41.66 12.76 -27.21
N SER D 176 42.31 13.32 -26.19
CA SER D 176 43.19 12.56 -25.32
C SER D 176 42.44 11.46 -24.58
N LEU D 177 43.12 10.33 -24.38
CA LEU D 177 42.60 9.24 -23.57
C LEU D 177 42.82 9.48 -22.07
N GLU D 178 43.55 10.53 -21.70
CA GLU D 178 43.96 10.70 -20.31
C GLU D 178 42.74 10.74 -19.39
N GLY D 179 42.84 10.00 -18.28
CA GLY D 179 41.75 9.72 -17.39
C GLY D 179 41.10 8.37 -17.66
N GLY D 180 41.20 7.89 -18.89
CA GLY D 180 40.71 6.57 -19.27
C GLY D 180 41.84 5.69 -19.76
N ASP D 181 43.02 5.86 -19.15
CA ASP D 181 44.23 5.20 -19.64
C ASP D 181 44.09 3.68 -19.60
N ALA D 182 43.25 3.15 -18.71
CA ALA D 182 43.14 1.71 -18.54
C ALA D 182 42.61 1.00 -19.77
N MET D 183 42.03 1.72 -20.73
CA MET D 183 41.55 1.06 -21.94
C MET D 183 42.69 0.43 -22.72
N ILE D 184 43.88 1.04 -22.71
CA ILE D 184 45.00 0.47 -23.46
C ILE D 184 45.41 -0.90 -22.94
N PRO D 185 45.67 -1.10 -21.64
CA PRO D 185 45.84 -2.48 -21.14
C PRO D 185 44.62 -3.35 -21.34
N MET D 186 43.41 -2.79 -21.27
CA MET D 186 42.22 -3.59 -21.46
C MET D 186 42.15 -4.13 -22.89
N MET D 187 42.40 -3.27 -23.88
CA MET D 187 42.35 -3.73 -25.27
C MET D 187 43.42 -4.77 -25.57
N LYS D 188 44.65 -4.53 -25.10
CA LYS D 188 45.71 -5.50 -25.35
C LYS D 188 45.46 -6.79 -24.59
N GLU D 189 44.86 -6.73 -23.40
CA GLU D 189 44.48 -7.96 -22.72
C GLU D 189 43.34 -8.66 -23.43
N LEU D 190 42.41 -7.90 -24.01
CA LEU D 190 41.34 -8.50 -24.80
C LEU D 190 41.90 -9.23 -26.02
N ILE D 191 42.89 -8.63 -26.68
CA ILE D 191 43.48 -9.26 -27.86
C ILE D 191 44.34 -10.45 -27.45
N ARG D 192 45.11 -10.32 -26.38
CA ARG D 192 45.90 -11.44 -25.90
C ARG D 192 45.01 -12.60 -25.46
N HIS D 193 43.94 -12.28 -24.71
CA HIS D 193 43.01 -13.33 -24.29
C HIS D 193 42.27 -13.92 -25.47
N ALA D 194 42.07 -13.14 -26.54
CA ALA D 194 41.43 -13.66 -27.73
C ALA D 194 42.31 -14.70 -28.40
N GLY D 195 43.61 -14.44 -28.49
CA GLY D 195 44.53 -15.43 -29.03
C GLY D 195 44.70 -16.65 -28.14
N ARG D 196 44.59 -16.47 -26.82
CA ARG D 196 44.71 -17.60 -25.92
C ARG D 196 43.60 -18.62 -26.14
N SER D 197 42.44 -18.17 -26.60
CA SER D 197 41.28 -19.05 -26.82
C SER D 197 41.12 -19.44 -28.29
N GLY D 198 42.15 -19.23 -29.10
CA GLY D 198 42.14 -19.73 -30.46
C GLY D 198 41.42 -18.89 -31.48
N MET D 199 41.00 -17.68 -31.14
CA MET D 199 40.40 -16.80 -32.12
C MET D 199 41.47 -16.32 -33.11
N ARG D 200 41.09 -16.19 -34.37
CA ARG D 200 42.04 -15.83 -35.43
C ARG D 200 42.05 -14.35 -35.76
N GLU D 201 40.93 -13.64 -35.62
CA GLU D 201 40.84 -12.26 -36.06
C GLU D 201 40.05 -11.44 -35.06
N VAL D 202 40.43 -10.17 -34.91
CA VAL D 202 39.73 -9.21 -34.08
C VAL D 202 39.49 -7.95 -34.90
N VAL D 203 38.26 -7.46 -34.90
CA VAL D 203 37.89 -6.25 -35.63
C VAL D 203 37.33 -5.25 -34.62
N ILE D 204 37.78 -4.00 -34.70
CA ILE D 204 37.50 -2.99 -33.70
C ILE D 204 36.78 -1.82 -34.36
N GLY D 205 35.70 -1.36 -33.73
CA GLY D 205 35.05 -0.12 -34.08
C GLY D 205 35.04 0.83 -32.90
N MET D 206 35.43 2.09 -33.12
CA MET D 206 35.58 3.03 -32.01
C MET D 206 35.40 4.44 -32.54
N ALA D 207 35.39 5.40 -31.61
CA ALA D 207 35.22 6.80 -31.93
C ALA D 207 36.51 7.57 -31.67
N HIS D 208 36.38 8.88 -31.44
CA HIS D 208 37.54 9.75 -31.30
C HIS D 208 38.32 9.48 -30.02
N ARG D 209 37.65 9.04 -28.95
CA ARG D 209 38.28 9.01 -27.64
C ARG D 209 39.34 7.91 -27.58
N GLY D 210 40.58 8.31 -27.36
CA GLY D 210 41.67 7.34 -27.34
C GLY D 210 41.98 6.73 -28.68
N ARG D 211 41.59 7.36 -29.77
CA ARG D 211 41.80 6.78 -31.09
C ARG D 211 43.27 6.76 -31.48
N LEU D 212 43.95 7.89 -31.30
CA LEU D 212 45.38 7.94 -31.58
C LEU D 212 46.16 7.03 -30.65
N ASN D 213 45.72 6.90 -29.40
CA ASN D 213 46.35 5.96 -28.48
C ASN D 213 46.18 4.52 -28.96
N MET D 214 44.98 4.17 -29.44
CA MET D 214 44.75 2.83 -29.95
C MET D 214 45.60 2.55 -31.18
N LEU D 215 45.82 3.56 -32.03
CA LEU D 215 46.59 3.35 -33.24
C LEU D 215 48.07 3.11 -32.93
N VAL D 216 48.63 3.94 -32.05
CA VAL D 216 50.07 3.87 -31.78
C VAL D 216 50.39 2.76 -30.79
N ASN D 217 49.61 2.63 -29.73
CA ASN D 217 49.94 1.74 -28.62
C ASN D 217 49.27 0.37 -28.70
N VAL D 218 48.42 0.13 -29.69
CA VAL D 218 47.78 -1.18 -29.83
C VAL D 218 47.93 -1.69 -31.25
N LEU D 219 47.49 -0.89 -32.23
CA LEU D 219 47.54 -1.31 -33.62
C LEU D 219 48.94 -1.24 -34.22
N GLY D 220 49.86 -0.55 -33.58
CA GLY D 220 51.24 -0.52 -34.03
C GLY D 220 51.59 0.52 -35.07
N LYS D 221 50.77 1.56 -35.21
CA LYS D 221 51.12 2.65 -36.11
C LYS D 221 52.42 3.31 -35.67
N LYS D 222 53.25 3.66 -36.65
CA LYS D 222 54.54 4.28 -36.34
C LYS D 222 54.32 5.65 -35.73
N PRO D 223 54.88 5.94 -34.54
CA PRO D 223 54.70 7.27 -33.94
C PRO D 223 55.23 8.39 -34.81
N GLN D 224 56.32 8.17 -35.56
CA GLN D 224 56.84 9.22 -36.43
C GLN D 224 55.85 9.56 -37.54
N ASP D 225 55.12 8.56 -38.05
CA ASP D 225 54.11 8.84 -39.06
C ASP D 225 52.96 9.65 -38.47
N LEU D 226 52.60 9.39 -37.22
CA LEU D 226 51.58 10.20 -36.56
C LEU D 226 52.08 11.62 -36.35
N PHE D 227 53.36 11.78 -35.98
CA PHE D 227 53.92 13.10 -35.79
C PHE D 227 53.99 13.87 -37.10
N ASP D 228 54.21 13.17 -38.22
CA ASP D 228 54.18 13.83 -39.51
C ASP D 228 52.79 14.39 -39.82
N GLU D 229 51.74 13.62 -39.47
CA GLU D 229 50.39 14.07 -39.76
C GLU D 229 50.02 15.30 -38.93
N PHE D 230 50.51 15.39 -37.69
CA PHE D 230 50.31 16.60 -36.91
C PHE D 230 51.06 17.78 -37.51
N ALA D 231 52.19 17.51 -38.16
CA ALA D 231 53.01 18.57 -38.75
C ALA D 231 52.56 18.96 -40.15
N GLY D 232 51.61 18.23 -40.73
CA GLY D 232 51.07 18.57 -42.02
C GLY D 232 51.67 17.81 -43.18
N LYS D 233 52.15 16.60 -42.96
CA LYS D 233 52.86 15.86 -44.00
C LYS D 233 52.24 14.50 -44.20
N GLY D 239 43.12 10.23 -52.33
CA GLY D 239 41.89 11.00 -52.40
C GLY D 239 41.91 12.24 -51.52
N THR D 240 40.74 12.84 -51.34
CA THR D 240 40.66 14.09 -50.57
C THR D 240 40.90 13.88 -49.08
N GLY D 241 40.81 12.65 -48.59
CA GLY D 241 41.24 12.33 -47.26
C GLY D 241 40.25 12.68 -46.17
N ASP D 242 40.73 12.54 -44.93
CA ASP D 242 39.92 12.73 -43.73
C ASP D 242 40.85 13.02 -42.57
N VAL D 243 40.23 13.42 -41.44
CA VAL D 243 41.02 13.81 -40.27
C VAL D 243 41.70 12.60 -39.65
N LYS D 244 42.79 12.86 -38.93
CA LYS D 244 43.70 11.82 -38.48
C LYS D 244 43.05 10.83 -37.52
N TYR D 245 42.07 11.26 -36.74
CA TYR D 245 41.46 10.37 -35.74
C TYR D 245 40.28 9.59 -36.30
N HIS D 246 40.11 9.56 -37.62
CA HIS D 246 39.16 8.66 -38.26
C HIS D 246 39.83 7.50 -38.98
N GLN D 247 41.16 7.46 -39.04
CA GLN D 247 41.84 6.44 -39.83
C GLN D 247 41.73 5.06 -39.20
N GLY D 248 41.61 4.03 -40.05
CA GLY D 248 41.70 2.65 -39.64
C GLY D 248 43.13 2.13 -39.77
N PHE D 249 43.29 0.87 -39.39
CA PHE D 249 44.61 0.25 -39.39
C PHE D 249 44.46 -1.26 -39.37
N SER D 250 45.47 -1.93 -39.93
CA SER D 250 45.54 -3.39 -39.95
C SER D 250 46.93 -3.83 -39.50
N ALA D 251 46.98 -4.90 -38.71
CA ALA D 251 48.25 -5.43 -38.24
C ALA D 251 48.03 -6.83 -37.69
N ASP D 252 49.12 -7.59 -37.58
CA ASP D 252 49.15 -8.81 -36.81
C ASP D 252 49.68 -8.52 -35.40
N PHE D 253 49.28 -9.36 -34.45
CA PHE D 253 49.48 -9.08 -33.03
C PHE D 253 49.88 -10.37 -32.34
N ALA D 254 51.09 -10.42 -31.80
CA ALA D 254 51.57 -11.62 -31.13
C ALA D 254 50.82 -11.81 -29.81
N THR D 255 50.31 -13.03 -29.61
CA THR D 255 49.55 -13.43 -28.44
C THR D 255 50.11 -14.74 -27.93
N PRO D 256 49.84 -15.10 -26.67
CA PRO D 256 50.30 -16.41 -26.18
C PRO D 256 49.79 -17.57 -27.02
N GLY D 257 48.61 -17.44 -27.61
CA GLY D 257 48.03 -18.45 -28.49
C GLY D 257 48.39 -18.34 -29.96
N GLY D 258 49.27 -17.42 -30.33
CA GLY D 258 49.69 -17.24 -31.71
C GLY D 258 49.30 -15.88 -32.25
N ASP D 259 49.74 -15.63 -33.48
CA ASP D 259 49.45 -14.36 -34.13
C ASP D 259 47.95 -14.20 -34.40
N VAL D 260 47.44 -13.00 -34.14
CA VAL D 260 46.06 -12.64 -34.41
C VAL D 260 46.05 -11.43 -35.33
N HIS D 261 45.16 -11.46 -36.33
CA HIS D 261 45.00 -10.29 -37.19
C HIS D 261 44.18 -9.23 -36.48
N LEU D 262 44.57 -7.97 -36.66
CA LEU D 262 43.89 -6.83 -36.03
C LEU D 262 43.39 -5.89 -37.11
N ALA D 263 42.15 -5.43 -36.96
CA ALA D 263 41.58 -4.46 -37.88
C ALA D 263 40.86 -3.39 -37.08
N LEU D 264 41.20 -2.13 -37.34
CA LEU D 264 40.49 -0.99 -36.79
C LEU D 264 39.77 -0.27 -37.92
N ALA D 265 38.47 -0.08 -37.77
CA ALA D 265 37.64 0.44 -38.85
C ALA D 265 37.85 1.94 -39.06
N PHE D 266 37.71 2.37 -40.31
CA PHE D 266 37.46 3.76 -40.61
C PHE D 266 36.03 4.13 -40.19
N ASN D 267 35.84 5.39 -39.81
CA ASN D 267 34.53 5.88 -39.41
C ASN D 267 34.48 7.39 -39.65
N PRO D 268 33.28 7.96 -39.80
CA PRO D 268 33.16 9.41 -39.90
C PRO D 268 32.97 10.04 -38.52
N SER D 269 32.75 11.36 -38.49
CA SER D 269 32.48 12.02 -37.21
C SER D 269 31.17 11.55 -36.60
N HIS D 270 30.22 11.11 -37.41
CA HIS D 270 28.96 10.60 -36.88
C HIS D 270 29.23 9.42 -35.97
N LEU D 271 28.79 9.54 -34.72
CA LEU D 271 29.09 8.55 -33.69
C LEU D 271 28.20 7.32 -33.83
N GLU D 272 28.72 6.17 -33.37
CA GLU D 272 27.97 4.94 -33.17
C GLU D 272 27.59 4.23 -34.47
N ILE D 273 27.51 4.97 -35.58
CA ILE D 273 27.13 4.36 -36.85
C ILE D 273 28.14 3.32 -37.32
N VAL D 274 29.40 3.44 -36.89
CA VAL D 274 30.42 2.48 -37.30
C VAL D 274 30.13 1.09 -36.72
N ASN D 275 29.40 1.02 -35.60
CA ASN D 275 29.16 -0.28 -34.97
C ASN D 275 28.46 -1.27 -35.87
N PRO D 276 27.32 -0.96 -36.52
CA PRO D 276 26.76 -1.92 -37.49
C PRO D 276 27.71 -2.25 -38.63
N VAL D 277 28.54 -1.29 -39.06
CA VAL D 277 29.46 -1.57 -40.16
C VAL D 277 30.47 -2.63 -39.76
N VAL D 278 30.94 -2.59 -38.51
CA VAL D 278 31.85 -3.62 -38.03
C VAL D 278 31.15 -4.96 -37.95
N MET D 279 29.86 -4.96 -37.59
CA MET D 279 29.10 -6.20 -37.53
C MET D 279 29.03 -6.87 -38.90
N GLY D 280 28.86 -6.08 -39.95
CA GLY D 280 28.85 -6.64 -41.29
C GLY D 280 30.21 -7.15 -41.72
N SER D 281 31.27 -6.45 -41.31
CA SER D 281 32.61 -6.91 -41.64
C SER D 281 32.91 -8.24 -40.97
N VAL D 282 32.49 -8.41 -39.72
CA VAL D 282 32.76 -9.65 -39.01
C VAL D 282 31.93 -10.79 -39.58
N ARG D 283 30.66 -10.53 -39.91
CA ARG D 283 29.84 -11.57 -40.51
C ARG D 283 30.39 -11.99 -41.88
N ALA D 284 30.91 -11.03 -42.65
CA ALA D 284 31.52 -11.36 -43.93
C ALA D 284 32.78 -12.20 -43.73
N ARG D 285 33.54 -11.91 -42.66
CA ARG D 285 34.71 -12.74 -42.36
C ARG D 285 34.29 -14.11 -41.84
N GLN D 286 33.31 -14.16 -40.94
CA GLN D 286 32.86 -15.44 -40.40
C GLN D 286 32.24 -16.31 -41.48
N ASP D 287 31.54 -15.70 -42.44
CA ASP D 287 31.02 -16.48 -43.56
C ASP D 287 32.14 -17.06 -44.39
N ARG D 288 33.19 -16.26 -44.64
CA ARG D 288 34.29 -16.71 -45.50
C ARG D 288 35.08 -17.86 -44.87
N LEU D 289 35.28 -17.82 -43.55
CA LEU D 289 36.06 -18.87 -42.90
C LEU D 289 35.23 -20.09 -42.54
N GLY D 290 33.92 -20.05 -42.74
CA GLY D 290 33.09 -21.13 -42.24
C GLY D 290 32.93 -21.12 -40.74
N ASP D 291 33.11 -19.96 -40.10
CA ASP D 291 33.00 -19.83 -38.64
C ASP D 291 31.52 -19.70 -38.28
N ASP D 292 30.85 -20.86 -38.27
CA ASP D 292 29.40 -20.87 -38.11
C ASP D 292 28.96 -20.40 -36.73
N ASP D 293 29.78 -20.60 -35.71
CA ASP D 293 29.45 -20.18 -34.36
C ASP D 293 30.12 -18.87 -33.94
N GLY D 294 30.87 -18.24 -34.83
CA GLY D 294 31.48 -16.95 -34.50
C GLY D 294 32.61 -17.03 -33.51
N SER D 295 33.30 -18.16 -33.44
CA SER D 295 34.42 -18.32 -32.50
C SER D 295 35.77 -17.91 -33.09
N LYS D 296 35.85 -17.58 -34.38
CA LYS D 296 37.12 -17.24 -34.99
C LYS D 296 37.36 -15.74 -35.15
N VAL D 297 36.32 -14.94 -35.29
CA VAL D 297 36.45 -13.50 -35.48
C VAL D 297 35.73 -12.79 -34.34
N LEU D 298 36.45 -11.93 -33.63
CA LEU D 298 35.90 -11.24 -32.47
C LEU D 298 35.56 -9.81 -32.83
N PRO D 299 34.32 -9.38 -32.70
CA PRO D 299 33.99 -7.95 -32.87
C PRO D 299 34.10 -7.19 -31.57
N ILE D 300 34.74 -6.03 -31.59
CA ILE D 300 34.84 -5.16 -30.42
C ILE D 300 34.38 -3.77 -30.83
N THR D 301 33.43 -3.22 -30.09
CA THR D 301 32.94 -1.87 -30.34
C THR D 301 33.19 -1.01 -29.10
N ILE D 302 33.67 0.21 -29.32
CA ILE D 302 33.96 1.16 -28.26
C ILE D 302 33.02 2.34 -28.41
N HIS D 303 32.45 2.80 -27.31
CA HIS D 303 31.41 3.81 -27.32
C HIS D 303 31.74 4.92 -26.33
N GLY D 304 31.23 6.11 -26.61
CA GLY D 304 31.20 7.16 -25.62
C GLY D 304 29.94 7.04 -24.77
N ASP D 305 30.03 7.56 -23.54
CA ASP D 305 28.91 7.37 -22.60
C ASP D 305 27.68 8.15 -23.04
N SER D 306 27.87 9.38 -23.51
CA SER D 306 26.72 10.16 -23.99
C SER D 306 26.19 9.63 -25.30
N ALA D 307 27.07 9.19 -26.20
CA ALA D 307 26.64 8.76 -27.52
C ALA D 307 25.84 7.47 -27.46
N ILE D 308 26.29 6.51 -26.62
CA ILE D 308 25.62 5.21 -26.61
C ILE D 308 24.22 5.32 -26.01
N ALA D 309 24.00 6.28 -25.11
CA ALA D 309 22.67 6.46 -24.54
C ALA D 309 21.71 7.11 -25.53
N GLY D 310 22.20 7.96 -26.42
CA GLY D 310 21.33 8.80 -27.22
C GLY D 310 21.13 8.42 -28.67
N GLN D 311 22.01 7.58 -29.22
CA GLN D 311 21.94 7.23 -30.62
C GLN D 311 21.11 5.97 -30.81
N GLY D 312 20.09 6.05 -31.67
CA GLY D 312 19.18 4.93 -31.85
C GLY D 312 19.76 3.77 -32.62
N VAL D 313 20.85 4.00 -33.36
CA VAL D 313 21.50 2.92 -34.09
C VAL D 313 22.06 1.88 -33.14
N VAL D 314 22.34 2.26 -31.89
CA VAL D 314 22.80 1.29 -30.90
C VAL D 314 21.73 0.23 -30.66
N ALA D 315 20.48 0.66 -30.44
CA ALA D 315 19.40 -0.29 -30.22
C ALA D 315 19.12 -1.13 -31.45
N GLU D 316 19.23 -0.53 -32.64
CA GLU D 316 19.02 -1.31 -33.86
C GLU D 316 20.07 -2.40 -34.01
N THR D 317 21.31 -2.13 -33.56
CA THR D 317 22.36 -3.14 -33.65
C THR D 317 22.19 -4.20 -32.57
N PHE D 318 21.79 -3.80 -31.37
CA PHE D 318 21.49 -4.79 -30.33
C PHE D 318 20.35 -5.71 -30.75
N ASN D 319 19.38 -5.18 -31.51
CA ASN D 319 18.26 -5.99 -31.97
C ASN D 319 18.68 -6.96 -33.08
N MET D 320 19.80 -6.70 -33.75
CA MET D 320 20.35 -7.59 -34.75
C MET D 320 21.32 -8.62 -34.17
N SER D 321 21.62 -8.56 -32.87
CA SER D 321 22.69 -9.37 -32.31
C SER D 321 22.39 -10.86 -32.38
N GLN D 322 21.10 -11.24 -32.38
CA GLN D 322 20.74 -12.65 -32.48
C GLN D 322 19.85 -12.97 -33.66
N ALA D 323 19.49 -11.98 -34.49
CA ALA D 323 18.79 -12.28 -35.72
C ALA D 323 19.70 -13.04 -36.68
N ARG D 324 19.15 -14.08 -37.30
CA ARG D 324 19.94 -14.82 -38.28
C ARG D 324 20.21 -13.93 -39.48
N GLY D 325 21.39 -14.07 -40.08
CA GLY D 325 21.79 -13.22 -41.17
C GLY D 325 22.53 -11.97 -40.75
N PHE D 326 22.50 -11.64 -39.46
CA PHE D 326 23.26 -10.52 -38.91
C PHE D 326 24.05 -10.91 -37.68
N CYS D 327 23.75 -12.05 -37.04
CA CYS D 327 24.44 -12.46 -35.83
C CYS D 327 25.92 -12.73 -36.12
N VAL D 328 26.77 -12.38 -35.17
CA VAL D 328 28.21 -12.60 -35.30
C VAL D 328 28.73 -13.28 -34.04
N GLY D 329 27.85 -13.97 -33.32
CA GLY D 329 28.27 -14.65 -32.11
C GLY D 329 28.40 -13.75 -30.90
N GLY D 330 27.87 -12.55 -30.94
CA GLY D 330 27.99 -11.62 -29.83
C GLY D 330 29.20 -10.71 -29.96
N THR D 331 29.05 -9.50 -29.41
CA THR D 331 30.09 -8.48 -29.47
C THR D 331 30.48 -8.05 -28.07
N VAL D 332 31.78 -7.84 -27.86
CA VAL D 332 32.27 -7.20 -26.65
C VAL D 332 32.18 -5.69 -26.85
N ARG D 333 31.46 -5.01 -25.96
CA ARG D 333 31.18 -3.58 -26.11
C ARG D 333 31.75 -2.84 -24.91
N VAL D 334 32.62 -1.88 -25.18
CA VAL D 334 33.30 -1.10 -24.16
C VAL D 334 32.84 0.34 -24.25
N VAL D 335 32.38 0.88 -23.12
CA VAL D 335 32.02 2.29 -23.02
C VAL D 335 33.13 3.02 -22.29
N VAL D 336 33.73 4.01 -22.94
CA VAL D 336 34.66 4.90 -22.26
C VAL D 336 33.83 5.94 -21.53
N ASN D 337 33.45 5.63 -20.29
CA ASN D 337 32.49 6.44 -19.55
C ASN D 337 33.26 7.44 -18.69
N ASN D 338 33.59 8.58 -19.29
CA ASN D 338 34.24 9.67 -18.59
C ASN D 338 33.25 10.62 -17.93
N GLN D 339 31.97 10.23 -17.88
CA GLN D 339 30.94 10.91 -17.10
C GLN D 339 30.65 12.33 -17.61
N VAL D 340 30.91 12.58 -18.89
CA VAL D 340 30.61 13.88 -19.48
C VAL D 340 30.52 13.69 -20.99
N GLY D 341 29.63 14.45 -21.62
CA GLY D 341 29.57 14.52 -23.06
C GLY D 341 29.74 15.95 -23.52
N PHE D 342 30.91 16.27 -24.05
CA PHE D 342 31.30 17.64 -24.39
C PHE D 342 31.13 18.54 -23.16
N THR D 343 30.12 19.42 -23.19
CA THR D 343 29.84 20.29 -22.05
C THR D 343 28.71 19.78 -21.18
N THR D 344 28.15 18.61 -21.48
CA THR D 344 26.98 18.10 -20.78
C THR D 344 27.38 16.94 -19.87
N SER D 345 27.21 17.13 -18.57
CA SER D 345 27.51 16.10 -17.58
C SER D 345 26.34 15.79 -16.65
N ASN D 346 25.32 16.62 -16.60
CA ASN D 346 24.18 16.38 -15.72
C ASN D 346 23.43 15.13 -16.19
N PRO D 347 23.22 14.14 -15.32
CA PRO D 347 22.47 12.95 -15.74
C PRO D 347 21.05 13.24 -16.18
N ARG D 348 20.43 14.30 -15.67
CA ARG D 348 19.08 14.65 -16.09
C ARG D 348 19.02 15.18 -17.52
N ASP D 349 20.18 15.50 -18.12
CA ASP D 349 20.21 15.98 -19.50
C ASP D 349 20.71 14.97 -20.51
N THR D 350 21.51 13.97 -20.11
CA THR D 350 22.10 13.04 -21.05
C THR D 350 21.33 11.73 -21.20
N ARG D 351 20.51 11.36 -20.22
CA ARG D 351 19.90 10.04 -20.21
C ARG D 351 18.74 10.05 -19.22
N SER D 352 18.00 8.94 -19.17
CA SER D 352 16.84 8.82 -18.30
C SER D 352 17.01 7.78 -17.20
N THR D 353 18.22 7.28 -16.98
CA THR D 353 18.47 6.19 -16.03
C THR D 353 19.81 6.40 -15.35
N MET D 354 20.07 5.60 -14.32
CA MET D 354 21.32 5.74 -13.58
C MET D 354 22.54 5.46 -14.45
N TYR D 355 22.43 4.49 -15.36
CA TYR D 355 23.55 4.06 -16.18
C TYR D 355 23.31 4.41 -17.65
N CYS D 356 24.36 4.85 -18.34
CA CYS D 356 24.29 5.05 -19.78
C CYS D 356 24.19 3.73 -20.54
N THR D 357 24.56 2.62 -19.92
CA THR D 357 24.61 1.32 -20.55
C THR D 357 23.30 0.55 -20.44
N ASP D 358 22.24 1.15 -19.89
CA ASP D 358 20.99 0.43 -19.66
C ASP D 358 20.33 -0.02 -20.95
N ILE D 359 20.71 0.56 -22.09
CA ILE D 359 20.19 0.09 -23.38
C ILE D 359 20.52 -1.38 -23.60
N ALA D 360 21.64 -1.86 -23.04
CA ALA D 360 22.05 -3.26 -23.23
C ALA D 360 21.05 -4.24 -22.64
N LYS D 361 20.21 -3.80 -21.69
CA LYS D 361 19.27 -4.70 -21.04
C LYS D 361 18.18 -5.19 -21.99
N MET D 362 18.00 -4.55 -23.14
CA MET D 362 17.00 -5.04 -24.10
C MET D 362 17.31 -6.45 -24.57
N VAL D 363 18.59 -6.84 -24.59
CA VAL D 363 18.99 -8.20 -24.94
C VAL D 363 19.57 -8.92 -23.73
N GLN D 364 19.31 -8.41 -22.52
CA GLN D 364 19.72 -9.07 -21.28
C GLN D 364 21.22 -9.31 -21.22
N ALA D 365 22.00 -8.40 -21.77
CA ALA D 365 23.45 -8.51 -21.70
C ALA D 365 23.93 -8.20 -20.28
N PRO D 366 24.89 -8.97 -19.76
CA PRO D 366 25.55 -8.57 -18.52
C PRO D 366 26.35 -7.29 -18.73
N ILE D 367 26.42 -6.47 -17.68
CA ILE D 367 27.13 -5.20 -17.72
C ILE D 367 28.09 -5.15 -16.55
N PHE D 368 29.38 -4.96 -16.85
CA PHE D 368 30.42 -4.89 -15.82
C PHE D 368 30.92 -3.46 -15.73
N HIS D 369 30.46 -2.74 -14.71
CA HIS D 369 31.03 -1.43 -14.39
C HIS D 369 32.29 -1.65 -13.56
N VAL D 370 33.36 -0.93 -13.91
CA VAL D 370 34.64 -1.07 -13.22
C VAL D 370 35.31 0.29 -13.10
N ASN D 371 35.83 0.58 -11.91
CA ASN D 371 36.62 1.80 -11.72
C ASN D 371 37.87 1.75 -12.60
N ALA D 372 38.10 2.82 -13.36
CA ALA D 372 39.24 2.85 -14.27
C ALA D 372 40.56 3.08 -13.57
N ASP D 373 40.54 3.50 -12.31
CA ASP D 373 41.76 3.66 -11.52
C ASP D 373 42.22 2.36 -10.90
N ASP D 374 41.59 1.25 -11.26
CA ASP D 374 41.90 -0.08 -10.73
C ASP D 374 42.14 -0.98 -11.95
N PRO D 375 43.32 -0.87 -12.57
CA PRO D 375 43.56 -1.64 -13.80
C PRO D 375 43.44 -3.14 -13.63
N GLU D 376 43.80 -3.68 -12.46
CA GLU D 376 43.68 -5.13 -12.27
C GLU D 376 42.21 -5.55 -12.23
N ALA D 377 41.33 -4.74 -11.63
CA ALA D 377 39.90 -5.01 -11.75
C ALA D 377 39.43 -4.85 -13.19
N VAL D 378 40.05 -3.92 -13.93
CA VAL D 378 39.70 -3.74 -15.34
C VAL D 378 40.08 -4.98 -16.15
N ALA D 379 41.32 -5.43 -16.00
CA ALA D 379 41.77 -6.62 -16.73
C ALA D 379 40.98 -7.86 -16.31
N PHE D 380 40.62 -7.94 -15.02
CA PHE D 380 39.86 -9.09 -14.54
C PHE D 380 38.46 -9.11 -15.14
N VAL D 381 37.80 -7.96 -15.19
CA VAL D 381 36.50 -7.87 -15.83
C VAL D 381 36.63 -8.12 -17.34
N THR D 382 37.77 -7.77 -17.92
CA THR D 382 37.95 -7.95 -19.36
C THR D 382 37.99 -9.42 -19.75
N ARG D 383 38.72 -10.24 -19.00
CA ARG D 383 38.77 -11.66 -19.31
C ARG D 383 37.41 -12.32 -19.12
N ILE D 384 36.65 -11.89 -18.12
CA ILE D 384 35.34 -12.46 -17.87
C ILE D 384 34.38 -12.15 -19.02
N ALA D 385 34.37 -10.88 -19.47
CA ALA D 385 33.44 -10.49 -20.52
C ALA D 385 33.72 -11.24 -21.81
N LEU D 386 35.00 -11.48 -22.12
CA LEU D 386 35.33 -12.23 -23.32
C LEU D 386 35.01 -13.72 -23.13
N ASP D 387 35.28 -14.26 -21.94
CA ASP D 387 34.91 -15.64 -21.68
C ASP D 387 33.41 -15.84 -21.71
N TYR D 388 32.65 -14.84 -21.26
CA TYR D 388 31.20 -14.91 -21.37
C TYR D 388 30.76 -14.90 -22.83
N ARG D 389 31.39 -14.04 -23.65
CA ARG D 389 31.00 -13.94 -25.05
C ARG D 389 31.30 -15.23 -25.79
N ASN D 390 32.47 -15.82 -25.56
CA ASN D 390 32.81 -17.06 -26.26
C ASN D 390 32.01 -18.25 -25.74
N GLU D 391 31.59 -18.22 -24.49
CA GLU D 391 30.85 -19.34 -23.92
C GLU D 391 29.40 -19.35 -24.39
N PHE D 392 28.74 -18.20 -24.35
CA PHE D 392 27.30 -18.12 -24.60
C PHE D 392 26.93 -17.40 -25.89
N LYS D 393 27.91 -16.88 -26.62
CA LYS D 393 27.68 -16.26 -27.94
C LYS D 393 26.64 -15.13 -27.86
N ARG D 394 26.81 -14.26 -26.86
CA ARG D 394 25.90 -13.16 -26.63
C ARG D 394 26.70 -11.89 -26.35
N ASP D 395 26.05 -10.75 -26.59
CA ASP D 395 26.68 -9.46 -26.35
C ASP D 395 26.98 -9.27 -24.86
N VAL D 396 28.09 -8.59 -24.59
CA VAL D 396 28.52 -8.28 -23.24
C VAL D 396 29.11 -6.89 -23.24
N VAL D 397 28.90 -6.16 -22.15
CA VAL D 397 29.24 -4.75 -22.06
C VAL D 397 30.20 -4.52 -20.90
N ILE D 398 31.23 -3.72 -21.14
CA ILE D 398 32.17 -3.28 -20.11
C ILE D 398 32.03 -1.78 -19.97
N ASP D 399 31.62 -1.32 -18.79
CA ASP D 399 31.44 0.10 -18.51
C ASP D 399 32.68 0.60 -17.77
N LEU D 400 33.61 1.19 -18.53
CA LEU D 400 34.86 1.70 -17.96
C LEU D 400 34.60 3.08 -17.39
N VAL D 401 34.36 3.15 -16.08
CA VAL D 401 34.01 4.41 -15.43
C VAL D 401 35.29 5.18 -15.18
N CYS D 402 35.44 6.33 -15.84
CA CYS D 402 36.69 7.08 -15.82
C CYS D 402 36.36 8.57 -15.83
N TYR D 403 37.31 9.38 -16.27
CA TYR D 403 37.12 10.82 -16.39
C TYR D 403 37.88 11.32 -17.60
N ARG D 404 37.60 12.57 -17.97
CA ARG D 404 38.24 13.25 -19.10
C ARG D 404 39.19 14.30 -18.54
N ARG D 405 40.50 14.04 -18.66
CA ARG D 405 41.49 14.88 -18.00
C ARG D 405 41.44 16.33 -18.50
N HIS D 406 41.24 16.52 -19.79
CA HIS D 406 41.19 17.85 -20.38
C HIS D 406 39.74 18.16 -20.79
N GLY D 407 39.57 19.25 -21.51
CA GLY D 407 38.29 19.58 -22.11
C GLY D 407 37.95 18.56 -23.19
N HIS D 408 36.76 18.72 -23.76
CA HIS D 408 36.29 17.78 -24.77
C HIS D 408 37.33 17.57 -25.86
N ASN D 409 37.90 18.67 -26.35
CA ASN D 409 39.14 18.65 -27.09
C ASN D 409 40.16 19.50 -26.35
N GLU D 410 41.39 19.49 -26.84
CA GLU D 410 42.49 20.09 -26.11
C GLU D 410 42.49 21.61 -26.16
N ALA D 411 41.63 22.22 -26.98
CA ALA D 411 41.54 23.67 -27.09
C ALA D 411 40.24 24.21 -26.51
N ASP D 412 39.58 23.46 -25.63
CA ASP D 412 38.30 23.84 -25.05
C ASP D 412 38.42 23.95 -23.54
N GLU D 413 37.67 24.90 -22.96
CA GLU D 413 37.70 25.11 -21.52
C GLU D 413 36.58 24.31 -20.88
N PRO D 414 36.87 23.31 -20.06
CA PRO D 414 35.80 22.55 -19.40
C PRO D 414 35.25 23.22 -18.15
N ASN D 415 36.01 24.10 -17.50
CA ASN D 415 35.61 24.66 -16.22
C ASN D 415 34.40 25.59 -16.34
N ALA D 416 34.13 26.14 -17.53
CA ALA D 416 32.98 27.01 -17.69
C ALA D 416 31.67 26.28 -17.41
N THR D 417 31.63 24.97 -17.65
CA THR D 417 30.41 24.19 -17.48
C THR D 417 30.55 23.03 -16.51
N GLN D 418 31.76 22.61 -16.17
CA GLN D 418 31.98 21.55 -15.18
C GLN D 418 33.04 22.01 -14.18
N PRO D 419 32.71 22.97 -13.32
CA PRO D 419 33.70 23.50 -12.37
C PRO D 419 34.12 22.49 -11.31
N LEU D 420 33.15 21.90 -10.62
CA LEU D 420 33.48 20.97 -9.53
C LEU D 420 34.21 19.75 -10.04
N MET D 421 33.84 19.26 -11.23
CA MET D 421 34.47 18.06 -11.76
C MET D 421 35.95 18.28 -12.04
N TYR D 422 36.31 19.45 -12.55
CA TYR D 422 37.69 19.69 -12.94
C TYR D 422 38.54 20.30 -11.82
N GLN D 423 37.93 20.89 -10.79
CA GLN D 423 38.67 21.18 -9.58
C GLN D 423 39.18 19.90 -8.94
N LYS D 424 38.39 18.83 -9.02
CA LYS D 424 38.79 17.53 -8.50
C LYS D 424 39.81 16.85 -9.42
N ILE D 425 39.63 16.99 -10.74
CA ILE D 425 40.56 16.39 -11.69
C ILE D 425 41.92 17.07 -11.60
N LYS D 426 41.96 18.36 -11.29
CA LYS D 426 43.22 19.08 -11.23
C LYS D 426 44.12 18.56 -10.12
N LYS D 427 43.53 17.98 -9.07
CA LYS D 427 44.28 17.41 -7.95
C LYS D 427 44.22 15.89 -7.93
N HIS D 428 43.80 15.26 -9.04
CA HIS D 428 43.67 13.81 -9.09
C HIS D 428 44.88 13.18 -9.76
N PRO D 429 45.61 12.30 -9.09
CA PRO D 429 46.74 11.62 -9.73
C PRO D 429 46.29 10.68 -10.85
N THR D 430 47.20 10.49 -11.80
CA THR D 430 46.92 9.71 -12.99
C THR D 430 46.87 8.23 -12.69
N PRO D 431 46.17 7.43 -13.52
CA PRO D 431 46.09 5.99 -13.27
C PRO D 431 47.44 5.29 -13.22
N ARG D 432 48.42 5.75 -14.02
CA ARG D 432 49.76 5.18 -13.93
C ARG D 432 50.37 5.42 -12.56
N LYS D 433 50.20 6.63 -12.03
CA LYS D 433 50.79 6.97 -10.75
C LYS D 433 50.15 6.19 -9.60
N LEU D 434 48.84 6.00 -9.68
CA LEU D 434 48.14 5.26 -8.62
C LEU D 434 48.52 3.79 -8.64
N TYR D 435 48.61 3.19 -9.84
CA TYR D 435 48.93 1.76 -9.91
C TYR D 435 50.37 1.49 -9.50
N ALA D 436 51.30 2.36 -9.89
CA ALA D 436 52.69 2.19 -9.47
C ALA D 436 52.81 2.26 -7.96
N ASP D 437 52.10 3.19 -7.32
CA ASP D 437 52.14 3.28 -5.87
C ASP D 437 51.60 2.02 -5.21
N VAL D 438 50.57 1.41 -5.82
CA VAL D 438 50.00 0.18 -5.25
C VAL D 438 51.00 -0.96 -5.35
N LEU D 439 51.63 -1.11 -6.52
CA LEU D 439 52.61 -2.18 -6.69
C LEU D 439 53.84 -1.98 -5.81
N ILE D 440 54.23 -0.72 -5.57
CA ILE D 440 55.38 -0.47 -4.72
C ILE D 440 55.03 -0.75 -3.25
N ASP D 441 53.84 -0.34 -2.82
CA ASP D 441 53.41 -0.62 -1.45
C ASP D 441 53.21 -2.12 -1.23
N ARG D 442 52.92 -2.87 -2.30
CA ARG D 442 52.80 -4.32 -2.25
C ARG D 442 54.14 -5.02 -2.39
N ASN D 443 55.23 -4.29 -2.60
CA ASN D 443 56.55 -4.85 -2.88
C ASN D 443 56.52 -5.76 -4.11
N GLU D 444 55.66 -5.44 -5.08
CA GLU D 444 55.64 -6.11 -6.37
C GLU D 444 56.28 -5.28 -7.46
N CYS D 445 56.69 -4.05 -7.16
CA CYS D 445 57.44 -3.22 -8.09
C CYS D 445 58.23 -2.20 -7.28
N ASP D 446 59.13 -1.50 -7.96
CA ASP D 446 59.96 -0.49 -7.31
C ASP D 446 59.88 0.81 -8.10
N ILE D 447 60.22 1.92 -7.42
CA ILE D 447 60.08 3.24 -8.02
C ILE D 447 61.01 3.41 -9.21
N GLU D 448 62.15 2.71 -9.21
CA GLU D 448 63.09 2.85 -10.32
C GLU D 448 62.59 2.12 -11.57
N THR D 449 61.96 0.96 -11.40
CA THR D 449 61.37 0.29 -12.54
C THR D 449 60.23 1.11 -13.15
N ALA D 450 59.37 1.68 -12.30
CA ALA D 450 58.29 2.51 -12.80
C ALA D 450 58.83 3.78 -13.45
N THR D 451 59.92 4.34 -12.90
CA THR D 451 60.51 5.53 -13.51
C THR D 451 61.18 5.21 -14.83
N GLN D 452 61.83 4.04 -14.93
CA GLN D 452 62.49 3.66 -16.17
C GLN D 452 61.49 3.51 -17.31
N MET D 453 60.29 2.99 -17.01
CA MET D 453 59.27 2.85 -18.05
C MET D 453 58.88 4.21 -18.61
N VAL D 454 58.72 5.20 -17.76
CA VAL D 454 58.31 6.53 -18.21
C VAL D 454 59.36 7.13 -19.14
N ASN D 455 60.63 7.09 -18.72
CA ASN D 455 61.68 7.73 -19.52
C ASN D 455 62.03 6.90 -20.75
N GLU D 456 62.00 5.57 -20.65
CA GLU D 456 62.31 4.76 -21.82
C GLU D 456 61.21 4.88 -22.88
N TYR D 457 59.95 5.01 -22.46
CA TYR D 457 58.88 5.19 -23.44
C TYR D 457 59.01 6.52 -24.16
N ARG D 458 59.43 7.57 -23.45
CA ARG D 458 59.67 8.85 -24.11
C ARG D 458 60.79 8.74 -25.12
N ASP D 459 61.81 7.94 -24.82
CA ASP D 459 62.89 7.73 -25.77
C ASP D 459 62.40 6.97 -27.00
N ALA D 460 61.51 5.99 -26.81
CA ALA D 460 61.00 5.25 -27.95
C ALA D 460 60.19 6.14 -28.88
N LEU D 461 59.44 7.10 -28.32
CA LEU D 461 58.73 8.05 -29.16
C LEU D 461 59.71 8.96 -29.91
N ASP D 462 60.83 9.32 -29.28
CA ASP D 462 61.85 10.11 -29.96
C ASP D 462 62.44 9.34 -31.14
N HIS D 463 62.66 8.03 -30.97
CA HIS D 463 63.18 7.23 -32.07
C HIS D 463 62.17 7.10 -33.21
N GLY D 464 60.88 7.13 -32.90
CA GLY D 464 59.84 7.19 -33.90
C GLY D 464 59.41 5.89 -34.51
N GLU D 465 59.99 4.76 -34.08
CA GLU D 465 59.62 3.46 -34.62
C GLU D 465 58.49 2.85 -33.80
N VAL D 466 57.97 1.72 -34.28
CA VAL D 466 56.82 1.09 -33.65
C VAL D 466 57.15 0.77 -32.20
N VAL D 467 56.23 1.11 -31.30
CA VAL D 467 56.42 0.92 -29.87
C VAL D 467 55.55 -0.21 -29.33
N VAL D 468 54.87 -0.95 -30.19
CA VAL D 468 54.05 -2.08 -29.78
C VAL D 468 54.91 -3.34 -29.88
N LYS D 469 55.23 -3.92 -28.72
CA LYS D 469 56.14 -5.06 -28.70
C LYS D 469 55.55 -6.29 -29.39
N GLU D 470 54.23 -6.42 -29.38
CA GLU D 470 53.56 -7.55 -30.02
C GLU D 470 53.17 -7.29 -31.47
N TRP D 471 53.41 -6.10 -32.00
CA TRP D 471 53.10 -5.85 -33.41
C TRP D 471 53.96 -6.73 -34.30
N ARG D 472 53.34 -7.26 -35.35
CA ARG D 472 54.02 -8.08 -36.34
C ARG D 472 53.49 -7.70 -37.72
N PRO D 473 54.33 -7.80 -38.75
CA PRO D 473 53.83 -7.59 -40.12
C PRO D 473 52.77 -8.61 -40.49
N MET D 474 51.78 -8.16 -41.28
CA MET D 474 50.74 -9.07 -41.76
C MET D 474 51.32 -10.11 -42.69
N ALA D 475 50.85 -11.34 -42.55
CA ALA D 475 51.33 -12.44 -43.39
C ALA D 475 50.62 -12.47 -44.73
N TYR D 484 43.13 -4.97 -57.55
CA TYR D 484 42.48 -3.66 -57.67
C TYR D 484 41.03 -3.84 -58.10
N LEU D 485 40.15 -2.94 -57.63
CA LEU D 485 38.74 -2.97 -57.98
C LEU D 485 38.24 -1.60 -58.40
N GLY D 486 39.15 -0.68 -58.73
CA GLY D 486 38.80 0.68 -59.06
C GLY D 486 38.82 1.06 -60.53
N HIS D 487 38.77 0.08 -61.41
CA HIS D 487 38.80 0.36 -62.85
C HIS D 487 37.59 1.20 -63.25
N GLU D 488 37.73 1.87 -64.40
CA GLU D 488 36.69 2.77 -64.87
C GLU D 488 35.41 2.00 -65.23
N TRP D 489 34.29 2.71 -65.15
CA TRP D 489 32.98 2.06 -65.30
C TRP D 489 32.79 1.45 -66.67
N ASP D 490 33.45 2.00 -67.70
CA ASP D 490 33.29 1.52 -69.06
C ASP D 490 34.28 0.41 -69.42
N THR D 491 34.91 -0.20 -68.42
CA THR D 491 35.79 -1.33 -68.68
C THR D 491 35.01 -2.48 -69.30
N PRO D 492 35.54 -3.12 -70.34
CA PRO D 492 34.86 -4.29 -70.92
C PRO D 492 34.75 -5.44 -69.93
N TRP D 493 33.67 -6.20 -70.07
CA TRP D 493 33.37 -7.29 -69.15
C TRP D 493 32.57 -8.36 -69.89
N SER D 494 32.53 -9.55 -69.31
CA SER D 494 31.95 -10.72 -69.96
C SER D 494 30.43 -10.70 -69.76
N ASN D 495 29.73 -10.10 -70.72
CA ASN D 495 28.28 -9.97 -70.64
C ASN D 495 27.53 -11.19 -71.18
N THR D 496 28.15 -11.96 -72.06
CA THR D 496 27.46 -13.07 -72.71
C THR D 496 27.43 -14.30 -71.81
N TYR D 497 26.43 -15.16 -72.06
CA TYR D 497 26.28 -16.41 -71.34
C TYR D 497 25.72 -17.44 -72.32
N ASP D 498 26.12 -18.70 -72.13
CA ASP D 498 25.63 -19.77 -72.98
C ASP D 498 24.11 -19.85 -72.87
N LYS D 499 23.43 -19.71 -74.02
CA LYS D 499 21.97 -19.63 -73.99
C LYS D 499 21.36 -20.93 -73.48
N GLN D 500 21.95 -22.08 -73.80
CA GLN D 500 21.44 -23.33 -73.27
C GLN D 500 21.70 -23.46 -71.78
N ARG D 501 22.84 -22.94 -71.30
CA ARG D 501 23.08 -22.92 -69.87
C ARG D 501 22.04 -22.04 -69.19
N LEU D 502 21.69 -20.92 -69.83
CA LEU D 502 20.69 -20.01 -69.28
C LEU D 502 19.32 -20.70 -69.22
N VAL D 503 19.02 -21.53 -70.22
CA VAL D 503 17.78 -22.30 -70.19
C VAL D 503 17.89 -23.43 -69.17
N GLU D 504 19.08 -24.04 -69.06
CA GLU D 504 19.28 -25.10 -68.09
C GLU D 504 19.19 -24.57 -66.66
N LEU D 505 19.70 -23.35 -66.43
CA LEU D 505 19.57 -22.73 -65.12
C LEU D 505 18.11 -22.43 -64.78
N GLY D 506 17.34 -21.98 -65.77
CA GLY D 506 15.94 -21.65 -65.52
C GLY D 506 15.10 -22.87 -65.18
N LYS D 507 15.37 -24.01 -65.82
CA LYS D 507 14.64 -25.23 -65.49
C LYS D 507 14.93 -25.69 -64.08
N ARG D 508 16.18 -25.52 -63.61
CA ARG D 508 16.48 -25.87 -62.23
C ARG D 508 15.80 -24.93 -61.25
N LEU D 509 15.64 -23.66 -61.62
CA LEU D 509 14.97 -22.71 -60.74
C LEU D 509 13.49 -23.06 -60.56
N CYS D 510 12.87 -23.66 -61.57
CA CYS D 510 11.46 -24.01 -61.50
C CYS D 510 11.20 -25.35 -60.84
N GLN D 511 12.25 -26.12 -60.53
CA GLN D 511 12.08 -27.38 -59.83
C GLN D 511 11.99 -27.16 -58.33
N TYR D 512 11.20 -28.00 -57.67
CA TYR D 512 11.08 -28.03 -56.22
C TYR D 512 10.53 -29.39 -55.82
N PRO D 513 10.73 -29.82 -54.58
CA PRO D 513 10.30 -31.17 -54.19
C PRO D 513 8.79 -31.35 -54.35
N GLU D 514 8.40 -32.54 -54.81
CA GLU D 514 7.01 -32.81 -55.09
C GLU D 514 6.15 -32.76 -53.83
N SER D 515 6.74 -33.06 -52.67
CA SER D 515 6.02 -32.97 -51.41
C SER D 515 5.92 -31.54 -50.89
N HIS D 516 6.65 -30.61 -51.48
CA HIS D 516 6.70 -29.22 -51.01
C HIS D 516 5.56 -28.44 -51.66
N THR D 517 4.36 -28.63 -51.12
CA THR D 517 3.18 -28.00 -51.69
C THR D 517 3.31 -26.48 -51.65
N LEU D 518 3.05 -25.83 -52.78
CA LEU D 518 3.09 -24.39 -52.89
C LEU D 518 1.68 -23.81 -52.88
N HIS D 519 1.57 -22.56 -52.43
CA HIS D 519 0.31 -21.83 -52.58
C HIS D 519 0.03 -21.62 -54.06
N SER D 520 -1.26 -21.66 -54.41
CA SER D 520 -1.65 -21.67 -55.81
C SER D 520 -1.18 -20.42 -56.55
N ARG D 521 -1.11 -19.28 -55.85
CA ARG D 521 -0.58 -18.08 -56.48
C ARG D 521 0.92 -18.22 -56.75
N VAL D 522 1.63 -19.00 -55.93
CA VAL D 522 3.05 -19.25 -56.16
C VAL D 522 3.25 -20.31 -57.23
N SER D 523 2.40 -21.34 -57.23
CA SER D 523 2.47 -22.36 -58.29
C SER D 523 2.17 -21.75 -59.65
N LYS D 524 1.24 -20.79 -59.70
CA LYS D 524 0.93 -20.13 -60.96
C LYS D 524 2.12 -19.35 -61.48
N LEU D 525 2.77 -18.58 -60.61
CA LEU D 525 3.91 -17.77 -61.03
C LEU D 525 5.07 -18.64 -61.48
N TYR D 526 5.29 -19.77 -60.81
CA TYR D 526 6.36 -20.68 -61.23
C TYR D 526 6.02 -21.38 -62.53
N ASN D 527 4.73 -21.63 -62.80
CA ASN D 527 4.35 -22.16 -64.10
C ASN D 527 4.65 -21.17 -65.21
N ASP D 528 4.46 -19.87 -64.94
CA ASP D 528 4.85 -18.86 -65.91
C ASP D 528 6.35 -18.90 -66.18
N ARG D 529 7.14 -19.05 -65.11
CA ARG D 529 8.59 -19.14 -65.28
C ARG D 529 8.98 -20.40 -66.05
N THR D 530 8.22 -21.49 -65.88
CA THR D 530 8.46 -22.68 -66.67
C THR D 530 8.18 -22.41 -68.15
N ALA D 531 7.10 -21.69 -68.44
CA ALA D 531 6.81 -21.33 -69.83
C ALA D 531 7.85 -20.36 -70.38
N MET D 532 8.41 -19.49 -69.54
CA MET D 532 9.47 -18.60 -70.00
C MET D 532 10.73 -19.37 -70.36
N THR D 533 11.01 -20.47 -69.65
CA THR D 533 12.19 -21.27 -69.94
C THR D 533 12.04 -22.09 -71.22
N ASN D 534 10.81 -22.36 -71.65
CA ASN D 534 10.56 -23.14 -72.86
C ASN D 534 10.37 -22.27 -74.10
N GLY D 535 10.56 -20.96 -73.96
CA GLY D 535 10.39 -20.05 -75.08
C GLY D 535 8.94 -19.70 -75.41
N GLU D 536 7.99 -20.18 -74.61
CA GLU D 536 6.57 -19.90 -74.85
C GLU D 536 6.15 -18.52 -74.36
N LYS D 537 6.98 -17.87 -73.53
CA LYS D 537 6.67 -16.55 -72.99
C LYS D 537 7.95 -15.75 -72.87
N GLU D 538 7.83 -14.44 -73.11
CA GLU D 538 8.93 -13.54 -72.82
C GLU D 538 9.13 -13.41 -71.32
N LEU D 539 10.38 -13.18 -70.92
CA LEU D 539 10.71 -13.13 -69.50
C LEU D 539 10.25 -11.82 -68.88
N ASP D 540 9.72 -11.90 -67.66
CA ASP D 540 9.35 -10.72 -66.90
C ASP D 540 10.50 -10.33 -65.96
N TRP D 541 10.31 -9.24 -65.23
CA TRP D 541 11.37 -8.72 -64.36
C TRP D 541 11.82 -9.75 -63.33
N GLY D 542 10.88 -10.49 -62.75
CA GLY D 542 11.24 -11.44 -61.71
C GLY D 542 12.10 -12.58 -62.22
N MET D 543 11.84 -13.04 -63.44
CA MET D 543 12.60 -14.18 -63.98
C MET D 543 14.02 -13.76 -64.36
N ALA D 544 14.16 -12.63 -65.05
CA ALA D 544 15.49 -12.17 -65.45
C ALA D 544 16.34 -11.82 -64.23
N GLU D 545 15.71 -11.27 -63.18
CA GLU D 545 16.46 -11.01 -61.95
C GLU D 545 16.91 -12.31 -61.29
N THR D 546 16.06 -13.34 -61.33
CA THR D 546 16.43 -14.62 -60.73
C THR D 546 17.52 -15.31 -61.53
N LEU D 547 17.43 -15.27 -62.87
CA LEU D 547 18.48 -15.85 -63.70
C LEU D 547 19.80 -15.12 -63.51
N ALA D 548 19.76 -13.81 -63.28
CA ALA D 548 21.00 -13.07 -63.03
C ALA D 548 21.69 -13.57 -61.78
N TYR D 549 20.93 -13.83 -60.71
CA TYR D 549 21.51 -14.44 -59.53
C TYR D 549 22.01 -15.85 -59.83
N ALA D 550 21.28 -16.57 -60.68
CA ALA D 550 21.64 -17.97 -60.96
C ALA D 550 22.97 -18.05 -61.69
N THR D 551 23.26 -17.09 -62.58
CA THR D 551 24.53 -17.13 -63.30
C THR D 551 25.71 -16.81 -62.38
N LEU D 552 25.47 -16.06 -61.30
CA LEU D 552 26.58 -15.67 -60.43
C LEU D 552 26.96 -16.80 -59.47
N VAL D 553 25.97 -17.43 -58.84
CA VAL D 553 26.27 -18.60 -58.01
C VAL D 553 26.71 -19.77 -58.87
N ASP D 554 26.29 -19.81 -60.14
CA ASP D 554 26.77 -20.85 -61.05
C ASP D 554 28.28 -20.74 -61.25
N ASP D 555 28.81 -19.53 -61.20
CA ASP D 555 30.24 -19.27 -61.33
C ASP D 555 30.96 -19.31 -59.98
N GLY D 556 30.26 -19.69 -58.91
CA GLY D 556 30.84 -19.76 -57.59
C GLY D 556 30.88 -18.48 -56.80
N LYS D 557 30.34 -17.37 -57.33
CA LYS D 557 30.31 -16.13 -56.58
C LYS D 557 29.22 -16.15 -55.51
N ARG D 558 29.50 -15.48 -54.40
CA ARG D 558 28.51 -15.33 -53.33
C ARG D 558 27.46 -14.29 -53.69
N ILE D 559 26.24 -14.51 -53.19
CA ILE D 559 25.16 -13.55 -53.26
C ILE D 559 24.53 -13.45 -51.88
N ARG D 560 24.52 -12.25 -51.31
CA ARG D 560 23.84 -11.97 -50.05
C ARG D 560 22.83 -10.86 -50.28
N ILE D 561 21.56 -11.16 -50.04
CA ILE D 561 20.49 -10.19 -50.14
C ILE D 561 19.83 -10.05 -48.77
N SER D 562 19.59 -8.80 -48.35
CA SER D 562 18.83 -8.53 -47.16
C SER D 562 17.93 -7.33 -47.41
N GLY D 563 16.82 -7.28 -46.69
CA GLY D 563 15.84 -6.23 -46.87
C GLY D 563 14.50 -6.70 -46.38
N GLN D 564 13.62 -5.73 -46.13
CA GLN D 564 12.31 -6.03 -45.56
C GLN D 564 11.49 -6.82 -46.56
N ASP D 565 11.10 -8.04 -46.17
CA ASP D 565 10.25 -8.92 -46.98
C ASP D 565 10.92 -9.29 -48.31
N SER D 566 12.25 -9.30 -48.33
CA SER D 566 12.98 -9.55 -49.56
C SER D 566 12.90 -11.00 -50.02
N GLY D 567 12.59 -11.94 -49.12
CA GLY D 567 12.49 -13.34 -49.53
C GLY D 567 11.40 -13.55 -50.55
N ARG D 568 10.21 -13.02 -50.28
CA ARG D 568 9.11 -13.05 -51.24
C ARG D 568 9.17 -11.87 -52.20
N GLY D 569 9.58 -10.71 -51.70
CA GLY D 569 9.46 -9.47 -52.44
C GLY D 569 8.25 -8.69 -52.00
N THR D 570 8.41 -7.38 -51.77
CA THR D 570 7.29 -6.56 -51.35
C THR D 570 6.16 -6.58 -52.37
N PHE D 571 6.50 -6.72 -53.65
CA PHE D 571 5.51 -6.68 -54.73
C PHE D 571 5.24 -8.05 -55.32
N PHE D 572 5.52 -9.12 -54.55
CA PHE D 572 5.11 -10.48 -54.88
C PHE D 572 5.75 -10.98 -56.17
N HIS D 573 6.95 -10.47 -56.49
CA HIS D 573 7.58 -10.77 -57.76
C HIS D 573 8.78 -11.72 -57.68
N ARG D 574 9.40 -11.86 -56.52
CA ARG D 574 10.67 -12.58 -56.43
C ARG D 574 10.48 -14.05 -56.04
N HIS D 575 9.90 -14.31 -54.87
CA HIS D 575 9.65 -15.66 -54.38
C HIS D 575 10.91 -16.52 -54.38
N ALA D 576 11.99 -15.96 -53.84
CA ALA D 576 13.23 -16.72 -53.70
C ALA D 576 13.09 -17.87 -52.71
N VAL D 577 12.18 -17.76 -51.75
CA VAL D 577 11.97 -18.78 -50.73
C VAL D 577 10.57 -19.36 -50.90
N LEU D 578 10.49 -20.66 -51.10
CA LEU D 578 9.22 -21.37 -51.26
C LEU D 578 8.79 -21.94 -49.91
N HIS D 579 7.63 -21.52 -49.44
CA HIS D 579 7.11 -21.94 -48.14
C HIS D 579 6.12 -23.08 -48.34
N ASN D 580 6.37 -24.22 -47.70
CA ASN D 580 5.48 -25.36 -47.79
C ASN D 580 4.13 -25.01 -47.16
N GLN D 581 3.05 -25.46 -47.82
CA GLN D 581 1.72 -25.20 -47.29
C GLN D 581 1.29 -26.21 -46.22
N ASN D 582 1.94 -27.37 -46.15
CA ASN D 582 1.55 -28.40 -45.17
C ASN D 582 2.20 -28.11 -43.82
N ASP D 583 3.52 -28.28 -43.74
CA ASP D 583 4.30 -27.74 -42.65
C ASP D 583 4.69 -26.30 -43.01
N ALA D 584 5.63 -25.71 -42.29
CA ALA D 584 6.14 -24.38 -42.62
C ALA D 584 7.56 -24.42 -43.19
N SER D 585 7.98 -25.58 -43.68
CA SER D 585 9.35 -25.74 -44.17
C SER D 585 9.57 -24.92 -45.44
N THR D 586 10.81 -24.50 -45.65
CA THR D 586 11.18 -23.66 -46.77
C THR D 586 12.10 -24.39 -47.73
N TYR D 587 12.09 -23.95 -48.98
CA TYR D 587 13.00 -24.43 -50.01
C TYR D 587 13.42 -23.25 -50.88
N VAL D 588 14.70 -23.18 -51.20
CA VAL D 588 15.29 -22.06 -51.91
C VAL D 588 15.92 -22.58 -53.20
N PRO D 589 15.23 -22.43 -54.33
CA PRO D 589 15.79 -22.95 -55.60
C PRO D 589 17.15 -22.38 -55.97
N LEU D 590 17.42 -21.12 -55.65
CA LEU D 590 18.71 -20.53 -55.99
C LEU D 590 19.85 -21.12 -55.18
N ALA D 591 19.55 -21.75 -54.05
CA ALA D 591 20.54 -22.48 -53.26
C ALA D 591 20.73 -23.91 -53.73
N ASN D 592 20.05 -24.31 -54.82
CA ASN D 592 20.07 -25.69 -55.29
C ASN D 592 20.39 -25.77 -56.78
N ILE D 593 21.21 -24.84 -57.28
CA ILE D 593 21.59 -24.89 -58.69
C ILE D 593 22.48 -26.10 -58.97
N HIS D 594 23.60 -26.19 -58.26
CA HIS D 594 24.48 -27.36 -58.36
C HIS D 594 25.41 -27.36 -57.15
N ASP D 595 26.03 -28.51 -56.93
CA ASP D 595 26.83 -28.74 -55.72
C ASP D 595 28.07 -27.86 -55.63
N LYS D 596 28.57 -27.33 -56.75
CA LYS D 596 29.73 -26.45 -56.74
C LYS D 596 29.38 -24.97 -56.78
N GLN D 597 28.12 -24.63 -56.56
CA GLN D 597 27.69 -23.24 -56.67
C GLN D 597 28.22 -22.38 -55.52
N GLY D 598 28.33 -21.09 -55.79
CA GLY D 598 28.61 -20.11 -54.77
C GLY D 598 27.42 -19.97 -53.83
N PRO D 599 27.66 -19.55 -52.60
CA PRO D 599 26.56 -19.45 -51.63
C PRO D 599 25.53 -18.42 -52.06
N PHE D 600 24.27 -18.71 -51.76
CA PHE D 600 23.17 -17.78 -51.98
C PHE D 600 22.41 -17.63 -50.67
N GLU D 601 22.10 -16.39 -50.31
CA GLU D 601 21.29 -16.10 -49.14
C GLU D 601 20.43 -14.88 -49.40
N VAL D 602 19.15 -14.97 -49.03
CA VAL D 602 18.27 -13.82 -48.96
C VAL D 602 17.60 -13.84 -47.59
N PHE D 603 17.76 -12.76 -46.83
CA PHE D 603 17.24 -12.66 -45.48
C PHE D 603 16.12 -11.64 -45.43
N ASP D 604 15.01 -12.02 -44.78
CA ASP D 604 13.99 -11.06 -44.39
C ASP D 604 14.54 -10.24 -43.22
N SER D 605 14.91 -8.99 -43.49
CA SER D 605 15.63 -8.16 -42.55
C SER D 605 14.73 -7.65 -41.44
N VAL D 606 15.36 -7.22 -40.34
CA VAL D 606 14.66 -6.55 -39.26
C VAL D 606 14.12 -5.21 -39.77
N LEU D 607 13.11 -4.70 -39.06
CA LEU D 607 12.46 -3.45 -39.44
C LEU D 607 13.36 -2.27 -39.07
N SER D 608 14.49 -2.19 -39.78
CA SER D 608 15.44 -1.10 -39.64
C SER D 608 16.06 -0.82 -40.99
N GLU D 609 16.46 0.44 -41.18
CA GLU D 609 17.18 0.87 -42.37
C GLU D 609 18.60 1.32 -42.07
N GLU D 610 18.79 2.10 -41.00
CA GLU D 610 20.10 2.66 -40.71
C GLU D 610 21.12 1.56 -40.39
N ALA D 611 20.82 0.72 -39.40
CA ALA D 611 21.77 -0.31 -39.00
C ALA D 611 21.92 -1.39 -40.06
N VAL D 612 20.86 -1.67 -40.82
CA VAL D 612 20.93 -2.75 -41.81
C VAL D 612 21.78 -2.32 -42.99
N LEU D 613 21.55 -1.11 -43.51
CA LEU D 613 22.35 -0.62 -44.62
C LEU D 613 23.80 -0.38 -44.20
N ALA D 614 24.03 0.02 -42.95
CA ALA D 614 25.39 0.09 -42.45
C ALA D 614 26.03 -1.29 -42.37
N PHE D 615 25.23 -2.31 -42.06
CA PHE D 615 25.76 -3.68 -42.00
C PHE D 615 26.17 -4.15 -43.38
N GLU D 616 25.32 -3.93 -44.38
CA GLU D 616 25.61 -4.41 -45.73
C GLU D 616 26.75 -3.64 -46.38
N TYR D 617 26.94 -2.37 -46.01
CA TYR D 617 28.12 -1.66 -46.48
C TYR D 617 29.39 -2.27 -45.91
N GLY D 618 29.34 -2.70 -44.64
CA GLY D 618 30.50 -3.35 -44.05
C GLY D 618 30.73 -4.74 -44.64
N TYR D 619 29.65 -5.45 -44.96
CA TYR D 619 29.79 -6.77 -45.57
C TYR D 619 30.37 -6.68 -46.96
N ALA D 620 29.85 -5.76 -47.79
CA ALA D 620 30.31 -5.66 -49.17
C ALA D 620 31.75 -5.15 -49.26
N THR D 621 32.11 -4.22 -48.37
CA THR D 621 33.48 -3.71 -48.39
C THR D 621 34.49 -4.77 -47.97
N ALA D 622 34.11 -5.64 -47.04
CA ALA D 622 35.02 -6.68 -46.57
C ALA D 622 35.15 -7.83 -47.56
N GLU D 623 34.09 -8.14 -48.31
CA GLU D 623 34.09 -9.25 -49.27
C GLU D 623 33.54 -8.76 -50.60
N PRO D 624 34.36 -8.03 -51.38
CA PRO D 624 33.84 -7.42 -52.61
C PRO D 624 33.61 -8.39 -53.76
N SER D 625 34.08 -9.63 -53.68
CA SER D 625 34.05 -10.50 -54.85
C SER D 625 32.63 -10.84 -55.27
N GLY D 626 31.73 -11.04 -54.31
CA GLY D 626 30.38 -11.45 -54.60
C GLY D 626 29.43 -10.27 -54.77
N LEU D 627 28.14 -10.59 -54.81
CA LEU D 627 27.10 -9.59 -54.85
C LEU D 627 26.52 -9.39 -53.45
N THR D 628 26.47 -8.15 -53.00
CA THR D 628 25.87 -7.78 -51.73
C THR D 628 24.82 -6.70 -52.01
N LEU D 629 23.55 -7.04 -51.79
CA LEU D 629 22.44 -6.21 -52.21
C LEU D 629 21.52 -5.94 -51.02
N TRP D 630 21.16 -4.68 -50.83
CA TRP D 630 20.16 -4.27 -49.84
C TRP D 630 18.95 -3.70 -50.58
N GLU D 631 17.76 -4.17 -50.21
CA GLU D 631 16.52 -3.76 -50.83
C GLU D 631 15.67 -3.02 -49.80
N ALA D 632 15.42 -1.73 -50.07
CA ALA D 632 14.41 -1.01 -49.31
C ALA D 632 13.02 -1.49 -49.72
N GLN D 633 12.09 -1.45 -48.77
CA GLN D 633 10.71 -1.81 -49.11
C GLN D 633 10.15 -0.85 -50.14
N PHE D 634 10.27 0.45 -49.88
CA PHE D 634 10.17 1.49 -50.89
C PHE D 634 11.39 2.38 -50.77
N GLY D 635 11.80 2.97 -51.90
CA GLY D 635 12.96 3.84 -51.87
C GLY D 635 12.76 5.06 -51.00
N ASP D 636 11.51 5.43 -50.74
CA ASP D 636 11.22 6.58 -49.88
C ASP D 636 11.76 6.39 -48.47
N PHE D 637 11.91 5.14 -48.03
CA PHE D 637 12.33 4.85 -46.65
C PHE D 637 13.83 4.80 -46.45
N ALA D 638 14.63 4.86 -47.53
CA ALA D 638 16.08 4.78 -47.38
C ALA D 638 16.67 6.00 -46.67
N ASN D 639 15.93 7.10 -46.59
CA ASN D 639 16.42 8.30 -45.93
C ASN D 639 16.61 8.10 -44.43
N GLY D 640 16.02 7.05 -43.85
CA GLY D 640 16.33 6.70 -42.47
C GLY D 640 17.75 6.19 -42.29
N ALA D 641 18.40 5.80 -43.38
CA ALA D 641 19.81 5.43 -43.39
C ALA D 641 20.66 6.48 -44.10
N GLN D 642 20.24 7.75 -44.01
CA GLN D 642 20.91 8.82 -44.75
C GLN D 642 22.37 8.98 -44.33
N VAL D 643 22.69 8.71 -43.07
CA VAL D 643 24.06 8.87 -42.60
C VAL D 643 24.97 7.85 -43.28
N VAL D 644 24.50 6.62 -43.46
CA VAL D 644 25.30 5.62 -44.17
C VAL D 644 25.49 6.03 -45.62
N ILE D 645 24.47 6.65 -46.23
CA ILE D 645 24.57 7.07 -47.62
C ILE D 645 25.54 8.22 -47.77
N ASP D 646 25.48 9.20 -46.86
CA ASP D 646 26.30 10.40 -47.00
C ASP D 646 27.76 10.17 -46.58
N GLN D 647 27.98 9.47 -45.47
CA GLN D 647 29.30 9.38 -44.87
C GLN D 647 30.06 8.11 -45.21
N PHE D 648 29.42 7.10 -45.79
CA PHE D 648 30.09 5.86 -46.16
C PHE D 648 29.98 5.58 -47.65
N ILE D 649 28.76 5.35 -48.15
CA ILE D 649 28.57 4.85 -49.50
C ILE D 649 29.08 5.85 -50.53
N SER D 650 28.64 7.11 -50.41
CA SER D 650 28.97 8.10 -51.42
C SER D 650 30.36 8.70 -51.26
N SER D 651 30.99 8.55 -50.09
CA SER D 651 32.20 9.30 -49.79
C SER D 651 33.35 8.44 -49.26
N GLY D 652 33.17 7.13 -49.09
CA GLY D 652 34.20 6.33 -48.47
C GLY D 652 35.45 6.17 -49.30
N GLU D 653 35.32 6.22 -50.63
CA GLU D 653 36.50 6.08 -51.49
C GLU D 653 37.39 7.31 -51.41
N GLN D 654 36.81 8.50 -51.58
CA GLN D 654 37.62 9.71 -51.52
C GLN D 654 38.22 9.95 -50.15
N LYS D 655 37.50 9.57 -49.08
CA LYS D 655 37.95 9.88 -47.73
C LYS D 655 38.91 8.84 -47.17
N TRP D 656 38.70 7.56 -47.48
CA TRP D 656 39.50 6.48 -46.89
C TRP D 656 40.05 5.48 -47.90
N ALA D 657 39.88 5.75 -49.20
CA ALA D 657 40.34 4.84 -50.27
C ALA D 657 39.68 3.47 -50.18
N ARG D 658 38.44 3.43 -49.68
CA ARG D 658 37.70 2.18 -49.55
C ARG D 658 36.79 1.99 -50.75
N LEU D 659 36.92 0.84 -51.42
CA LEU D 659 36.02 0.46 -52.49
C LEU D 659 34.87 -0.36 -51.91
N CYS D 660 33.66 -0.12 -52.41
CA CYS D 660 32.48 -0.83 -51.93
C CYS D 660 31.51 -1.00 -53.09
N GLY D 661 31.22 -2.25 -53.43
CA GLY D 661 30.36 -2.56 -54.56
C GLY D 661 28.92 -2.86 -54.19
N LEU D 662 28.50 -2.40 -53.01
CA LEU D 662 27.16 -2.66 -52.53
C LEU D 662 26.11 -2.17 -53.51
N THR D 663 25.10 -3.00 -53.74
CA THR D 663 23.96 -2.65 -54.58
C THR D 663 22.77 -2.30 -53.70
N MET D 664 22.08 -1.21 -54.05
CA MET D 664 20.89 -0.75 -53.32
C MET D 664 19.71 -0.76 -54.29
N LEU D 665 18.77 -1.67 -54.06
CA LEU D 665 17.50 -1.66 -54.78
C LEU D 665 16.54 -0.73 -54.06
N LEU D 666 16.14 0.34 -54.73
CA LEU D 666 15.25 1.36 -54.16
C LEU D 666 14.01 1.44 -55.03
N PRO D 667 12.90 0.82 -54.62
CA PRO D 667 11.69 0.88 -55.46
C PRO D 667 11.26 2.33 -55.67
N HIS D 668 10.87 2.63 -56.91
CA HIS D 668 10.71 4.00 -57.34
C HIS D 668 9.75 4.03 -58.52
N GLY D 669 8.86 5.02 -58.52
CA GLY D 669 7.90 5.15 -59.59
C GLY D 669 6.61 5.82 -59.14
N TYR D 670 6.11 6.75 -59.96
CA TYR D 670 4.91 7.49 -59.62
C TYR D 670 3.69 6.74 -60.15
N GLU D 671 2.96 6.10 -59.24
CA GLU D 671 1.81 5.28 -59.59
C GLU D 671 0.56 5.67 -58.81
N GLY D 672 0.57 6.84 -58.15
CA GLY D 672 -0.60 7.31 -57.43
C GLY D 672 -0.77 6.81 -56.02
N GLN D 673 0.29 6.32 -55.38
CA GLN D 673 0.20 5.74 -54.05
C GLN D 673 0.65 6.70 -52.94
N GLY D 674 0.93 7.95 -53.26
CA GLY D 674 1.18 8.96 -52.25
C GLY D 674 2.64 9.32 -52.02
N PRO D 675 2.87 10.30 -51.15
CA PRO D 675 4.22 10.86 -50.99
C PRO D 675 5.28 9.85 -50.57
N GLU D 676 4.93 8.82 -49.79
CA GLU D 676 5.91 7.88 -49.27
C GLU D 676 5.95 6.57 -50.06
N HIS D 677 5.31 6.51 -51.22
CA HIS D 677 5.35 5.31 -52.04
C HIS D 677 5.57 5.63 -53.52
N SER D 678 6.28 6.71 -53.80
CA SER D 678 6.47 7.12 -55.18
C SER D 678 7.91 7.47 -55.52
N SER D 679 8.65 8.08 -54.61
CA SER D 679 9.96 8.65 -54.92
C SER D 679 11.02 8.11 -53.98
N ALA D 680 12.06 7.52 -54.55
CA ALA D 680 13.27 7.16 -53.82
C ALA D 680 14.20 8.36 -53.66
N ARG D 681 13.74 9.54 -54.07
CA ARG D 681 14.52 10.78 -54.01
C ARG D 681 15.78 10.65 -54.86
N LEU D 682 15.54 10.38 -56.15
CA LEU D 682 16.62 10.23 -57.12
C LEU D 682 17.47 11.49 -57.21
N GLU D 683 16.87 12.66 -56.98
CA GLU D 683 17.62 13.91 -57.05
C GLU D 683 18.71 13.97 -56.00
N ARG D 684 18.47 13.37 -54.82
CA ARG D 684 19.48 13.38 -53.78
C ARG D 684 20.68 12.53 -54.15
N TYR D 685 20.44 11.34 -54.71
CA TYR D 685 21.55 10.48 -55.11
C TYR D 685 22.37 11.09 -56.23
N LEU D 686 21.70 11.73 -57.20
CA LEU D 686 22.43 12.42 -58.25
C LEU D 686 23.21 13.62 -57.71
N GLN D 687 22.67 14.29 -56.70
CA GLN D 687 23.39 15.38 -56.07
C GLN D 687 24.68 14.90 -55.40
N LEU D 688 24.66 13.69 -54.85
CA LEU D 688 25.85 13.14 -54.20
C LEU D 688 26.90 12.68 -55.20
N CYS D 689 26.53 12.44 -56.45
CA CYS D 689 27.48 11.92 -57.42
C CYS D 689 28.55 12.96 -57.76
N ALA D 690 29.80 12.52 -57.77
CA ALA D 690 30.96 13.32 -58.14
C ALA D 690 32.21 12.45 -58.05
N GLU D 691 33.20 12.72 -58.90
CA GLU D 691 34.48 12.00 -58.86
C GLU D 691 34.28 10.50 -58.98
N GLN D 692 33.34 10.09 -59.82
CA GLN D 692 33.07 8.68 -60.13
C GLN D 692 32.72 7.86 -58.89
N ASN D 693 32.13 8.50 -57.87
CA ASN D 693 31.93 7.82 -56.60
C ASN D 693 30.89 6.70 -56.69
N MET D 694 29.81 6.92 -57.43
CA MET D 694 28.68 5.99 -57.41
C MET D 694 28.14 5.79 -58.81
N GLN D 695 27.30 4.76 -58.96
CA GLN D 695 26.53 4.53 -60.17
C GLN D 695 25.05 4.70 -59.85
N VAL D 696 24.36 5.53 -60.64
CA VAL D 696 22.92 5.71 -60.52
C VAL D 696 22.29 5.18 -61.80
N VAL D 697 21.46 4.14 -61.67
CA VAL D 697 20.90 3.43 -62.80
C VAL D 697 19.39 3.33 -62.61
N VAL D 698 18.65 3.45 -63.72
CA VAL D 698 17.20 3.33 -63.72
C VAL D 698 16.82 2.31 -64.78
N PRO D 699 16.93 1.01 -64.49
CA PRO D 699 16.63 -0.01 -65.50
C PRO D 699 15.16 0.03 -65.91
N SER D 700 14.92 -0.28 -67.18
CA SER D 700 13.57 -0.26 -67.74
C SER D 700 13.13 -1.58 -68.39
N THR D 701 14.02 -2.57 -68.50
CA THR D 701 13.68 -3.85 -69.09
C THR D 701 14.19 -4.98 -68.22
N PRO D 702 13.55 -6.14 -68.26
CA PRO D 702 14.10 -7.30 -67.53
C PRO D 702 15.51 -7.65 -67.97
N ALA D 703 15.82 -7.49 -69.26
CA ALA D 703 17.19 -7.72 -69.72
C ALA D 703 18.16 -6.70 -69.14
N GLN D 704 17.70 -5.46 -68.97
CA GLN D 704 18.59 -4.42 -68.45
C GLN D 704 18.97 -4.68 -67.00
N VAL D 705 18.02 -5.13 -66.18
CA VAL D 705 18.34 -5.42 -64.80
C VAL D 705 19.18 -6.69 -64.69
N TYR D 706 19.03 -7.61 -65.64
CA TYR D 706 19.84 -8.83 -65.62
C TYR D 706 21.30 -8.50 -65.88
N HIS D 707 21.57 -7.73 -66.93
CA HIS D 707 22.95 -7.32 -67.22
C HIS D 707 23.47 -6.35 -66.17
N MET D 708 22.63 -5.53 -65.57
CA MET D 708 23.06 -4.60 -64.57
C MET D 708 23.57 -5.33 -63.35
N ILE D 709 22.86 -6.35 -62.96
CA ILE D 709 23.25 -7.13 -61.86
C ILE D 709 24.56 -7.90 -62.13
N ARG D 710 24.65 -8.47 -63.30
CA ARG D 710 25.82 -9.20 -63.66
C ARG D 710 27.02 -8.32 -63.75
N ARG D 711 26.83 -7.14 -64.28
CA ARG D 711 27.93 -6.20 -64.44
C ARG D 711 28.51 -5.80 -63.10
N GLN D 712 27.68 -5.77 -62.06
CA GLN D 712 28.16 -5.34 -60.75
C GLN D 712 29.15 -6.34 -60.16
N VAL D 713 29.13 -7.59 -60.61
CA VAL D 713 30.08 -8.61 -60.18
C VAL D 713 31.09 -8.91 -61.28
N VAL D 714 30.62 -9.13 -62.51
CA VAL D 714 31.52 -9.60 -63.58
C VAL D 714 32.51 -8.50 -63.96
N ARG D 715 32.06 -7.26 -64.04
CA ARG D 715 32.99 -6.16 -64.31
C ARG D 715 33.89 -5.97 -63.10
N PRO D 716 35.20 -5.80 -63.32
CA PRO D 716 36.14 -5.67 -62.18
C PRO D 716 36.16 -4.27 -61.59
N MET D 717 34.99 -3.80 -61.16
CA MET D 717 34.86 -2.55 -60.44
C MET D 717 33.93 -2.76 -59.25
N ARG D 718 34.26 -2.10 -58.13
CA ARG D 718 33.48 -2.20 -56.90
C ARG D 718 33.20 -0.79 -56.39
N ARG D 719 32.19 -0.16 -56.99
CA ARG D 719 31.64 1.11 -56.56
C ARG D 719 30.14 0.96 -56.38
N PRO D 720 29.52 1.75 -55.51
CA PRO D 720 28.12 1.49 -55.16
C PRO D 720 27.21 1.61 -56.36
N LEU D 721 26.20 0.74 -56.40
CA LEU D 721 25.21 0.71 -57.47
C LEU D 721 23.86 1.12 -56.88
N ILE D 722 23.42 2.32 -57.23
CA ILE D 722 22.12 2.84 -56.80
C ILE D 722 21.12 2.55 -57.90
N VAL D 723 20.06 1.81 -57.56
CA VAL D 723 19.09 1.32 -58.53
C VAL D 723 17.72 1.86 -58.18
N MET D 724 17.06 2.49 -59.16
CA MET D 724 15.65 2.83 -59.04
C MET D 724 14.84 1.61 -59.46
N SER D 725 14.42 0.82 -58.48
CA SER D 725 13.71 -0.42 -58.77
C SER D 725 12.28 -0.12 -59.21
N PRO D 726 11.77 -0.84 -60.20
CA PRO D 726 10.39 -0.66 -60.64
C PRO D 726 9.40 -1.34 -59.71
N LYS D 727 8.12 -0.96 -59.87
CA LYS D 727 7.04 -1.60 -59.14
C LYS D 727 5.98 -2.12 -60.10
N SER D 728 5.28 -1.22 -60.80
CA SER D 728 4.29 -1.66 -61.78
C SER D 728 4.93 -2.35 -62.98
N LEU D 729 6.19 -2.02 -63.29
CA LEU D 729 6.87 -2.64 -64.43
C LEU D 729 7.09 -4.13 -64.22
N LEU D 730 7.02 -4.61 -62.97
CA LEU D 730 7.13 -6.03 -62.71
C LEU D 730 6.03 -6.84 -63.40
N ARG D 731 4.90 -6.21 -63.69
CA ARG D 731 3.79 -6.87 -64.38
C ARG D 731 3.37 -6.16 -65.65
N HIS D 732 4.15 -5.19 -66.12
CA HIS D 732 3.76 -4.47 -67.33
C HIS D 732 3.88 -5.40 -68.53
N PRO D 733 2.81 -5.54 -69.33
CA PRO D 733 2.88 -6.44 -70.50
C PRO D 733 3.96 -6.06 -71.48
N LEU D 734 4.29 -4.78 -71.61
CA LEU D 734 5.33 -4.32 -72.53
C LEU D 734 6.73 -4.35 -71.93
N CYS D 735 6.87 -4.66 -70.64
CA CYS D 735 8.17 -4.69 -69.99
C CYS D 735 8.66 -6.13 -69.87
N THR D 736 9.08 -6.68 -71.01
CA THR D 736 9.49 -8.07 -71.10
C THR D 736 10.74 -8.18 -71.96
N SER D 737 11.45 -9.30 -71.82
CA SER D 737 12.63 -9.57 -72.60
C SER D 737 12.65 -11.04 -73.00
N SER D 738 13.39 -11.34 -74.06
CA SER D 738 13.55 -12.69 -74.55
C SER D 738 14.82 -13.32 -73.97
N LEU D 739 14.90 -14.65 -74.09
CA LEU D 739 16.10 -15.36 -73.64
C LEU D 739 17.34 -14.89 -74.39
N ASP D 740 17.19 -14.53 -75.66
CA ASP D 740 18.35 -14.09 -76.43
C ASP D 740 18.87 -12.75 -75.94
N ASP D 741 17.99 -11.89 -75.40
CA ASP D 741 18.43 -10.62 -74.83
C ASP D 741 19.36 -10.84 -73.65
N LEU D 742 19.14 -11.90 -72.87
CA LEU D 742 20.01 -12.19 -71.73
C LEU D 742 21.33 -12.82 -72.21
N ALA D 743 21.24 -13.82 -73.08
CA ALA D 743 22.42 -14.59 -73.45
C ALA D 743 23.40 -13.76 -74.28
N ASN D 744 22.89 -12.96 -75.22
CA ASN D 744 23.74 -12.26 -76.17
C ASN D 744 23.70 -10.74 -76.06
N GLY D 745 22.82 -10.19 -75.23
CA GLY D 745 22.74 -8.76 -75.04
C GLY D 745 23.77 -8.28 -74.03
N THR D 746 23.67 -6.98 -73.72
CA THR D 746 24.53 -6.37 -72.72
C THR D 746 23.77 -5.21 -72.10
N PHE D 747 24.27 -4.76 -70.95
CA PHE D 747 23.66 -3.58 -70.33
C PHE D 747 23.91 -2.37 -71.21
N MET D 748 22.84 -1.66 -71.56
CA MET D 748 22.96 -0.48 -72.39
C MET D 748 22.88 0.75 -71.52
N PRO D 749 23.95 1.55 -71.42
CA PRO D 749 23.86 2.81 -70.67
C PRO D 749 22.79 3.74 -71.22
N ALA D 750 22.57 3.70 -72.54
CA ALA D 750 21.45 4.39 -73.16
C ALA D 750 20.80 3.47 -74.18
N ILE D 751 19.49 3.55 -74.30
CA ILE D 751 18.73 2.70 -75.22
C ILE D 751 18.19 3.57 -76.34
N PRO D 752 18.56 3.32 -77.59
CA PRO D 752 18.04 4.12 -78.71
C PRO D 752 16.58 3.82 -79.02
N GLU D 753 16.01 4.55 -79.98
CA GLU D 753 14.63 4.34 -80.38
C GLU D 753 14.42 2.90 -80.86
N ILE D 754 13.33 2.29 -80.40
CA ILE D 754 13.08 0.87 -80.68
C ILE D 754 12.12 0.70 -81.85
N ASP D 755 11.24 1.67 -82.06
CA ASP D 755 10.31 1.61 -83.17
C ASP D 755 10.98 2.02 -84.47
N GLU D 756 10.43 1.52 -85.58
CA GLU D 756 10.96 1.81 -86.92
C GLU D 756 10.49 3.20 -87.34
N LEU D 757 11.32 4.19 -87.08
CA LEU D 757 11.06 5.57 -87.45
C LEU D 757 11.93 5.97 -88.63
N ASP D 758 11.51 7.03 -89.31
CA ASP D 758 12.35 7.65 -90.34
C ASP D 758 13.23 8.69 -89.67
N PRO D 759 14.55 8.54 -89.68
CA PRO D 759 15.41 9.48 -88.94
C PRO D 759 15.25 10.93 -89.38
N ALA D 760 15.00 11.18 -90.67
CA ALA D 760 14.91 12.55 -91.16
C ALA D 760 13.65 13.28 -90.72
N LYS D 761 12.57 12.55 -90.41
CA LYS D 761 11.33 13.19 -90.01
C LYS D 761 11.26 13.50 -88.52
N VAL D 762 12.20 13.01 -87.71
CA VAL D 762 12.10 13.21 -86.27
C VAL D 762 12.45 14.66 -85.96
N LYS D 763 11.48 15.40 -85.43
CA LYS D 763 11.68 16.80 -85.09
C LYS D 763 12.10 17.00 -83.65
N ARG D 764 11.91 16.00 -82.79
CA ARG D 764 12.19 16.13 -81.37
C ARG D 764 12.59 14.77 -80.81
N VAL D 765 13.56 14.78 -79.91
CA VAL D 765 13.95 13.61 -79.13
C VAL D 765 13.52 13.82 -77.69
N VAL D 766 12.84 12.84 -77.13
CA VAL D 766 12.43 12.86 -75.72
C VAL D 766 13.37 11.95 -74.95
N PHE D 767 14.18 12.53 -74.07
CA PHE D 767 14.94 11.74 -73.12
C PHE D 767 14.06 11.39 -71.92
N CYS D 768 14.30 10.19 -71.37
CA CYS D 768 13.54 9.75 -70.20
C CYS D 768 14.26 8.57 -69.57
N SER D 769 13.76 8.16 -68.40
CA SER D 769 14.25 6.99 -67.71
C SER D 769 13.08 6.33 -66.98
N GLY D 770 13.17 5.01 -66.82
CA GLY D 770 12.19 4.31 -66.00
C GLY D 770 10.84 4.14 -66.66
N LYS D 771 9.83 3.97 -65.80
CA LYS D 771 8.49 3.57 -66.23
C LYS D 771 7.79 4.63 -67.07
N VAL D 772 8.23 5.90 -67.00
CA VAL D 772 7.60 6.93 -67.81
C VAL D 772 7.82 6.68 -69.30
N TYR D 773 8.85 5.92 -69.66
CA TYR D 773 9.08 5.58 -71.07
C TYR D 773 7.91 4.80 -71.66
N PHE D 774 7.42 3.79 -70.92
CA PHE D 774 6.32 2.99 -71.45
C PHE D 774 5.04 3.82 -71.57
N ASP D 775 4.90 4.86 -70.74
CA ASP D 775 3.79 5.77 -70.93
C ASP D 775 3.98 6.62 -72.19
N LEU D 776 5.19 7.09 -72.44
CA LEU D 776 5.46 7.84 -73.66
C LEU D 776 5.33 6.96 -74.89
N LEU D 777 5.83 5.72 -74.80
CA LEU D 777 5.80 4.83 -75.95
C LEU D 777 4.37 4.48 -76.36
N GLU D 778 3.50 4.22 -75.38
CA GLU D 778 2.13 3.83 -75.69
C GLU D 778 1.35 5.00 -76.27
N GLN D 779 1.57 6.21 -75.76
CA GLN D 779 0.85 7.37 -76.30
C GLN D 779 1.34 7.73 -77.68
N ARG D 780 2.66 7.64 -77.92
CA ARG D 780 3.18 7.93 -79.26
C ARG D 780 2.72 6.90 -80.28
N ARG D 781 2.51 5.66 -79.86
CA ARG D 781 1.99 4.64 -80.77
C ARG D 781 0.50 4.86 -81.04
N ASN D 782 -0.27 5.16 -79.99
CA ASN D 782 -1.70 5.41 -80.14
C ASN D 782 -1.97 6.66 -80.96
N ASN D 783 -1.06 7.64 -80.93
CA ASN D 783 -1.20 8.85 -81.71
C ASN D 783 -0.81 8.67 -83.16
N GLU D 784 -0.31 7.49 -83.55
CA GLU D 784 0.28 7.26 -84.86
C GLU D 784 1.38 8.29 -85.12
N GLN D 785 2.06 8.68 -84.05
CA GLN D 785 3.07 9.72 -84.12
C GLN D 785 4.40 9.13 -84.56
N ASP D 786 5.11 9.85 -85.44
CA ASP D 786 6.39 9.38 -85.94
C ASP D 786 7.42 10.49 -86.08
N ASP D 787 7.12 11.69 -85.60
CA ASP D 787 8.07 12.80 -85.59
C ASP D 787 8.76 12.96 -84.25
N VAL D 788 8.60 11.99 -83.33
CA VAL D 788 9.17 12.07 -81.99
C VAL D 788 9.94 10.79 -81.73
N ALA D 789 11.22 10.94 -81.38
CA ALA D 789 12.04 9.81 -80.95
C ALA D 789 12.11 9.82 -79.43
N ILE D 790 12.13 8.64 -78.83
CA ILE D 790 12.17 8.48 -77.38
C ILE D 790 13.40 7.63 -77.05
N VAL D 791 14.37 8.24 -76.37
CA VAL D 791 15.63 7.59 -76.03
C VAL D 791 15.71 7.48 -74.51
N ARG D 792 16.05 6.28 -74.03
CA ARG D 792 16.20 6.06 -72.59
C ARG D 792 17.64 6.27 -72.17
N ILE D 793 17.83 6.98 -71.07
CA ILE D 793 19.15 7.08 -70.44
C ILE D 793 19.12 6.22 -69.19
N GLU D 794 19.57 4.97 -69.33
CA GLU D 794 19.42 4.00 -68.23
C GLU D 794 20.38 4.31 -67.09
N GLN D 795 21.60 4.73 -67.40
CA GLN D 795 22.60 5.08 -66.40
C GLN D 795 22.73 6.60 -66.37
N LEU D 796 22.28 7.22 -65.28
CA LEU D 796 22.36 8.68 -65.16
C LEU D 796 23.70 9.15 -64.60
N TYR D 797 24.46 8.29 -63.93
CA TYR D 797 25.80 8.64 -63.49
C TYR D 797 26.61 7.36 -63.33
N PRO D 798 27.88 7.35 -63.80
CA PRO D 798 28.51 8.41 -64.60
C PRO D 798 27.79 8.59 -65.93
N PHE D 799 27.68 9.82 -66.41
CA PHE D 799 26.84 10.08 -67.58
C PHE D 799 27.48 9.45 -68.82
N PRO D 800 26.75 8.64 -69.56
CA PRO D 800 27.30 7.97 -70.76
C PRO D 800 27.18 8.87 -72.00
N MET D 801 28.09 9.84 -72.06
CA MET D 801 28.01 10.86 -73.11
C MET D 801 28.09 10.23 -74.50
N ASP D 802 29.04 9.30 -74.69
CA ASP D 802 29.18 8.69 -76.01
C ASP D 802 27.94 7.89 -76.40
N ASP D 803 27.39 7.12 -75.46
CA ASP D 803 26.18 6.35 -75.76
C ASP D 803 24.99 7.26 -76.04
N VAL D 804 24.89 8.38 -75.33
CA VAL D 804 23.75 9.28 -75.52
C VAL D 804 23.82 9.95 -76.88
N LYS D 805 24.99 10.49 -77.25
CA LYS D 805 25.13 11.12 -78.56
C LYS D 805 24.97 10.11 -79.69
N ALA D 806 25.39 8.86 -79.47
CA ALA D 806 25.25 7.84 -80.51
C ALA D 806 23.78 7.56 -80.80
N ALA D 807 22.94 7.57 -79.76
CA ALA D 807 21.50 7.35 -79.95
C ALA D 807 20.84 8.52 -80.69
N ILE D 808 21.47 9.69 -80.69
CA ILE D 808 20.88 10.90 -81.23
C ILE D 808 21.40 11.23 -82.64
N ALA D 809 22.46 10.57 -83.09
CA ALA D 809 23.06 10.87 -84.38
C ALA D 809 22.09 10.76 -85.57
N PRO D 810 21.26 9.71 -85.72
CA PRO D 810 20.48 9.57 -86.95
C PRO D 810 19.56 10.74 -87.25
N TYR D 811 19.07 11.45 -86.22
CA TYR D 811 18.05 12.48 -86.39
C TYR D 811 18.71 13.81 -86.68
N VAL D 812 19.10 14.00 -87.94
CA VAL D 812 19.80 15.21 -88.35
C VAL D 812 18.88 16.42 -88.46
N ASN D 813 17.57 16.23 -88.50
CA ASN D 813 16.62 17.33 -88.62
C ASN D 813 15.95 17.72 -87.32
N VAL D 814 16.46 17.26 -86.17
CA VAL D 814 15.83 17.60 -84.90
C VAL D 814 15.92 19.09 -84.65
N GLU D 815 14.91 19.62 -83.96
CA GLU D 815 14.84 21.03 -83.59
C GLU D 815 14.98 21.27 -82.09
N ASP D 816 14.38 20.43 -81.26
CA ASP D 816 14.49 20.60 -79.81
C ASP D 816 14.55 19.24 -79.13
N PHE D 817 15.09 19.25 -77.92
CA PHE D 817 15.19 18.06 -77.08
C PHE D 817 14.37 18.27 -75.81
N VAL D 818 13.73 17.21 -75.35
CA VAL D 818 12.89 17.26 -74.16
C VAL D 818 13.40 16.23 -73.18
N TRP D 819 13.63 16.67 -71.93
CA TRP D 819 13.82 15.75 -70.82
C TRP D 819 12.48 15.53 -70.15
N CYS D 820 11.94 14.33 -70.27
CA CYS D 820 10.67 13.98 -69.67
C CYS D 820 10.90 13.16 -68.41
N GLN D 821 10.17 13.50 -67.34
CA GLN D 821 10.24 12.76 -66.09
C GLN D 821 8.90 12.88 -65.39
N GLU D 822 8.48 11.79 -64.74
CA GLU D 822 7.30 11.85 -63.90
C GLU D 822 7.55 12.60 -62.60
N GLU D 823 8.80 12.76 -62.20
CA GLU D 823 9.13 13.37 -60.92
C GLU D 823 8.87 14.88 -60.96
N PRO D 824 8.62 15.49 -59.79
CA PRO D 824 8.49 16.95 -59.74
C PRO D 824 9.78 17.65 -60.16
N GLN D 825 9.62 18.86 -60.71
CA GLN D 825 10.73 19.55 -61.36
C GLN D 825 11.89 19.81 -60.40
N ASN D 826 11.62 19.96 -59.10
CA ASN D 826 12.69 20.10 -58.13
C ASN D 826 13.24 18.75 -57.69
N GLN D 827 12.76 17.66 -58.27
CA GLN D 827 13.19 16.31 -57.96
C GLN D 827 13.61 15.62 -59.26
N GLY D 828 14.01 14.36 -59.14
CA GLY D 828 14.46 13.64 -60.32
C GLY D 828 15.79 14.18 -60.83
N ALA D 829 16.03 13.91 -62.13
CA ALA D 829 17.31 14.21 -62.76
C ALA D 829 17.42 15.64 -63.26
N TRP D 830 16.33 16.41 -63.25
CA TRP D 830 16.25 17.69 -63.95
C TRP D 830 17.39 18.63 -63.57
N TYR D 831 17.40 19.12 -62.33
CA TYR D 831 18.39 20.11 -61.93
C TYR D 831 19.82 19.57 -61.94
N CYS D 832 20.01 18.28 -61.70
CA CYS D 832 21.35 17.72 -61.55
C CYS D 832 21.98 17.25 -62.86
N SER D 833 21.19 16.81 -63.84
CA SER D 833 21.73 16.17 -65.03
C SER D 833 21.59 17.01 -66.29
N GLN D 834 21.04 18.22 -66.20
CA GLN D 834 20.78 19.00 -67.41
C GLN D 834 22.06 19.39 -68.13
N HIS D 835 23.12 19.71 -67.38
CA HIS D 835 24.36 20.08 -68.06
C HIS D 835 24.91 18.91 -68.86
N ASN D 836 24.66 17.69 -68.41
CA ASN D 836 24.99 16.52 -69.22
C ASN D 836 24.10 16.46 -70.46
N PHE D 837 22.80 16.77 -70.31
CA PHE D 837 21.90 16.75 -71.46
C PHE D 837 22.27 17.86 -72.45
N ARG D 838 22.65 19.03 -71.94
CA ARG D 838 23.01 20.14 -72.83
C ARG D 838 24.27 19.83 -73.62
N ALA D 839 25.23 19.16 -72.99
CA ALA D 839 26.49 18.83 -73.65
C ALA D 839 26.33 17.77 -74.73
N ALA D 840 25.23 17.01 -74.71
CA ALA D 840 25.04 15.95 -75.68
C ALA D 840 24.28 16.38 -76.93
N ILE D 841 23.49 17.46 -76.85
CA ILE D 841 22.63 17.87 -77.95
C ILE D 841 23.38 18.81 -78.90
N PRO D 842 22.97 18.89 -80.17
CA PRO D 842 23.60 19.84 -81.09
C PRO D 842 23.41 21.29 -80.65
N ALA D 843 24.39 22.11 -80.97
CA ALA D 843 24.46 23.47 -80.44
C ALA D 843 23.26 24.32 -80.84
N GLY D 844 22.63 24.03 -81.97
CA GLY D 844 21.50 24.83 -82.44
C GLY D 844 20.19 24.57 -81.75
N THR D 845 20.09 23.50 -80.96
CA THR D 845 18.83 23.03 -80.40
C THR D 845 18.63 23.49 -78.97
N GLU D 846 17.36 23.50 -78.55
CA GLU D 846 16.95 23.86 -77.21
C GLU D 846 16.58 22.61 -76.42
N LEU D 847 16.80 22.67 -75.10
CA LEU D 847 16.36 21.62 -74.19
C LEU D 847 15.13 22.12 -73.44
N LYS D 848 14.07 21.31 -73.43
CA LYS D 848 12.80 21.67 -72.81
C LYS D 848 12.42 20.67 -71.73
N TYR D 849 11.55 21.11 -70.82
CA TYR D 849 11.09 20.30 -69.71
C TYR D 849 9.68 19.77 -69.95
N ALA D 850 9.48 18.49 -69.63
CA ALA D 850 8.15 17.90 -69.54
C ALA D 850 8.11 17.08 -68.26
N GLY D 851 7.22 17.45 -67.34
CA GLY D 851 7.11 16.73 -66.09
C GLY D 851 6.19 17.44 -65.13
N ARG D 852 6.19 16.95 -63.90
CA ARG D 852 5.36 17.50 -62.84
C ARG D 852 5.91 18.82 -62.33
N PRO D 853 5.04 19.73 -61.90
CA PRO D 853 5.51 20.97 -61.28
C PRO D 853 6.22 20.71 -59.98
N ALA D 854 7.14 21.62 -59.63
CA ALA D 854 7.85 21.51 -58.36
C ALA D 854 6.86 21.50 -57.21
N SER D 855 7.17 20.71 -56.18
CA SER D 855 6.26 20.52 -55.06
C SER D 855 7.06 20.25 -53.80
N ALA D 856 6.50 20.68 -52.66
CA ALA D 856 7.15 20.43 -51.38
C ALA D 856 7.10 18.95 -51.00
N SER D 857 5.98 18.29 -51.31
CA SER D 857 5.80 16.87 -51.10
C SER D 857 6.14 16.10 -52.37
N PRO D 858 6.74 14.91 -52.24
CA PRO D 858 7.11 14.14 -53.44
C PRO D 858 5.95 13.81 -54.35
N ALA D 859 4.74 13.58 -53.81
CA ALA D 859 3.63 13.15 -54.64
C ALA D 859 2.32 13.52 -53.96
N VAL D 860 1.28 13.66 -54.79
CA VAL D 860 -0.05 13.99 -54.28
C VAL D 860 -0.62 12.80 -53.52
N GLY D 861 -1.49 13.13 -52.60
CA GLY D 861 -2.28 12.27 -51.76
C GLY D 861 -3.31 11.46 -52.50
N TYR D 862 -3.88 12.00 -53.55
CA TYR D 862 -4.94 11.32 -54.25
C TYR D 862 -4.68 10.82 -55.63
N MET D 863 -5.14 9.61 -55.87
CA MET D 863 -4.94 8.93 -57.11
C MET D 863 -5.52 9.64 -58.31
N SER D 864 -6.66 10.28 -58.18
CA SER D 864 -7.24 10.97 -59.32
C SER D 864 -6.39 12.16 -59.75
N VAL D 865 -5.82 12.88 -58.79
CA VAL D 865 -4.92 13.98 -59.13
C VAL D 865 -3.66 13.45 -59.81
N HIS D 866 -3.21 12.26 -59.42
CA HIS D 866 -2.02 11.68 -60.03
C HIS D 866 -2.24 11.33 -61.49
N LEU D 867 -3.39 10.73 -61.81
CA LEU D 867 -3.65 10.33 -63.18
C LEU D 867 -3.76 11.52 -64.11
N LYS D 868 -4.36 12.62 -63.64
CA LYS D 868 -4.43 13.82 -64.47
C LYS D 868 -3.06 14.46 -64.65
N GLN D 869 -2.25 14.48 -63.59
CA GLN D 869 -0.89 15.01 -63.72
C GLN D 869 -0.06 14.13 -64.64
N GLN D 870 -0.28 12.81 -64.61
CA GLN D 870 0.49 11.92 -65.47
C GLN D 870 0.14 12.14 -66.93
N LYS D 871 -1.15 12.29 -67.25
CA LYS D 871 -1.53 12.54 -68.63
C LYS D 871 -1.02 13.88 -69.12
N ALA D 872 -0.94 14.88 -68.24
CA ALA D 872 -0.52 16.21 -68.67
C ALA D 872 0.96 16.22 -69.05
N LEU D 873 1.82 15.60 -68.24
CA LEU D 873 3.24 15.59 -68.57
C LEU D 873 3.54 14.72 -69.79
N ILE D 874 2.75 13.68 -70.03
CA ILE D 874 2.93 12.85 -71.21
C ILE D 874 2.54 13.62 -72.46
N ASP D 875 1.39 14.27 -72.44
CA ASP D 875 0.96 15.07 -73.59
C ASP D 875 1.93 16.21 -73.86
N ASP D 876 2.50 16.78 -72.80
CA ASP D 876 3.45 17.88 -72.98
C ASP D 876 4.73 17.39 -73.64
N ALA D 877 5.19 16.19 -73.28
CA ALA D 877 6.42 15.67 -73.85
C ALA D 877 6.28 15.34 -75.32
N LEU D 878 5.10 14.91 -75.75
CA LEU D 878 4.87 14.47 -77.12
C LEU D 878 4.33 15.58 -78.03
N ASN D 879 4.09 16.78 -77.50
CA ASN D 879 3.43 17.83 -78.28
C ASN D 879 4.49 18.62 -79.05
N VAL D 880 4.62 18.30 -80.33
CA VAL D 880 5.40 19.12 -81.25
C VAL D 880 4.79 20.51 -81.41
O1 P6G E . -7.27 16.37 56.67
C2 P6G E . -6.29 15.57 57.28
C3 P6G E . -5.79 14.53 56.27
O4 P6G E . -6.64 13.41 56.29
C5 P6G E . -7.66 13.47 55.35
C6 P6G E . -8.24 12.08 55.11
O7 P6G E . -9.56 12.20 54.65
C8 P6G E . -9.82 11.57 53.44
C9 P6G E . -11.19 12.01 52.93
O10 P6G E . -11.37 11.55 51.62
C11 P6G E . -12.57 11.98 51.02
C12 P6G E . -13.00 10.93 49.99
O13 P6G E . -13.73 11.51 48.96
C14 P6G E . -14.91 10.83 48.66
C15 P6G E . -14.56 9.44 48.09
O16 P6G E . -14.99 8.46 48.99
C17 P6G E . -14.34 7.23 48.86
C18 P6G E . -14.70 6.34 50.05
O19 P6G E . -13.64 5.47 50.32
CA CA F . -18.05 -6.85 36.79
MG MG G . 0.63 0.46 33.05
N1' TPP H . -7.17 -7.49 39.32
C2' TPP H . -7.80 -6.43 39.95
CM2 TPP H . -9.28 -6.22 39.77
N3' TPP H . -7.08 -5.56 40.74
C4' TPP H . -5.71 -5.74 40.91
N4' TPP H . -5.04 -4.89 41.67
C5' TPP H . -5.07 -6.80 40.27
C6' TPP H . -5.82 -7.67 39.48
C7' TPP H . -3.59 -7.03 40.43
N3 TPP H . -2.82 -6.00 39.79
C2 TPP H . -2.28 -4.91 40.42
S1 TPP H . -1.48 -3.94 39.44
C5 TPP H . -1.77 -4.87 38.18
C4 TPP H . -2.52 -5.99 38.47
CM4 TPP H . -2.94 -7.04 37.47
C6 TPP H . -1.17 -4.35 36.90
C7 TPP H . -1.83 -3.01 36.57
O7 TPP H . -1.44 -2.58 35.29
PA TPP H . -1.70 -1.06 34.84
O1A TPP H . -3.18 -0.82 34.67
O2A TPP H . -0.97 -0.74 33.55
O3A TPP H . -1.14 -0.22 36.10
PB TPP H . 0.41 0.19 36.28
O1B TPP H . 0.98 -0.55 37.46
O2B TPP H . 1.22 -0.16 35.05
O3B TPP H . 0.51 1.68 36.51
C02 DW3 I . -2.38 -1.91 45.97
C03 DW3 I . -1.45 -2.23 44.89
O01 DW3 I . -3.30 -1.35 45.71
O04 DW3 I . -2.13 -3.15 44.18
C02 DW3 J . -35.50 -11.29 36.68
C03 DW3 J . -35.93 -10.00 37.37
O01 DW3 J . -34.36 -11.60 36.62
O04 DW3 J . -37.27 -9.74 37.07
C02 DW3 K . -0.96 -6.42 43.13
C03 DW3 K . -0.55 -7.57 42.23
O01 DW3 K . -2.10 -6.14 43.28
O04 DW3 K . 0.84 -7.60 42.09
O1 P6G L . -23.18 -23.59 30.22
C2 P6G L . -22.05 -24.01 29.49
C3 P6G L . -21.98 -23.22 28.18
O4 P6G L . -21.73 -24.10 27.11
C5 P6G L . -21.67 -23.46 25.86
C6 P6G L . -21.55 -24.52 24.76
O7 P6G L . -22.82 -24.98 24.40
C8 P6G L . -23.12 -26.25 24.89
C9 P6G L . -24.63 -26.49 24.85
O10 P6G L . -24.87 -27.86 24.79
C11 P6G L . -25.72 -28.32 25.79
C12 P6G L . -25.71 -29.85 25.81
O13 P6G L . -26.80 -30.32 25.05
C14 P6G L . -27.86 -30.79 25.84
C15 P6G L . -29.15 -30.73 25.04
O16 P6G L . -29.38 -31.97 24.41
C17 P6G L . -30.20 -31.89 23.28
C18 P6G L . -30.70 -33.29 22.92
O19 P6G L . -29.62 -34.17 22.89
MG MG M . -35.33 -4.77 26.19
N1' TPP N . -29.10 -7.87 36.76
C2' TPP N . -28.50 -8.95 36.14
CM2 TPP N . -27.00 -9.02 36.04
N3' TPP N . -29.27 -9.97 35.62
C4' TPP N . -30.64 -9.91 35.72
N4' TPP N . -31.37 -10.91 35.20
C5' TPP N . -31.25 -8.82 36.33
C6' TPP N . -30.47 -7.81 36.85
C7' TPP N . -32.76 -8.73 36.44
N3 TPP N . -33.37 -8.52 35.16
C2 TPP N . -33.94 -9.52 34.40
S1 TPP N . -34.55 -9.00 33.01
C5 TPP N . -34.13 -7.50 33.33
C4 TPP N . -33.47 -7.33 34.53
CM4 TPP N . -32.97 -6.01 35.06
C6 TPP N . -34.49 -6.52 32.25
C7 TPP N . -33.73 -6.91 30.98
O7 TPP N . -33.83 -5.86 30.04
PA TPP N . -33.36 -6.12 28.52
O1A TPP N . -31.85 -6.23 28.45
O2A TPP N . -33.86 -5.01 27.62
O3A TPP N . -34.04 -7.54 28.17
PB TPP N . -35.56 -7.70 27.67
O1B TPP N . -36.34 -8.39 28.76
O2B TPP N . -36.18 -6.35 27.40
O3B TPP N . -35.59 -8.54 26.42
C02 DW3 O . -34.01 -16.12 33.66
C03 DW3 O . -34.91 -14.98 33.45
O01 DW3 O . -32.93 -15.92 33.38
O04 DW3 O . -34.57 -14.21 34.51
O1 P6G P . -12.63 17.99 -36.77
C2 P6G P . -11.39 18.63 -36.90
C3 P6G P . -10.32 17.60 -37.24
O4 P6G P . -9.08 18.07 -36.79
C5 P6G P . -8.10 18.13 -37.78
C6 P6G P . -7.04 19.15 -37.36
O7 P6G P . -6.57 18.82 -36.10
C8 P6G P . -5.45 17.98 -36.10
C9 P6G P . -5.06 17.63 -34.66
O10 P6G P . -3.73 17.21 -34.64
C11 P6G P . -3.34 16.62 -33.43
C12 P6G P . -2.10 17.34 -32.87
O13 P6G P . -1.04 16.44 -32.78
C14 P6G P . 0.21 17.03 -32.73
C15 P6G P . 1.21 16.21 -33.55
O16 P6G P . 1.15 16.63 -34.89
C17 P6G P . 2.19 16.13 -35.68
C18 P6G P . 1.96 16.50 -37.15
O19 P6G P . 1.52 17.83 -37.23
CA CA Q . 17.98 6.57 -36.85
MG MG R . 2.79 -6.74 -36.61
N1' TPP S . 10.47 1.27 -42.73
C2' TPP S . 9.88 2.39 -42.17
CM2 TPP S . 10.72 3.30 -41.30
N3' TPP S . 8.55 2.67 -42.39
C4' TPP S . 7.79 1.84 -43.19
N4' TPP S . 6.52 2.13 -43.40
C5' TPP S . 8.37 0.71 -43.76
C6' TPP S . 9.71 0.43 -43.52
C7' TPP S . 7.56 -0.23 -44.63
N3 TPP S . 6.61 -0.97 -43.84
C2 TPP S . 5.31 -0.60 -43.63
S1 TPP S . 4.49 -1.60 -42.71
C5 TPP S . 5.75 -2.57 -42.55
C4 TPP S . 6.88 -2.13 -43.20
CM4 TPP S . 8.21 -2.84 -43.22
C6 TPP S . 5.47 -3.76 -41.68
C7 TPP S . 5.05 -3.26 -40.31
O7 TPP S . 5.00 -4.34 -39.40
PA TPP S . 4.47 -4.12 -37.90
O1A TPP S . 4.37 -5.45 -37.18
O2A TPP S . 5.40 -3.19 -37.16
O3A TPP S . 3.04 -3.40 -38.06
PB TPP S . 1.73 -4.17 -38.59
O1B TPP S . 1.81 -5.63 -38.22
O2B TPP S . 1.65 -4.05 -40.10
O3B TPP S . 0.49 -3.56 -37.96
C02 DW3 T . 0.83 4.43 -44.69
C03 DW3 T . 1.44 3.39 -45.53
O01 DW3 T . 1.44 4.69 -43.74
O04 DW3 T . 1.44 2.25 -44.73
C02 DW3 U . 32.08 17.45 -33.30
C03 DW3 U . 32.41 17.66 -31.82
O01 DW3 U . 31.95 16.40 -33.78
O04 DW3 U . 33.66 17.23 -31.40
C02 DW3 V . 4.60 1.62 -46.46
C03 DW3 V . 5.22 0.41 -47.08
O01 DW3 V . 4.59 1.67 -45.32
O04 DW3 V . 4.30 -0.10 -47.95
O1 P6G W . 35.05 1.66 -43.73
C2 P6G W . 34.75 0.30 -43.92
C3 P6G W . 34.64 -0.40 -42.57
O4 P6G W . 35.49 -1.52 -42.54
C5 P6G W . 35.54 -2.16 -41.31
C6 P6G W . 36.63 -3.24 -41.33
O7 P6G W . 37.85 -2.70 -40.90
C8 P6G W . 38.93 -2.99 -41.74
C9 P6G W . 40.11 -2.09 -41.38
O10 P6G W . 40.94 -1.95 -42.51
C11 P6G W . 41.96 -1.02 -42.38
C12 P6G W . 42.89 -1.08 -43.59
O13 P6G W . 44.01 -0.27 -43.35
C14 P6G W . 45.23 -0.84 -43.72
C15 P6G W . 46.26 -0.52 -42.63
O16 P6G W . 47.43 0.00 -43.19
C17 P6G W . 48.59 -0.34 -42.47
C18 P6G W . 49.80 -0.16 -43.38
O19 P6G W . 49.57 -0.83 -44.59
MG MG X . 31.80 11.03 -22.43
N1' TPP Y . 25.92 13.81 -33.28
C2' TPP Y . 26.47 12.70 -33.90
CM2 TPP Y . 25.58 11.62 -34.44
N3' TPP Y . 27.84 12.60 -34.03
C4' TPP Y . 28.67 13.60 -33.54
N4' TPP Y . 29.98 13.48 -33.68
C5' TPP Y . 28.11 14.71 -32.91
C6' TPP Y . 26.73 14.80 -32.80
C7' TPP Y . 28.99 15.81 -32.36
N3 TPP Y . 29.72 15.35 -31.22
C2 TPP Y . 31.02 14.90 -31.24
S1 TPP Y . 31.57 14.43 -29.82
C5 TPP Y . 30.20 14.79 -29.11
C4 TPP Y . 29.23 15.29 -29.96
CM4 TPP Y . 27.84 15.70 -29.54
C6 TPP Y . 30.20 14.50 -27.63
C7 TPP Y . 30.49 13.02 -27.43
O7 TPP Y . 30.27 12.67 -26.08
PA TPP Y . 30.63 11.19 -25.58
O1A TPP Y . 30.55 11.10 -24.07
O2A TPP Y . 29.69 10.18 -26.21
O3A TPP Y . 32.13 10.95 -26.12
PB TPP Y . 33.43 11.57 -25.40
O1B TPP Y . 33.13 11.91 -23.95
O2B TPP Y . 33.86 12.81 -26.13
O3B TPP Y . 34.54 10.55 -25.44
C02 DW3 Z . 35.37 13.52 -35.21
C03 DW3 Z . 34.98 14.05 -33.86
O01 DW3 Z . 35.27 12.41 -35.35
O04 DW3 Z . 33.82 13.43 -33.43
#